data_5KNE
#
_entry.id   5KNE
#
loop_
_entity.id
_entity.type
_entity.pdbx_description
1 polymer 'Heat shock protein 104'
2 non-polymer 'PHOSPHOAMINOPHOSPHONIC ACID-ADENYLATE ESTER'
#
_entity_poly.entity_id   1
_entity_poly.type   'polypeptide(L)'
_entity_poly.pdbx_seq_one_letter_code
;QFTERALTILTLAQKLASDHQHPQLQPIHILAAFIETPEDGSVPYLQNLIEKGRYDYDLFKKVVNRNLVRIPQQQPAPAE
ITPSYALGKVLQDAAKIQKQQKDSFIAQDHILFALFNDSSIQQIFKEAQVDIEAIKQQALELRGNTRIDSRGADTNTPLE
YLSKYAIDMTEQARQGKLDPVIGREEEIRSTIRVLARRIKSNPCLIGEPGIGKTAIIEGVAQRIIDDDVPTILQGAKLFS
LDLAALTAGAKYKGDFEERFKGVLKEIEESKTLIVLFIDEIHMLMGNGKDDAANILKPALSRGQLKVIGATTNNEYRSIV
EKDGAFERRFQKIEVAEPSVRQTVAILRGLQPKYEIHHGVRILDSALVTAAQLAKRYLPYRRLPDSALDLVDISCAGVAV
ARDSKPEELDSKERQLQLIQVEIKALERDEDADSTTKDRLKLARQKEASLQEELEPLRQRYNEEKHGHEELTQAKKKLDE
LENKALDAERRYDTATAADLRYFAIPDIKKQIEKLEDQVAEEERRAGANSMIQNVVDSDTISETAARLTGIPVKKLSESE
NEKLIHMERDLSSEVVGQMDAIKAVSNAVRLSRSGLANPRQPASFLFLGLSGSGKTELAKKVAGFLFNDEDMMIRVDCSE
LSEKYAVSKLLGTTAGYVGYDEGGFLTNQLQYKPYSVLLFDEVEKAHPDVLTVMLQMLDDGRITSGQGKTIDCSNCIVIM
TSNLGAEFINSQQGSKIQESTKNLVMGAVRQHFRPEFLNRISSIVIFNKLSRKAIHKIVDIRLKEIEERFEQNDKHYKLN
LTQEAKDFLAKYGYSDDMGARPLNRLIQNEILNKLALRILKNEIKDKETVNV
;
_entity_poly.pdbx_strand_id   A,B,C,D,E,F
#
# COMPACT_ATOMS: atom_id res chain seq x y z
N GLU A 160 -53.33 -36.73 11.57
CA GLU A 160 -53.94 -35.57 10.93
C GLU A 160 -53.63 -34.31 11.73
N TYR A 161 -52.83 -33.43 11.14
CA TYR A 161 -52.12 -32.39 11.89
C TYR A 161 -52.86 -31.05 11.88
N LEU A 162 -54.06 -30.99 11.33
CA LEU A 162 -54.79 -29.74 11.12
C LEU A 162 -54.79 -28.84 12.34
N SER A 163 -55.48 -29.28 13.39
CA SER A 163 -55.72 -28.48 14.56
C SER A 163 -54.49 -28.30 15.45
N LYS A 164 -53.33 -28.83 15.08
CA LYS A 164 -52.33 -29.12 16.11
C LYS A 164 -51.77 -27.88 16.76
N TYR A 165 -50.94 -27.14 16.06
CA TYR A 165 -50.67 -25.80 16.54
C TYR A 165 -51.54 -24.77 15.85
N ALA A 166 -52.26 -25.18 14.81
CA ALA A 166 -53.14 -24.27 14.11
C ALA A 166 -54.50 -24.39 14.76
N ILE A 167 -54.88 -23.37 15.50
CA ILE A 167 -56.16 -23.34 16.15
C ILE A 167 -56.95 -22.20 15.54
N ASP A 168 -57.95 -22.56 14.75
CA ASP A 168 -58.85 -21.54 14.24
C ASP A 168 -59.47 -20.80 15.39
N MET A 169 -59.34 -19.50 15.37
CA MET A 169 -60.14 -18.73 16.30
C MET A 169 -61.39 -18.18 15.65
N THR A 170 -61.54 -18.28 14.33
CA THR A 170 -62.86 -17.98 13.78
C THR A 170 -63.87 -18.93 14.35
N GLU A 171 -63.42 -20.11 14.75
CA GLU A 171 -64.14 -20.91 15.72
C GLU A 171 -64.54 -20.00 16.85
N GLN A 172 -63.54 -19.60 17.64
CA GLN A 172 -63.79 -18.72 18.78
C GLN A 172 -64.53 -17.48 18.36
N ALA A 173 -64.31 -17.02 17.14
CA ALA A 173 -65.08 -15.88 16.64
C ALA A 173 -66.50 -16.28 16.34
N ARG A 174 -66.70 -17.37 15.60
CA ARG A 174 -68.03 -17.96 15.56
C ARG A 174 -68.52 -18.24 16.96
N GLN A 175 -67.63 -18.71 17.84
CA GLN A 175 -67.95 -18.80 19.24
C GLN A 175 -68.08 -17.43 19.90
N GLY A 176 -67.68 -16.37 19.22
CA GLY A 176 -67.68 -15.07 19.85
C GLY A 176 -66.72 -14.93 21.01
N LYS A 177 -65.83 -15.90 21.21
CA LYS A 177 -64.86 -15.79 22.30
C LYS A 177 -64.03 -14.52 22.18
N LEU A 178 -63.82 -14.07 20.95
CA LEU A 178 -62.89 -13.01 20.65
C LEU A 178 -63.49 -11.65 20.98
N ASP A 179 -62.62 -10.65 21.06
CA ASP A 179 -62.90 -9.42 21.80
C ASP A 179 -63.18 -8.26 20.86
N PRO A 180 -64.40 -7.72 20.84
CA PRO A 180 -64.73 -6.68 19.86
C PRO A 180 -64.11 -5.32 20.21
N VAL A 181 -63.66 -4.61 19.18
CA VAL A 181 -63.18 -3.22 19.26
C VAL A 181 -63.51 -2.51 17.95
N ILE A 182 -62.90 -1.34 17.73
CA ILE A 182 -63.42 -0.37 16.79
C ILE A 182 -62.39 0.05 15.74
N GLY A 183 -62.91 0.39 14.56
CA GLY A 183 -62.24 1.24 13.59
C GLY A 183 -61.33 0.54 12.62
N ARG A 184 -60.80 -0.63 12.98
CA ARG A 184 -59.66 -1.18 12.28
C ARG A 184 -59.94 -1.59 10.85
N GLU A 185 -61.21 -1.55 10.43
CA GLU A 185 -61.65 -2.03 9.12
C GLU A 185 -60.69 -1.51 8.08
N GLU A 186 -60.32 -0.26 8.28
CA GLU A 186 -59.29 0.44 7.55
C GLU A 186 -58.10 -0.49 7.31
N GLU A 187 -57.37 -0.86 8.36
CA GLU A 187 -56.29 -1.81 8.15
C GLU A 187 -56.85 -3.10 7.62
N ILE A 188 -57.96 -3.54 8.19
CA ILE A 188 -58.46 -4.86 7.84
C ILE A 188 -58.76 -4.91 6.36
N ARG A 189 -59.70 -4.06 5.93
CA ARG A 189 -60.13 -4.05 4.53
C ARG A 189 -58.94 -4.07 3.61
N SER A 190 -57.98 -3.20 3.87
CA SER A 190 -56.72 -3.24 3.17
C SER A 190 -56.07 -4.60 3.37
N THR A 191 -55.63 -4.88 4.59
CA THR A 191 -54.96 -6.13 4.87
C THR A 191 -55.77 -7.31 4.35
N ILE A 192 -57.08 -7.23 4.45
CA ILE A 192 -57.95 -8.12 3.71
C ILE A 192 -57.56 -8.01 2.26
N ARG A 193 -57.85 -6.86 1.67
CA ARG A 193 -57.55 -6.63 0.27
C ARG A 193 -56.15 -7.10 -0.05
N VAL A 194 -55.23 -6.93 0.90
CA VAL A 194 -53.91 -7.52 0.75
C VAL A 194 -54.02 -9.02 0.64
N LEU A 195 -54.70 -9.64 1.59
CA LEU A 195 -54.96 -11.06 1.49
C LEU A 195 -55.68 -11.42 0.20
N ALA A 196 -56.33 -10.45 -0.43
CA ALA A 196 -56.97 -10.73 -1.69
C ALA A 196 -56.04 -10.62 -2.89
N ARG A 197 -54.77 -10.33 -2.65
CA ARG A 197 -53.84 -10.03 -3.73
C ARG A 197 -53.17 -11.28 -4.24
N ARG A 198 -53.35 -11.57 -5.52
CA ARG A 198 -52.48 -12.51 -6.20
C ARG A 198 -51.02 -12.18 -5.95
N ILE A 199 -50.62 -10.95 -6.22
CA ILE A 199 -49.21 -10.68 -6.33
C ILE A 199 -48.52 -10.72 -4.97
N LYS A 200 -48.74 -9.73 -4.13
CA LYS A 200 -48.16 -9.76 -2.80
C LYS A 200 -49.32 -9.91 -1.83
N SER A 201 -49.45 -11.11 -1.27
CA SER A 201 -50.65 -11.46 -0.54
C SER A 201 -50.63 -10.99 0.91
N ASN A 202 -49.46 -10.95 1.53
CA ASN A 202 -49.42 -11.16 2.96
C ASN A 202 -49.33 -9.85 3.71
N PRO A 203 -50.41 -9.38 4.31
CA PRO A 203 -50.35 -8.14 5.07
C PRO A 203 -49.65 -8.37 6.40
N CYS A 204 -48.91 -7.36 6.83
CA CYS A 204 -48.08 -7.51 8.01
C CYS A 204 -48.04 -6.19 8.77
N LEU A 205 -48.05 -6.30 10.10
CA LEU A 205 -47.86 -5.15 10.95
C LEU A 205 -46.42 -5.10 11.43
N ILE A 206 -45.76 -3.97 11.20
CA ILE A 206 -44.34 -3.82 11.47
C ILE A 206 -44.15 -2.79 12.56
N GLY A 207 -43.75 -3.23 13.73
CA GLY A 207 -43.50 -2.27 14.77
C GLY A 207 -43.86 -2.82 16.13
N GLU A 208 -44.14 -1.89 17.03
CA GLU A 208 -44.21 -2.18 18.45
C GLU A 208 -45.07 -3.40 18.74
N PRO A 209 -44.58 -4.34 19.55
CA PRO A 209 -45.40 -5.46 19.98
C PRO A 209 -46.55 -5.02 20.86
N GLY A 210 -47.48 -5.93 21.07
CA GLY A 210 -48.58 -5.67 21.99
C GLY A 210 -49.54 -4.62 21.50
N ILE A 211 -49.55 -4.39 20.20
CA ILE A 211 -50.30 -3.28 19.61
C ILE A 211 -51.65 -3.79 19.10
N GLY A 212 -51.98 -5.04 19.43
CA GLY A 212 -53.22 -5.63 18.94
C GLY A 212 -53.17 -6.24 17.56
N LYS A 213 -52.10 -6.97 17.25
CA LYS A 213 -51.99 -7.61 15.95
C LYS A 213 -53.13 -8.58 15.70
N THR A 214 -53.14 -9.72 16.39
CA THR A 214 -54.21 -10.66 16.10
C THR A 214 -55.56 -10.11 16.49
N ALA A 215 -55.58 -9.04 17.29
CA ALA A 215 -56.82 -8.32 17.48
C ALA A 215 -57.39 -7.88 16.15
N ILE A 216 -56.53 -7.44 15.24
CA ILE A 216 -56.93 -7.36 13.85
C ILE A 216 -57.40 -8.72 13.37
N ILE A 217 -56.54 -9.72 13.52
CA ILE A 217 -56.93 -11.06 13.10
C ILE A 217 -58.26 -11.42 13.72
N GLU A 218 -58.46 -11.03 14.98
CA GLU A 218 -59.80 -11.08 15.56
C GLU A 218 -60.76 -10.41 14.59
N GLY A 219 -60.62 -9.09 14.44
CA GLY A 219 -61.50 -8.39 13.53
C GLY A 219 -61.56 -9.09 12.20
N VAL A 220 -60.41 -9.48 11.68
CA VAL A 220 -60.36 -10.36 10.54
C VAL A 220 -61.28 -11.52 10.82
N ALA A 221 -60.92 -12.34 11.80
CA ALA A 221 -61.77 -13.46 12.16
C ALA A 221 -63.19 -13.00 12.39
N GLN A 222 -63.35 -11.84 13.04
CA GLN A 222 -64.67 -11.27 13.15
C GLN A 222 -65.22 -11.00 11.77
N ARG A 223 -64.51 -10.21 10.97
CA ARG A 223 -64.97 -9.98 9.62
C ARG A 223 -65.10 -11.28 8.87
N ILE A 224 -64.24 -12.24 9.18
CA ILE A 224 -64.43 -13.59 8.68
C ILE A 224 -65.82 -14.06 9.10
N ILE A 225 -66.00 -14.30 10.40
CA ILE A 225 -67.22 -14.96 10.82
C ILE A 225 -68.42 -14.05 10.64
N ASP A 226 -68.22 -12.73 10.73
CA ASP A 226 -69.31 -11.83 10.44
C ASP A 226 -69.72 -11.89 8.98
N ASP A 227 -68.95 -12.60 8.16
CA ASP A 227 -69.00 -12.48 6.71
C ASP A 227 -68.78 -11.04 6.30
N ASP A 228 -68.16 -10.28 7.19
CA ASP A 228 -67.54 -9.06 6.74
C ASP A 228 -66.34 -9.40 5.90
N VAL A 229 -65.84 -10.63 6.05
CA VAL A 229 -64.87 -11.19 5.13
C VAL A 229 -65.40 -11.03 3.71
N PRO A 230 -64.66 -10.39 2.85
CA PRO A 230 -65.15 -10.16 1.50
C PRO A 230 -65.14 -11.42 0.67
N THR A 231 -65.65 -11.27 -0.55
CA THR A 231 -66.02 -12.36 -1.43
C THR A 231 -64.94 -13.41 -1.54
N ILE A 232 -63.83 -13.03 -2.15
CA ILE A 232 -62.84 -13.99 -2.61
C ILE A 232 -62.55 -14.99 -1.51
N LEU A 233 -62.30 -14.46 -0.33
CA LEU A 233 -61.74 -15.24 0.75
C LEU A 233 -62.76 -15.69 1.80
N GLN A 234 -64.05 -15.42 1.58
CA GLN A 234 -65.05 -15.89 2.52
C GLN A 234 -64.85 -17.36 2.89
N GLY A 235 -64.53 -18.18 1.88
CA GLY A 235 -64.07 -19.52 2.18
C GLY A 235 -62.95 -19.52 3.19
N ALA A 236 -61.98 -18.62 3.02
CA ALA A 236 -60.91 -18.58 3.98
C ALA A 236 -61.42 -18.10 5.33
N LYS A 237 -60.65 -18.47 6.34
CA LYS A 237 -60.82 -18.16 7.74
C LYS A 237 -59.41 -18.07 8.29
N LEU A 238 -59.24 -18.21 9.59
CA LEU A 238 -57.88 -18.32 10.07
C LEU A 238 -57.73 -19.38 11.15
N PHE A 239 -56.96 -20.42 10.85
CA PHE A 239 -56.30 -21.15 11.92
C PHE A 239 -55.21 -20.26 12.51
N SER A 240 -55.22 -20.12 13.81
CA SER A 240 -54.15 -19.40 14.49
C SER A 240 -53.07 -20.39 14.87
N LEU A 241 -51.86 -20.17 14.38
CA LEU A 241 -50.77 -21.04 14.80
C LEU A 241 -50.44 -20.87 16.27
N ASP A 242 -49.89 -21.93 16.82
CA ASP A 242 -49.34 -21.94 18.16
C ASP A 242 -47.87 -22.27 17.97
N LEU A 243 -47.01 -21.30 18.16
CA LEU A 243 -45.65 -21.49 17.65
C LEU A 243 -44.84 -22.10 18.76
N ALA A 244 -44.61 -23.40 18.62
CA ALA A 244 -43.86 -24.21 19.56
C ALA A 244 -44.04 -25.65 19.12
N ALA A 245 -43.17 -26.52 19.59
CA ALA A 245 -43.35 -27.96 19.44
C ALA A 245 -42.33 -28.62 20.34
N LEU A 246 -42.23 -29.94 20.25
CA LEU A 246 -41.18 -30.69 20.91
C LEU A 246 -40.25 -31.25 19.85
N THR A 247 -38.94 -31.18 20.12
CA THR A 247 -37.97 -31.77 19.24
C THR A 247 -38.07 -33.29 19.27
N GLY A 254 -37.78 -35.86 17.50
CA GLY A 254 -37.12 -35.42 16.29
C GLY A 254 -36.75 -33.95 16.31
N ASP A 255 -37.23 -33.21 15.32
CA ASP A 255 -37.11 -31.76 15.28
C ASP A 255 -38.47 -31.16 14.95
N PHE A 256 -38.53 -29.84 14.99
CA PHE A 256 -39.80 -29.13 14.97
C PHE A 256 -40.33 -28.94 13.54
N GLU A 257 -39.43 -28.57 12.63
CA GLU A 257 -39.80 -28.00 11.34
C GLU A 257 -40.88 -28.82 10.65
N GLU A 258 -40.64 -30.13 10.52
CA GLU A 258 -41.52 -31.04 9.83
C GLU A 258 -42.97 -30.78 10.18
N ARG A 259 -43.32 -31.00 11.44
CA ARG A 259 -44.66 -30.72 11.91
C ARG A 259 -45.12 -29.36 11.41
N PHE A 260 -44.26 -28.36 11.54
CA PHE A 260 -44.57 -27.05 11.02
C PHE A 260 -44.56 -27.03 9.50
N LYS A 261 -44.19 -28.12 8.84
CA LYS A 261 -44.15 -28.10 7.39
C LYS A 261 -45.35 -28.82 6.80
N GLY A 262 -45.47 -30.12 7.07
CA GLY A 262 -46.54 -30.89 6.45
C GLY A 262 -47.87 -30.18 6.50
N VAL A 263 -48.14 -29.51 7.63
CA VAL A 263 -49.29 -28.63 7.72
C VAL A 263 -49.35 -27.73 6.50
N LEU A 264 -48.24 -27.10 6.17
CA LEU A 264 -48.22 -26.14 5.10
C LEU A 264 -48.75 -26.79 3.84
N LYS A 265 -48.36 -28.04 3.62
CA LYS A 265 -48.92 -28.76 2.50
C LYS A 265 -50.40 -28.97 2.70
N GLU A 266 -50.77 -29.46 3.86
CA GLU A 266 -52.15 -29.78 4.17
C GLU A 266 -53.05 -28.63 3.77
N ILE A 267 -52.68 -27.44 4.20
CA ILE A 267 -53.64 -26.36 4.27
C ILE A 267 -53.93 -25.80 2.88
N GLU A 268 -52.90 -25.55 2.08
CA GLU A 268 -53.19 -25.15 0.71
C GLU A 268 -53.87 -26.30 -0.01
N GLU A 269 -53.41 -27.51 0.23
CA GLU A 269 -54.18 -28.68 -0.13
C GLU A 269 -55.59 -28.61 0.46
N SER A 270 -55.68 -28.14 1.70
CA SER A 270 -56.96 -28.10 2.41
C SER A 270 -57.94 -27.14 1.76
N LYS A 271 -57.52 -26.41 0.73
CA LYS A 271 -58.42 -25.56 -0.04
C LYS A 271 -58.97 -24.38 0.77
N THR A 272 -58.06 -23.46 1.15
CA THR A 272 -58.33 -22.07 1.51
C THR A 272 -59.55 -21.87 2.40
N LEU A 273 -59.85 -22.82 3.26
CA LEU A 273 -60.86 -22.52 4.26
C LEU A 273 -60.34 -21.56 5.31
N ILE A 274 -59.03 -21.40 5.42
CA ILE A 274 -58.46 -20.46 6.34
C ILE A 274 -57.30 -19.72 5.67
N VAL A 275 -56.73 -18.81 6.44
CA VAL A 275 -55.43 -18.23 6.23
C VAL A 275 -54.72 -18.40 7.56
N LEU A 276 -53.41 -18.22 7.56
CA LEU A 276 -52.65 -18.30 8.81
C LEU A 276 -52.13 -16.93 9.20
N PHE A 277 -52.13 -16.67 10.50
CA PHE A 277 -51.44 -15.52 11.07
C PHE A 277 -50.30 -15.98 11.95
N ILE A 278 -49.14 -15.38 11.76
CA ILE A 278 -47.99 -15.50 12.64
C ILE A 278 -47.66 -14.10 13.11
N ASP A 279 -47.21 -13.97 14.36
CA ASP A 279 -47.46 -12.68 14.98
C ASP A 279 -46.24 -11.78 14.98
N GLU A 280 -45.35 -11.93 15.94
CA GLU A 280 -44.02 -11.36 15.85
C GLU A 280 -42.96 -12.38 15.52
N ILE A 281 -43.28 -13.67 15.55
CA ILE A 281 -42.25 -14.67 15.53
C ILE A 281 -42.09 -15.05 14.06
N HIS A 282 -41.07 -14.49 13.45
CA HIS A 282 -40.88 -14.69 12.03
C HIS A 282 -39.40 -14.83 11.85
N MET A 283 -39.00 -16.00 11.40
CA MET A 283 -37.76 -16.57 11.85
C MET A 283 -36.69 -16.40 10.79
N LEU A 284 -35.56 -15.84 11.20
CA LEU A 284 -34.31 -16.07 10.50
C LEU A 284 -33.72 -17.30 11.16
N MET A 285 -33.82 -18.43 10.48
CA MET A 285 -33.19 -19.63 10.98
C MET A 285 -31.73 -19.61 10.57
N GLY A 286 -30.90 -20.32 11.32
CA GLY A 286 -29.47 -20.32 11.09
C GLY A 286 -29.05 -20.63 9.68
N ASP A 291 -30.64 -23.31 10.59
CA ASP A 291 -30.56 -23.62 9.17
C ASP A 291 -31.72 -22.99 8.41
N ALA A 292 -31.49 -21.77 7.93
CA ALA A 292 -32.54 -21.01 7.26
C ALA A 292 -33.15 -21.81 6.12
N ALA A 293 -32.33 -22.19 5.14
CA ALA A 293 -32.78 -22.83 3.91
C ALA A 293 -33.96 -21.99 3.42
N ASN A 294 -35.12 -22.59 3.20
CA ASN A 294 -36.38 -21.85 3.18
C ASN A 294 -37.35 -22.55 4.10
N ILE A 295 -37.66 -21.91 5.22
CA ILE A 295 -38.56 -22.48 6.21
C ILE A 295 -39.94 -21.91 5.91
N LEU A 296 -40.86 -22.77 5.48
CA LEU A 296 -42.18 -22.34 5.07
C LEU A 296 -42.11 -21.49 3.81
N LYS A 297 -40.91 -21.01 3.51
CA LYS A 297 -40.76 -20.08 2.40
C LYS A 297 -41.19 -20.70 1.09
N PRO A 298 -40.75 -21.91 0.73
CA PRO A 298 -41.21 -22.47 -0.53
C PRO A 298 -42.71 -22.66 -0.51
N ALA A 299 -43.20 -23.23 0.58
CA ALA A 299 -44.63 -23.28 0.80
C ALA A 299 -45.22 -21.90 0.66
N LEU A 300 -44.63 -20.93 1.35
CA LEU A 300 -45.00 -19.56 1.08
C LEU A 300 -44.74 -19.23 -0.37
N SER A 301 -43.60 -19.67 -0.89
CA SER A 301 -43.20 -19.36 -2.26
C SER A 301 -44.06 -20.07 -3.28
N ARG A 302 -45.05 -20.86 -2.86
CA ARG A 302 -45.81 -21.70 -3.76
C ARG A 302 -46.59 -20.98 -4.85
N GLY A 303 -46.55 -19.65 -4.87
CA GLY A 303 -47.54 -18.97 -5.67
C GLY A 303 -48.91 -19.19 -5.10
N GLN A 304 -48.94 -19.53 -3.82
CA GLN A 304 -50.10 -20.03 -3.13
C GLN A 304 -49.89 -19.72 -1.67
N LEU A 305 -50.70 -20.34 -0.82
CA LEU A 305 -50.50 -20.26 0.62
C LEU A 305 -50.62 -18.81 1.10
N LYS A 306 -51.86 -18.34 1.11
CA LYS A 306 -52.18 -17.12 1.80
C LYS A 306 -51.84 -17.24 3.28
N VAL A 307 -51.11 -16.26 3.81
CA VAL A 307 -50.65 -16.27 5.19
C VAL A 307 -50.77 -14.85 5.71
N ILE A 308 -50.60 -14.69 7.02
CA ILE A 308 -50.49 -13.38 7.64
C ILE A 308 -49.27 -13.40 8.56
N GLY A 309 -48.27 -12.61 8.22
CA GLY A 309 -47.15 -12.37 9.10
C GLY A 309 -47.20 -10.99 9.72
N ALA A 310 -46.34 -10.78 10.70
CA ALA A 310 -46.03 -9.45 11.21
C ALA A 310 -44.72 -9.55 11.98
N THR A 311 -44.14 -8.41 12.28
CA THR A 311 -43.07 -8.38 13.28
C THR A 311 -42.86 -6.93 13.68
N THR A 312 -41.94 -6.71 14.60
CA THR A 312 -41.61 -5.33 14.85
C THR A 312 -40.78 -4.81 13.69
N ASN A 313 -40.52 -3.53 13.69
CA ASN A 313 -39.58 -3.01 12.71
C ASN A 313 -38.28 -3.77 12.77
N ASN A 314 -37.89 -4.18 13.98
CA ASN A 314 -36.57 -4.73 14.23
C ASN A 314 -36.25 -5.90 13.31
N GLU A 315 -36.98 -6.99 13.48
CA GLU A 315 -36.81 -8.11 12.58
C GLU A 315 -37.10 -7.67 11.16
N TYR A 316 -38.19 -6.92 10.99
CA TYR A 316 -38.49 -6.31 9.71
C TYR A 316 -37.26 -5.62 9.15
N ARG A 317 -36.52 -4.92 10.00
CA ARG A 317 -35.23 -4.40 9.56
C ARG A 317 -34.38 -5.55 9.06
N SER A 318 -33.96 -6.40 10.00
CA SER A 318 -33.02 -7.45 9.67
C SER A 318 -33.54 -8.39 8.60
N ILE A 319 -34.47 -9.25 8.97
CA ILE A 319 -34.72 -10.44 8.17
C ILE A 319 -35.43 -10.09 6.86
N VAL A 320 -36.57 -9.41 6.95
CA VAL A 320 -37.43 -9.37 5.78
C VAL A 320 -36.83 -8.49 4.70
N GLU A 321 -35.90 -7.61 5.07
CA GLU A 321 -35.27 -6.77 4.06
C GLU A 321 -34.20 -7.50 3.28
N LYS A 322 -33.71 -8.62 3.81
CA LYS A 322 -32.63 -9.35 3.14
C LYS A 322 -33.09 -9.86 1.77
N ASP A 323 -34.12 -10.70 1.77
CA ASP A 323 -34.79 -11.02 0.51
C ASP A 323 -35.43 -9.78 -0.08
N GLY A 324 -36.50 -9.32 0.57
CA GLY A 324 -37.36 -8.29 0.03
C GLY A 324 -38.41 -8.81 -0.93
N ALA A 325 -38.17 -9.95 -1.57
CA ALA A 325 -39.23 -10.71 -2.19
C ALA A 325 -40.00 -11.50 -1.16
N PHE A 326 -39.50 -11.49 0.08
CA PHE A 326 -40.40 -11.70 1.20
C PHE A 326 -41.64 -10.86 1.00
N GLU A 327 -41.45 -9.58 0.73
CA GLU A 327 -42.60 -8.74 0.44
C GLU A 327 -43.33 -9.23 -0.79
N ARG A 328 -42.61 -9.77 -1.77
CA ARG A 328 -43.29 -10.32 -2.93
C ARG A 328 -44.43 -11.21 -2.48
N ARG A 329 -44.24 -11.88 -1.35
CA ARG A 329 -45.34 -12.43 -0.57
C ARG A 329 -45.94 -11.40 0.39
N PHE A 330 -45.11 -10.72 1.17
CA PHE A 330 -45.56 -9.92 2.31
C PHE A 330 -46.16 -8.58 1.91
N GLN A 331 -46.85 -7.98 2.88
CA GLN A 331 -47.17 -6.56 2.86
C GLN A 331 -47.01 -5.97 4.25
N LYS A 332 -46.19 -4.95 4.36
CA LYS A 332 -46.08 -4.26 5.63
C LYS A 332 -47.29 -3.37 5.83
N ILE A 333 -47.70 -3.25 7.08
CA ILE A 333 -48.69 -2.26 7.48
C ILE A 333 -48.27 -1.74 8.83
N GLU A 334 -48.52 -0.47 9.06
CA GLU A 334 -48.24 0.10 10.35
C GLU A 334 -48.93 -0.68 11.45
N VAL A 335 -48.15 -1.14 12.42
CA VAL A 335 -48.75 -1.55 13.68
C VAL A 335 -49.55 -0.36 14.18
N ALA A 336 -50.82 -0.58 14.44
CA ALA A 336 -51.74 0.55 14.59
C ALA A 336 -51.77 0.96 16.05
N GLU A 337 -51.16 2.09 16.34
CA GLU A 337 -51.11 2.68 17.67
C GLU A 337 -52.06 3.85 17.73
N PRO A 338 -52.96 3.89 18.69
CA PRO A 338 -54.11 4.80 18.60
C PRO A 338 -53.69 6.23 18.84
N SER A 339 -54.68 7.12 18.75
CA SER A 339 -54.63 8.36 19.49
C SER A 339 -55.10 8.10 20.91
N VAL A 340 -54.64 8.94 21.83
CA VAL A 340 -55.11 8.81 23.20
C VAL A 340 -56.61 9.04 23.29
N ARG A 341 -57.11 10.09 22.61
CA ARG A 341 -58.53 10.42 22.70
C ARG A 341 -59.39 9.24 22.28
N GLN A 342 -58.98 8.55 21.23
CA GLN A 342 -59.74 7.39 20.78
C GLN A 342 -59.41 6.18 21.63
N THR A 343 -58.14 6.04 22.03
CA THR A 343 -57.84 5.17 23.16
C THR A 343 -58.75 5.49 24.32
N VAL A 344 -58.75 6.76 24.74
CA VAL A 344 -59.75 7.19 25.70
C VAL A 344 -61.13 6.81 25.20
N ALA A 345 -61.44 7.13 23.94
CA ALA A 345 -62.76 6.80 23.41
C ALA A 345 -63.01 5.30 23.43
N ILE A 346 -62.06 4.50 22.94
CA ILE A 346 -62.26 3.06 22.97
C ILE A 346 -62.31 2.60 24.42
N LEU A 347 -61.67 3.33 25.31
CA LEU A 347 -61.84 3.07 26.72
C LEU A 347 -62.92 3.96 27.33
N ARG A 348 -63.50 4.87 26.55
CA ARG A 348 -64.74 5.53 26.97
C ARG A 348 -65.93 4.63 26.79
N GLY A 349 -65.92 3.78 25.76
CA GLY A 349 -66.90 2.71 25.68
C GLY A 349 -66.84 1.79 26.88
N LEU A 350 -65.74 1.84 27.64
CA LEU A 350 -65.62 1.03 28.84
C LEU A 350 -66.60 1.48 29.94
N GLN A 351 -66.74 2.80 30.14
CA GLN A 351 -67.39 3.34 31.34
C GLN A 351 -68.74 2.70 31.67
N PRO A 352 -69.71 2.63 30.74
CA PRO A 352 -70.92 1.89 31.10
C PRO A 352 -70.65 0.41 31.25
N LYS A 353 -69.81 -0.15 30.37
CA LYS A 353 -69.56 -1.58 30.38
C LYS A 353 -68.53 -1.99 31.44
N TYR A 354 -67.37 -1.33 31.46
CA TYR A 354 -66.29 -1.74 32.34
C TYR A 354 -66.41 -1.19 33.75
N GLU A 355 -67.38 -0.32 34.01
CA GLU A 355 -67.68 0.02 35.39
C GLU A 355 -68.07 -1.22 36.17
N ILE A 356 -68.84 -2.11 35.53
CA ILE A 356 -69.48 -3.21 36.23
C ILE A 356 -68.72 -4.52 36.09
N HIS A 357 -67.58 -4.53 35.39
CA HIS A 357 -66.74 -5.74 35.35
C HIS A 357 -66.48 -6.27 36.75
N HIS A 358 -65.90 -5.44 37.60
CA HIS A 358 -65.75 -5.75 39.02
C HIS A 358 -66.85 -5.14 39.87
N GLY A 359 -67.92 -4.68 39.24
CA GLY A 359 -69.17 -4.39 39.95
C GLY A 359 -69.32 -3.03 40.61
N VAL A 360 -68.94 -1.97 39.92
CA VAL A 360 -69.11 -0.62 40.41
C VAL A 360 -69.57 0.26 39.25
N ARG A 361 -69.58 1.58 39.46
CA ARG A 361 -69.68 2.54 38.38
C ARG A 361 -68.39 3.33 38.29
N ILE A 362 -68.13 3.89 37.12
CA ILE A 362 -66.93 4.68 36.89
C ILE A 362 -67.36 6.12 36.59
N LEU A 363 -66.86 7.05 37.38
CA LEU A 363 -67.11 8.46 37.11
C LEU A 363 -66.41 8.88 35.83
N ASP A 364 -66.87 10.02 35.30
CA ASP A 364 -66.02 10.79 34.41
C ASP A 364 -64.66 11.03 35.06
N SER A 365 -64.63 11.09 36.39
CA SER A 365 -63.38 11.23 37.11
C SER A 365 -62.46 10.04 36.87
N ALA A 366 -62.93 8.84 37.20
CA ALA A 366 -62.12 7.64 37.00
C ALA A 366 -61.93 7.30 35.53
N LEU A 367 -62.55 8.05 34.62
CA LEU A 367 -62.63 7.65 33.22
C LEU A 367 -61.35 7.95 32.44
N VAL A 368 -61.14 9.21 32.09
CA VAL A 368 -60.15 9.55 31.08
C VAL A 368 -58.73 9.54 31.62
N THR A 369 -58.57 9.74 32.94
CA THR A 369 -57.26 10.09 33.48
C THR A 369 -56.27 8.94 33.36
N ALA A 370 -56.70 7.71 33.67
CA ALA A 370 -55.79 6.59 33.64
C ALA A 370 -54.95 6.63 32.38
N ALA A 371 -55.62 6.83 31.24
CA ALA A 371 -54.95 7.20 30.01
C ALA A 371 -54.07 8.42 30.26
N GLN A 372 -54.71 9.57 30.50
CA GLN A 372 -53.99 10.83 30.63
C GLN A 372 -52.79 10.62 31.52
N LEU A 373 -53.03 9.97 32.65
CA LEU A 373 -51.99 9.44 33.50
C LEU A 373 -51.07 8.49 32.76
N ALA A 374 -51.55 7.28 32.45
CA ALA A 374 -50.64 6.26 31.96
C ALA A 374 -49.87 6.80 30.77
N LYS A 375 -50.53 7.58 29.94
CA LYS A 375 -49.80 8.38 28.96
C LYS A 375 -48.71 9.15 29.66
N ARG A 376 -49.08 10.08 30.52
CA ARG A 376 -48.08 10.91 31.17
C ARG A 376 -47.27 10.10 32.17
N TYR A 377 -47.91 9.19 32.89
CA TYR A 377 -47.25 8.53 34.00
C TYR A 377 -46.82 7.10 33.77
N LEU A 378 -47.18 6.48 32.66
CA LEU A 378 -46.79 5.09 32.62
C LEU A 378 -45.66 4.89 31.63
N PRO A 379 -44.57 4.26 32.05
CA PRO A 379 -43.41 4.13 31.15
C PRO A 379 -43.62 3.18 29.99
N TYR A 380 -44.33 2.08 30.19
CA TYR A 380 -44.15 0.88 29.38
C TYR A 380 -45.29 0.62 28.40
N ARG A 381 -46.46 0.23 28.89
CA ARG A 381 -47.46 -0.46 28.08
C ARG A 381 -48.13 0.54 27.14
N ARG A 382 -49.23 0.12 26.53
CA ARG A 382 -49.69 0.74 25.30
C ARG A 382 -51.00 1.47 25.52
N LEU A 383 -51.29 2.34 24.57
CA LEU A 383 -52.14 3.49 24.77
C LEU A 383 -53.47 3.04 25.37
N PRO A 384 -54.27 2.19 24.72
CA PRO A 384 -55.40 1.61 25.46
C PRO A 384 -54.94 0.59 26.46
N ASP A 385 -53.80 -0.02 26.23
CA ASP A 385 -53.31 -1.09 27.08
C ASP A 385 -52.92 -0.52 28.43
N SER A 386 -51.82 0.23 28.42
CA SER A 386 -51.36 0.89 29.64
C SER A 386 -52.50 1.61 30.34
N ALA A 387 -53.38 2.26 29.57
CA ALA A 387 -54.51 2.94 30.17
C ALA A 387 -55.46 1.96 30.83
N LEU A 388 -55.94 0.97 30.07
CA LEU A 388 -56.88 0.00 30.63
C LEU A 388 -56.28 -0.85 31.73
N ASP A 389 -54.96 -0.77 31.94
CA ASP A 389 -54.29 -1.70 32.86
C ASP A 389 -54.63 -1.42 34.32
N LEU A 390 -54.37 -0.20 34.79
CA LEU A 390 -54.37 0.04 36.22
C LEU A 390 -55.75 -0.11 36.84
N VAL A 391 -56.79 0.28 36.12
CA VAL A 391 -58.12 0.35 36.74
C VAL A 391 -58.50 -1.00 37.34
N ASP A 392 -58.21 -2.09 36.64
CA ASP A 392 -58.43 -3.41 37.22
C ASP A 392 -57.30 -3.76 38.18
N ILE A 393 -56.07 -3.33 37.86
CA ILE A 393 -55.00 -3.40 38.84
C ILE A 393 -55.41 -2.61 40.08
N SER A 394 -56.30 -1.63 39.90
CA SER A 394 -56.77 -0.82 41.01
C SER A 394 -57.81 -1.57 41.84
N CYS A 395 -58.58 -2.44 41.20
CA CYS A 395 -59.79 -3.00 41.81
C CYS A 395 -59.49 -3.84 43.05
N ALA A 396 -58.21 -4.08 43.34
CA ALA A 396 -57.85 -4.75 44.58
C ALA A 396 -58.60 -4.13 45.77
N GLY A 397 -58.58 -2.82 45.88
CA GLY A 397 -59.44 -2.14 46.83
C GLY A 397 -60.91 -2.11 46.45
N VAL A 398 -61.25 -1.55 45.30
CA VAL A 398 -62.65 -1.19 45.05
C VAL A 398 -63.52 -2.40 44.74
N ALA A 399 -62.97 -3.46 44.14
CA ALA A 399 -63.76 -4.67 43.97
C ALA A 399 -63.79 -5.52 45.24
N VAL A 400 -62.62 -5.76 45.83
CA VAL A 400 -62.53 -6.74 46.91
C VAL A 400 -62.93 -6.13 48.25
N ALA A 401 -62.47 -4.92 48.55
CA ALA A 401 -62.79 -4.34 49.84
C ALA A 401 -64.24 -3.88 49.92
N ARG A 402 -64.88 -3.63 48.76
CA ARG A 402 -66.27 -3.19 48.77
C ARG A 402 -67.21 -4.31 49.23
N ASP A 403 -67.14 -5.47 48.58
CA ASP A 403 -67.98 -6.60 48.97
C ASP A 403 -67.47 -7.30 50.21
N SER A 404 -66.29 -6.92 50.71
CA SER A 404 -65.72 -7.52 51.91
C SER A 404 -66.64 -7.29 53.11
N SER A 530 -68.19 0.56 51.75
CA SER A 530 -68.73 -0.69 51.26
C SER A 530 -69.78 -0.46 50.17
N MET A 531 -70.27 0.78 50.10
CA MET A 531 -71.36 1.13 49.21
C MET A 531 -70.90 1.75 47.89
N ILE A 532 -69.59 1.84 47.64
CA ILE A 532 -69.12 2.64 46.52
C ILE A 532 -69.73 2.13 45.23
N GLN A 533 -70.39 3.02 44.51
CA GLN A 533 -71.01 2.69 43.24
C GLN A 533 -70.14 3.26 42.12
N ASN A 534 -70.20 4.57 41.94
CA ASN A 534 -69.24 5.25 41.09
C ASN A 534 -67.84 5.11 41.66
N VAL A 535 -66.84 5.13 40.79
CA VAL A 535 -65.46 5.16 41.23
C VAL A 535 -64.80 6.42 40.68
N VAL A 536 -63.75 6.85 41.36
CA VAL A 536 -63.16 8.16 41.15
C VAL A 536 -61.77 7.97 40.57
N ASP A 537 -61.30 8.99 39.88
CA ASP A 537 -59.97 9.01 39.32
C ASP A 537 -58.94 8.55 40.33
N SER A 538 -58.68 9.38 41.34
CA SER A 538 -57.56 9.17 42.25
C SER A 538 -57.49 7.74 42.74
N ASP A 539 -58.52 7.32 43.46
CA ASP A 539 -58.58 5.98 44.02
C ASP A 539 -58.23 4.97 42.96
N THR A 540 -59.11 4.87 41.96
CA THR A 540 -58.83 4.00 40.83
C THR A 540 -57.46 4.26 40.26
N ILE A 541 -57.07 5.53 40.17
CA ILE A 541 -55.86 5.79 39.41
C ILE A 541 -54.78 6.31 40.35
N SER A 542 -54.90 7.57 40.77
CA SER A 542 -53.77 8.26 41.38
C SER A 542 -53.25 7.51 42.59
N GLU A 543 -54.14 7.11 43.47
CA GLU A 543 -53.79 6.17 44.53
C GLU A 543 -53.01 5.02 43.93
N THR A 544 -53.71 4.23 43.15
CA THR A 544 -53.11 3.11 42.48
C THR A 544 -52.04 3.55 41.48
N ALA A 545 -51.98 4.85 41.20
CA ALA A 545 -50.81 5.37 40.49
C ALA A 545 -49.68 5.62 41.47
N ALA A 546 -50.00 6.17 42.63
CA ALA A 546 -48.99 6.38 43.64
C ALA A 546 -48.30 5.09 44.04
N ARG A 547 -48.84 3.95 43.61
CA ARG A 547 -48.16 2.68 43.81
C ARG A 547 -46.70 2.78 43.39
N LEU A 548 -46.45 3.28 42.19
CA LEU A 548 -45.08 3.36 41.71
C LEU A 548 -44.29 4.39 42.50
N THR A 549 -44.78 5.63 42.54
CA THR A 549 -44.03 6.67 43.24
C THR A 549 -44.86 7.32 44.34
N GLY A 550 -45.78 8.18 43.95
CA GLY A 550 -46.57 8.88 44.93
C GLY A 550 -46.94 10.26 44.43
N ILE A 551 -47.24 11.12 45.39
CA ILE A 551 -47.59 12.51 45.15
C ILE A 551 -48.77 12.58 44.19
N PRO A 552 -49.88 11.90 44.48
CA PRO A 552 -51.02 11.98 43.57
C PRO A 552 -51.55 13.39 43.43
N VAL A 553 -51.32 14.23 44.44
CA VAL A 553 -51.68 15.63 44.33
C VAL A 553 -51.02 16.26 43.11
N LYS A 554 -49.70 16.09 42.98
CA LYS A 554 -49.04 16.60 41.79
C LYS A 554 -49.49 15.82 40.57
N LYS A 555 -49.86 14.56 40.75
CA LYS A 555 -50.55 13.88 39.68
C LYS A 555 -51.89 14.56 39.41
N LEU A 556 -52.55 15.05 40.46
CA LEU A 556 -53.91 15.55 40.35
C LEU A 556 -54.03 17.04 40.61
N SER A 557 -53.95 17.39 41.91
CA SER A 557 -54.41 18.69 42.38
C SER A 557 -53.82 19.83 41.57
N GLU A 558 -52.62 19.64 41.05
CA GLU A 558 -52.07 20.51 40.02
C GLU A 558 -51.49 19.68 38.90
N SER A 559 -52.05 19.84 37.71
CA SER A 559 -51.44 19.33 36.50
C SER A 559 -51.06 20.55 35.68
N GLU A 560 -49.78 20.90 35.68
CA GLU A 560 -49.21 21.79 34.70
C GLU A 560 -49.77 23.19 34.79
N ASN A 561 -50.92 23.33 35.44
CA ASN A 561 -51.68 24.56 35.33
C ASN A 561 -51.04 25.62 36.20
N GLU A 562 -51.17 25.46 37.50
CA GLU A 562 -50.49 26.37 38.41
C GLU A 562 -48.99 26.21 38.30
N LYS A 563 -48.51 24.97 38.16
CA LYS A 563 -47.08 24.70 38.23
C LYS A 563 -46.32 25.79 37.51
N LEU A 564 -46.57 25.86 36.22
CA LEU A 564 -46.10 27.00 35.46
C LEU A 564 -46.45 28.29 36.17
N ILE A 565 -47.74 28.47 36.47
CA ILE A 565 -48.27 29.81 36.71
C ILE A 565 -47.37 30.57 37.66
N HIS A 566 -46.85 29.90 38.67
CA HIS A 566 -45.85 30.48 39.53
C HIS A 566 -44.44 29.95 39.30
N MET A 567 -44.24 29.05 38.34
CA MET A 567 -42.99 28.29 38.29
C MET A 567 -41.77 29.19 38.33
N GLU A 568 -41.89 30.42 37.84
CA GLU A 568 -40.79 31.36 37.85
C GLU A 568 -40.11 31.35 39.21
N ARG A 569 -40.84 31.82 40.21
CA ARG A 569 -40.30 31.83 41.55
C ARG A 569 -40.05 30.42 42.06
N ASP A 570 -40.79 29.46 41.54
CA ASP A 570 -40.54 28.06 41.90
C ASP A 570 -39.13 27.68 41.51
N LEU A 571 -38.73 28.05 40.29
CA LEU A 571 -37.32 28.02 39.96
C LEU A 571 -36.54 28.84 40.97
N SER A 572 -36.94 30.10 41.13
CA SER A 572 -36.22 31.00 42.02
C SER A 572 -36.09 30.39 43.40
N SER A 573 -37.12 29.64 43.82
CA SER A 573 -36.99 28.80 45.00
C SER A 573 -35.69 28.03 44.94
N GLU A 574 -35.52 27.21 43.89
CA GLU A 574 -34.31 26.42 43.81
C GLU A 574 -33.09 27.29 43.55
N VAL A 575 -33.20 28.24 42.63
CA VAL A 575 -32.10 29.14 42.42
C VAL A 575 -32.65 30.54 42.30
N VAL A 576 -32.31 31.39 43.26
CA VAL A 576 -32.48 32.81 43.02
C VAL A 576 -31.42 33.25 42.02
N GLY A 577 -31.74 34.25 41.24
CA GLY A 577 -30.81 34.73 40.25
C GLY A 577 -30.95 33.98 38.94
N GLN A 578 -30.48 34.64 37.88
CA GLN A 578 -30.81 34.30 36.51
C GLN A 578 -32.31 34.43 36.25
N MET A 579 -32.85 35.57 36.68
CA MET A 579 -34.24 35.88 36.40
C MET A 579 -34.56 35.68 34.94
N ASP A 580 -33.58 35.93 34.07
CA ASP A 580 -33.72 35.70 32.64
C ASP A 580 -34.30 34.32 32.41
N ALA A 581 -33.50 33.28 32.66
CA ALA A 581 -34.02 31.94 32.47
C ALA A 581 -35.04 31.58 33.52
N ILE A 582 -34.90 32.15 34.72
CA ILE A 582 -35.98 32.01 35.71
C ILE A 582 -37.29 32.31 35.02
N LYS A 583 -37.38 33.47 34.39
CA LYS A 583 -38.38 33.58 33.36
C LYS A 583 -38.03 32.58 32.27
N ALA A 584 -37.04 32.92 31.47
CA ALA A 584 -37.05 32.53 30.08
C ALA A 584 -37.41 31.08 29.94
N VAL A 585 -36.48 30.19 30.26
CA VAL A 585 -36.70 28.78 29.99
C VAL A 585 -38.02 28.36 30.59
N SER A 586 -38.18 28.59 31.87
CA SER A 586 -39.48 28.44 32.49
C SER A 586 -40.50 29.17 31.64
N ASN A 587 -40.38 30.49 31.61
CA ASN A 587 -41.29 31.31 30.82
C ASN A 587 -41.48 30.69 29.45
N ALA A 588 -40.37 30.30 28.83
CA ALA A 588 -40.44 29.50 27.62
C ALA A 588 -41.20 28.22 27.88
N VAL A 589 -40.59 27.27 28.59
CA VAL A 589 -41.10 25.90 28.60
C VAL A 589 -42.58 25.90 28.95
N ARG A 590 -43.03 26.94 29.62
CA ARG A 590 -44.45 27.18 29.67
C ARG A 590 -45.04 27.11 28.27
N LEU A 591 -44.44 27.87 27.35
CA LEU A 591 -44.84 27.74 25.95
C LEU A 591 -44.76 26.30 25.49
N SER A 592 -43.77 25.56 26.01
CA SER A 592 -43.50 24.24 25.48
C SER A 592 -44.78 23.42 25.37
N ARG A 593 -45.56 23.40 26.42
CA ARG A 593 -46.76 22.60 26.41
C ARG A 593 -47.90 23.39 25.76
N SER A 594 -49.11 22.86 25.87
CA SER A 594 -50.37 23.47 25.46
C SER A 594 -50.55 23.46 23.96
N GLY A 595 -49.61 22.93 23.19
CA GLY A 595 -49.81 22.85 21.77
C GLY A 595 -49.93 24.20 21.14
N LEU A 596 -49.24 25.19 21.68
CA LEU A 596 -49.03 26.41 20.92
C LEU A 596 -48.43 26.05 19.58
N ALA A 597 -47.44 25.17 19.59
CA ALA A 597 -46.69 24.78 18.42
C ALA A 597 -46.63 23.27 18.29
N ASN A 598 -45.75 22.79 17.42
CA ASN A 598 -45.84 21.47 16.83
C ASN A 598 -46.15 20.41 17.88
N PRO A 599 -47.13 19.54 17.63
CA PRO A 599 -47.32 18.39 18.51
C PRO A 599 -46.02 17.66 18.68
N ARG A 600 -45.29 17.53 17.58
CA ARG A 600 -43.96 17.01 17.60
C ARG A 600 -43.01 18.18 17.78
N GLN A 601 -42.42 18.27 18.94
CA GLN A 601 -41.56 19.42 19.11
C GLN A 601 -40.86 19.32 20.45
N PRO A 602 -39.58 19.56 20.48
CA PRO A 602 -38.82 19.33 21.70
C PRO A 602 -38.81 20.54 22.61
N ALA A 603 -38.18 20.40 23.77
CA ALA A 603 -37.96 21.49 24.71
C ALA A 603 -36.47 21.57 24.98
N SER A 604 -35.86 22.67 24.54
CA SER A 604 -34.46 22.62 24.15
C SER A 604 -33.75 23.90 24.55
N PHE A 605 -32.61 23.75 25.21
CA PHE A 605 -31.88 24.93 25.63
C PHE A 605 -30.40 24.62 25.75
N LEU A 606 -29.59 25.62 25.48
CA LEU A 606 -28.21 25.65 25.95
C LEU A 606 -28.12 26.55 27.17
N PHE A 607 -27.36 26.09 28.16
CA PHE A 607 -27.12 26.89 29.34
C PHE A 607 -25.65 27.23 29.44
N LEU A 608 -25.41 28.42 29.95
CA LEU A 608 -24.12 29.04 29.91
C LEU A 608 -23.80 29.58 31.28
N GLY A 609 -22.58 29.37 31.70
CA GLY A 609 -22.18 29.77 33.02
C GLY A 609 -21.05 28.88 33.49
N LEU A 610 -20.90 28.80 34.81
CA LEU A 610 -19.88 28.00 35.42
C LEU A 610 -20.51 26.88 36.20
N SER A 611 -20.33 25.65 35.70
CA SER A 611 -20.89 24.49 36.35
C SER A 611 -20.59 24.56 37.83
N GLY A 612 -21.58 24.22 38.63
CA GLY A 612 -21.66 24.84 39.92
C GLY A 612 -22.21 26.24 39.85
N SER A 613 -22.98 26.57 38.81
CA SER A 613 -23.87 27.70 38.85
C SER A 613 -25.29 27.30 39.17
N GLY A 614 -25.55 26.01 39.38
CA GLY A 614 -26.89 25.47 39.48
C GLY A 614 -27.50 25.06 38.15
N LYS A 615 -26.86 25.39 37.03
CA LYS A 615 -27.45 25.11 35.74
C LYS A 615 -27.68 23.63 35.53
N THR A 616 -26.63 22.85 35.63
CA THR A 616 -26.76 21.42 35.40
C THR A 616 -27.83 20.84 36.29
N GLU A 617 -27.85 21.26 37.55
CA GLU A 617 -29.02 21.01 38.38
C GLU A 617 -30.31 21.40 37.68
N LEU A 618 -30.33 22.61 37.13
CA LEU A 618 -31.56 23.37 37.10
C LEU A 618 -32.77 22.55 36.71
N ALA A 619 -32.64 21.76 35.65
CA ALA A 619 -33.76 20.95 35.23
C ALA A 619 -34.22 20.02 36.33
N LYS A 620 -33.29 19.49 37.10
CA LYS A 620 -33.68 18.55 38.14
C LYS A 620 -34.70 19.19 39.07
N LYS A 621 -34.53 20.47 39.38
CA LYS A 621 -35.68 21.22 39.84
C LYS A 621 -36.79 21.04 38.83
N VAL A 622 -36.60 21.59 37.65
CA VAL A 622 -37.69 21.67 36.67
C VAL A 622 -38.39 20.32 36.54
N ALA A 623 -37.61 19.27 36.32
CA ALA A 623 -38.20 17.95 36.25
C ALA A 623 -38.88 17.60 37.55
N GLY A 624 -38.13 17.64 38.66
CA GLY A 624 -38.75 17.56 39.96
C GLY A 624 -39.92 18.52 40.08
N PHE A 625 -39.76 19.73 39.55
CA PHE A 625 -40.89 20.63 39.50
C PHE A 625 -41.96 20.13 38.56
N LEU A 626 -41.58 19.64 37.39
CA LEU A 626 -42.55 19.22 36.39
C LEU A 626 -42.76 17.71 36.46
N PHE A 627 -41.76 16.94 36.06
CA PHE A 627 -41.92 15.50 36.02
C PHE A 627 -41.69 14.87 37.38
N ASN A 628 -41.47 15.69 38.40
CA ASN A 628 -41.41 15.22 39.78
C ASN A 628 -40.35 14.13 39.93
N ASP A 629 -39.13 14.50 39.54
CA ASP A 629 -38.04 13.55 39.47
C ASP A 629 -36.77 14.28 39.09
N GLU A 630 -35.62 13.72 39.46
CA GLU A 630 -34.35 14.12 38.90
C GLU A 630 -33.78 13.13 37.90
N ASP A 631 -34.40 11.98 37.74
CA ASP A 631 -33.90 11.01 36.78
C ASP A 631 -34.29 11.38 35.38
N MET A 632 -35.35 12.19 35.27
CA MET A 632 -35.70 12.76 33.99
C MET A 632 -34.45 13.34 33.34
N MET A 633 -33.65 14.03 34.13
CA MET A 633 -32.33 14.45 33.69
C MET A 633 -31.50 13.27 33.24
N ILE A 634 -30.96 13.37 32.03
CA ILE A 634 -30.18 12.29 31.45
C ILE A 634 -28.99 12.87 30.72
N ARG A 635 -27.88 12.14 30.78
CA ARG A 635 -26.54 12.68 30.58
C ARG A 635 -26.01 12.29 29.21
N VAL A 636 -25.63 13.29 28.43
CA VAL A 636 -25.04 13.06 27.13
C VAL A 636 -23.67 13.71 27.14
N ASP A 637 -22.62 12.91 27.16
CA ASP A 637 -21.27 13.44 27.31
C ASP A 637 -20.67 13.70 25.93
N CYS A 638 -20.47 14.97 25.63
CA CYS A 638 -19.92 15.36 24.35
C CYS A 638 -18.43 15.14 24.29
N SER A 639 -17.78 14.99 25.45
CA SER A 639 -16.47 14.38 25.45
C SER A 639 -16.53 13.01 24.79
N GLU A 640 -17.57 12.24 25.09
CA GLU A 640 -17.65 10.87 24.63
C GLU A 640 -17.93 10.77 23.15
N LEU A 641 -18.22 11.85 22.48
CA LEU A 641 -18.90 11.77 21.20
C LEU A 641 -17.89 11.97 20.08
N SER A 642 -17.74 10.93 19.26
CA SER A 642 -16.96 11.04 18.03
C SER A 642 -17.71 10.49 16.83
N GLU A 643 -17.87 9.17 16.78
CA GLU A 643 -18.77 8.53 15.84
C GLU A 643 -19.51 7.42 16.58
N LYS A 644 -18.73 6.54 17.20
CA LYS A 644 -19.18 5.25 17.68
C LYS A 644 -20.32 5.35 18.68
N TYR A 645 -20.63 6.55 19.14
CA TYR A 645 -21.71 6.70 20.10
C TYR A 645 -23.01 6.10 19.60
N ALA A 646 -23.20 6.04 18.28
CA ALA A 646 -24.48 5.61 17.75
C ALA A 646 -24.96 4.32 18.40
N VAL A 647 -24.04 3.50 18.87
CA VAL A 647 -24.38 2.44 19.82
C VAL A 647 -24.99 3.06 21.07
N SER A 648 -24.17 3.83 21.79
CA SER A 648 -24.42 4.09 23.20
C SER A 648 -25.78 4.69 23.48
N LYS A 649 -26.41 5.28 22.49
CA LYS A 649 -27.80 5.67 22.67
C LYS A 649 -28.67 4.42 22.67
N LEU A 650 -28.81 3.84 21.50
CA LEU A 650 -29.32 2.51 21.21
C LEU A 650 -28.83 2.24 19.80
N LEU A 651 -28.84 0.98 19.40
CA LEU A 651 -28.48 0.69 18.01
C LEU A 651 -29.18 -0.58 17.57
N GLY A 652 -29.32 -0.73 16.26
CA GLY A 652 -29.58 -2.05 15.71
C GLY A 652 -28.38 -2.90 16.06
N THR A 653 -28.59 -3.96 16.83
CA THR A 653 -27.52 -4.61 17.57
C THR A 653 -26.86 -5.66 16.69
N THR A 654 -25.55 -5.56 16.52
CA THR A 654 -24.82 -6.53 15.73
C THR A 654 -23.74 -7.18 16.59
N TYR A 660 -19.92 -7.72 23.19
CA TYR A 660 -21.34 -7.45 23.09
C TYR A 660 -21.67 -6.10 22.47
N ASP A 661 -22.07 -6.08 21.21
CA ASP A 661 -22.77 -4.94 20.64
C ASP A 661 -24.26 -5.21 20.80
N GLU A 662 -24.90 -4.47 21.70
CA GLU A 662 -26.26 -4.76 22.11
C GLU A 662 -26.96 -3.43 22.38
N GLY A 663 -28.14 -3.53 22.99
CA GLY A 663 -28.96 -2.36 23.22
C GLY A 663 -28.17 -1.23 23.84
N GLY A 664 -28.28 -0.05 23.25
CA GLY A 664 -27.56 1.09 23.73
C GLY A 664 -28.20 1.62 24.98
N PHE A 665 -27.95 2.88 25.30
CA PHE A 665 -28.33 3.37 26.61
C PHE A 665 -29.15 4.63 26.52
N LEU A 666 -28.56 5.66 25.93
CA LEU A 666 -29.11 6.99 26.15
C LEU A 666 -30.52 7.10 25.61
N THR A 667 -30.70 6.87 24.31
CA THR A 667 -32.06 6.74 23.80
C THR A 667 -32.78 5.63 24.51
N ASN A 668 -32.10 4.51 24.71
CA ASN A 668 -32.64 3.46 25.54
C ASN A 668 -33.12 4.04 26.85
N GLN A 669 -32.45 5.05 27.39
CA GLN A 669 -32.90 5.57 28.66
C GLN A 669 -34.23 6.29 28.54
N LEU A 670 -34.39 7.12 27.52
CA LEU A 670 -35.73 7.65 27.34
C LEU A 670 -36.65 6.53 26.90
N GLN A 671 -36.15 5.67 26.01
CA GLN A 671 -36.85 4.42 25.76
C GLN A 671 -37.15 3.71 27.06
N TYR A 672 -36.21 3.75 27.99
CA TYR A 672 -36.52 3.35 29.35
C TYR A 672 -37.46 4.36 30.00
N LYS A 673 -37.14 5.65 29.87
CA LYS A 673 -37.75 6.69 30.68
C LYS A 673 -38.51 7.60 29.73
N PRO A 674 -39.74 7.22 29.38
CA PRO A 674 -40.46 7.94 28.31
C PRO A 674 -40.69 9.40 28.63
N TYR A 675 -40.51 9.81 29.87
CA TYR A 675 -40.52 11.21 30.25
C TYR A 675 -39.15 11.51 30.79
N SER A 676 -38.46 12.48 30.19
CA SER A 676 -37.02 12.57 30.42
C SER A 676 -36.55 13.98 30.18
N VAL A 677 -35.34 14.23 30.65
CA VAL A 677 -34.66 15.51 30.45
C VAL A 677 -33.25 15.19 30.01
N LEU A 678 -32.81 15.81 28.93
CA LEU A 678 -31.60 15.35 28.28
C LEU A 678 -30.53 16.41 28.40
N LEU A 679 -29.46 16.06 29.07
CA LEU A 679 -28.38 16.97 29.36
C LEU A 679 -27.19 16.64 28.50
N PHE A 680 -26.53 17.66 27.97
CA PHE A 680 -25.60 17.53 26.86
C PHE A 680 -24.29 18.17 27.27
N ASP A 681 -23.25 17.36 27.43
CA ASP A 681 -22.14 17.74 28.29
C ASP A 681 -21.15 18.51 27.46
N GLU A 682 -21.10 19.83 27.66
CA GLU A 682 -20.32 20.72 26.81
C GLU A 682 -20.57 20.36 25.35
N VAL A 683 -21.75 20.69 24.85
CA VAL A 683 -22.28 20.15 23.60
C VAL A 683 -21.26 20.13 22.48
N GLU A 684 -20.87 21.31 22.00
CA GLU A 684 -20.01 21.41 20.83
C GLU A 684 -18.73 20.59 20.98
N LYS A 685 -18.36 20.21 22.20
CA LYS A 685 -17.27 19.27 22.35
C LYS A 685 -17.62 17.93 21.71
N ALA A 686 -18.89 17.69 21.44
CA ALA A 686 -19.24 16.50 20.68
C ALA A 686 -18.82 16.67 19.22
N HIS A 687 -18.72 15.53 18.54
CA HIS A 687 -18.39 15.49 17.12
C HIS A 687 -19.63 15.66 16.26
N PRO A 688 -19.45 15.86 14.96
CA PRO A 688 -20.59 15.91 14.05
C PRO A 688 -21.50 14.71 14.18
N ASP A 689 -20.97 13.68 14.84
CA ASP A 689 -21.71 12.48 15.18
C ASP A 689 -23.11 12.77 15.69
N VAL A 690 -23.21 13.30 16.90
CA VAL A 690 -24.52 13.33 17.52
C VAL A 690 -25.33 14.49 17.00
N LEU A 691 -24.69 15.65 16.85
CA LEU A 691 -25.42 16.84 16.47
C LEU A 691 -26.31 16.59 15.27
N THR A 692 -25.89 15.71 14.38
CA THR A 692 -26.76 15.37 13.26
C THR A 692 -27.92 14.52 13.74
N VAL A 693 -27.67 13.54 14.59
CA VAL A 693 -28.81 12.81 15.11
C VAL A 693 -29.60 13.73 16.01
N MET A 694 -28.91 14.67 16.64
CA MET A 694 -29.59 15.69 17.41
C MET A 694 -30.58 16.45 16.58
N LEU A 695 -30.44 16.42 15.26
CA LEU A 695 -31.49 16.98 14.44
C LEU A 695 -32.83 16.42 14.83
N GLN A 696 -32.96 15.09 14.81
CA GLN A 696 -34.23 14.52 15.22
C GLN A 696 -34.57 14.99 16.63
N MET A 697 -33.55 15.11 17.48
CA MET A 697 -33.75 15.76 18.76
C MET A 697 -34.15 17.21 18.58
N LEU A 698 -33.36 17.94 17.80
CA LEU A 698 -33.79 19.27 17.37
C LEU A 698 -35.20 19.20 16.82
N ASP A 699 -35.52 18.10 16.13
CA ASP A 699 -36.84 17.93 15.59
C ASP A 699 -37.82 17.58 16.70
N ASP A 700 -39.09 17.83 16.43
CA ASP A 700 -40.19 16.91 16.69
C ASP A 700 -40.36 16.45 18.13
N GLY A 701 -39.37 16.70 18.98
CA GLY A 701 -39.40 16.06 20.27
C GLY A 701 -39.70 14.57 20.16
N ARG A 702 -39.06 13.89 19.22
CA ARG A 702 -39.21 12.45 19.08
C ARG A 702 -37.93 11.86 18.50
N ILE A 703 -37.57 10.67 18.97
CA ILE A 703 -36.25 10.13 18.66
C ILE A 703 -36.31 8.67 18.27
N THR A 704 -35.92 8.39 17.02
CA THR A 704 -35.58 7.04 16.63
C THR A 704 -34.40 6.55 17.45
N SER A 705 -34.54 5.37 18.04
CA SER A 705 -33.37 4.76 18.64
C SER A 705 -32.44 4.28 17.53
N GLY A 706 -31.29 3.74 17.92
CA GLY A 706 -30.35 3.29 16.91
C GLY A 706 -30.77 2.03 16.20
N GLN A 707 -31.74 1.31 16.74
CA GLN A 707 -32.44 0.30 15.97
C GLN A 707 -33.50 0.92 15.09
N GLY A 708 -33.61 2.25 15.12
CA GLY A 708 -34.61 2.96 14.37
C GLY A 708 -35.99 2.91 14.98
N LYS A 709 -36.10 3.21 16.27
CA LYS A 709 -37.39 3.24 16.95
C LYS A 709 -37.60 4.60 17.59
N THR A 710 -38.63 5.31 17.13
CA THR A 710 -38.88 6.67 17.59
C THR A 710 -39.47 6.68 18.99
N ILE A 711 -39.08 7.67 19.79
CA ILE A 711 -39.67 7.86 21.10
C ILE A 711 -39.85 9.36 21.33
N ASP A 712 -40.93 9.72 22.01
CA ASP A 712 -41.37 11.12 22.11
C ASP A 712 -40.54 11.88 23.13
N CYS A 713 -39.84 12.90 22.66
CA CYS A 713 -39.31 13.94 23.53
C CYS A 713 -40.19 15.17 23.62
N SER A 714 -41.21 15.31 22.77
CA SER A 714 -42.09 16.46 22.94
C SER A 714 -42.72 16.42 24.32
N ASN A 715 -42.73 15.24 24.94
CA ASN A 715 -43.00 15.10 26.35
C ASN A 715 -41.75 15.03 27.19
N CYS A 716 -40.59 15.30 26.61
CA CYS A 716 -39.31 15.20 27.32
C CYS A 716 -38.49 16.46 27.08
N ILE A 717 -37.37 16.56 27.80
CA ILE A 717 -36.59 17.79 27.79
C ILE A 717 -35.19 17.51 27.30
N VAL A 718 -34.61 18.50 26.63
CA VAL A 718 -33.25 18.41 26.12
C VAL A 718 -32.53 19.72 26.42
N ILE A 719 -31.35 19.62 27.01
CA ILE A 719 -30.67 20.80 27.52
C ILE A 719 -29.18 20.74 27.20
N MET A 720 -28.69 21.80 26.59
CA MET A 720 -27.32 21.89 26.12
C MET A 720 -26.45 22.55 27.17
N THR A 721 -25.20 22.10 27.26
CA THR A 721 -24.18 22.76 28.06
C THR A 721 -23.04 23.19 27.16
N SER A 722 -22.50 24.37 27.42
CA SER A 722 -21.29 24.77 26.73
C SER A 722 -20.60 25.86 27.54
N ASN A 723 -19.32 26.03 27.25
CA ASN A 723 -18.53 27.11 27.80
C ASN A 723 -18.47 28.30 26.86
N LEU A 724 -19.22 28.26 25.76
CA LEU A 724 -18.98 29.16 24.64
C LEU A 724 -18.91 30.62 25.06
N GLY A 725 -19.48 30.97 26.20
CA GLY A 725 -19.29 32.29 26.76
C GLY A 725 -18.34 32.34 27.95
N ALA A 726 -17.45 31.36 28.11
CA ALA A 726 -16.60 31.36 29.30
C ALA A 726 -15.83 32.67 29.42
N GLU A 727 -15.05 32.99 28.40
CA GLU A 727 -14.49 34.32 28.28
C GLU A 727 -15.58 35.36 28.42
N PHE A 728 -16.75 35.05 27.91
CA PHE A 728 -17.81 36.03 27.90
C PHE A 728 -18.56 36.00 29.23
N ILE A 729 -18.48 34.88 29.95
CA ILE A 729 -18.76 34.92 31.37
C ILE A 729 -17.85 35.94 32.01
N ASN A 730 -16.56 35.83 31.70
CA ASN A 730 -15.62 36.86 32.10
C ASN A 730 -16.07 38.22 31.59
N SER A 731 -16.75 38.26 30.44
CA SER A 731 -17.35 39.53 30.04
C SER A 731 -18.49 39.88 30.98
N GLN A 732 -19.39 38.93 31.25
CA GLN A 732 -20.37 39.14 32.30
C GLN A 732 -19.72 39.28 33.66
N GLN A 733 -18.48 38.85 33.83
CA GLN A 733 -17.79 39.25 35.05
C GLN A 733 -17.56 40.75 35.04
N GLY A 734 -17.18 41.30 33.90
CA GLY A 734 -17.33 42.72 33.70
C GLY A 734 -18.77 43.17 33.56
N SER A 735 -19.72 42.23 33.53
CA SER A 735 -21.17 42.49 33.56
C SER A 735 -21.60 43.34 32.35
N LYS A 736 -21.56 42.70 31.20
CA LYS A 736 -21.86 43.38 29.95
C LYS A 736 -23.34 43.73 29.85
N ILE A 737 -23.65 44.64 28.94
CA ILE A 737 -24.98 44.54 28.36
C ILE A 737 -24.97 43.12 27.84
N GLN A 738 -25.88 42.31 28.33
CA GLN A 738 -25.74 40.89 28.11
C GLN A 738 -25.91 40.58 26.63
N GLU A 739 -26.80 41.33 25.99
CA GLU A 739 -26.99 41.26 24.55
C GLU A 739 -25.64 41.22 23.85
N SER A 740 -24.88 42.30 23.96
CA SER A 740 -23.57 42.37 23.32
C SER A 740 -22.76 41.13 23.63
N THR A 741 -22.63 40.78 24.90
CA THR A 741 -21.84 39.60 25.21
C THR A 741 -22.57 38.33 24.81
N LYS A 742 -23.90 38.31 24.97
CA LYS A 742 -24.64 37.18 24.41
C LYS A 742 -24.53 37.17 22.90
N ASN A 743 -24.59 38.34 22.27
CA ASN A 743 -24.21 38.43 20.87
C ASN A 743 -22.81 37.87 20.69
N LEU A 744 -21.87 38.43 21.45
CA LEU A 744 -20.52 37.86 21.51
C LEU A 744 -20.58 36.35 21.69
N VAL A 745 -21.45 35.88 22.58
CA VAL A 745 -21.69 34.45 22.66
C VAL A 745 -22.43 33.97 21.43
N MET A 746 -23.52 34.66 21.08
CA MET A 746 -24.35 34.20 19.98
C MET A 746 -23.50 33.91 18.77
N GLY A 747 -22.74 34.91 18.34
CA GLY A 747 -21.74 34.66 17.33
C GLY A 747 -20.85 33.50 17.71
N ALA A 748 -20.30 33.53 18.92
CA ALA A 748 -19.45 32.43 19.37
C ALA A 748 -20.19 31.12 19.23
N VAL A 749 -21.36 31.01 19.85
CA VAL A 749 -22.09 29.76 19.72
C VAL A 749 -22.56 29.59 18.29
N ARG A 750 -22.82 30.69 17.58
CA ARG A 750 -23.21 30.59 16.19
C ARG A 750 -22.25 29.73 15.39
N GLN A 751 -20.97 29.77 15.75
CA GLN A 751 -19.93 29.19 14.91
C GLN A 751 -20.07 27.68 14.80
N HIS A 752 -20.06 27.00 15.94
CA HIS A 752 -19.94 25.55 15.94
C HIS A 752 -21.08 24.83 15.27
N PHE A 753 -22.14 25.52 14.88
CA PHE A 753 -23.32 24.78 14.48
C PHE A 753 -23.96 25.37 13.26
N ARG A 754 -24.45 24.47 12.43
CA ARG A 754 -25.46 24.86 11.47
C ARG A 754 -26.62 25.50 12.22
N PRO A 755 -27.32 26.42 11.60
CA PRO A 755 -28.42 27.10 12.29
C PRO A 755 -29.51 26.15 12.72
N GLU A 756 -29.74 25.07 11.98
CA GLU A 756 -30.78 24.12 12.34
C GLU A 756 -30.61 23.73 13.77
N PHE A 757 -29.39 23.33 14.12
CA PHE A 757 -29.02 23.23 15.51
C PHE A 757 -29.43 24.51 16.23
N LEU A 758 -28.95 25.62 15.72
CA LEU A 758 -29.16 26.89 16.40
C LEU A 758 -30.63 27.27 16.41
N ASN A 759 -31.35 26.92 15.36
CA ASN A 759 -32.74 27.33 15.24
C ASN A 759 -33.70 26.45 16.02
N ARG A 760 -33.47 25.16 16.10
CA ARG A 760 -34.49 24.34 16.71
C ARG A 760 -34.47 24.40 18.22
N ILE A 761 -33.55 25.16 18.80
CA ILE A 761 -33.52 25.28 20.25
C ILE A 761 -34.71 26.11 20.68
N SER A 762 -35.45 25.62 21.68
CA SER A 762 -36.52 26.43 22.22
C SER A 762 -36.01 27.81 22.62
N SER A 763 -34.85 27.87 23.23
CA SER A 763 -34.00 29.06 23.23
C SER A 763 -32.70 28.68 23.89
N ILE A 764 -31.84 29.66 24.11
CA ILE A 764 -30.62 29.47 24.86
C ILE A 764 -30.42 30.65 25.78
N VAL A 765 -29.95 30.39 26.99
CA VAL A 765 -29.83 31.42 28.00
C VAL A 765 -28.47 31.32 28.68
N ILE A 766 -28.00 32.45 29.15
CA ILE A 766 -26.86 32.53 30.04
C ILE A 766 -27.33 32.36 31.47
N PHE A 767 -26.54 31.70 32.28
CA PHE A 767 -26.67 31.86 33.72
C PHE A 767 -25.46 32.69 34.14
N ASN A 768 -25.72 33.96 34.40
CA ASN A 768 -24.71 35.00 34.28
C ASN A 768 -24.05 35.21 35.63
N LYS A 769 -23.27 36.28 35.76
CA LYS A 769 -22.53 36.53 36.98
C LYS A 769 -23.49 36.48 38.16
N LEU A 770 -23.07 35.80 39.21
CA LEU A 770 -23.95 35.50 40.32
C LEU A 770 -23.53 36.36 41.49
N SER A 771 -24.36 37.35 41.84
CA SER A 771 -24.06 38.18 42.98
C SER A 771 -24.14 37.37 44.25
N ARG A 772 -23.33 37.76 45.24
CA ARG A 772 -23.37 37.08 46.52
C ARG A 772 -24.79 36.97 47.03
N LYS A 773 -25.64 37.90 46.60
CA LYS A 773 -27.06 37.87 46.89
C LYS A 773 -27.52 36.45 46.77
N ALA A 774 -27.55 35.97 45.53
CA ALA A 774 -27.90 34.59 45.28
C ALA A 774 -27.04 33.66 46.13
N ILE A 775 -25.72 33.86 46.07
CA ILE A 775 -24.77 32.96 46.71
C ILE A 775 -25.27 32.64 48.11
N HIS A 776 -25.24 33.63 49.00
CA HIS A 776 -25.60 33.34 50.37
C HIS A 776 -26.98 32.73 50.45
N LYS A 777 -27.91 33.23 49.65
CA LYS A 777 -29.21 32.62 49.54
C LYS A 777 -28.99 31.18 49.12
N ILE A 778 -28.46 31.01 47.92
CA ILE A 778 -28.14 29.67 47.44
C ILE A 778 -27.36 28.93 48.50
N VAL A 779 -26.34 29.58 49.05
CA VAL A 779 -25.67 29.00 50.20
C VAL A 779 -26.69 28.67 51.28
N ASP A 780 -27.48 29.66 51.68
CA ASP A 780 -28.48 29.35 52.69
C ASP A 780 -29.38 28.23 52.21
N ILE A 781 -29.68 28.22 50.92
CA ILE A 781 -30.33 27.05 50.36
C ILE A 781 -29.42 25.84 50.50
N ARG A 782 -28.18 25.99 50.03
CA ARG A 782 -27.17 24.96 50.27
C ARG A 782 -27.18 24.55 51.73
N LEU A 783 -27.28 25.52 52.63
CA LEU A 783 -27.45 25.19 54.03
C LEU A 783 -28.64 24.28 54.23
N LYS A 784 -29.75 24.59 53.56
CA LYS A 784 -30.99 23.91 53.86
C LYS A 784 -30.91 22.42 53.58
N GLU A 785 -30.14 22.01 52.57
CA GLU A 785 -30.28 20.64 52.08
C GLU A 785 -29.82 19.63 53.12
N ILE A 786 -28.63 19.81 53.68
CA ILE A 786 -28.11 18.81 54.60
C ILE A 786 -28.97 18.72 55.84
N GLU A 787 -29.24 19.87 56.47
CA GLU A 787 -29.99 19.90 57.72
C GLU A 787 -31.33 19.18 57.56
N GLU A 788 -31.98 19.33 56.42
CA GLU A 788 -33.24 18.66 56.20
C GLU A 788 -33.05 17.19 55.86
N ARG A 789 -31.82 16.73 55.71
CA ARG A 789 -31.59 15.31 55.55
C ARG A 789 -31.60 14.57 56.88
N PHE A 790 -31.33 15.29 57.96
CA PHE A 790 -30.71 14.67 59.12
C PHE A 790 -31.44 14.95 60.43
N GLU A 791 -31.53 16.23 60.82
CA GLU A 791 -32.35 16.57 61.98
C GLU A 791 -33.72 15.93 61.86
N GLN A 792 -34.23 15.83 60.64
CA GLN A 792 -35.47 15.10 60.38
C GLN A 792 -35.41 13.70 60.99
N ASN A 793 -34.40 12.94 60.60
CA ASN A 793 -34.25 11.57 61.06
C ASN A 793 -32.94 11.40 61.82
N ASP A 794 -31.81 11.43 61.12
CA ASP A 794 -30.50 11.14 61.68
C ASP A 794 -30.12 12.05 62.84
N LYS A 795 -29.82 13.30 62.53
CA LYS A 795 -28.98 14.10 63.41
C LYS A 795 -29.73 14.90 64.45
N HIS A 796 -31.06 15.01 64.36
CA HIS A 796 -31.82 15.68 65.40
C HIS A 796 -31.27 17.08 65.67
N TYR A 797 -30.67 17.66 64.63
CA TYR A 797 -29.61 18.64 64.77
C TYR A 797 -30.12 20.08 64.76
N LYS A 798 -29.90 20.79 65.86
CA LYS A 798 -30.00 22.24 65.85
C LYS A 798 -28.64 22.86 65.55
N LEU A 799 -28.69 24.00 64.86
CA LEU A 799 -27.60 24.54 64.08
C LEU A 799 -27.13 25.89 64.60
N ASN A 800 -25.86 26.22 64.32
CA ASN A 800 -25.35 27.57 64.51
C ASN A 800 -24.54 28.00 63.30
N LEU A 801 -24.52 29.31 63.05
CA LEU A 801 -23.75 29.87 61.96
C LEU A 801 -22.98 31.07 62.46
N THR A 802 -21.68 30.98 62.49
CA THR A 802 -20.89 32.19 62.49
C THR A 802 -21.11 32.89 61.16
N GLN A 803 -21.07 34.22 61.20
CA GLN A 803 -20.99 34.91 59.93
C GLN A 803 -19.75 34.50 59.19
N GLU A 804 -18.73 34.02 59.92
CA GLU A 804 -17.54 33.45 59.31
C GLU A 804 -17.96 32.55 58.16
N ALA A 805 -18.48 31.37 58.51
CA ALA A 805 -18.98 30.46 57.48
C ALA A 805 -19.94 31.19 56.58
N LYS A 806 -20.93 31.85 57.17
CA LYS A 806 -21.85 32.66 56.40
C LYS A 806 -21.11 33.55 55.42
N ASP A 807 -20.04 34.18 55.88
CA ASP A 807 -19.23 34.95 54.94
C ASP A 807 -18.26 34.04 54.19
N PHE A 808 -17.53 33.18 54.92
CA PHE A 808 -16.52 32.27 54.36
C PHE A 808 -17.09 31.57 53.16
N LEU A 809 -18.07 30.71 53.42
CA LEU A 809 -18.64 29.89 52.38
C LEU A 809 -19.01 30.76 51.19
N ALA A 810 -19.70 31.86 51.46
CA ALA A 810 -19.97 32.83 50.39
C ALA A 810 -18.68 33.38 49.83
N LYS A 811 -17.90 34.05 50.68
CA LYS A 811 -16.62 34.55 50.22
C LYS A 811 -15.70 33.44 49.77
N TYR A 812 -15.15 32.70 50.73
CA TYR A 812 -14.12 31.72 50.42
C TYR A 812 -14.72 30.52 49.71
N GLY A 813 -15.72 29.89 50.33
CA GLY A 813 -16.22 28.65 49.78
C GLY A 813 -16.64 28.78 48.34
N TYR A 814 -17.44 29.80 48.03
CA TYR A 814 -17.69 30.09 46.63
C TYR A 814 -16.40 30.47 45.93
N SER A 815 -16.12 29.78 44.85
CA SER A 815 -15.11 30.24 43.90
C SER A 815 -15.81 31.04 42.81
N ASP A 816 -15.16 32.09 42.35
CA ASP A 816 -15.66 32.76 41.17
C ASP A 816 -15.82 31.76 40.05
N ASP A 817 -14.69 31.30 39.53
CA ASP A 817 -14.66 30.47 38.34
C ASP A 817 -15.12 29.04 38.60
N MET A 818 -14.50 28.34 39.54
CA MET A 818 -14.88 26.96 39.79
C MET A 818 -16.08 26.88 40.72
N GLY A 819 -16.55 28.01 41.23
CA GLY A 819 -17.79 28.06 41.95
C GLY A 819 -17.66 27.59 43.38
N ALA A 820 -18.73 27.79 44.13
CA ALA A 820 -18.95 27.00 45.32
C ALA A 820 -19.17 25.54 44.99
N ARG A 821 -19.20 25.20 43.71
CA ARG A 821 -19.25 23.80 43.28
C ARG A 821 -18.31 22.94 44.11
N PRO A 822 -17.02 23.26 44.28
CA PRO A 822 -16.26 22.55 45.30
C PRO A 822 -16.79 22.82 46.69
N LEU A 823 -17.19 24.06 46.98
CA LEU A 823 -17.71 24.35 48.31
C LEU A 823 -18.89 23.46 48.60
N ASN A 824 -19.73 23.25 47.60
CA ASN A 824 -20.79 22.25 47.71
C ASN A 824 -20.23 20.97 48.31
N ARG A 825 -19.08 20.53 47.82
CA ARG A 825 -18.37 19.45 48.52
C ARG A 825 -17.75 19.96 49.81
N LEU A 826 -17.17 21.15 49.78
CA LEU A 826 -16.53 21.66 50.98
C LEU A 826 -17.54 21.81 52.10
N ILE A 827 -18.76 22.25 51.77
CA ILE A 827 -19.79 22.40 52.78
C ILE A 827 -19.83 21.16 53.67
N GLN A 828 -19.68 19.98 53.08
CA GLN A 828 -19.29 18.86 53.90
C GLN A 828 -18.06 19.21 54.72
N ASN A 829 -16.97 19.42 54.00
CA ASN A 829 -15.64 19.34 54.55
C ASN A 829 -15.47 20.28 55.74
N GLU A 830 -15.42 21.58 55.46
CA GLU A 830 -15.22 22.49 56.58
C GLU A 830 -16.42 22.59 57.48
N ILE A 831 -17.55 22.00 57.11
CA ILE A 831 -18.70 22.13 57.98
C ILE A 831 -19.19 20.76 58.38
N LEU A 832 -19.90 20.09 57.46
CA LEU A 832 -20.45 18.79 57.77
C LEU A 832 -19.36 17.85 58.24
N ASN A 833 -18.35 17.65 57.41
CA ASN A 833 -17.21 16.86 57.83
C ASN A 833 -16.65 17.40 59.15
N LYS A 834 -16.49 18.71 59.25
CA LYS A 834 -15.89 19.28 60.45
C LYS A 834 -16.78 19.11 61.67
N LEU A 835 -18.00 19.63 61.62
CA LEU A 835 -18.80 19.71 62.84
C LEU A 835 -19.40 18.37 63.23
N ALA A 836 -19.79 17.54 62.26
CA ALA A 836 -20.12 16.17 62.61
C ALA A 836 -18.95 15.56 63.37
N LEU A 837 -17.76 15.63 62.78
CA LEU A 837 -16.56 15.23 63.49
C LEU A 837 -16.49 15.88 64.86
N ARG A 838 -16.81 17.17 64.94
CA ARG A 838 -16.97 17.79 66.25
C ARG A 838 -18.00 17.03 67.06
N ILE A 839 -19.16 16.77 66.48
CA ILE A 839 -20.29 16.23 67.24
C ILE A 839 -20.17 14.72 67.42
N LEU A 840 -19.62 14.02 66.43
CA LEU A 840 -19.69 12.56 66.43
C LEU A 840 -19.15 11.96 67.73
N LYS A 841 -18.29 12.69 68.45
CA LYS A 841 -17.92 12.28 69.79
C LYS A 841 -19.12 12.17 70.71
N ASN A 842 -20.08 13.08 70.55
CA ASN A 842 -21.34 13.31 71.28
C ASN A 842 -21.14 14.22 72.48
N GLU A 843 -19.91 14.55 72.87
CA GLU A 843 -19.72 15.40 74.04
C GLU A 843 -20.35 16.76 73.83
N ILE A 844 -20.09 17.37 72.67
CA ILE A 844 -21.09 18.27 72.14
C ILE A 844 -22.27 17.40 71.75
N LYS A 845 -23.41 17.64 72.38
CA LYS A 845 -24.44 16.60 72.40
C LYS A 845 -25.17 16.55 71.07
N ASP A 846 -26.13 15.64 70.98
CA ASP A 846 -27.06 15.66 69.85
C ASP A 846 -27.81 16.99 69.85
N LYS A 847 -28.18 17.42 68.65
CA LYS A 847 -28.96 18.64 68.47
C LYS A 847 -28.13 19.87 68.80
N GLU A 848 -26.96 19.66 69.39
CA GLU A 848 -26.04 20.76 69.63
C GLU A 848 -25.39 21.17 68.31
N THR A 849 -24.62 22.25 68.37
CA THR A 849 -23.90 22.74 67.20
C THR A 849 -22.69 23.53 67.65
N VAL A 850 -21.58 23.40 66.92
CA VAL A 850 -20.45 24.31 67.04
C VAL A 850 -19.93 24.66 65.65
N ASN A 851 -20.11 25.91 65.25
CA ASN A 851 -19.48 26.43 64.06
C ASN A 851 -18.04 26.86 64.33
N VAL A 852 -17.23 26.86 63.29
CA VAL A 852 -15.83 27.27 63.42
C VAL A 852 -15.73 28.71 63.93
N GLN B 1 -55.51 -43.97 -15.43
CA GLN B 1 -54.90 -44.41 -16.68
C GLN B 1 -53.43 -44.77 -16.48
N PHE B 2 -52.93 -45.67 -17.33
CA PHE B 2 -51.52 -46.03 -17.26
C PHE B 2 -50.66 -44.85 -17.67
N THR B 3 -49.41 -44.88 -17.24
CA THR B 3 -48.47 -43.88 -17.71
C THR B 3 -48.26 -44.04 -19.21
N GLU B 4 -48.28 -42.91 -19.92
CA GLU B 4 -47.91 -42.92 -21.33
C GLU B 4 -46.59 -43.62 -21.53
N ARG B 5 -45.55 -43.14 -20.83
CA ARG B 5 -44.25 -43.81 -20.87
C ARG B 5 -44.39 -45.30 -20.65
N ALA B 6 -45.12 -45.67 -19.60
CA ALA B 6 -45.47 -47.07 -19.42
C ALA B 6 -46.25 -47.58 -20.62
N LEU B 7 -47.36 -46.92 -20.93
CA LEU B 7 -48.19 -47.37 -22.05
C LEU B 7 -47.40 -47.36 -23.35
N THR B 8 -46.47 -46.42 -23.51
CA THR B 8 -45.58 -46.45 -24.65
C THR B 8 -44.94 -47.83 -24.79
N ILE B 9 -44.45 -48.37 -23.68
CA ILE B 9 -43.98 -49.74 -23.67
C ILE B 9 -45.15 -50.70 -23.81
N LEU B 10 -46.23 -50.44 -23.08
CA LEU B 10 -47.33 -51.39 -22.98
C LEU B 10 -47.91 -51.71 -24.35
N THR B 11 -48.33 -50.69 -25.08
CA THR B 11 -48.79 -50.94 -26.43
C THR B 11 -47.67 -51.49 -27.28
N LEU B 12 -46.45 -51.00 -27.08
CA LEU B 12 -45.30 -51.62 -27.73
C LEU B 12 -45.12 -53.04 -27.23
N ALA B 13 -45.53 -53.31 -26.00
CA ALA B 13 -45.57 -54.69 -25.52
C ALA B 13 -46.72 -55.44 -26.18
N GLN B 14 -47.87 -54.80 -26.33
CA GLN B 14 -48.88 -55.33 -27.24
C GLN B 14 -48.33 -55.42 -28.65
N LYS B 15 -47.59 -54.40 -29.07
CA LYS B 15 -46.87 -54.49 -30.34
C LYS B 15 -45.83 -55.59 -30.28
N LEU B 16 -45.18 -55.76 -29.14
CA LEU B 16 -44.20 -56.82 -28.99
C LEU B 16 -44.80 -58.18 -29.33
N ALA B 17 -45.87 -58.55 -28.63
CA ALA B 17 -46.54 -59.82 -28.92
C ALA B 17 -47.12 -59.84 -30.32
N SER B 18 -47.25 -58.68 -30.95
CA SER B 18 -47.80 -58.62 -32.30
C SER B 18 -46.76 -58.95 -33.37
N ASP B 19 -45.50 -58.53 -33.17
CA ASP B 19 -44.50 -58.69 -34.22
C ASP B 19 -44.27 -60.16 -34.54
N HIS B 20 -44.05 -60.98 -33.51
CA HIS B 20 -44.04 -62.41 -33.67
C HIS B 20 -45.46 -62.97 -33.65
N GLN B 21 -46.46 -62.10 -33.58
CA GLN B 21 -47.86 -62.48 -33.51
C GLN B 21 -48.04 -63.59 -32.50
N HIS B 22 -47.91 -63.23 -31.23
CA HIS B 22 -48.06 -64.19 -30.17
C HIS B 22 -49.54 -64.54 -29.98
N PRO B 23 -49.84 -65.75 -29.50
CA PRO B 23 -51.23 -66.11 -29.28
C PRO B 23 -51.85 -65.40 -28.11
N GLN B 24 -51.04 -65.01 -27.13
CA GLN B 24 -51.55 -64.56 -25.85
C GLN B 24 -50.53 -63.63 -25.23
N LEU B 25 -51.00 -62.74 -24.40
CA LEU B 25 -50.13 -61.88 -23.60
C LEU B 25 -49.88 -62.56 -22.27
N GLN B 26 -48.63 -62.94 -22.03
CA GLN B 26 -48.26 -63.85 -20.96
C GLN B 26 -47.00 -63.36 -20.28
N PRO B 27 -46.73 -63.80 -19.03
CA PRO B 27 -45.84 -63.04 -18.15
C PRO B 27 -44.51 -62.61 -18.75
N ILE B 28 -43.84 -63.51 -19.48
CA ILE B 28 -42.46 -63.24 -19.86
C ILE B 28 -42.35 -62.38 -21.12
N HIS B 29 -43.48 -61.97 -21.69
CA HIS B 29 -43.49 -61.14 -22.89
C HIS B 29 -42.68 -59.85 -22.78
N ILE B 30 -43.23 -58.86 -22.07
CA ILE B 30 -42.70 -57.51 -22.10
C ILE B 30 -41.27 -57.45 -21.62
N LEU B 31 -40.78 -58.55 -21.04
CA LEU B 31 -39.37 -58.65 -20.74
C LEU B 31 -38.53 -58.33 -21.96
N ALA B 32 -39.06 -58.61 -23.15
CA ALA B 32 -38.48 -58.07 -24.37
C ALA B 32 -38.93 -56.65 -24.65
N ALA B 33 -40.19 -56.33 -24.39
CA ALA B 33 -40.71 -55.02 -24.76
C ALA B 33 -40.16 -53.92 -23.87
N PHE B 34 -39.89 -54.22 -22.60
CA PHE B 34 -39.19 -53.29 -21.73
C PHE B 34 -37.86 -52.83 -22.29
N ILE B 35 -37.30 -53.57 -23.25
CA ILE B 35 -35.97 -53.31 -23.73
C ILE B 35 -35.95 -53.19 -25.25
N GLU B 36 -35.67 -51.99 -25.75
CA GLU B 36 -35.23 -51.85 -27.13
C GLU B 36 -33.92 -52.57 -27.33
N THR B 37 -32.92 -52.18 -26.56
CA THR B 37 -31.60 -52.79 -26.56
C THR B 37 -31.01 -52.60 -25.17
N PRO B 38 -29.87 -53.22 -24.85
CA PRO B 38 -29.32 -53.08 -23.50
C PRO B 38 -29.09 -51.64 -23.04
N GLU B 39 -29.17 -50.65 -23.93
CA GLU B 39 -28.98 -49.25 -23.54
C GLU B 39 -29.85 -48.92 -22.34
N ASP B 40 -29.33 -48.07 -21.46
CA ASP B 40 -30.18 -47.54 -20.40
C ASP B 40 -31.35 -46.74 -20.97
N GLY B 41 -31.28 -46.39 -22.26
CA GLY B 41 -32.49 -46.03 -22.97
C GLY B 41 -33.56 -47.08 -22.81
N SER B 42 -33.16 -48.33 -22.59
CA SER B 42 -34.01 -49.31 -21.97
C SER B 42 -33.49 -49.51 -20.56
N VAL B 43 -34.17 -48.89 -19.61
CA VAL B 43 -33.82 -48.95 -18.20
C VAL B 43 -33.95 -50.37 -17.65
N PRO B 44 -34.99 -51.12 -18.03
CA PRO B 44 -35.13 -52.48 -17.51
C PRO B 44 -33.90 -53.35 -17.68
N TYR B 45 -32.94 -52.93 -18.49
CA TYR B 45 -31.71 -53.68 -18.60
C TYR B 45 -30.87 -53.47 -17.35
N LEU B 46 -30.27 -52.29 -17.24
CA LEU B 46 -29.29 -51.98 -16.22
C LEU B 46 -29.85 -50.99 -15.21
N GLN B 47 -30.25 -49.82 -15.70
CA GLN B 47 -30.90 -48.82 -14.87
C GLN B 47 -32.17 -49.35 -14.22
N ASN B 48 -32.64 -50.53 -14.64
CA ASN B 48 -33.76 -51.16 -13.96
C ASN B 48 -33.50 -51.31 -12.47
N LEU B 49 -34.59 -51.21 -11.72
CA LEU B 49 -34.63 -51.35 -10.27
C LEU B 49 -34.25 -52.76 -9.83
N ILE B 50 -34.10 -53.69 -10.76
CA ILE B 50 -33.82 -55.08 -10.46
C ILE B 50 -32.33 -55.33 -10.58
N GLU B 51 -31.73 -55.06 -11.74
CA GLU B 51 -30.28 -55.12 -11.86
C GLU B 51 -29.59 -54.45 -10.69
N LYS B 52 -30.11 -53.31 -10.25
CA LYS B 52 -29.66 -52.70 -9.01
C LYS B 52 -30.35 -53.32 -7.80
N GLY B 53 -31.63 -53.68 -7.90
CA GLY B 53 -32.29 -54.35 -6.80
C GLY B 53 -31.87 -55.79 -6.56
N ARG B 54 -32.12 -56.67 -7.52
CA ARG B 54 -31.72 -58.08 -7.41
C ARG B 54 -31.08 -58.64 -8.67
N TYR B 55 -31.86 -58.77 -9.73
CA TYR B 55 -31.44 -59.52 -10.93
C TYR B 55 -30.85 -58.57 -11.96
N ASP B 56 -29.53 -58.67 -12.14
CA ASP B 56 -28.89 -57.98 -13.26
C ASP B 56 -29.29 -58.65 -14.56
N TYR B 57 -29.52 -57.82 -15.57
CA TYR B 57 -30.08 -58.27 -16.84
C TYR B 57 -29.03 -58.48 -17.93
N ASP B 58 -27.74 -58.33 -17.62
CA ASP B 58 -26.71 -58.38 -18.66
C ASP B 58 -26.75 -59.66 -19.48
N LEU B 59 -26.31 -60.76 -18.91
CA LEU B 59 -26.54 -62.02 -19.59
C LEU B 59 -28.02 -62.35 -19.58
N PHE B 60 -28.70 -61.97 -18.50
CA PHE B 60 -30.13 -62.12 -18.35
C PHE B 60 -30.89 -61.34 -19.43
N LYS B 61 -30.19 -60.53 -20.21
CA LYS B 61 -30.65 -60.10 -21.53
C LYS B 61 -30.92 -61.29 -22.46
N LYS B 62 -30.35 -62.45 -22.18
CA LYS B 62 -30.38 -63.56 -23.14
C LYS B 62 -31.79 -64.09 -23.35
N VAL B 63 -32.54 -64.31 -22.28
CA VAL B 63 -33.64 -65.26 -22.33
C VAL B 63 -34.95 -64.68 -22.85
N VAL B 64 -35.08 -63.36 -22.92
CA VAL B 64 -36.40 -62.75 -23.08
C VAL B 64 -37.04 -63.14 -24.42
N ASN B 65 -36.38 -62.85 -25.53
CA ASN B 65 -36.92 -63.28 -26.82
C ASN B 65 -36.92 -64.78 -26.96
N ARG B 66 -35.99 -65.47 -26.29
CA ARG B 66 -35.96 -66.93 -26.33
C ARG B 66 -37.34 -67.51 -26.04
N ASN B 67 -38.06 -66.92 -25.09
CA ASN B 67 -39.44 -67.34 -24.88
C ASN B 67 -40.34 -66.85 -26.00
N LEU B 68 -40.29 -65.56 -26.29
CA LEU B 68 -41.25 -64.98 -27.22
C LEU B 68 -41.05 -65.46 -28.64
N VAL B 69 -39.91 -66.06 -28.95
CA VAL B 69 -39.84 -66.84 -30.17
C VAL B 69 -40.39 -68.23 -29.96
N ARG B 70 -40.27 -68.78 -28.75
CA ARG B 70 -40.79 -70.12 -28.51
C ARG B 70 -42.24 -70.11 -28.07
N ILE B 71 -42.88 -68.95 -27.99
CA ILE B 71 -44.32 -68.92 -27.88
C ILE B 71 -44.87 -69.62 -29.12
N PRO B 72 -45.99 -70.34 -29.02
CA PRO B 72 -46.60 -70.88 -30.24
C PRO B 72 -47.10 -69.74 -31.12
N GLN B 73 -46.72 -69.77 -32.39
CA GLN B 73 -47.03 -68.65 -33.27
C GLN B 73 -48.54 -68.49 -33.43
N GLN B 74 -48.97 -67.27 -33.71
CA GLN B 74 -50.38 -66.97 -33.87
C GLN B 74 -50.59 -66.21 -35.17
N GLN B 75 -51.79 -65.66 -35.38
CA GLN B 75 -52.07 -64.83 -36.54
C GLN B 75 -52.42 -63.43 -36.06
N PRO B 76 -52.60 -62.43 -36.95
CA PRO B 76 -52.57 -61.04 -36.48
C PRO B 76 -53.65 -60.67 -35.48
N ALA B 77 -54.91 -61.01 -35.75
CA ALA B 77 -55.98 -60.54 -34.87
C ALA B 77 -55.88 -61.13 -33.47
N PRO B 78 -55.65 -62.43 -33.28
CA PRO B 78 -55.46 -62.93 -31.90
C PRO B 78 -54.21 -62.39 -31.23
N ALA B 79 -53.26 -61.84 -31.98
CA ALA B 79 -52.15 -61.15 -31.35
C ALA B 79 -52.67 -59.88 -30.68
N GLU B 80 -52.21 -59.64 -29.45
CA GLU B 80 -52.62 -58.53 -28.59
C GLU B 80 -54.15 -58.44 -28.47
N ILE B 81 -54.83 -59.56 -28.71
CA ILE B 81 -56.28 -59.55 -28.59
C ILE B 81 -56.67 -59.76 -27.14
N THR B 82 -55.78 -60.35 -26.35
CA THR B 82 -56.17 -60.75 -25.03
C THR B 82 -55.27 -60.11 -23.98
N PRO B 83 -55.85 -59.61 -22.89
CA PRO B 83 -55.02 -59.32 -21.71
C PRO B 83 -54.55 -60.58 -21.04
N SER B 84 -55.33 -61.67 -21.17
CA SER B 84 -54.98 -62.94 -20.58
C SER B 84 -54.75 -62.73 -19.09
N TYR B 85 -55.83 -62.59 -18.32
CA TYR B 85 -55.77 -61.88 -17.06
C TYR B 85 -54.62 -62.33 -16.18
N ALA B 86 -54.10 -63.54 -16.39
CA ALA B 86 -52.80 -63.88 -15.84
C ALA B 86 -51.81 -62.76 -16.09
N LEU B 87 -51.70 -62.31 -17.35
CA LEU B 87 -51.01 -61.06 -17.61
C LEU B 87 -51.95 -59.86 -17.44
N GLY B 88 -53.22 -60.01 -17.84
CA GLY B 88 -54.14 -58.91 -17.75
C GLY B 88 -54.25 -58.27 -16.39
N LYS B 89 -53.91 -59.01 -15.33
CA LYS B 89 -53.89 -58.40 -14.01
C LYS B 89 -52.84 -57.31 -13.92
N VAL B 90 -51.70 -57.51 -14.58
CA VAL B 90 -50.61 -56.55 -14.53
C VAL B 90 -51.13 -55.17 -14.88
N LEU B 91 -52.16 -55.10 -15.70
CA LEU B 91 -52.90 -53.87 -15.86
C LEU B 91 -53.28 -53.30 -14.50
N GLN B 92 -54.02 -54.08 -13.72
CA GLN B 92 -54.37 -53.68 -12.35
C GLN B 92 -53.24 -53.95 -11.38
N ASP B 93 -52.59 -55.11 -11.51
CA ASP B 93 -51.57 -55.51 -10.54
C ASP B 93 -50.45 -54.48 -10.45
N ALA B 94 -50.27 -53.67 -11.50
CA ALA B 94 -49.26 -52.63 -11.43
C ALA B 94 -49.60 -51.56 -10.41
N ALA B 95 -50.85 -51.50 -9.97
CA ALA B 95 -51.31 -50.51 -9.01
C ALA B 95 -51.02 -50.93 -7.58
N LYS B 96 -50.29 -52.02 -7.38
CA LYS B 96 -50.00 -52.45 -6.02
C LYS B 96 -48.83 -51.69 -5.41
N ILE B 97 -47.75 -51.48 -6.18
CA ILE B 97 -46.59 -50.79 -5.62
C ILE B 97 -46.82 -49.29 -5.51
N GLN B 98 -47.74 -48.75 -6.30
CA GLN B 98 -48.14 -47.36 -6.12
C GLN B 98 -48.64 -47.13 -4.71
N LYS B 99 -48.98 -48.20 -4.01
CA LYS B 99 -49.30 -48.10 -2.60
C LYS B 99 -48.03 -48.06 -1.75
N GLN B 100 -47.27 -49.16 -1.71
CA GLN B 100 -46.21 -49.26 -0.71
C GLN B 100 -45.06 -48.32 -1.01
N GLN B 101 -44.82 -48.03 -2.28
CA GLN B 101 -43.88 -46.99 -2.66
C GLN B 101 -44.54 -45.66 -3.00
N LYS B 102 -45.85 -45.52 -2.76
CA LYS B 102 -46.55 -44.23 -2.84
C LYS B 102 -46.54 -43.67 -4.27
N ASP B 103 -47.34 -44.29 -5.12
CA ASP B 103 -47.61 -43.72 -6.43
C ASP B 103 -49.10 -43.76 -6.72
N SER B 104 -49.49 -43.09 -7.80
CA SER B 104 -50.90 -42.92 -8.16
C SER B 104 -51.25 -43.64 -9.45
N PHE B 105 -50.69 -43.20 -10.57
CA PHE B 105 -50.95 -43.84 -11.85
C PHE B 105 -50.13 -45.13 -11.92
N ILE B 106 -50.08 -45.73 -13.10
CA ILE B 106 -49.33 -46.96 -13.31
C ILE B 106 -48.19 -46.68 -14.25
N ALA B 107 -46.97 -46.76 -13.72
CA ALA B 107 -45.76 -46.27 -14.36
C ALA B 107 -44.90 -47.42 -14.88
N GLN B 108 -43.75 -47.03 -15.44
CA GLN B 108 -42.81 -48.02 -15.96
C GLN B 108 -42.40 -49.00 -14.87
N ASP B 109 -42.14 -48.51 -13.66
CA ASP B 109 -41.93 -49.42 -12.55
C ASP B 109 -43.15 -50.28 -12.30
N HIS B 110 -44.33 -49.68 -12.36
CA HIS B 110 -45.54 -50.39 -11.97
C HIS B 110 -45.87 -51.48 -12.96
N ILE B 111 -45.98 -51.12 -14.24
CA ILE B 111 -46.15 -52.14 -15.27
C ILE B 111 -45.12 -53.23 -15.08
N LEU B 112 -43.87 -52.82 -14.89
CA LEU B 112 -42.83 -53.73 -14.42
C LEU B 112 -43.23 -54.39 -13.11
N PHE B 113 -43.65 -53.59 -12.14
CA PHE B 113 -43.85 -54.10 -10.79
C PHE B 113 -44.80 -55.28 -10.77
N ALA B 114 -45.98 -55.12 -11.36
CA ALA B 114 -46.95 -56.19 -11.37
C ALA B 114 -46.35 -57.48 -11.85
N LEU B 115 -45.44 -57.40 -12.81
CA LEU B 115 -44.91 -58.58 -13.47
C LEU B 115 -44.11 -59.47 -12.53
N PHE B 116 -43.83 -59.02 -11.31
CA PHE B 116 -42.81 -59.64 -10.51
C PHE B 116 -43.14 -61.08 -10.11
N ASN B 117 -44.30 -61.59 -10.45
CA ASN B 117 -44.52 -63.00 -10.17
C ASN B 117 -43.93 -63.90 -11.25
N ASP B 118 -44.61 -64.06 -12.37
CA ASP B 118 -44.26 -65.09 -13.35
C ASP B 118 -43.41 -64.56 -14.49
N SER B 119 -43.17 -63.26 -14.54
CA SER B 119 -42.46 -62.68 -15.67
C SER B 119 -40.99 -62.79 -15.34
N SER B 120 -40.30 -63.69 -16.00
CA SER B 120 -39.23 -64.33 -15.29
C SER B 120 -38.60 -65.46 -16.05
N ILE B 121 -37.51 -65.98 -15.49
CA ILE B 121 -37.26 -67.40 -15.45
C ILE B 121 -37.67 -67.80 -14.05
N GLN B 122 -38.79 -68.51 -13.92
CA GLN B 122 -39.21 -69.10 -12.65
C GLN B 122 -38.97 -70.59 -12.73
N GLN B 123 -37.95 -71.07 -12.03
CA GLN B 123 -37.54 -72.47 -12.03
C GLN B 123 -36.82 -72.75 -10.70
N ILE B 124 -36.23 -73.94 -10.60
CA ILE B 124 -35.27 -74.19 -9.52
C ILE B 124 -34.16 -73.15 -9.57
N PHE B 125 -33.61 -72.92 -10.76
CA PHE B 125 -32.78 -71.76 -11.03
C PHE B 125 -33.69 -70.67 -11.57
N LYS B 126 -33.94 -69.65 -10.76
CA LYS B 126 -34.96 -68.66 -11.08
C LYS B 126 -34.25 -67.33 -11.33
N GLU B 127 -34.18 -66.94 -12.59
CA GLU B 127 -33.80 -65.58 -12.94
C GLU B 127 -35.09 -64.86 -13.23
N ALA B 128 -35.50 -64.02 -12.29
CA ALA B 128 -36.89 -63.62 -12.24
C ALA B 128 -36.94 -62.21 -11.69
N GLN B 129 -38.14 -61.79 -11.34
CA GLN B 129 -38.37 -60.49 -10.77
C GLN B 129 -38.77 -60.69 -9.32
N VAL B 130 -37.87 -60.33 -8.41
CA VAL B 130 -38.24 -60.32 -7.02
C VAL B 130 -39.43 -59.39 -6.82
N ASP B 131 -40.28 -59.72 -5.85
CA ASP B 131 -41.59 -59.10 -5.75
C ASP B 131 -41.49 -57.68 -5.19
N ILE B 132 -41.18 -57.54 -3.90
CA ILE B 132 -40.94 -56.24 -3.32
C ILE B 132 -39.45 -55.90 -3.28
N GLU B 133 -38.59 -56.84 -3.67
CA GLU B 133 -37.19 -56.77 -3.27
C GLU B 133 -36.39 -55.79 -4.15
N ALA B 134 -36.63 -55.77 -5.45
CA ALA B 134 -35.86 -54.88 -6.33
C ALA B 134 -36.41 -53.46 -6.37
N ILE B 135 -37.74 -53.31 -6.43
CA ILE B 135 -38.38 -52.04 -6.75
C ILE B 135 -38.42 -51.11 -5.53
N LYS B 136 -39.24 -51.47 -4.52
CA LYS B 136 -39.29 -50.67 -3.29
C LYS B 136 -37.90 -50.38 -2.77
N GLN B 137 -36.97 -51.32 -2.96
CA GLN B 137 -35.54 -51.04 -2.87
C GLN B 137 -35.19 -49.86 -3.76
N GLN B 138 -35.22 -50.10 -5.07
CA GLN B 138 -34.59 -49.19 -6.01
C GLN B 138 -35.58 -48.24 -6.68
N ALA B 139 -36.88 -48.36 -6.40
CA ALA B 139 -37.82 -47.32 -6.78
C ALA B 139 -37.62 -46.05 -5.98
N LEU B 140 -36.85 -46.12 -4.91
CA LEU B 140 -36.30 -44.92 -4.32
C LEU B 140 -35.00 -44.51 -5.00
N GLU B 141 -34.14 -45.49 -5.31
CA GLU B 141 -32.93 -45.27 -6.10
C GLU B 141 -33.29 -44.57 -7.40
N LEU B 142 -34.00 -45.30 -8.27
CA LEU B 142 -34.84 -44.61 -9.22
C LEU B 142 -35.73 -43.65 -8.46
N ARG B 143 -35.77 -42.39 -8.90
CA ARG B 143 -36.72 -41.47 -8.32
C ARG B 143 -36.55 -41.34 -6.80
N GLY B 144 -37.53 -41.85 -6.07
CA GLY B 144 -37.76 -41.50 -4.68
C GLY B 144 -39.01 -40.71 -4.48
N ASN B 145 -39.51 -40.05 -5.53
CA ASN B 145 -40.94 -39.99 -5.81
C ASN B 145 -41.08 -40.17 -7.31
N THR B 146 -41.70 -41.26 -7.73
CA THR B 146 -41.84 -41.50 -9.15
C THR B 146 -43.04 -40.74 -9.73
N ARG B 147 -44.14 -40.67 -8.99
CA ARG B 147 -45.41 -40.37 -9.61
C ARG B 147 -45.53 -38.89 -9.96
N ILE B 148 -45.88 -38.62 -11.21
CA ILE B 148 -46.34 -37.30 -11.63
C ILE B 148 -47.62 -37.45 -12.44
N ASP B 149 -47.48 -37.96 -13.66
CA ASP B 149 -48.62 -38.17 -14.55
C ASP B 149 -48.23 -39.19 -15.60
N SER B 150 -49.24 -39.72 -16.29
CA SER B 150 -48.99 -40.55 -17.47
C SER B 150 -48.08 -39.84 -18.45
N ARG B 151 -48.30 -38.53 -18.62
CA ARG B 151 -47.45 -37.71 -19.45
C ARG B 151 -46.06 -37.57 -18.83
N GLY B 152 -45.14 -37.09 -19.64
CA GLY B 152 -43.79 -36.81 -19.19
C GLY B 152 -42.77 -37.75 -19.80
N ALA B 153 -41.52 -37.38 -19.58
CA ALA B 153 -40.38 -38.04 -20.18
C ALA B 153 -40.07 -39.32 -19.39
N ASP B 154 -38.87 -39.86 -19.61
CA ASP B 154 -38.48 -41.09 -18.97
C ASP B 154 -38.73 -41.01 -17.47
N THR B 155 -39.16 -42.14 -16.91
CA THR B 155 -39.42 -42.21 -15.48
C THR B 155 -38.30 -42.95 -14.78
N ASN B 156 -37.05 -42.54 -15.04
CA ASN B 156 -35.91 -43.19 -14.43
C ASN B 156 -34.62 -42.37 -14.48
N THR B 157 -34.39 -41.60 -13.42
CA THR B 157 -33.20 -40.76 -13.30
C THR B 157 -32.83 -39.97 -14.55
N PRO B 158 -33.64 -38.98 -14.89
CA PRO B 158 -33.39 -38.17 -16.09
C PRO B 158 -32.64 -36.88 -15.75
N LEU B 159 -31.58 -37.00 -14.98
CA LEU B 159 -30.65 -35.80 -14.87
C LEU B 159 -30.42 -36.27 -13.45
N GLU B 160 -31.51 -36.40 -12.69
CA GLU B 160 -31.43 -36.84 -11.30
C GLU B 160 -31.98 -35.67 -11.05
N TYR B 161 -33.25 -35.92 -10.76
CA TYR B 161 -34.08 -34.93 -10.09
C TYR B 161 -34.14 -33.70 -10.98
N LEU B 162 -34.44 -33.93 -12.26
CA LEU B 162 -34.53 -32.86 -13.25
C LEU B 162 -35.45 -31.76 -12.74
N SER B 163 -36.65 -32.15 -12.33
CA SER B 163 -37.61 -31.20 -11.79
C SER B 163 -37.30 -30.85 -10.32
N LYS B 164 -36.50 -31.70 -9.67
CA LYS B 164 -36.12 -31.50 -8.29
C LYS B 164 -35.64 -30.10 -7.98
N TYR B 165 -36.08 -29.10 -8.75
CA TYR B 165 -35.68 -27.74 -8.46
C TYR B 165 -35.67 -26.80 -9.64
N ALA B 166 -36.09 -27.24 -10.82
CA ALA B 166 -36.31 -26.29 -11.90
C ALA B 166 -37.62 -26.61 -12.57
N ILE B 167 -38.60 -25.71 -12.45
CA ILE B 167 -39.83 -25.95 -13.17
C ILE B 167 -39.54 -25.83 -14.64
N ASP B 168 -40.22 -26.65 -15.42
CA ASP B 168 -40.31 -26.41 -16.84
C ASP B 168 -41.44 -25.45 -17.10
N MET B 169 -41.12 -24.32 -17.67
CA MET B 169 -42.20 -23.48 -18.13
C MET B 169 -42.71 -23.93 -19.48
N THR B 170 -41.86 -24.55 -20.30
CA THR B 170 -42.35 -25.10 -21.55
C THR B 170 -43.49 -26.07 -21.29
N GLU B 171 -43.57 -26.58 -20.08
CA GLU B 171 -44.81 -27.18 -19.65
C GLU B 171 -45.87 -26.14 -19.84
N GLN B 172 -45.84 -25.18 -18.93
CA GLN B 172 -46.87 -24.15 -18.90
C GLN B 172 -47.03 -23.49 -20.24
N ALA B 173 -45.95 -23.43 -21.01
CA ALA B 173 -46.05 -23.01 -22.39
C ALA B 173 -46.97 -23.95 -23.16
N ARG B 174 -46.50 -25.18 -23.36
CA ARG B 174 -47.34 -26.19 -23.99
C ARG B 174 -48.66 -26.29 -23.25
N GLN B 175 -48.64 -26.06 -21.96
CA GLN B 175 -49.85 -25.97 -21.19
C GLN B 175 -50.52 -24.62 -21.32
N GLY B 176 -49.86 -23.65 -21.95
CA GLY B 176 -50.46 -22.34 -22.14
C GLY B 176 -50.77 -21.63 -20.83
N LYS B 177 -49.90 -21.79 -19.84
CA LYS B 177 -50.28 -21.42 -18.47
C LYS B 177 -49.81 -20.05 -18.03
N LEU B 178 -49.17 -19.26 -18.87
CA LEU B 178 -48.71 -17.96 -18.43
C LEU B 178 -49.03 -16.89 -19.45
N ASP B 179 -49.46 -15.74 -18.96
CA ASP B 179 -49.81 -14.63 -19.85
C ASP B 179 -48.59 -14.30 -20.68
N PRO B 180 -48.65 -14.48 -21.99
CA PRO B 180 -47.46 -14.25 -22.80
C PRO B 180 -47.00 -12.81 -22.71
N VAL B 181 -45.71 -12.63 -22.39
CA VAL B 181 -45.16 -11.30 -22.26
C VAL B 181 -45.18 -10.61 -23.61
N ILE B 182 -45.11 -9.29 -23.57
CA ILE B 182 -45.55 -8.46 -24.67
C ILE B 182 -44.60 -7.30 -24.87
N GLY B 183 -44.38 -6.95 -26.14
CA GLY B 183 -43.30 -6.06 -26.51
C GLY B 183 -41.99 -6.72 -26.22
N ARG B 184 -42.05 -8.03 -26.01
CA ARG B 184 -40.90 -8.73 -25.50
C ARG B 184 -40.11 -9.49 -26.56
N GLU B 185 -40.56 -9.49 -27.80
CA GLU B 185 -39.87 -10.30 -28.79
C GLU B 185 -38.57 -9.65 -29.23
N GLU B 186 -38.57 -8.32 -29.31
CA GLU B 186 -37.33 -7.59 -29.48
C GLU B 186 -36.32 -7.95 -28.40
N GLU B 187 -36.78 -8.16 -27.18
CA GLU B 187 -35.94 -8.83 -26.20
C GLU B 187 -35.59 -10.20 -26.72
N ILE B 188 -36.60 -10.99 -27.06
CA ILE B 188 -36.34 -12.32 -27.57
C ILE B 188 -35.42 -12.24 -28.75
N ARG B 189 -35.62 -11.21 -29.56
CA ARG B 189 -34.73 -10.96 -30.68
C ARG B 189 -33.31 -11.11 -30.21
N SER B 190 -32.97 -10.45 -29.12
CA SER B 190 -31.68 -10.71 -28.49
C SER B 190 -31.52 -12.20 -28.24
N THR B 191 -32.41 -12.75 -27.45
CA THR B 191 -32.24 -14.08 -26.90
C THR B 191 -31.83 -15.07 -27.96
N ILE B 192 -32.77 -15.41 -28.83
CA ILE B 192 -32.45 -16.35 -29.90
C ILE B 192 -31.16 -15.93 -30.55
N ARG B 193 -31.07 -14.67 -30.94
CA ARG B 193 -29.79 -14.15 -31.36
C ARG B 193 -28.74 -14.51 -30.34
N VAL B 194 -28.95 -14.14 -29.08
CA VAL B 194 -27.93 -14.40 -28.07
C VAL B 194 -27.48 -15.85 -28.17
N LEU B 195 -28.43 -16.73 -28.42
CA LEU B 195 -28.16 -18.15 -28.38
C LEU B 195 -27.11 -18.57 -29.38
N ALA B 196 -27.47 -18.59 -30.66
CA ALA B 196 -26.79 -19.48 -31.59
C ALA B 196 -25.28 -19.28 -31.61
N ARG B 197 -24.77 -18.25 -30.95
CA ARG B 197 -23.34 -18.08 -30.91
C ARG B 197 -22.71 -19.34 -30.37
N ARG B 198 -21.84 -19.96 -31.16
CA ARG B 198 -21.07 -21.04 -30.59
C ARG B 198 -20.12 -20.52 -29.54
N ILE B 199 -19.81 -19.25 -29.62
CA ILE B 199 -19.04 -18.64 -28.56
C ILE B 199 -19.90 -18.49 -27.33
N LYS B 200 -20.88 -17.59 -27.37
CA LYS B 200 -21.71 -17.36 -26.19
C LYS B 200 -23.17 -17.38 -26.60
N SER B 201 -23.87 -18.43 -26.21
CA SER B 201 -25.31 -18.38 -26.24
C SER B 201 -25.85 -17.55 -25.10
N ASN B 202 -24.98 -17.08 -24.22
CA ASN B 202 -25.38 -16.84 -22.85
C ASN B 202 -25.97 -15.45 -22.71
N PRO B 203 -27.29 -15.33 -22.59
CA PRO B 203 -27.89 -14.05 -22.32
C PRO B 203 -27.88 -13.73 -20.85
N CYS B 204 -27.89 -12.43 -20.56
CA CYS B 204 -28.09 -11.97 -19.21
C CYS B 204 -28.99 -10.76 -19.25
N LEU B 205 -30.13 -10.83 -18.57
CA LEU B 205 -30.89 -9.62 -18.35
C LEU B 205 -30.25 -8.87 -17.21
N ILE B 206 -29.81 -7.65 -17.50
CA ILE B 206 -28.89 -6.92 -16.63
C ILE B 206 -29.47 -5.55 -16.39
N GLY B 207 -29.82 -5.28 -15.15
CA GLY B 207 -30.38 -3.99 -14.80
C GLY B 207 -31.34 -4.19 -13.65
N GLU B 208 -31.88 -3.08 -13.19
CA GLU B 208 -32.76 -3.15 -12.05
C GLU B 208 -33.86 -4.17 -12.31
N PRO B 209 -34.02 -5.13 -11.46
CA PRO B 209 -35.01 -6.19 -11.69
C PRO B 209 -36.42 -5.68 -11.53
N GLY B 210 -37.37 -6.60 -11.49
CA GLY B 210 -38.73 -6.27 -11.16
C GLY B 210 -39.53 -5.79 -12.34
N ILE B 211 -38.86 -5.46 -13.45
CA ILE B 211 -39.58 -5.19 -14.68
C ILE B 211 -40.40 -6.38 -15.11
N GLY B 212 -40.26 -7.50 -14.45
CA GLY B 212 -40.72 -8.71 -15.06
C GLY B 212 -39.71 -9.23 -16.04
N LYS B 213 -38.45 -9.29 -15.60
CA LYS B 213 -37.39 -9.74 -16.50
C LYS B 213 -37.67 -11.13 -17.05
N THR B 214 -37.49 -12.16 -16.24
CA THR B 214 -37.60 -13.49 -16.81
C THR B 214 -38.99 -13.79 -17.32
N ALA B 215 -39.99 -13.00 -16.94
CA ALA B 215 -41.26 -13.10 -17.60
C ALA B 215 -41.07 -13.07 -19.10
N ILE B 216 -40.15 -12.23 -19.57
CA ILE B 216 -39.75 -12.26 -20.96
C ILE B 216 -39.43 -13.67 -21.39
N ILE B 217 -38.74 -14.43 -20.54
CA ILE B 217 -38.33 -15.75 -20.94
C ILE B 217 -39.51 -16.63 -21.32
N GLU B 218 -40.73 -16.20 -20.99
CA GLU B 218 -41.92 -16.90 -21.44
C GLU B 218 -41.85 -17.21 -22.92
N GLY B 219 -42.01 -16.16 -23.72
CA GLY B 219 -42.05 -16.34 -25.15
C GLY B 219 -40.95 -17.25 -25.62
N VAL B 220 -39.78 -17.13 -25.01
CA VAL B 220 -38.67 -18.00 -25.30
C VAL B 220 -39.20 -19.41 -25.29
N ALA B 221 -39.55 -19.88 -24.11
CA ALA B 221 -40.13 -21.21 -24.00
C ALA B 221 -41.31 -21.36 -24.93
N GLN B 222 -42.17 -20.35 -24.96
CA GLN B 222 -43.30 -20.40 -25.86
C GLN B 222 -42.73 -20.62 -27.23
N ARG B 223 -42.07 -19.59 -27.74
CA ARG B 223 -41.54 -19.66 -29.07
C ARG B 223 -40.57 -20.81 -29.22
N ILE B 224 -40.02 -21.32 -28.12
CA ILE B 224 -39.44 -22.66 -28.20
C ILE B 224 -40.54 -23.58 -28.69
N ILE B 225 -41.52 -23.82 -27.81
CA ILE B 225 -42.55 -24.81 -28.12
C ILE B 225 -43.59 -24.27 -29.07
N ASP B 226 -43.59 -22.96 -29.32
CA ASP B 226 -44.39 -22.48 -30.43
C ASP B 226 -43.80 -22.91 -31.74
N ASP B 227 -42.62 -23.54 -31.68
CA ASP B 227 -41.74 -23.72 -32.82
C ASP B 227 -41.38 -22.37 -33.41
N ASP B 228 -41.52 -21.35 -32.61
CA ASP B 228 -41.17 -20.01 -33.02
C ASP B 228 -39.71 -19.74 -32.69
N VAL B 229 -39.06 -20.73 -32.07
CA VAL B 229 -37.61 -20.75 -31.89
C VAL B 229 -37.07 -21.57 -33.06
N PRO B 230 -35.83 -21.37 -33.45
CA PRO B 230 -35.34 -22.07 -34.63
C PRO B 230 -34.68 -23.39 -34.34
N THR B 231 -34.30 -24.05 -35.42
CA THR B 231 -33.96 -25.47 -35.36
C THR B 231 -32.84 -25.75 -34.37
N ILE B 232 -31.81 -24.91 -34.36
CA ILE B 232 -30.80 -25.04 -33.32
C ILE B 232 -31.48 -25.16 -31.98
N LEU B 233 -32.52 -24.36 -31.79
CA LEU B 233 -33.08 -24.13 -30.49
C LEU B 233 -34.28 -24.99 -30.18
N GLN B 234 -34.83 -25.69 -31.16
CA GLN B 234 -36.12 -26.31 -30.97
C GLN B 234 -36.01 -27.56 -30.10
N GLY B 235 -34.95 -28.35 -30.31
CA GLY B 235 -34.69 -29.44 -29.41
C GLY B 235 -34.50 -28.98 -27.98
N ALA B 236 -33.87 -27.84 -27.79
CA ALA B 236 -33.65 -27.33 -26.45
C ALA B 236 -34.98 -26.96 -25.79
N LYS B 237 -34.93 -26.86 -24.47
CA LYS B 237 -36.11 -26.66 -23.63
C LYS B 237 -35.76 -25.72 -22.50
N LEU B 238 -36.78 -25.27 -21.80
CA LEU B 238 -36.67 -24.12 -20.90
C LEU B 238 -37.18 -24.46 -19.52
N PHE B 239 -36.28 -24.50 -18.56
CA PHE B 239 -36.64 -24.69 -17.16
C PHE B 239 -36.08 -23.53 -16.38
N SER B 240 -36.51 -23.38 -15.14
CA SER B 240 -36.04 -22.29 -14.30
C SER B 240 -35.76 -22.83 -12.91
N LEU B 241 -34.54 -22.60 -12.43
CA LEU B 241 -34.11 -23.17 -11.17
C LEU B 241 -34.93 -22.68 -10.00
N ASP B 242 -35.02 -23.53 -8.99
CA ASP B 242 -35.68 -23.26 -7.72
C ASP B 242 -34.68 -23.73 -6.68
N LEU B 243 -34.12 -22.83 -5.89
CA LEU B 243 -32.94 -23.20 -5.14
C LEU B 243 -33.33 -24.11 -3.99
N ALA B 244 -32.78 -25.31 -3.98
CA ALA B 244 -32.95 -26.21 -2.85
C ALA B 244 -31.68 -26.06 -2.03
N ALA B 245 -31.75 -25.25 -1.00
CA ALA B 245 -30.57 -24.82 -0.26
C ALA B 245 -30.71 -25.40 1.14
N LEU B 246 -29.68 -26.13 1.57
CA LEU B 246 -29.78 -26.91 2.79
C LEU B 246 -28.40 -27.43 3.13
N THR B 247 -28.28 -28.11 4.27
CA THR B 247 -27.02 -28.74 4.65
C THR B 247 -27.26 -29.83 5.69
N GLY B 254 -23.03 -32.87 3.04
CA GLY B 254 -22.56 -31.59 3.54
C GLY B 254 -23.31 -30.42 2.97
N ASP B 255 -22.94 -30.01 1.76
CA ASP B 255 -23.54 -28.86 1.09
C ASP B 255 -23.99 -29.30 -0.30
N PHE B 256 -25.31 -29.33 -0.49
CA PHE B 256 -25.92 -30.04 -1.61
C PHE B 256 -25.54 -29.46 -2.96
N GLU B 257 -24.88 -28.32 -2.98
CA GLU B 257 -24.67 -27.61 -4.22
C GLU B 257 -23.92 -28.44 -5.24
N GLU B 258 -23.37 -29.58 -4.84
CA GLU B 258 -23.02 -30.57 -5.85
C GLU B 258 -24.25 -31.12 -6.56
N ARG B 259 -25.42 -31.10 -5.93
CA ARG B 259 -26.63 -31.36 -6.69
C ARG B 259 -26.82 -30.28 -7.72
N PHE B 260 -26.69 -29.04 -7.28
CA PHE B 260 -26.55 -27.91 -8.16
C PHE B 260 -25.41 -28.12 -9.14
N LYS B 261 -24.45 -28.96 -8.79
CA LYS B 261 -23.58 -29.51 -9.81
C LYS B 261 -24.24 -30.70 -10.50
N GLY B 262 -24.88 -31.58 -9.75
CA GLY B 262 -25.46 -32.76 -10.36
C GLY B 262 -26.46 -32.41 -11.44
N VAL B 263 -27.33 -31.44 -11.15
CA VAL B 263 -28.25 -30.97 -12.16
C VAL B 263 -27.53 -30.61 -13.44
N LEU B 264 -26.30 -30.12 -13.32
CA LEU B 264 -25.52 -29.87 -14.52
C LEU B 264 -25.30 -31.19 -15.23
N LYS B 265 -24.73 -32.14 -14.50
CA LYS B 265 -24.47 -33.46 -15.04
C LYS B 265 -25.72 -34.02 -15.67
N GLU B 266 -26.88 -33.58 -15.21
CA GLU B 266 -28.06 -33.91 -15.98
C GLU B 266 -27.89 -33.41 -17.40
N ILE B 267 -27.96 -32.10 -17.53
CA ILE B 267 -28.66 -31.52 -18.67
C ILE B 267 -27.81 -31.51 -19.94
N GLU B 268 -26.57 -31.05 -19.88
CA GLU B 268 -25.74 -31.11 -21.07
C GLU B 268 -25.43 -32.56 -21.41
N GLU B 269 -25.24 -33.38 -20.39
CA GLU B 269 -25.21 -34.83 -20.53
C GLU B 269 -26.57 -35.40 -20.89
N SER B 270 -27.63 -34.60 -20.83
CA SER B 270 -28.97 -35.01 -21.16
C SER B 270 -29.26 -34.88 -22.65
N LYS B 271 -28.21 -34.74 -23.47
CA LYS B 271 -28.29 -34.31 -24.86
C LYS B 271 -28.56 -32.81 -24.96
N THR B 272 -28.10 -32.02 -23.98
CA THR B 272 -28.11 -30.56 -23.98
C THR B 272 -29.47 -30.09 -24.48
N LEU B 273 -30.45 -30.91 -24.18
CA LEU B 273 -31.72 -30.95 -24.88
C LEU B 273 -32.63 -29.86 -24.34
N ILE B 274 -32.06 -29.04 -23.48
CA ILE B 274 -32.72 -27.94 -22.83
C ILE B 274 -31.77 -26.76 -22.87
N VAL B 275 -32.28 -25.60 -22.50
CA VAL B 275 -31.48 -24.52 -21.97
C VAL B 275 -32.14 -24.09 -20.68
N LEU B 276 -31.48 -24.34 -19.56
CA LEU B 276 -32.01 -23.92 -18.29
C LEU B 276 -31.86 -22.43 -18.16
N PHE B 277 -32.87 -21.80 -17.58
CA PHE B 277 -32.78 -20.40 -17.25
C PHE B 277 -32.39 -20.28 -15.78
N ILE B 278 -31.21 -19.77 -15.54
CA ILE B 278 -30.86 -19.29 -14.21
C ILE B 278 -31.45 -17.89 -14.09
N ASP B 279 -31.70 -17.45 -12.87
CA ASP B 279 -32.75 -16.50 -12.71
C ASP B 279 -32.21 -15.17 -12.22
N GLU B 280 -32.04 -14.95 -10.93
CA GLU B 280 -31.68 -13.61 -10.49
C GLU B 280 -30.33 -13.43 -9.80
N ILE B 281 -29.68 -14.46 -9.32
CA ILE B 281 -28.43 -14.23 -8.61
C ILE B 281 -27.43 -15.27 -9.05
N HIS B 282 -26.38 -14.83 -9.68
CA HIS B 282 -25.52 -15.71 -10.41
C HIS B 282 -24.16 -15.39 -9.83
N MET B 283 -23.65 -16.34 -9.09
CA MET B 283 -23.09 -15.96 -7.81
C MET B 283 -21.81 -16.72 -7.52
N LEU B 284 -20.75 -15.96 -7.29
CA LEU B 284 -19.71 -16.42 -6.40
C LEU B 284 -20.30 -16.38 -5.00
N MET B 285 -20.30 -17.53 -4.34
CA MET B 285 -20.82 -17.57 -2.98
C MET B 285 -20.09 -16.55 -2.13
N GLY B 286 -20.85 -15.69 -1.46
CA GLY B 286 -20.30 -14.60 -0.69
C GLY B 286 -19.30 -15.03 0.37
N ALA B 292 -18.58 -20.93 -4.73
CA ALA B 292 -18.84 -21.15 -6.14
C ALA B 292 -17.58 -21.59 -6.88
N ALA B 293 -16.64 -20.66 -7.03
CA ALA B 293 -15.44 -20.90 -7.82
C ALA B 293 -15.89 -21.45 -9.17
N ASN B 294 -15.50 -22.67 -9.49
CA ASN B 294 -16.19 -23.39 -10.54
C ASN B 294 -17.32 -24.15 -9.88
N ILE B 295 -18.52 -23.62 -10.06
CA ILE B 295 -19.76 -24.36 -9.95
C ILE B 295 -20.54 -23.89 -11.15
N LEU B 296 -21.09 -24.81 -11.91
CA LEU B 296 -22.00 -24.40 -12.97
C LEU B 296 -21.26 -23.66 -14.07
N LYS B 297 -20.06 -23.19 -13.77
CA LYS B 297 -19.18 -22.76 -14.86
C LYS B 297 -18.67 -23.97 -15.62
N PRO B 298 -18.03 -24.94 -14.99
CA PRO B 298 -17.11 -25.83 -15.72
C PRO B 298 -17.64 -26.36 -17.04
N ALA B 299 -18.91 -26.79 -17.08
CA ALA B 299 -19.45 -27.28 -18.34
C ALA B 299 -19.90 -26.13 -19.22
N LEU B 300 -20.55 -25.14 -18.64
CA LEU B 300 -20.65 -23.86 -19.31
C LEU B 300 -19.26 -23.41 -19.70
N SER B 301 -18.36 -23.37 -18.73
CA SER B 301 -16.94 -23.15 -19.01
C SER B 301 -16.41 -24.15 -20.02
N ARG B 302 -16.95 -25.36 -20.05
CA ARG B 302 -16.54 -26.32 -21.06
C ARG B 302 -16.89 -25.89 -22.46
N GLY B 303 -17.57 -24.77 -22.62
CA GLY B 303 -18.09 -24.44 -23.92
C GLY B 303 -19.29 -25.27 -24.22
N GLN B 304 -20.12 -25.49 -23.21
CA GLN B 304 -21.30 -26.31 -23.31
C GLN B 304 -22.34 -25.68 -22.40
N LEU B 305 -23.38 -26.43 -22.10
CA LEU B 305 -24.32 -26.04 -21.06
C LEU B 305 -25.02 -24.74 -21.44
N LYS B 306 -25.87 -24.86 -22.44
CA LYS B 306 -26.65 -23.73 -22.90
C LYS B 306 -27.64 -23.36 -21.82
N VAL B 307 -27.52 -22.13 -21.31
CA VAL B 307 -28.10 -21.74 -20.03
C VAL B 307 -28.25 -20.23 -20.04
N ILE B 308 -29.19 -19.73 -19.23
CA ILE B 308 -29.51 -18.31 -19.20
C ILE B 308 -29.66 -17.84 -17.77
N GLY B 309 -28.87 -16.84 -17.37
CA GLY B 309 -29.07 -16.11 -16.14
C GLY B 309 -29.53 -14.67 -16.37
N ALA B 310 -29.84 -14.00 -15.27
CA ALA B 310 -30.14 -12.57 -15.32
C ALA B 310 -29.97 -11.96 -13.94
N THR B 311 -29.77 -10.66 -13.89
CA THR B 311 -29.67 -10.00 -12.59
C THR B 311 -29.66 -8.49 -12.81
N THR B 312 -29.36 -7.76 -11.75
CA THR B 312 -29.17 -6.34 -11.96
C THR B 312 -27.85 -6.14 -12.68
N ASN B 313 -27.61 -4.90 -13.07
CA ASN B 313 -26.25 -4.52 -13.38
C ASN B 313 -25.35 -4.81 -12.20
N ASN B 314 -25.88 -4.64 -11.00
CA ASN B 314 -25.03 -4.53 -9.83
C ASN B 314 -24.23 -5.79 -9.61
N GLU B 315 -24.83 -6.94 -9.84
CA GLU B 315 -24.10 -8.17 -9.63
C GLU B 315 -23.06 -8.33 -10.71
N TYR B 316 -23.47 -8.11 -11.95
CA TYR B 316 -22.52 -7.80 -12.99
C TYR B 316 -21.52 -6.81 -12.41
N ARG B 317 -22.02 -5.63 -12.05
CA ARG B 317 -21.18 -4.64 -11.38
C ARG B 317 -20.49 -5.21 -10.16
N SER B 318 -20.95 -6.34 -9.66
CA SER B 318 -20.21 -6.97 -8.58
C SER B 318 -19.39 -8.10 -9.16
N ILE B 319 -20.08 -9.16 -9.55
CA ILE B 319 -19.38 -10.40 -9.86
C ILE B 319 -18.69 -10.32 -11.20
N VAL B 320 -19.30 -9.65 -12.18
CA VAL B 320 -18.63 -9.66 -13.47
C VAL B 320 -17.36 -8.85 -13.37
N GLU B 321 -17.25 -8.06 -12.31
CA GLU B 321 -15.99 -7.39 -12.05
C GLU B 321 -14.95 -8.36 -11.54
N LYS B 322 -15.40 -9.50 -11.04
CA LYS B 322 -14.50 -10.48 -10.48
C LYS B 322 -13.89 -11.40 -11.54
N ASP B 323 -14.50 -11.49 -12.72
CA ASP B 323 -13.99 -12.44 -13.70
C ASP B 323 -13.80 -11.85 -15.09
N GLY B 324 -14.91 -11.63 -15.78
CA GLY B 324 -14.89 -11.29 -17.18
C GLY B 324 -14.88 -12.49 -18.10
N ALA B 325 -14.38 -13.63 -17.63
CA ALA B 325 -14.69 -14.85 -18.36
C ALA B 325 -16.18 -15.08 -18.36
N PHE B 326 -16.87 -14.54 -17.37
CA PHE B 326 -18.33 -14.48 -17.43
C PHE B 326 -18.76 -13.68 -18.64
N GLU B 327 -18.28 -12.45 -18.73
CA GLU B 327 -18.39 -11.73 -19.99
C GLU B 327 -17.96 -12.62 -21.13
N ARG B 328 -16.84 -13.32 -20.96
CA ARG B 328 -16.47 -14.33 -21.93
C ARG B 328 -17.42 -15.51 -21.93
N ARG B 329 -18.15 -15.73 -20.84
CA ARG B 329 -19.21 -16.73 -20.87
C ARG B 329 -20.49 -16.16 -21.45
N PHE B 330 -20.79 -14.91 -21.16
CA PHE B 330 -22.14 -14.41 -21.35
C PHE B 330 -22.22 -13.30 -22.36
N GLN B 331 -23.41 -13.13 -22.89
CA GLN B 331 -23.80 -11.85 -23.45
C GLN B 331 -24.75 -11.18 -22.46
N LYS B 332 -24.40 -9.98 -22.04
CA LYS B 332 -25.30 -9.21 -21.20
C LYS B 332 -26.36 -8.53 -22.06
N ILE B 333 -27.50 -8.29 -21.46
CA ILE B 333 -28.57 -7.61 -22.15
C ILE B 333 -29.25 -6.67 -21.19
N GLU B 334 -29.35 -5.41 -21.58
CA GLU B 334 -30.01 -4.44 -20.74
C GLU B 334 -31.50 -4.67 -20.73
N VAL B 335 -32.12 -4.30 -19.61
CA VAL B 335 -33.55 -4.34 -19.45
C VAL B 335 -34.03 -2.91 -19.20
N ALA B 336 -35.14 -2.55 -19.81
CA ALA B 336 -35.66 -1.19 -19.70
C ALA B 336 -37.10 -1.22 -19.28
N GLU B 337 -37.36 -0.74 -18.08
CA GLU B 337 -38.72 -0.70 -17.58
C GLU B 337 -39.62 -0.02 -18.58
N PRO B 338 -40.77 -0.60 -18.89
CA PRO B 338 -41.61 -0.07 -19.96
C PRO B 338 -41.98 1.36 -19.71
N SER B 339 -42.07 2.11 -20.79
CA SER B 339 -42.79 3.35 -20.72
C SER B 339 -44.28 3.04 -20.67
N VAL B 340 -45.06 4.11 -20.70
CA VAL B 340 -46.50 4.04 -20.52
C VAL B 340 -47.11 2.96 -21.39
N ARG B 341 -47.20 3.19 -22.70
CA ARG B 341 -47.79 2.18 -23.55
C ARG B 341 -47.02 0.89 -23.43
N GLN B 342 -45.70 0.99 -23.43
CA GLN B 342 -44.88 -0.16 -23.18
C GLN B 342 -45.36 -0.88 -21.95
N THR B 343 -45.69 -0.13 -20.93
CA THR B 343 -46.40 -0.73 -19.82
C THR B 343 -47.82 -1.05 -20.22
N VAL B 344 -48.51 -0.08 -20.83
CA VAL B 344 -49.95 -0.18 -21.00
C VAL B 344 -50.31 -1.55 -21.55
N ALA B 345 -49.42 -2.08 -22.38
CA ALA B 345 -49.52 -3.46 -22.80
C ALA B 345 -49.78 -4.35 -21.60
N ILE B 346 -48.77 -4.52 -20.76
CA ILE B 346 -48.95 -5.40 -19.61
C ILE B 346 -50.11 -4.93 -18.78
N LEU B 347 -50.33 -3.61 -18.76
CA LEU B 347 -51.52 -3.11 -18.12
C LEU B 347 -52.72 -3.78 -18.74
N ARG B 348 -53.01 -3.37 -19.96
CA ARG B 348 -54.20 -3.89 -20.61
C ARG B 348 -54.07 -5.38 -20.85
N GLY B 349 -52.85 -5.87 -20.98
CA GLY B 349 -52.66 -7.31 -20.98
C GLY B 349 -53.17 -7.94 -19.71
N LEU B 350 -52.75 -7.40 -18.58
CA LEU B 350 -53.13 -8.01 -17.33
C LEU B 350 -54.38 -7.41 -16.74
N GLN B 351 -54.87 -6.31 -17.32
CA GLN B 351 -56.15 -5.76 -16.89
C GLN B 351 -57.23 -6.82 -16.76
N PRO B 352 -57.54 -7.62 -17.78
CA PRO B 352 -58.52 -8.67 -17.55
C PRO B 352 -58.06 -9.61 -16.48
N LYS B 353 -56.76 -9.79 -16.37
CA LYS B 353 -56.26 -10.84 -15.52
C LYS B 353 -56.62 -10.61 -14.07
N TYR B 354 -56.01 -9.65 -13.41
CA TYR B 354 -56.22 -9.64 -11.98
C TYR B 354 -57.58 -9.11 -11.61
N GLU B 355 -58.21 -8.34 -12.49
CA GLU B 355 -59.59 -8.00 -12.22
C GLU B 355 -60.37 -9.28 -12.00
N ILE B 356 -60.12 -10.30 -12.81
CA ILE B 356 -60.76 -11.55 -12.50
C ILE B 356 -59.98 -12.33 -11.43
N HIS B 357 -58.63 -12.25 -11.42
CA HIS B 357 -57.88 -12.90 -10.36
C HIS B 357 -58.36 -12.42 -9.01
N HIS B 358 -58.18 -11.15 -8.76
CA HIS B 358 -58.63 -10.55 -7.52
C HIS B 358 -60.11 -10.23 -7.58
N GLY B 359 -60.80 -10.65 -8.64
CA GLY B 359 -62.25 -10.72 -8.62
C GLY B 359 -62.97 -9.42 -8.84
N VAL B 360 -62.51 -8.62 -9.79
CA VAL B 360 -63.06 -7.30 -10.03
C VAL B 360 -63.02 -7.01 -11.51
N ARG B 361 -63.21 -5.74 -11.88
CA ARG B 361 -63.13 -5.30 -13.27
C ARG B 361 -62.47 -3.93 -13.30
N ILE B 362 -62.11 -3.47 -14.50
CA ILE B 362 -61.17 -2.36 -14.61
C ILE B 362 -61.55 -1.44 -15.77
N LEU B 363 -61.06 -0.20 -15.69
CA LEU B 363 -60.97 0.73 -16.81
C LEU B 363 -59.51 1.15 -17.01
N ASP B 364 -59.17 1.52 -18.25
CA ASP B 364 -57.92 2.25 -18.43
C ASP B 364 -57.96 3.59 -17.72
N SER B 365 -59.15 4.02 -17.32
CA SER B 365 -59.40 5.31 -16.71
C SER B 365 -58.29 5.61 -15.73
N ALA B 366 -58.26 4.82 -14.66
CA ALA B 366 -57.12 4.86 -13.77
C ALA B 366 -55.88 4.32 -14.45
N LEU B 367 -56.04 3.28 -15.27
CA LEU B 367 -54.94 2.39 -15.59
C LEU B 367 -53.71 3.14 -16.06
N VAL B 368 -53.81 3.75 -17.24
CA VAL B 368 -52.74 4.63 -17.68
C VAL B 368 -52.39 5.61 -16.58
N THR B 369 -53.41 6.22 -16.00
CA THR B 369 -53.18 7.29 -15.04
C THR B 369 -52.35 6.79 -13.89
N ALA B 370 -52.74 5.64 -13.34
CA ALA B 370 -51.89 4.97 -12.40
C ALA B 370 -50.48 4.94 -12.94
N ALA B 371 -50.32 4.24 -14.05
CA ALA B 371 -49.03 4.22 -14.71
C ALA B 371 -48.47 5.61 -14.76
N GLN B 372 -49.28 6.55 -15.23
CA GLN B 372 -48.83 7.92 -15.24
C GLN B 372 -48.44 8.31 -13.83
N LEU B 373 -49.46 8.46 -13.01
CA LEU B 373 -49.27 9.06 -11.72
C LEU B 373 -48.29 8.26 -10.90
N ALA B 374 -48.57 6.98 -10.75
CA ALA B 374 -47.72 6.15 -9.90
C ALA B 374 -46.28 6.30 -10.31
N LYS B 375 -45.98 6.06 -11.57
CA LYS B 375 -44.59 6.08 -11.96
C LYS B 375 -43.96 7.38 -11.51
N ARG B 376 -44.71 8.46 -11.56
CA ARG B 376 -44.21 9.61 -10.85
C ARG B 376 -44.34 9.32 -9.38
N TYR B 377 -45.57 9.23 -8.89
CA TYR B 377 -45.74 9.28 -7.46
C TYR B 377 -45.43 7.97 -6.76
N LEU B 378 -45.56 6.86 -7.44
CA LEU B 378 -44.85 5.75 -6.85
C LEU B 378 -43.39 5.99 -7.16
N PRO B 379 -42.61 6.23 -6.14
CA PRO B 379 -41.20 6.52 -6.35
C PRO B 379 -40.42 5.30 -6.78
N TYR B 380 -40.78 4.15 -6.26
CA TYR B 380 -39.79 3.10 -6.04
C TYR B 380 -39.49 2.24 -7.24
N ARG B 381 -40.41 1.34 -7.48
CA ARG B 381 -40.10 0.10 -8.14
C ARG B 381 -40.36 0.23 -9.62
N ARG B 382 -40.40 -0.90 -10.30
CA ARG B 382 -40.84 -0.92 -11.67
C ARG B 382 -42.32 -0.62 -11.67
N LEU B 383 -42.65 0.46 -12.32
CA LEU B 383 -44.03 0.92 -12.40
C LEU B 383 -44.94 -0.23 -12.79
N PRO B 384 -44.71 -0.88 -13.93
CA PRO B 384 -45.73 -1.79 -14.44
C PRO B 384 -46.16 -2.73 -13.37
N ASP B 385 -45.16 -3.29 -12.69
CA ASP B 385 -45.37 -3.99 -11.46
C ASP B 385 -46.20 -3.11 -10.56
N SER B 386 -45.57 -2.06 -10.04
CA SER B 386 -46.19 -1.26 -9.02
C SER B 386 -47.53 -0.76 -9.49
N ALA B 387 -47.60 -0.32 -10.75
CA ALA B 387 -48.87 0.09 -11.29
C ALA B 387 -49.88 -1.02 -11.10
N LEU B 388 -49.58 -2.18 -11.66
CA LEU B 388 -50.39 -3.33 -11.31
C LEU B 388 -50.53 -3.40 -9.80
N ASP B 389 -49.41 -3.34 -9.11
CA ASP B 389 -49.47 -3.47 -7.65
C ASP B 389 -50.45 -2.48 -7.10
N LEU B 390 -50.28 -1.22 -7.49
CA LEU B 390 -51.29 -0.23 -7.26
C LEU B 390 -52.62 -0.78 -7.72
N VAL B 391 -52.74 -0.97 -9.03
CA VAL B 391 -53.99 -1.44 -9.61
C VAL B 391 -54.55 -2.59 -8.80
N ASP B 392 -53.71 -3.60 -8.55
CA ASP B 392 -54.13 -4.71 -7.72
C ASP B 392 -54.68 -4.18 -6.42
N ILE B 393 -53.86 -3.45 -5.70
CA ILE B 393 -54.32 -2.96 -4.42
C ILE B 393 -55.39 -1.90 -4.64
N SER B 394 -55.28 -1.16 -5.74
CA SER B 394 -56.43 -0.38 -6.18
C SER B 394 -57.63 -1.28 -6.35
N CYS B 395 -57.49 -2.30 -7.20
CA CYS B 395 -58.55 -3.28 -7.35
C CYS B 395 -58.88 -3.94 -6.03
N ALA B 396 -57.93 -3.99 -5.11
CA ALA B 396 -58.21 -4.64 -3.84
C ALA B 396 -59.12 -3.75 -2.99
N GLY B 397 -58.62 -2.59 -2.61
CA GLY B 397 -59.38 -1.72 -1.74
C GLY B 397 -60.79 -1.52 -2.23
N VAL B 398 -60.96 -1.51 -3.55
CA VAL B 398 -62.32 -1.39 -4.06
C VAL B 398 -63.06 -2.70 -3.88
N ALA B 399 -62.42 -3.81 -4.22
CA ALA B 399 -63.02 -5.10 -3.92
C ALA B 399 -63.27 -5.22 -2.43
N VAL B 400 -62.27 -4.85 -1.63
CA VAL B 400 -62.49 -4.78 -0.19
C VAL B 400 -63.70 -3.89 0.08
N ALA B 401 -63.71 -2.71 -0.51
CA ALA B 401 -64.91 -1.89 -0.44
C ALA B 401 -66.10 -2.57 -1.08
N ARG B 402 -65.87 -3.45 -2.05
CA ARG B 402 -66.97 -3.97 -2.86
C ARG B 402 -67.91 -4.84 -2.03
N ASP B 403 -67.40 -5.87 -1.37
CA ASP B 403 -68.28 -6.87 -0.81
C ASP B 403 -68.76 -6.54 0.60
N SER B 404 -68.45 -5.36 1.11
CA SER B 404 -68.88 -5.01 2.46
C SER B 404 -69.01 -3.50 2.59
N SER B 530 -71.61 -3.35 -3.34
CA SER B 530 -70.76 -3.82 -4.44
C SER B 530 -71.19 -3.18 -5.74
N MET B 531 -71.61 -1.91 -5.66
CA MET B 531 -72.12 -1.21 -6.83
C MET B 531 -71.14 -1.15 -7.98
N ILE B 532 -69.87 -1.46 -7.73
CA ILE B 532 -68.87 -1.49 -8.78
C ILE B 532 -68.23 -2.87 -8.78
N GLN B 533 -67.70 -3.23 -9.93
CA GLN B 533 -66.68 -4.25 -10.03
C GLN B 533 -65.58 -3.62 -10.85
N ASN B 534 -65.97 -3.08 -12.01
CA ASN B 534 -65.10 -2.23 -12.78
C ASN B 534 -64.51 -1.14 -11.89
N VAL B 535 -63.30 -0.72 -12.22
CA VAL B 535 -62.65 0.34 -11.49
C VAL B 535 -62.34 1.47 -12.44
N VAL B 536 -62.41 2.69 -11.92
CA VAL B 536 -62.27 3.90 -12.69
C VAL B 536 -61.03 4.60 -12.19
N ASP B 537 -60.78 5.81 -12.68
CA ASP B 537 -59.77 6.70 -12.14
C ASP B 537 -59.74 6.77 -10.63
N SER B 538 -60.74 7.42 -10.08
CA SER B 538 -60.45 8.36 -9.01
C SER B 538 -59.71 7.75 -7.83
N ASP B 539 -60.43 7.05 -6.97
CA ASP B 539 -59.79 6.55 -5.76
C ASP B 539 -58.80 5.48 -6.12
N THR B 540 -59.19 4.62 -7.06
CA THR B 540 -58.26 3.67 -7.65
C THR B 540 -56.98 4.38 -7.99
N ILE B 541 -57.09 5.58 -8.50
CA ILE B 541 -55.92 6.41 -8.51
C ILE B 541 -55.76 6.98 -7.12
N SER B 542 -56.64 7.91 -6.79
CA SER B 542 -56.28 8.94 -5.85
C SER B 542 -56.18 8.38 -4.45
N GLU B 543 -57.27 7.79 -3.97
CA GLU B 543 -57.22 7.19 -2.66
C GLU B 543 -56.02 6.28 -2.58
N THR B 544 -55.94 5.34 -3.50
CA THR B 544 -54.76 4.51 -3.61
C THR B 544 -53.51 5.37 -3.66
N ALA B 545 -53.48 6.31 -4.59
CA ALA B 545 -52.38 7.27 -4.59
C ALA B 545 -52.21 7.85 -3.19
N ALA B 546 -53.28 8.38 -2.63
CA ALA B 546 -53.21 8.85 -1.27
C ALA B 546 -52.79 7.73 -0.35
N ARG B 547 -53.41 6.56 -0.50
CA ARG B 547 -52.99 5.42 0.29
C ARG B 547 -51.52 5.17 0.12
N LEU B 548 -50.98 5.47 -1.06
CA LEU B 548 -49.54 5.59 -1.13
C LEU B 548 -49.08 6.84 -0.39
N THR B 549 -49.61 7.99 -0.77
CA THR B 549 -49.04 9.22 -0.24
C THR B 549 -50.05 10.11 0.45
N GLY B 550 -50.86 10.80 -0.33
CA GLY B 550 -51.81 11.72 0.25
C GLY B 550 -52.08 12.85 -0.72
N ILE B 551 -53.00 13.70 -0.32
CA ILE B 551 -53.40 14.88 -1.08
C ILE B 551 -53.84 14.45 -2.47
N PRO B 552 -54.93 13.71 -2.57
CA PRO B 552 -55.42 13.37 -3.91
C PRO B 552 -55.68 14.62 -4.69
N VAL B 553 -56.36 15.55 -4.04
CA VAL B 553 -56.95 16.71 -4.72
C VAL B 553 -55.95 17.31 -5.68
N LYS B 554 -54.74 17.55 -5.21
CA LYS B 554 -53.69 17.97 -6.11
C LYS B 554 -53.48 16.92 -7.17
N LYS B 555 -53.00 15.76 -6.74
CA LYS B 555 -52.72 14.69 -7.68
C LYS B 555 -53.94 14.43 -8.54
N LEU B 556 -55.10 14.40 -7.92
CA LEU B 556 -56.34 14.52 -8.66
C LEU B 556 -56.23 15.63 -9.69
N SER B 557 -56.10 16.85 -9.20
CA SER B 557 -56.37 18.02 -10.03
C SER B 557 -55.62 18.01 -11.35
N GLU B 558 -54.33 18.27 -11.30
CA GLU B 558 -53.72 19.06 -12.34
C GLU B 558 -52.80 18.24 -13.22
N SER B 559 -52.84 18.58 -14.51
CA SER B 559 -51.94 18.14 -15.55
C SER B 559 -50.72 19.04 -15.63
N GLU B 560 -50.57 19.89 -14.63
CA GLU B 560 -49.56 20.92 -14.46
C GLU B 560 -49.95 22.22 -15.14
N ASN B 561 -50.97 22.19 -16.00
CA ASN B 561 -51.30 23.37 -16.79
C ASN B 561 -51.53 24.58 -15.91
N GLU B 562 -52.53 24.52 -15.04
CA GLU B 562 -52.71 25.60 -14.09
C GLU B 562 -51.46 25.71 -13.24
N LYS B 563 -51.01 24.59 -12.70
CA LYS B 563 -49.74 24.56 -12.01
C LYS B 563 -48.67 25.20 -12.85
N LEU B 564 -48.69 24.98 -14.15
CA LEU B 564 -47.94 25.90 -14.97
C LEU B 564 -48.53 27.26 -14.73
N ILE B 565 -49.64 27.56 -15.37
CA ILE B 565 -49.98 28.96 -15.60
C ILE B 565 -50.11 29.73 -14.30
N HIS B 566 -51.18 29.49 -13.57
CA HIS B 566 -51.51 30.47 -12.55
C HIS B 566 -50.52 30.45 -11.41
N MET B 567 -49.62 29.47 -11.43
CA MET B 567 -48.51 29.42 -10.49
C MET B 567 -47.85 30.76 -10.34
N GLU B 568 -47.85 31.56 -11.41
CA GLU B 568 -47.29 32.89 -11.40
C GLU B 568 -47.68 33.56 -10.10
N ARG B 569 -48.95 33.91 -10.05
CA ARG B 569 -49.49 34.46 -8.83
C ARG B 569 -49.40 33.47 -7.70
N ASP B 570 -49.46 32.19 -8.03
CA ASP B 570 -49.52 31.21 -6.97
C ASP B 570 -48.17 31.03 -6.32
N LEU B 571 -47.14 30.81 -7.14
CA LEU B 571 -45.79 30.86 -6.62
C LEU B 571 -45.59 32.17 -5.88
N SER B 572 -46.17 33.25 -6.40
CA SER B 572 -45.93 34.58 -5.87
C SER B 572 -46.19 34.63 -4.39
N SER B 573 -46.92 33.66 -3.88
CA SER B 573 -47.29 33.59 -2.48
C SER B 573 -46.12 33.92 -1.58
N GLU B 574 -45.14 33.03 -1.50
CA GLU B 574 -44.20 33.15 -0.40
C GLU B 574 -43.44 34.45 -0.44
N VAL B 575 -42.70 34.71 -1.50
CA VAL B 575 -41.73 35.79 -1.43
C VAL B 575 -42.27 37.02 -2.11
N VAL B 576 -42.56 38.03 -1.30
CA VAL B 576 -42.72 39.37 -1.81
C VAL B 576 -41.54 39.75 -2.67
N GLY B 577 -41.82 40.30 -3.83
CA GLY B 577 -40.74 40.72 -4.66
C GLY B 577 -39.95 39.50 -5.08
N GLN B 578 -38.83 39.78 -5.72
CA GLN B 578 -38.08 38.75 -6.42
C GLN B 578 -39.01 38.02 -7.35
N MET B 579 -39.99 38.77 -7.85
CA MET B 579 -40.88 38.28 -8.86
C MET B 579 -40.10 37.71 -10.02
N ASP B 580 -38.88 38.20 -10.21
CA ASP B 580 -38.03 37.74 -11.28
C ASP B 580 -37.87 36.23 -11.28
N ALA B 581 -37.11 35.70 -10.33
CA ALA B 581 -37.00 34.25 -10.21
C ALA B 581 -38.38 33.66 -10.12
N ILE B 582 -39.25 34.30 -9.33
CA ILE B 582 -40.66 33.93 -9.33
C ILE B 582 -41.14 33.77 -10.76
N LYS B 583 -41.19 34.89 -11.49
CA LYS B 583 -41.50 34.82 -12.91
C LYS B 583 -40.63 33.78 -13.56
N ALA B 584 -39.34 34.10 -13.63
CA ALA B 584 -38.40 33.32 -14.40
C ALA B 584 -38.50 31.86 -14.01
N VAL B 585 -37.99 31.54 -12.83
CA VAL B 585 -37.78 30.16 -12.46
C VAL B 585 -39.00 29.33 -12.77
N SER B 586 -40.15 29.77 -12.28
CA SER B 586 -41.39 29.07 -12.58
C SER B 586 -41.49 28.90 -14.08
N ASN B 587 -41.67 30.03 -14.75
CA ASN B 587 -41.67 30.03 -16.19
C ASN B 587 -40.49 29.21 -16.68
N ALA B 588 -39.32 29.45 -16.12
CA ALA B 588 -38.17 28.65 -16.48
C ALA B 588 -38.44 27.18 -16.25
N VAL B 589 -38.84 26.82 -15.04
CA VAL B 589 -38.98 25.40 -14.80
C VAL B 589 -40.13 24.86 -15.59
N ARG B 590 -41.18 25.65 -15.76
CA ARG B 590 -42.17 25.31 -16.75
C ARG B 590 -41.46 24.94 -18.04
N LEU B 591 -40.55 25.80 -18.47
CA LEU B 591 -39.73 25.46 -19.62
C LEU B 591 -38.77 24.33 -19.30
N SER B 592 -38.35 24.19 -18.04
CA SER B 592 -37.56 23.02 -17.74
C SER B 592 -38.36 21.77 -18.01
N ARG B 593 -39.58 21.73 -17.51
CA ARG B 593 -40.47 20.68 -17.96
C ARG B 593 -40.86 20.99 -19.39
N SER B 594 -41.74 20.17 -19.96
CA SER B 594 -42.13 20.15 -21.35
C SER B 594 -41.07 19.47 -22.18
N GLY B 595 -39.87 19.27 -21.65
CA GLY B 595 -38.84 18.53 -22.35
C GLY B 595 -38.35 19.17 -23.62
N LEU B 596 -38.60 20.46 -23.82
CA LEU B 596 -38.15 21.15 -25.01
C LEU B 596 -36.64 21.26 -25.09
N ALA B 597 -35.94 20.84 -24.05
CA ALA B 597 -34.51 20.67 -24.01
C ALA B 597 -34.26 19.23 -23.61
N ASN B 598 -33.04 18.96 -23.21
CA ASN B 598 -32.63 17.59 -22.96
C ASN B 598 -33.69 16.89 -22.13
N PRO B 599 -34.26 15.81 -22.64
CA PRO B 599 -35.17 15.03 -21.80
C PRO B 599 -34.48 14.60 -20.55
N ARG B 600 -33.20 14.34 -20.66
CA ARG B 600 -32.40 14.09 -19.50
C ARG B 600 -31.53 15.35 -19.32
N GLN B 601 -31.93 16.16 -18.37
CA GLN B 601 -31.14 17.20 -17.75
C GLN B 601 -32.10 18.00 -16.88
N PRO B 602 -31.71 18.36 -15.69
CA PRO B 602 -32.69 18.85 -14.72
C PRO B 602 -32.88 20.35 -14.71
N ALA B 603 -33.76 20.82 -13.81
CA ALA B 603 -33.89 22.24 -13.53
C ALA B 603 -32.85 22.65 -12.50
N SER B 604 -32.09 23.68 -12.83
CA SER B 604 -30.75 23.89 -12.31
C SER B 604 -30.64 25.28 -11.71
N PHE B 605 -30.35 25.35 -10.42
CA PHE B 605 -30.51 26.63 -9.76
C PHE B 605 -29.44 26.90 -8.73
N LEU B 606 -28.88 28.09 -8.84
CA LEU B 606 -27.96 28.67 -7.88
C LEU B 606 -28.50 30.04 -7.55
N PHE B 607 -28.58 30.38 -6.28
CA PHE B 607 -29.39 31.53 -5.92
C PHE B 607 -28.62 32.55 -5.10
N LEU B 608 -29.19 33.75 -5.06
CA LEU B 608 -28.53 34.88 -4.46
C LEU B 608 -29.51 35.67 -3.62
N GLY B 609 -29.03 36.17 -2.50
CA GLY B 609 -29.88 36.72 -1.47
C GLY B 609 -29.19 36.54 -0.13
N LEU B 610 -30.01 36.44 0.90
CA LEU B 610 -29.56 35.91 2.18
C LEU B 610 -30.40 34.73 2.56
N SER B 611 -29.74 33.67 3.00
CA SER B 611 -30.41 32.57 3.67
C SER B 611 -31.24 33.14 4.80
N GLY B 612 -32.52 32.80 4.80
CA GLY B 612 -33.47 33.51 5.59
C GLY B 612 -34.45 34.34 4.78
N SER B 613 -34.38 34.28 3.47
CA SER B 613 -35.29 35.06 2.64
C SER B 613 -36.50 34.29 2.14
N GLY B 614 -36.69 33.04 2.56
CA GLY B 614 -37.82 32.24 2.12
C GLY B 614 -37.61 31.50 0.80
N LYS B 615 -36.61 31.91 0.03
CA LYS B 615 -36.23 31.16 -1.16
C LYS B 615 -36.16 29.68 -0.89
N THR B 616 -35.53 29.32 0.21
CA THR B 616 -35.40 27.91 0.54
C THR B 616 -36.79 27.30 0.64
N GLU B 617 -37.62 27.87 1.50
CA GLU B 617 -39.03 27.53 1.43
C GLU B 617 -39.53 27.66 0.02
N LEU B 618 -39.23 28.77 -0.64
CA LEU B 618 -39.73 28.92 -1.99
C LEU B 618 -39.49 27.66 -2.79
N ALA B 619 -38.29 27.14 -2.71
CA ALA B 619 -38.07 25.81 -3.25
C ALA B 619 -39.15 24.92 -2.68
N LYS B 620 -39.07 24.68 -1.38
CA LYS B 620 -40.02 23.80 -0.72
C LYS B 620 -41.43 24.22 -1.06
N LYS B 621 -41.69 25.52 -1.08
CA LYS B 621 -42.93 26.00 -1.65
C LYS B 621 -43.14 25.40 -3.02
N VAL B 622 -42.19 25.60 -3.91
CA VAL B 622 -42.45 25.20 -5.27
C VAL B 622 -42.43 23.69 -5.40
N ALA B 623 -41.46 23.05 -4.75
CA ALA B 623 -41.54 21.62 -4.63
C ALA B 623 -42.89 21.23 -4.07
N GLY B 624 -43.21 21.73 -2.88
CA GLY B 624 -44.53 21.53 -2.35
C GLY B 624 -45.57 21.97 -3.34
N PHE B 625 -45.32 23.10 -4.00
CA PHE B 625 -46.17 23.42 -5.12
C PHE B 625 -46.11 22.32 -6.15
N LEU B 626 -44.97 22.15 -6.80
CA LEU B 626 -44.89 21.07 -7.77
C LEU B 626 -45.09 19.73 -7.13
N PHE B 627 -44.07 19.30 -6.40
CA PHE B 627 -43.99 17.91 -6.00
C PHE B 627 -44.99 17.55 -4.94
N ASN B 628 -45.73 18.52 -4.40
CA ASN B 628 -46.69 18.23 -3.35
C ASN B 628 -45.97 17.67 -2.14
N ASP B 629 -44.91 18.36 -1.73
CA ASP B 629 -44.11 17.95 -0.60
C ASP B 629 -43.01 18.96 -0.37
N GLU B 630 -42.60 19.07 0.87
CA GLU B 630 -41.41 19.82 1.23
C GLU B 630 -40.17 18.95 1.14
N ASP B 631 -40.34 17.71 1.58
CA ASP B 631 -39.23 16.78 1.74
C ASP B 631 -38.55 16.51 0.43
N MET B 632 -39.21 16.88 -0.66
CA MET B 632 -38.55 16.98 -1.95
C MET B 632 -37.24 17.71 -1.79
N MET B 633 -37.28 18.84 -1.10
CA MET B 633 -36.03 19.50 -0.76
C MET B 633 -35.17 18.56 0.04
N ILE B 634 -33.88 18.65 -0.19
CA ILE B 634 -32.94 17.75 0.44
C ILE B 634 -31.74 18.57 0.87
N ARG B 635 -31.18 18.21 2.01
CA ARG B 635 -30.24 19.06 2.72
C ARG B 635 -28.86 18.44 2.65
N VAL B 636 -27.96 19.07 1.90
CA VAL B 636 -26.55 18.80 1.99
C VAL B 636 -25.86 20.14 1.98
N ASP B 637 -25.18 20.47 3.06
CA ASP B 637 -24.53 21.76 3.11
C ASP B 637 -23.11 21.62 2.61
N CYS B 638 -22.77 22.46 1.63
CA CYS B 638 -21.42 22.49 1.13
C CYS B 638 -20.44 22.70 2.27
N SER B 639 -20.87 23.38 3.32
CA SER B 639 -20.06 23.45 4.53
C SER B 639 -19.79 22.07 5.09
N GLU B 640 -20.72 21.16 4.92
CA GLU B 640 -20.45 19.82 5.41
C GLU B 640 -19.43 19.11 4.54
N LEU B 641 -19.06 19.71 3.43
CA LEU B 641 -18.43 18.98 2.36
C LEU B 641 -17.04 19.54 2.20
N SER B 642 -16.03 18.77 2.56
CA SER B 642 -14.72 19.38 2.55
C SER B 642 -13.96 19.04 1.28
N GLU B 643 -13.38 17.86 1.20
CA GLU B 643 -12.76 17.50 -0.07
C GLU B 643 -13.21 16.08 -0.35
N LYS B 644 -12.90 15.18 0.56
CA LYS B 644 -13.14 13.77 0.42
C LYS B 644 -14.57 13.41 0.69
N TYR B 645 -15.38 14.42 1.02
CA TYR B 645 -16.80 14.17 1.21
C TYR B 645 -17.43 13.42 0.06
N ALA B 646 -16.85 13.54 -1.13
CA ALA B 646 -17.34 12.76 -2.24
C ALA B 646 -17.50 11.30 -1.84
N VAL B 647 -16.74 10.86 -0.86
CA VAL B 647 -17.09 9.66 -0.14
C VAL B 647 -18.45 9.84 0.53
N SER B 648 -18.48 10.67 1.57
CA SER B 648 -19.64 10.62 2.47
C SER B 648 -20.94 10.95 1.77
N LYS B 649 -20.87 11.64 0.64
CA LYS B 649 -22.08 11.81 -0.14
C LYS B 649 -22.62 10.48 -0.59
N LEU B 650 -21.71 9.58 -0.93
CA LEU B 650 -22.03 8.50 -1.85
C LEU B 650 -20.75 7.73 -2.14
N LEU B 651 -20.85 6.47 -2.57
CA LEU B 651 -19.62 5.67 -2.61
C LEU B 651 -19.74 4.31 -3.27
N GLY B 652 -18.62 3.84 -3.81
CA GLY B 652 -18.53 2.49 -4.33
C GLY B 652 -18.48 1.53 -3.17
N THR B 653 -19.42 0.59 -3.14
CA THR B 653 -19.62 -0.25 -1.96
C THR B 653 -18.75 -0.29 -0.72
N THR B 654 -17.58 -0.91 -0.84
CA THR B 654 -16.71 -1.13 0.30
C THR B 654 -16.70 -1.06 1.82
N TYR B 660 -16.67 2.61 4.17
CA TYR B 660 -18.03 2.21 4.48
C TYR B 660 -18.70 1.51 3.31
N ASP B 661 -19.89 1.01 3.57
CA ASP B 661 -20.82 0.65 2.50
C ASP B 661 -22.17 1.24 2.88
N GLU B 662 -22.65 2.19 2.08
CA GLU B 662 -23.88 2.91 2.38
C GLU B 662 -24.56 3.31 1.07
N GLY B 663 -25.89 3.39 1.12
CA GLY B 663 -26.64 3.95 0.03
C GLY B 663 -26.21 5.39 -0.18
N GLY B 664 -25.80 5.72 -1.41
CA GLY B 664 -25.13 6.99 -1.60
C GLY B 664 -26.06 8.05 -1.09
N PHE B 665 -25.63 8.73 -0.03
CA PHE B 665 -26.58 9.47 0.78
C PHE B 665 -27.42 10.38 -0.08
N LEU B 666 -26.78 10.95 -1.09
CA LEU B 666 -27.42 11.78 -2.07
C LEU B 666 -28.55 11.00 -2.69
N THR B 667 -28.17 10.04 -3.52
CA THR B 667 -29.12 9.08 -4.03
C THR B 667 -29.99 8.61 -2.92
N ASN B 668 -29.36 8.20 -1.82
CA ASN B 668 -30.04 7.39 -0.83
C ASN B 668 -31.42 7.97 -0.55
N GLN B 669 -31.52 9.30 -0.54
CA GLN B 669 -32.83 9.94 -0.49
C GLN B 669 -33.50 9.95 -1.86
N LEU B 670 -32.78 10.35 -2.90
CA LEU B 670 -33.33 10.24 -4.23
C LEU B 670 -33.59 8.80 -4.57
N GLN B 671 -32.58 7.96 -4.35
CA GLN B 671 -32.78 6.53 -4.37
C GLN B 671 -34.05 6.19 -3.64
N TYR B 672 -34.22 6.77 -2.46
CA TYR B 672 -35.54 6.71 -1.88
C TYR B 672 -36.52 7.46 -2.77
N LYS B 673 -36.27 8.74 -3.03
CA LYS B 673 -37.30 9.62 -3.59
C LYS B 673 -36.85 10.21 -4.91
N PRO B 674 -37.13 9.53 -6.02
CA PRO B 674 -36.71 10.02 -7.34
C PRO B 674 -37.33 11.32 -7.77
N TYR B 675 -38.36 11.79 -7.10
CA TYR B 675 -38.95 13.06 -7.43
C TYR B 675 -38.72 13.92 -6.22
N SER B 676 -37.90 14.96 -6.35
CA SER B 676 -37.39 15.60 -5.15
C SER B 676 -36.77 16.93 -5.53
N VAL B 677 -36.08 17.55 -4.58
CA VAL B 677 -35.42 18.82 -4.82
C VAL B 677 -34.09 18.83 -4.06
N LEU B 678 -33.08 19.44 -4.69
CA LEU B 678 -31.75 19.53 -4.09
C LEU B 678 -31.36 20.99 -3.95
N LEU B 679 -31.34 21.49 -2.73
CA LEU B 679 -30.82 22.82 -2.46
C LEU B 679 -29.60 22.68 -1.57
N PHE B 680 -28.46 23.06 -2.09
CA PHE B 680 -27.19 22.88 -1.41
C PHE B 680 -26.47 24.21 -1.51
N ASP B 681 -26.01 24.71 -0.39
CA ASP B 681 -25.56 26.09 -0.33
C ASP B 681 -24.25 26.16 0.43
N GLU B 682 -23.65 27.34 0.39
CA GLU B 682 -22.23 27.48 0.57
C GLU B 682 -21.51 26.76 -0.56
N VAL B 683 -22.22 26.67 -1.68
CA VAL B 683 -21.69 26.06 -2.88
C VAL B 683 -20.28 26.56 -3.11
N GLU B 684 -20.09 27.83 -2.77
CA GLU B 684 -18.75 28.38 -2.68
C GLU B 684 -17.82 27.47 -1.90
N LYS B 685 -18.21 26.98 -0.72
CA LYS B 685 -17.30 25.99 -0.14
C LYS B 685 -17.25 24.72 -0.95
N ALA B 686 -18.37 24.34 -1.57
CA ALA B 686 -18.42 23.05 -2.23
C ALA B 686 -17.23 22.91 -3.18
N HIS B 687 -16.53 21.84 -3.04
CA HIS B 687 -15.23 21.89 -3.67
C HIS B 687 -15.28 21.19 -5.01
N PRO B 688 -14.81 21.85 -6.04
CA PRO B 688 -15.17 21.50 -7.42
C PRO B 688 -15.05 20.02 -7.70
N ASP B 689 -14.27 19.36 -6.88
CA ASP B 689 -14.39 17.93 -6.72
C ASP B 689 -15.87 17.59 -6.68
N VAL B 690 -16.65 18.42 -5.99
CA VAL B 690 -18.08 18.22 -5.95
C VAL B 690 -18.66 18.27 -7.35
N LEU B 691 -18.35 19.31 -8.11
CA LEU B 691 -19.23 19.66 -9.20
C LEU B 691 -19.26 18.58 -10.25
N THR B 692 -18.24 17.75 -10.33
CA THR B 692 -18.19 16.78 -11.40
C THR B 692 -19.45 15.94 -11.42
N VAL B 693 -19.90 15.51 -10.25
CA VAL B 693 -21.17 14.83 -10.24
C VAL B 693 -22.27 15.86 -10.34
N MET B 694 -22.10 16.97 -9.65
CA MET B 694 -22.99 18.08 -9.88
C MET B 694 -23.06 18.31 -11.37
N LEU B 695 -21.92 18.24 -12.03
CA LEU B 695 -21.95 18.28 -13.48
C LEU B 695 -22.86 17.21 -14.00
N GLN B 696 -22.56 15.94 -13.69
CA GLN B 696 -23.51 14.91 -14.02
C GLN B 696 -24.89 15.34 -13.59
N MET B 697 -24.99 15.83 -12.37
CA MET B 697 -26.27 16.29 -11.89
C MET B 697 -26.74 17.48 -12.68
N LEU B 698 -25.88 18.47 -12.86
CA LEU B 698 -26.15 19.50 -13.86
C LEU B 698 -26.59 18.84 -15.14
N ASP B 699 -25.85 17.82 -15.54
CA ASP B 699 -26.07 17.21 -16.81
C ASP B 699 -27.32 16.34 -16.76
N ASP B 700 -27.80 15.99 -17.95
CA ASP B 700 -28.17 14.61 -18.25
C ASP B 700 -29.26 14.05 -17.36
N GLY B 701 -29.58 14.75 -16.29
CA GLY B 701 -30.70 14.38 -15.43
C GLY B 701 -30.76 12.96 -14.95
N ARG B 702 -29.66 12.21 -14.96
CA ARG B 702 -29.65 10.88 -14.36
C ARG B 702 -28.29 10.65 -13.73
N ILE B 703 -28.27 10.15 -12.49
CA ILE B 703 -27.10 10.32 -11.64
C ILE B 703 -26.63 9.00 -11.09
N THR B 704 -25.35 8.73 -11.29
CA THR B 704 -24.69 7.54 -10.81
C THR B 704 -24.72 7.48 -9.29
N SER B 705 -24.57 6.27 -8.77
CA SER B 705 -24.11 6.07 -7.41
C SER B 705 -22.62 5.77 -7.43
N GLY B 706 -22.06 5.50 -6.26
CA GLY B 706 -20.65 5.17 -6.18
C GLY B 706 -20.49 3.71 -6.55
N GLN B 707 -21.37 2.87 -6.01
CA GLN B 707 -21.57 1.57 -6.61
C GLN B 707 -21.99 1.69 -8.06
N GLY B 708 -22.36 2.89 -8.49
CA GLY B 708 -22.59 3.21 -9.88
C GLY B 708 -24.03 3.41 -10.24
N LYS B 709 -24.97 2.97 -9.41
CA LYS B 709 -26.37 2.99 -9.80
C LYS B 709 -26.78 4.40 -10.17
N THR B 710 -27.28 4.56 -11.38
CA THR B 710 -27.54 5.87 -11.95
C THR B 710 -29.03 6.11 -11.99
N ILE B 711 -29.47 7.28 -11.57
CA ILE B 711 -30.89 7.50 -11.39
C ILE B 711 -31.21 8.95 -11.76
N ASP B 712 -32.46 9.16 -12.15
CA ASP B 712 -32.92 10.43 -12.70
C ASP B 712 -32.60 11.58 -11.77
N CYS B 713 -31.88 12.55 -12.29
CA CYS B 713 -31.83 13.86 -11.67
C CYS B 713 -33.02 14.71 -12.09
N SER B 714 -33.36 14.67 -13.38
CA SER B 714 -34.29 15.62 -13.97
C SER B 714 -35.58 15.71 -13.20
N ASN B 715 -36.09 14.60 -12.73
CA ASN B 715 -37.35 14.64 -12.00
C ASN B 715 -37.15 15.03 -10.56
N CYS B 716 -35.93 15.41 -10.22
CA CYS B 716 -35.69 16.20 -9.03
C CYS B 716 -35.12 17.55 -9.47
N ILE B 717 -35.21 18.54 -8.61
CA ILE B 717 -34.75 19.87 -8.96
C ILE B 717 -33.59 20.24 -8.05
N VAL B 718 -32.55 20.78 -8.65
CA VAL B 718 -31.28 20.97 -7.96
C VAL B 718 -31.01 22.46 -7.83
N ILE B 719 -30.76 22.88 -6.61
CA ILE B 719 -30.81 24.29 -6.27
C ILE B 719 -29.58 24.62 -5.43
N MET B 720 -29.10 25.84 -5.57
CA MET B 720 -27.89 26.28 -4.91
C MET B 720 -28.03 27.74 -4.55
N THR B 721 -27.24 28.20 -3.58
CA THR B 721 -27.06 29.63 -3.39
C THR B 721 -25.60 29.90 -3.08
N SER B 722 -25.22 31.15 -3.27
CA SER B 722 -23.98 31.64 -2.70
C SER B 722 -24.29 32.89 -1.88
N ASN B 723 -23.39 33.16 -0.96
CA ASN B 723 -23.39 34.35 -0.16
C ASN B 723 -22.49 35.43 -0.73
N LEU B 724 -21.90 35.18 -1.89
CA LEU B 724 -20.80 35.99 -2.38
C LEU B 724 -21.14 37.47 -2.38
N GLY B 725 -22.29 37.82 -2.92
CA GLY B 725 -22.59 39.21 -3.19
C GLY B 725 -23.01 40.01 -1.98
N ALA B 726 -22.87 39.47 -0.77
CA ALA B 726 -23.20 40.23 0.42
C ALA B 726 -22.61 41.62 0.34
N GLU B 727 -21.35 41.67 -0.06
CA GLU B 727 -20.74 42.91 -0.51
C GLU B 727 -21.62 43.57 -1.53
N PHE B 728 -21.92 42.87 -2.60
CA PHE B 728 -22.66 43.47 -3.69
C PHE B 728 -24.11 43.64 -3.29
N ILE B 729 -24.57 42.77 -2.39
CA ILE B 729 -25.86 42.96 -1.74
C ILE B 729 -25.94 44.36 -1.16
N ASN B 730 -24.82 44.90 -0.69
CA ASN B 730 -24.85 46.25 -0.17
C ASN B 730 -25.49 47.22 -1.17
N SER B 731 -25.32 46.95 -2.46
CA SER B 731 -26.10 47.67 -3.46
C SER B 731 -27.59 47.52 -3.20
N GLN B 732 -28.15 46.32 -3.42
CA GLN B 732 -29.58 46.11 -3.14
C GLN B 732 -29.88 46.35 -1.66
N GLN B 733 -28.86 46.43 -0.80
CA GLN B 733 -29.11 47.00 0.52
C GLN B 733 -29.56 48.45 0.38
N GLY B 734 -28.93 49.21 -0.51
CA GLY B 734 -29.54 50.45 -0.93
C GLY B 734 -30.57 50.25 -2.00
N SER B 735 -31.05 49.02 -2.16
CA SER B 735 -31.95 48.58 -3.23
C SER B 735 -31.35 48.82 -4.60
N LYS B 736 -30.03 48.95 -4.66
CA LYS B 736 -29.39 49.49 -5.86
C LYS B 736 -29.44 48.47 -7.00
N ILE B 737 -29.22 48.98 -8.22
CA ILE B 737 -29.56 48.25 -9.42
C ILE B 737 -28.92 46.88 -9.42
N GLN B 738 -29.78 45.89 -9.55
CA GLN B 738 -29.32 44.52 -9.40
C GLN B 738 -28.41 44.16 -10.55
N GLU B 739 -28.93 44.25 -11.77
CA GLU B 739 -28.16 43.88 -12.93
C GLU B 739 -26.78 44.52 -12.88
N SER B 740 -26.74 45.81 -12.64
CA SER B 740 -25.50 46.51 -12.38
C SER B 740 -24.65 45.70 -11.43
N THR B 741 -25.14 45.55 -10.22
CA THR B 741 -24.37 44.76 -9.28
C THR B 741 -24.37 43.29 -9.66
N LYS B 742 -25.44 42.78 -10.29
CA LYS B 742 -25.39 41.41 -10.81
C LYS B 742 -24.18 41.23 -11.68
N ASN B 743 -23.99 42.14 -12.61
CA ASN B 743 -22.80 42.13 -13.44
C ASN B 743 -21.57 42.08 -12.56
N LEU B 744 -21.50 43.03 -11.63
CA LEU B 744 -20.56 42.91 -10.53
C LEU B 744 -20.69 41.54 -9.87
N VAL B 745 -21.91 41.12 -9.58
CA VAL B 745 -22.11 39.90 -8.79
C VAL B 745 -21.50 38.71 -9.51
N MET B 746 -21.95 38.45 -10.74
CA MET B 746 -21.51 37.23 -11.41
C MET B 746 -20.02 37.09 -11.31
N GLY B 747 -19.29 38.18 -11.60
CA GLY B 747 -17.85 38.10 -11.61
C GLY B 747 -17.34 37.33 -10.42
N ALA B 748 -17.90 37.62 -9.25
CA ALA B 748 -17.60 36.81 -8.09
C ALA B 748 -17.84 35.36 -8.42
N VAL B 749 -19.10 34.95 -8.54
CA VAL B 749 -19.36 33.55 -8.84
C VAL B 749 -18.68 33.16 -10.13
N ARG B 750 -18.67 34.07 -11.10
CA ARG B 750 -17.96 33.78 -12.33
C ARG B 750 -16.50 33.45 -12.05
N GLN B 751 -15.94 33.99 -10.97
CA GLN B 751 -14.59 33.64 -10.58
C GLN B 751 -14.50 32.29 -9.92
N HIS B 752 -15.60 31.76 -9.44
CA HIS B 752 -15.50 30.65 -8.52
C HIS B 752 -15.56 29.30 -9.19
N PHE B 753 -15.75 29.24 -10.49
CA PHE B 753 -16.12 27.95 -11.02
C PHE B 753 -15.57 27.75 -12.42
N ARG B 754 -15.26 26.51 -12.71
CA ARG B 754 -15.25 26.05 -14.09
C ARG B 754 -16.55 26.51 -14.72
N PRO B 755 -16.50 27.17 -15.86
CA PRO B 755 -17.71 27.80 -16.38
C PRO B 755 -18.84 26.80 -16.54
N GLU B 756 -18.50 25.63 -17.05
CA GLU B 756 -19.49 24.60 -17.37
C GLU B 756 -20.47 24.45 -16.23
N PHE B 757 -19.92 24.35 -15.03
CA PHE B 757 -20.64 24.37 -13.78
C PHE B 757 -21.70 25.44 -13.87
N LEU B 758 -21.25 26.69 -13.94
CA LEU B 758 -22.15 27.79 -14.17
C LEU B 758 -23.02 27.50 -15.37
N ASN B 759 -22.40 27.04 -16.44
CA ASN B 759 -23.07 27.13 -17.72
C ASN B 759 -24.17 26.12 -17.87
N ARG B 760 -24.37 25.26 -16.89
CA ARG B 760 -25.55 24.43 -16.94
C ARG B 760 -26.76 25.15 -16.40
N ILE B 761 -26.58 25.90 -15.32
CA ILE B 761 -27.69 26.38 -14.51
C ILE B 761 -28.79 26.99 -15.35
N SER B 762 -30.03 26.67 -14.98
CA SER B 762 -31.16 27.41 -15.51
C SER B 762 -30.96 28.91 -15.29
N SER B 763 -31.01 29.36 -14.05
CA SER B 763 -30.73 30.76 -13.79
C SER B 763 -30.27 30.96 -12.35
N ILE B 764 -29.77 32.16 -12.09
CA ILE B 764 -29.28 32.55 -10.79
C ILE B 764 -29.81 33.93 -10.46
N VAL B 765 -30.31 34.12 -9.24
CA VAL B 765 -31.11 35.29 -8.94
C VAL B 765 -30.78 35.81 -7.55
N ILE B 766 -30.57 37.11 -7.47
CA ILE B 766 -30.53 37.81 -6.19
C ILE B 766 -31.92 37.87 -5.60
N PHE B 767 -31.99 37.85 -4.27
CA PHE B 767 -33.27 37.95 -3.59
C PHE B 767 -33.20 39.18 -2.71
N ASN B 768 -33.98 40.20 -3.07
CA ASN B 768 -33.85 41.47 -2.38
C ASN B 768 -34.31 41.37 -0.93
N LYS B 769 -33.77 42.27 -0.12
CA LYS B 769 -34.14 42.39 1.27
C LYS B 769 -35.51 43.06 1.43
N LEU B 770 -36.04 42.96 2.64
CA LEU B 770 -37.43 43.31 2.92
C LEU B 770 -37.81 44.70 2.46
N SER B 771 -38.81 44.78 1.61
CA SER B 771 -39.75 45.86 1.70
C SER B 771 -40.79 45.51 2.75
N ARG B 772 -41.40 46.55 3.31
CA ARG B 772 -42.47 46.31 4.27
C ARG B 772 -43.48 45.33 3.75
N LYS B 773 -43.68 45.33 2.42
CA LYS B 773 -44.63 44.42 1.80
C LYS B 773 -44.44 43.01 2.32
N ALA B 774 -43.19 42.58 2.42
CA ALA B 774 -42.94 41.27 2.96
C ALA B 774 -43.47 41.18 4.38
N ILE B 775 -42.99 42.06 5.23
CA ILE B 775 -43.13 41.93 6.67
C ILE B 775 -44.54 41.55 7.05
N HIS B 776 -45.48 42.48 6.87
CA HIS B 776 -46.85 42.16 7.21
C HIS B 776 -47.32 40.90 6.53
N LYS B 777 -46.79 40.60 5.36
CA LYS B 777 -47.11 39.31 4.79
C LYS B 777 -46.30 38.23 5.47
N ILE B 778 -45.02 38.49 5.70
CA ILE B 778 -44.25 37.60 6.57
C ILE B 778 -45.01 37.42 7.87
N VAL B 779 -45.59 38.51 8.35
CA VAL B 779 -46.53 38.40 9.45
C VAL B 779 -47.67 37.48 9.06
N ASP B 780 -48.32 37.79 7.95
CA ASP B 780 -49.38 36.90 7.47
C ASP B 780 -48.89 35.47 7.47
N ILE B 781 -47.68 35.27 6.92
CA ILE B 781 -47.05 33.96 7.04
C ILE B 781 -47.10 33.52 8.48
N ARG B 782 -46.53 34.33 9.35
CA ARG B 782 -46.57 34.01 10.76
C ARG B 782 -48.02 33.85 11.18
N LEU B 783 -48.84 34.85 10.85
CA LEU B 783 -50.27 34.71 11.06
C LEU B 783 -50.77 33.39 10.52
N LYS B 784 -50.29 33.01 9.35
CA LYS B 784 -50.78 31.77 8.79
C LYS B 784 -50.30 30.58 9.61
N GLU B 785 -49.02 30.57 9.97
CA GLU B 785 -48.58 29.48 10.81
C GLU B 785 -49.09 29.60 12.23
N ILE B 786 -49.69 30.72 12.60
CA ILE B 786 -50.43 30.77 13.86
C ILE B 786 -51.55 29.74 13.77
N GLU B 787 -52.52 30.09 12.94
CA GLU B 787 -53.81 29.46 12.86
C GLU B 787 -53.73 28.02 12.42
N GLU B 788 -52.52 27.58 12.10
CA GLU B 788 -52.31 26.29 11.47
C GLU B 788 -53.21 25.22 12.05
N ARG B 789 -52.96 24.80 13.28
CA ARG B 789 -54.00 24.11 14.01
C ARG B 789 -54.67 24.97 15.07
N PHE B 790 -54.17 26.17 15.33
CA PHE B 790 -54.20 26.64 16.70
C PHE B 790 -55.40 27.53 16.98
N GLU B 791 -55.43 28.69 16.35
CA GLU B 791 -56.49 29.65 16.60
C GLU B 791 -57.88 29.05 16.43
N GLN B 792 -57.99 27.84 15.87
CA GLN B 792 -59.20 27.04 16.09
C GLN B 792 -58.95 25.64 16.61
N ASN B 793 -58.54 24.69 15.74
CA ASN B 793 -58.70 23.29 16.12
C ASN B 793 -57.90 22.97 17.36
N ASP B 794 -56.80 23.67 17.52
CA ASP B 794 -55.92 23.35 18.62
C ASP B 794 -56.17 24.37 19.71
N LYS B 795 -55.70 25.60 19.50
CA LYS B 795 -55.86 26.61 20.54
C LYS B 795 -57.25 27.23 20.54
N HIS B 796 -57.85 27.43 19.37
CA HIS B 796 -59.15 28.09 19.26
C HIS B 796 -59.09 29.55 19.69
N TYR B 797 -57.93 30.19 19.65
CA TYR B 797 -57.79 31.55 20.15
C TYR B 797 -57.67 32.53 19.00
N LYS B 798 -58.62 33.45 18.89
CA LYS B 798 -58.59 34.44 17.83
C LYS B 798 -57.42 35.40 18.02
N LEU B 799 -57.00 36.02 16.93
CA LEU B 799 -55.79 36.84 16.97
C LEU B 799 -55.99 38.17 16.26
N ASN B 800 -55.79 39.26 16.98
CA ASN B 800 -55.76 40.59 16.41
C ASN B 800 -54.36 41.16 16.58
N LEU B 801 -54.05 42.15 15.76
CA LEU B 801 -52.73 42.78 15.81
C LEU B 801 -52.87 44.29 15.76
N THR B 802 -52.10 44.98 16.59
CA THR B 802 -51.83 46.37 16.33
C THR B 802 -50.91 46.49 15.12
N GLN B 803 -50.90 47.67 14.52
CA GLN B 803 -49.83 47.92 13.58
C GLN B 803 -48.49 47.87 14.28
N GLU B 804 -48.46 48.30 15.55
CA GLU B 804 -47.34 47.96 16.40
C GLU B 804 -47.02 46.49 16.25
N ALA B 805 -48.03 45.65 16.49
CA ALA B 805 -47.84 44.23 16.39
C ALA B 805 -47.20 43.87 15.06
N LYS B 806 -47.48 44.66 14.04
CA LYS B 806 -46.66 44.57 12.84
C LYS B 806 -45.34 45.30 13.06
N ASP B 807 -45.44 46.52 13.57
CA ASP B 807 -44.29 47.42 13.54
C ASP B 807 -43.28 47.04 14.59
N PHE B 808 -43.76 46.80 15.82
CA PHE B 808 -42.87 46.39 16.90
C PHE B 808 -41.98 45.27 16.42
N LEU B 809 -42.57 44.31 15.74
CA LEU B 809 -41.78 43.39 14.95
C LEU B 809 -40.98 44.19 13.96
N ALA B 810 -41.68 44.76 12.98
CA ALA B 810 -41.02 45.39 11.85
C ALA B 810 -39.90 46.28 12.30
N LYS B 811 -40.05 46.89 13.47
CA LYS B 811 -38.95 47.52 14.17
C LYS B 811 -37.76 46.59 14.17
N TYR B 812 -37.86 45.51 14.92
CA TYR B 812 -36.80 44.53 14.95
C TYR B 812 -37.00 43.46 13.92
N GLY B 813 -38.00 43.64 13.06
CA GLY B 813 -38.34 42.58 12.13
C GLY B 813 -37.15 42.10 11.33
N TYR B 814 -36.48 43.01 10.65
CA TYR B 814 -35.42 42.62 9.74
C TYR B 814 -34.09 42.65 10.46
N SER B 815 -33.53 41.47 10.71
CA SER B 815 -32.10 41.42 10.92
C SER B 815 -31.42 41.79 9.63
N ASP B 816 -30.32 42.53 9.74
CA ASP B 816 -29.54 42.82 8.56
C ASP B 816 -29.27 41.50 7.85
N ASP B 817 -28.37 40.74 8.43
CA ASP B 817 -28.08 39.42 7.91
C ASP B 817 -29.32 38.54 7.93
N MET B 818 -29.90 38.33 9.11
CA MET B 818 -30.84 37.23 9.30
C MET B 818 -32.27 37.65 9.02
N GLY B 819 -32.50 38.88 8.56
CA GLY B 819 -33.83 39.26 8.14
C GLY B 819 -34.85 39.09 9.23
N ALA B 820 -36.02 38.61 8.83
CA ALA B 820 -37.06 38.29 9.80
C ALA B 820 -36.84 36.96 10.47
N ARG B 821 -35.94 36.15 9.94
CA ARG B 821 -35.72 34.81 10.47
C ARG B 821 -35.64 34.81 11.99
N PRO B 822 -34.82 35.62 12.63
CA PRO B 822 -34.85 35.64 14.09
C PRO B 822 -36.23 36.01 14.57
N LEU B 823 -36.76 37.09 14.00
CA LEU B 823 -38.07 37.55 14.42
C LEU B 823 -39.08 36.45 14.27
N ASN B 824 -39.02 35.74 13.14
CA ASN B 824 -39.94 34.63 12.97
C ASN B 824 -39.85 33.67 14.13
N ARG B 825 -38.76 33.65 14.88
CA ARG B 825 -38.78 32.92 16.13
C ARG B 825 -39.50 33.67 17.23
N LEU B 826 -39.68 34.97 17.11
CA LEU B 826 -39.97 35.72 18.31
C LEU B 826 -41.41 35.59 18.75
N ILE B 827 -42.35 35.65 17.81
CA ILE B 827 -43.76 35.66 18.14
C ILE B 827 -44.07 34.52 19.09
N GLN B 828 -43.28 33.47 19.00
CA GLN B 828 -43.18 32.47 20.03
C GLN B 828 -43.10 33.09 21.41
N ASN B 829 -42.49 34.25 21.52
CA ASN B 829 -42.01 34.66 22.81
C ASN B 829 -42.80 35.84 23.31
N GLU B 830 -42.44 37.00 22.79
CA GLU B 830 -43.11 38.24 23.14
C GLU B 830 -44.56 38.22 22.72
N ILE B 831 -44.99 37.18 22.01
CA ILE B 831 -46.38 37.09 21.64
C ILE B 831 -46.94 35.82 22.25
N LEU B 832 -46.61 34.68 21.64
CA LEU B 832 -47.10 33.41 22.15
C LEU B 832 -46.79 33.28 23.63
N ASN B 833 -45.52 33.40 23.98
CA ASN B 833 -45.19 33.21 25.38
C ASN B 833 -45.69 34.39 26.21
N LYS B 834 -45.72 35.59 25.61
CA LYS B 834 -46.48 36.64 26.25
C LYS B 834 -47.95 36.28 26.30
N LEU B 835 -48.44 35.53 25.31
CA LEU B 835 -49.80 35.04 25.40
C LEU B 835 -49.88 33.83 26.31
N ALA B 836 -48.77 33.10 26.44
CA ALA B 836 -48.73 32.02 27.40
C ALA B 836 -49.28 32.50 28.73
N LEU B 837 -49.06 33.77 29.04
CA LEU B 837 -49.74 34.47 30.12
C LEU B 837 -51.22 34.11 30.18
N ARG B 838 -51.98 34.57 29.21
CA ARG B 838 -53.36 34.14 29.18
C ARG B 838 -53.42 32.64 28.99
N ILE B 839 -52.60 32.12 28.08
CA ILE B 839 -52.59 30.70 27.77
C ILE B 839 -52.38 29.88 29.03
N LEU B 840 -51.15 29.94 29.56
CA LEU B 840 -50.75 29.00 30.60
C LEU B 840 -51.75 29.01 31.74
N LYS B 841 -52.38 30.15 31.97
CA LYS B 841 -53.45 30.18 32.96
C LYS B 841 -54.75 29.65 32.40
N ASN B 842 -55.06 30.00 31.13
CA ASN B 842 -56.40 30.20 30.57
C ASN B 842 -56.77 31.67 30.73
N GLU B 843 -55.83 32.46 31.25
CA GLU B 843 -56.15 33.65 32.03
C GLU B 843 -57.25 34.50 31.42
N ILE B 844 -57.13 34.87 30.15
CA ILE B 844 -58.28 35.37 29.43
C ILE B 844 -58.70 34.23 28.52
N LYS B 845 -59.98 34.19 28.22
CA LYS B 845 -60.66 32.94 27.94
C LYS B 845 -60.25 32.44 26.55
N ASP B 846 -60.88 31.37 26.09
CA ASP B 846 -60.54 30.91 24.77
C ASP B 846 -61.27 31.74 23.73
N LYS B 847 -60.72 31.77 22.51
CA LYS B 847 -61.27 32.47 21.37
C LYS B 847 -61.08 33.97 21.50
N GLU B 848 -60.45 34.43 22.57
CA GLU B 848 -60.12 35.85 22.71
C GLU B 848 -59.21 36.25 21.55
N THR B 849 -59.06 37.56 21.36
CA THR B 849 -58.08 38.07 20.39
C THR B 849 -57.38 39.30 20.95
N VAL B 850 -56.05 39.26 21.04
CA VAL B 850 -55.28 40.32 21.68
C VAL B 850 -54.02 40.57 20.87
N ASN B 851 -53.40 41.72 21.13
CA ASN B 851 -52.13 42.11 20.57
C ASN B 851 -51.38 42.91 21.61
N VAL B 852 -50.30 43.57 21.19
CA VAL B 852 -49.61 44.52 22.04
C VAL B 852 -49.44 45.82 21.26
N GLN C 1 -3.53 -46.89 5.38
CA GLN C 1 -4.92 -47.25 5.61
C GLN C 1 -5.72 -47.07 4.34
N PHE C 2 -7.00 -47.40 4.36
CA PHE C 2 -7.77 -47.43 3.14
C PHE C 2 -8.00 -46.04 2.56
N THR C 3 -8.33 -46.01 1.26
CA THR C 3 -8.85 -44.81 0.64
C THR C 3 -10.33 -44.67 0.99
N GLU C 4 -10.79 -43.43 1.16
CA GLU C 4 -12.23 -43.23 1.28
C GLU C 4 -12.93 -43.72 0.03
N ARG C 5 -12.27 -43.65 -1.10
CA ARG C 5 -12.86 -44.25 -2.29
C ARG C 5 -12.66 -45.75 -2.31
N ALA C 6 -11.60 -46.25 -1.68
CA ALA C 6 -11.61 -47.65 -1.29
C ALA C 6 -12.80 -47.93 -0.38
N LEU C 7 -12.96 -47.10 0.65
CA LEU C 7 -14.21 -47.10 1.41
C LEU C 7 -15.41 -47.05 0.47
N THR C 8 -15.32 -46.24 -0.57
CA THR C 8 -16.39 -46.21 -1.54
C THR C 8 -16.40 -47.49 -2.38
N ILE C 9 -15.22 -47.97 -2.76
CA ILE C 9 -15.12 -49.34 -3.23
C ILE C 9 -15.75 -50.26 -2.20
N LEU C 10 -15.27 -50.18 -0.96
CA LEU C 10 -15.88 -50.94 0.12
C LEU C 10 -17.37 -50.68 0.19
N THR C 11 -17.78 -49.42 0.06
CA THR C 11 -19.20 -49.08 0.09
C THR C 11 -19.97 -49.97 -0.88
N LEU C 12 -19.49 -50.06 -2.11
CA LEU C 12 -20.22 -50.81 -3.13
C LEU C 12 -20.34 -52.28 -2.76
N ALA C 13 -19.19 -52.97 -2.63
CA ALA C 13 -19.21 -54.39 -2.30
C ALA C 13 -20.09 -54.62 -1.08
N GLN C 14 -20.00 -53.70 -0.11
CA GLN C 14 -20.99 -53.68 0.94
C GLN C 14 -22.36 -53.33 0.39
N LYS C 15 -22.49 -52.20 -0.28
CA LYS C 15 -23.79 -51.83 -0.83
C LYS C 15 -24.36 -52.97 -1.66
N LEU C 16 -23.51 -53.66 -2.40
CA LEU C 16 -23.83 -54.94 -3.00
C LEU C 16 -24.28 -55.90 -1.91
N ALA C 17 -23.37 -56.23 -0.98
CA ALA C 17 -23.73 -57.08 0.13
C ALA C 17 -24.86 -56.47 0.96
N SER C 18 -25.15 -55.19 0.74
CA SER C 18 -26.31 -54.56 1.34
C SER C 18 -27.54 -54.79 0.47
N ASP C 19 -27.57 -54.17 -0.70
CA ASP C 19 -28.69 -54.35 -1.61
C ASP C 19 -28.85 -55.81 -2.00
N HIS C 20 -27.78 -56.41 -2.53
CA HIS C 20 -27.86 -57.80 -2.92
C HIS C 20 -27.72 -58.69 -1.71
N GLN C 21 -27.67 -58.07 -0.53
CA GLN C 21 -27.85 -58.69 0.78
C GLN C 21 -26.96 -59.92 0.96
N HIS C 22 -25.67 -59.67 0.97
CA HIS C 22 -24.75 -60.75 1.26
C HIS C 22 -24.54 -60.72 2.76
N PRO C 23 -24.76 -61.83 3.47
CA PRO C 23 -24.69 -61.80 4.93
C PRO C 23 -23.31 -61.53 5.50
N GLN C 24 -22.26 -61.68 4.71
CA GLN C 24 -20.89 -61.49 5.19
C GLN C 24 -20.10 -60.74 4.12
N LEU C 25 -18.91 -60.29 4.51
CA LEU C 25 -17.95 -59.72 3.59
C LEU C 25 -17.01 -60.83 3.14
N GLN C 26 -17.11 -61.22 1.88
CA GLN C 26 -16.42 -62.37 1.31
C GLN C 26 -15.27 -61.91 0.42
N PRO C 27 -14.49 -62.85 -0.13
CA PRO C 27 -13.42 -62.42 -1.04
C PRO C 27 -13.92 -61.67 -2.26
N ILE C 28 -14.95 -62.19 -2.94
CA ILE C 28 -15.24 -61.75 -4.29
C ILE C 28 -16.19 -60.54 -4.35
N HIS C 29 -16.67 -60.07 -3.19
CA HIS C 29 -17.52 -58.87 -3.15
C HIS C 29 -16.96 -57.72 -3.95
N ILE C 30 -15.64 -57.52 -3.86
CA ILE C 30 -15.08 -56.22 -4.21
C ILE C 30 -14.90 -56.03 -5.70
N LEU C 31 -15.09 -57.08 -6.49
CA LEU C 31 -15.02 -56.92 -7.94
C LEU C 31 -16.14 -56.02 -8.43
N ALA C 32 -17.39 -56.35 -8.06
CA ALA C 32 -18.48 -55.43 -8.35
C ALA C 32 -18.18 -54.07 -7.76
N ALA C 33 -17.61 -54.07 -6.55
CA ALA C 33 -17.08 -52.82 -6.00
C ALA C 33 -16.01 -52.26 -6.90
N PHE C 34 -15.10 -53.11 -7.35
CA PHE C 34 -14.14 -52.67 -8.34
C PHE C 34 -14.85 -52.18 -9.59
N ILE C 35 -15.47 -53.11 -10.34
CA ILE C 35 -16.00 -52.73 -11.63
C ILE C 35 -17.10 -51.68 -11.46
N GLU C 36 -16.94 -50.55 -12.13
CA GLU C 36 -17.99 -49.54 -12.13
C GLU C 36 -19.26 -50.09 -12.76
N THR C 37 -19.12 -50.62 -13.96
CA THR C 37 -20.18 -51.24 -14.75
C THR C 37 -19.36 -51.97 -15.82
N PRO C 38 -19.95 -52.77 -16.78
CA PRO C 38 -19.08 -53.66 -17.60
C PRO C 38 -17.94 -52.93 -18.29
N GLU C 39 -18.00 -51.60 -18.25
CA GLU C 39 -16.90 -50.77 -18.69
C GLU C 39 -15.61 -51.14 -17.96
N ASP C 40 -14.50 -50.88 -18.65
CA ASP C 40 -13.19 -50.81 -18.01
C ASP C 40 -13.06 -49.60 -17.10
N GLY C 41 -14.12 -48.81 -16.96
CA GLY C 41 -14.13 -47.57 -16.20
C GLY C 41 -13.53 -47.70 -14.82
N SER C 42 -13.46 -48.92 -14.32
CA SER C 42 -12.67 -49.24 -13.15
C SER C 42 -11.25 -49.63 -13.56
N VAL C 43 -10.27 -49.02 -12.91
CA VAL C 43 -8.88 -49.42 -13.04
C VAL C 43 -8.73 -50.92 -12.88
N PRO C 44 -9.54 -51.60 -12.07
CA PRO C 44 -9.51 -53.07 -12.10
C PRO C 44 -10.10 -53.74 -13.34
N TYR C 45 -10.86 -53.08 -14.22
CA TYR C 45 -11.68 -53.92 -15.10
C TYR C 45 -10.98 -54.44 -16.36
N LEU C 46 -10.73 -53.58 -17.36
CA LEU C 46 -10.27 -54.13 -18.64
C LEU C 46 -8.96 -53.52 -19.15
N GLN C 47 -8.94 -52.21 -19.37
CA GLN C 47 -7.71 -51.46 -19.60
C GLN C 47 -6.84 -51.60 -18.35
N ASN C 48 -7.39 -52.36 -17.44
CA ASN C 48 -6.99 -52.53 -16.07
C ASN C 48 -5.59 -53.11 -15.93
N LEU C 49 -5.11 -53.02 -14.70
CA LEU C 49 -3.96 -53.79 -14.26
C LEU C 49 -4.05 -55.24 -14.74
N ILE C 50 -5.27 -55.79 -14.72
CA ILE C 50 -5.42 -57.24 -14.86
C ILE C 50 -5.21 -57.68 -16.31
N GLU C 51 -6.14 -57.30 -17.20
CA GLU C 51 -6.19 -57.91 -18.53
C GLU C 51 -4.85 -57.83 -19.23
N LYS C 52 -4.28 -56.62 -19.31
CA LYS C 52 -3.07 -56.45 -20.09
C LYS C 52 -1.84 -56.94 -19.34
N GLY C 53 -1.85 -56.80 -18.00
CA GLY C 53 -0.65 -57.11 -17.24
C GLY C 53 -0.29 -58.59 -17.27
N ARG C 54 -1.24 -59.44 -16.91
CA ARG C 54 -1.01 -60.88 -16.96
C ARG C 54 -2.13 -61.57 -17.73
N TYR C 55 -3.34 -61.61 -17.15
CA TYR C 55 -4.45 -62.36 -17.72
C TYR C 55 -5.70 -61.47 -17.79
N ASP C 56 -6.58 -61.75 -18.76
CA ASP C 56 -7.79 -60.94 -18.93
C ASP C 56 -8.74 -61.11 -17.76
N TYR C 57 -9.22 -59.99 -17.22
CA TYR C 57 -10.25 -60.08 -16.20
C TYR C 57 -11.65 -60.27 -16.78
N ASP C 58 -11.91 -59.78 -17.99
CA ASP C 58 -13.27 -59.90 -18.51
C ASP C 58 -13.75 -61.33 -18.47
N LEU C 59 -12.86 -62.29 -18.76
CA LEU C 59 -13.12 -63.68 -18.43
C LEU C 59 -13.51 -63.79 -16.97
N PHE C 60 -12.57 -63.49 -16.07
CA PHE C 60 -12.88 -63.58 -14.65
C PHE C 60 -13.88 -62.51 -14.24
N LYS C 61 -14.18 -61.55 -15.12
CA LYS C 61 -15.45 -60.84 -15.02
C LYS C 61 -16.60 -61.73 -15.45
N LYS C 62 -16.51 -62.26 -16.67
CA LYS C 62 -17.63 -63.00 -17.24
C LYS C 62 -18.11 -64.08 -16.30
N VAL C 63 -17.17 -64.75 -15.61
CA VAL C 63 -17.56 -65.86 -14.75
C VAL C 63 -18.10 -65.36 -13.42
N VAL C 64 -17.46 -64.35 -12.81
CA VAL C 64 -17.93 -63.88 -11.50
C VAL C 64 -19.29 -63.23 -11.58
N ASN C 65 -19.80 -62.99 -12.78
CA ASN C 65 -21.18 -62.58 -12.93
C ASN C 65 -22.08 -63.48 -12.11
N ARG C 66 -21.81 -64.80 -12.14
CA ARG C 66 -22.53 -65.75 -11.30
C ARG C 66 -22.10 -65.66 -9.85
N ASN C 67 -20.79 -65.58 -9.62
CA ASN C 67 -20.30 -65.54 -8.25
C ASN C 67 -21.02 -64.46 -7.46
N LEU C 68 -21.17 -63.30 -8.06
CA LEU C 68 -22.03 -62.28 -7.49
C LEU C 68 -23.41 -62.84 -7.18
N VAL C 69 -23.99 -63.55 -8.14
CA VAL C 69 -25.37 -63.99 -7.97
C VAL C 69 -25.46 -65.29 -7.18
N ARG C 70 -24.35 -65.99 -6.99
CA ARG C 70 -24.48 -67.22 -6.23
C ARG C 70 -24.44 -66.98 -4.73
N ILE C 71 -24.37 -65.72 -4.32
CA ILE C 71 -24.54 -65.41 -2.89
C ILE C 71 -25.92 -65.89 -2.45
N PRO C 72 -26.08 -66.39 -1.23
CA PRO C 72 -27.38 -66.87 -0.76
C PRO C 72 -28.32 -65.73 -0.37
N GLN C 73 -29.60 -66.09 -0.20
CA GLN C 73 -30.59 -65.16 0.30
C GLN C 73 -30.32 -64.81 1.76
N GLN C 74 -30.69 -63.59 2.13
CA GLN C 74 -30.67 -63.08 3.50
C GLN C 74 -32.09 -62.63 3.86
N GLN C 75 -32.24 -62.14 5.08
CA GLN C 75 -33.47 -61.48 5.51
C GLN C 75 -33.10 -60.03 5.82
N PRO C 76 -34.04 -59.13 6.17
CA PRO C 76 -33.71 -57.69 6.06
C PRO C 76 -32.51 -57.24 6.89
N ALA C 77 -32.47 -57.55 8.18
CA ALA C 77 -31.41 -56.99 9.02
C ALA C 77 -30.03 -57.58 8.75
N PRO C 78 -29.83 -58.91 8.77
CA PRO C 78 -28.47 -59.45 8.98
C PRO C 78 -27.49 -59.27 7.84
N ALA C 79 -27.90 -58.87 6.63
CA ALA C 79 -26.98 -58.87 5.49
C ALA C 79 -25.70 -58.09 5.81
N GLU C 80 -24.56 -58.74 5.56
CA GLU C 80 -23.20 -58.23 5.78
C GLU C 80 -23.06 -57.50 7.12
N ILE C 81 -23.57 -58.12 8.18
CA ILE C 81 -23.52 -57.45 9.47
C ILE C 81 -22.15 -57.58 10.12
N THR C 82 -21.21 -58.27 9.48
CA THR C 82 -19.90 -58.53 10.07
C THR C 82 -18.78 -57.87 9.26
N PRO C 83 -17.73 -57.40 9.93
CA PRO C 83 -16.53 -56.99 9.20
C PRO C 83 -15.80 -58.16 8.59
N SER C 84 -16.01 -59.38 9.11
CA SER C 84 -15.47 -60.60 8.52
C SER C 84 -13.95 -60.52 8.42
N TYR C 85 -13.29 -60.61 9.56
CA TYR C 85 -11.84 -60.51 9.59
C TYR C 85 -11.20 -61.49 8.62
N ALA C 86 -11.86 -62.64 8.37
CA ALA C 86 -11.43 -63.51 7.30
C ALA C 86 -11.23 -62.72 6.02
N LEU C 87 -12.20 -61.86 5.69
CA LEU C 87 -11.95 -60.83 4.69
C LEU C 87 -11.26 -59.62 5.30
N GLY C 88 -11.69 -59.22 6.50
CA GLY C 88 -11.31 -57.99 7.17
C GLY C 88 -9.93 -57.92 7.77
N LYS C 89 -9.09 -58.94 7.58
CA LYS C 89 -7.68 -58.77 7.91
C LYS C 89 -7.03 -57.73 7.01
N VAL C 90 -7.59 -57.56 5.81
CA VAL C 90 -7.14 -56.55 4.87
C VAL C 90 -7.24 -55.16 5.48
N LEU C 91 -8.11 -54.99 6.47
CA LEU C 91 -8.07 -53.78 7.29
C LEU C 91 -6.64 -53.48 7.71
N GLN C 92 -5.95 -54.47 8.25
CA GLN C 92 -4.50 -54.38 8.33
C GLN C 92 -3.79 -54.84 7.06
N ASP C 93 -4.24 -55.96 6.48
CA ASP C 93 -3.42 -56.66 5.49
C ASP C 93 -3.17 -55.82 4.25
N ALA C 94 -4.08 -54.91 3.91
CA ALA C 94 -3.89 -54.13 2.69
C ALA C 94 -2.74 -53.15 2.79
N ALA C 95 -2.15 -52.97 3.96
CA ALA C 95 -1.09 -51.98 4.13
C ALA C 95 0.14 -52.29 3.29
N LYS C 96 0.18 -53.45 2.62
CA LYS C 96 1.30 -53.92 1.81
C LYS C 96 1.85 -52.82 0.92
N ILE C 97 1.09 -52.50 -0.13
CA ILE C 97 1.56 -51.70 -1.23
C ILE C 97 1.12 -50.25 -1.13
N GLN C 98 0.44 -49.86 -0.03
CA GLN C 98 -0.07 -48.49 0.06
C GLN C 98 1.04 -47.46 -0.12
N LYS C 99 2.13 -47.58 0.64
CA LYS C 99 3.23 -46.62 0.57
C LYS C 99 4.16 -46.91 -0.59
N GLN C 100 4.26 -48.18 -1.01
CA GLN C 100 5.32 -48.62 -1.91
C GLN C 100 5.20 -48.04 -3.31
N GLN C 101 4.08 -47.37 -3.61
CA GLN C 101 3.92 -46.52 -4.79
C GLN C 101 4.48 -45.13 -4.53
N LYS C 102 5.15 -44.94 -3.38
CA LYS C 102 5.58 -43.66 -2.83
C LYS C 102 4.37 -42.82 -2.45
N ASP C 103 3.58 -43.31 -1.50
CA ASP C 103 2.24 -42.79 -1.22
C ASP C 103 2.01 -42.75 0.29
N SER C 104 0.75 -42.52 0.67
CA SER C 104 0.33 -42.49 2.06
C SER C 104 -0.42 -43.75 2.49
N PHE C 105 -1.62 -43.98 1.95
CA PHE C 105 -2.57 -44.95 2.48
C PHE C 105 -3.12 -45.84 1.36
N ILE C 106 -3.95 -46.83 1.74
CA ILE C 106 -4.22 -47.98 0.84
C ILE C 106 -5.24 -47.58 -0.21
N ALA C 107 -5.17 -48.28 -1.35
CA ALA C 107 -5.97 -47.96 -2.52
C ALA C 107 -6.62 -49.23 -3.06
N GLN C 108 -7.40 -49.03 -4.12
CA GLN C 108 -8.28 -50.04 -4.70
C GLN C 108 -7.48 -51.25 -5.13
N ASP C 109 -6.60 -51.06 -6.11
CA ASP C 109 -5.65 -52.11 -6.48
C ASP C 109 -4.94 -52.60 -5.25
N HIS C 110 -4.71 -51.70 -4.31
CA HIS C 110 -3.77 -51.90 -3.22
C HIS C 110 -4.40 -52.66 -2.07
N ILE C 111 -5.65 -52.37 -1.74
CA ILE C 111 -6.40 -53.34 -0.95
C ILE C 111 -6.52 -54.64 -1.72
N LEU C 112 -6.85 -54.56 -3.01
CA LEU C 112 -6.85 -55.73 -3.87
C LEU C 112 -5.49 -56.40 -3.87
N PHE C 113 -4.45 -55.60 -3.78
CA PHE C 113 -3.11 -56.16 -3.80
C PHE C 113 -2.95 -57.26 -2.77
N ALA C 114 -3.36 -56.98 -1.52
CA ALA C 114 -3.42 -58.01 -0.50
C ALA C 114 -4.53 -59.01 -0.73
N LEU C 115 -5.43 -58.76 -1.67
CA LEU C 115 -6.50 -59.71 -1.90
C LEU C 115 -6.06 -60.91 -2.71
N PHE C 116 -5.10 -60.75 -3.62
CA PHE C 116 -4.51 -61.92 -4.26
C PHE C 116 -4.05 -62.93 -3.21
N ASN C 117 -3.59 -62.44 -2.08
CA ASN C 117 -3.50 -63.28 -0.90
C ASN C 117 -4.89 -63.61 -0.37
N ASP C 118 -5.72 -62.59 -0.13
CA ASP C 118 -7.00 -62.76 0.53
C ASP C 118 -8.13 -63.08 -0.45
N SER C 119 -8.56 -62.07 -1.20
CA SER C 119 -9.74 -62.19 -2.06
C SER C 119 -9.32 -62.71 -3.42
N SER C 120 -9.81 -63.89 -3.77
CA SER C 120 -9.42 -64.58 -4.98
C SER C 120 -10.21 -65.88 -5.02
N ILE C 121 -10.29 -66.45 -6.20
CA ILE C 121 -10.84 -67.78 -6.30
C ILE C 121 -9.68 -68.65 -6.75
N GLN C 122 -9.00 -69.29 -5.83
CA GLN C 122 -7.74 -69.93 -6.14
C GLN C 122 -8.02 -71.41 -6.26
N GLN C 123 -8.06 -71.90 -7.50
CA GLN C 123 -8.75 -73.14 -7.79
C GLN C 123 -8.03 -73.86 -8.93
N ILE C 124 -8.68 -74.91 -9.46
CA ILE C 124 -8.15 -75.65 -10.60
C ILE C 124 -7.80 -74.70 -11.73
N PHE C 125 -8.77 -73.89 -12.15
CA PHE C 125 -8.45 -72.62 -12.78
C PHE C 125 -8.40 -71.63 -11.64
N LYS C 126 -7.20 -71.20 -11.29
CA LYS C 126 -7.09 -70.29 -10.16
C LYS C 126 -7.61 -68.94 -10.62
N GLU C 127 -8.63 -68.44 -9.96
CA GLU C 127 -9.06 -67.10 -10.24
C GLU C 127 -8.47 -66.27 -9.13
N ALA C 128 -7.28 -65.77 -9.42
CA ALA C 128 -6.51 -64.85 -8.61
C ALA C 128 -5.66 -64.12 -9.62
N GLN C 129 -5.49 -62.83 -9.43
CA GLN C 129 -5.07 -62.05 -10.58
C GLN C 129 -3.77 -61.33 -10.27
N VAL C 130 -3.38 -60.39 -11.13
CA VAL C 130 -1.99 -60.27 -11.57
C VAL C 130 -1.04 -60.48 -10.40
N ASP C 131 -0.11 -61.44 -10.59
CA ASP C 131 0.24 -62.37 -9.52
C ASP C 131 1.21 -61.85 -8.48
N ILE C 132 2.50 -61.79 -8.83
CA ILE C 132 3.51 -61.44 -7.84
C ILE C 132 3.80 -59.95 -7.93
N GLU C 133 4.52 -59.53 -8.95
CA GLU C 133 4.70 -58.11 -9.22
C GLU C 133 3.52 -57.52 -9.96
N ALA C 134 2.91 -58.31 -10.85
CA ALA C 134 2.13 -57.78 -11.96
C ALA C 134 1.11 -56.75 -11.49
N ILE C 135 0.41 -57.01 -10.40
CA ILE C 135 -0.42 -55.96 -9.83
C ILE C 135 0.42 -54.75 -9.44
N LYS C 136 1.27 -54.89 -8.42
CA LYS C 136 2.19 -53.83 -8.06
C LYS C 136 2.87 -53.25 -9.28
N GLN C 137 3.35 -54.14 -10.14
CA GLN C 137 3.82 -53.77 -11.45
C GLN C 137 2.79 -52.86 -12.08
N GLN C 138 1.65 -53.45 -12.47
CA GLN C 138 0.63 -52.67 -13.13
C GLN C 138 0.05 -51.61 -12.21
N ALA C 139 0.15 -51.79 -10.88
CA ALA C 139 -0.16 -50.69 -9.98
C ALA C 139 0.73 -49.50 -10.28
N LEU C 140 2.04 -49.75 -10.41
CA LEU C 140 2.92 -48.72 -10.95
C LEU C 140 2.71 -48.56 -12.44
N GLU C 141 2.59 -49.66 -13.18
CA GLU C 141 2.56 -49.55 -14.64
C GLU C 141 1.35 -48.76 -15.12
N LEU C 142 0.26 -48.78 -14.37
CA LEU C 142 -0.82 -47.84 -14.59
C LEU C 142 -0.72 -46.74 -13.56
N ARG C 143 -0.38 -45.53 -14.02
CA ARG C 143 -0.21 -44.45 -13.07
C ARG C 143 0.76 -44.94 -12.01
N GLY C 144 0.29 -45.22 -10.82
CA GLY C 144 1.22 -45.67 -9.80
C GLY C 144 1.63 -44.43 -9.06
N ASN C 145 1.87 -44.54 -7.76
CA ASN C 145 1.55 -43.42 -6.89
C ASN C 145 0.10 -43.03 -7.17
N THR C 146 -0.74 -44.07 -7.27
CA THR C 146 -2.07 -43.92 -7.84
C THR C 146 -3.00 -43.12 -6.94
N ARG C 147 -2.70 -43.07 -5.65
CA ARG C 147 -3.58 -42.41 -4.69
C ARG C 147 -2.74 -41.95 -3.50
N ILE C 148 -3.31 -41.06 -2.70
CA ILE C 148 -2.64 -40.62 -1.49
C ILE C 148 -3.49 -40.93 -0.28
N ASP C 149 -4.52 -40.11 -0.06
CA ASP C 149 -5.46 -40.33 1.04
C ASP C 149 -6.87 -40.03 0.56
N SER C 150 -7.72 -41.05 0.53
CA SER C 150 -9.16 -40.88 0.62
C SER C 150 -9.77 -40.06 -0.51
N ARG C 151 -8.95 -39.38 -1.31
CA ARG C 151 -9.41 -38.33 -2.20
C ARG C 151 -9.26 -38.77 -3.65
N GLY C 152 -10.34 -38.68 -4.40
CA GLY C 152 -10.38 -39.09 -5.78
C GLY C 152 -10.67 -40.57 -5.92
N ALA C 153 -11.37 -40.92 -6.98
CA ALA C 153 -11.87 -42.29 -7.13
C ALA C 153 -10.72 -43.26 -7.03
N ASP C 154 -10.87 -44.27 -6.17
CA ASP C 154 -9.73 -45.07 -5.79
C ASP C 154 -9.28 -45.87 -7.00
N THR C 155 -8.03 -45.65 -7.41
CA THR C 155 -7.60 -46.04 -8.75
C THR C 155 -8.74 -45.65 -9.70
N ASN C 156 -8.93 -44.34 -9.81
CA ASN C 156 -9.94 -43.72 -10.65
C ASN C 156 -9.67 -43.99 -12.12
N THR C 157 -10.66 -43.70 -12.95
CA THR C 157 -10.54 -43.89 -14.39
C THR C 157 -9.75 -45.16 -14.70
N PRO C 158 -9.51 -45.40 -15.99
CA PRO C 158 -8.77 -46.58 -16.44
C PRO C 158 -7.33 -46.56 -15.96
N LEU C 159 -6.73 -45.38 -15.90
CA LEU C 159 -5.35 -45.23 -15.45
C LEU C 159 -5.29 -44.85 -13.97
N GLU C 160 -5.18 -43.56 -13.70
CA GLU C 160 -5.10 -43.07 -12.33
C GLU C 160 -5.62 -41.64 -12.23
N TYR C 161 -4.72 -40.69 -11.96
CA TYR C 161 -5.09 -39.29 -11.84
C TYR C 161 -4.94 -38.57 -13.17
N LEU C 162 -4.61 -37.28 -13.12
CA LEU C 162 -4.44 -36.48 -14.32
C LEU C 162 -5.66 -36.44 -15.21
N SER C 163 -5.95 -37.58 -15.84
CA SER C 163 -6.85 -37.61 -16.98
C SER C 163 -8.15 -36.89 -16.69
N LYS C 164 -8.53 -36.83 -15.42
CA LYS C 164 -9.61 -35.95 -15.01
C LYS C 164 -9.32 -34.53 -15.45
N TYR C 165 -8.22 -33.97 -14.97
CA TYR C 165 -7.86 -32.63 -15.38
C TYR C 165 -6.91 -32.61 -16.54
N ALA C 166 -6.36 -33.74 -16.92
CA ALA C 166 -5.53 -33.79 -18.11
C ALA C 166 -6.41 -33.64 -19.34
N ILE C 167 -6.12 -32.66 -20.18
CA ILE C 167 -6.93 -32.34 -21.34
C ILE C 167 -6.02 -32.30 -22.56
N ASP C 168 -6.31 -33.14 -23.54
CA ASP C 168 -5.48 -33.23 -24.73
C ASP C 168 -6.32 -32.98 -25.97
N MET C 169 -5.94 -31.99 -26.73
CA MET C 169 -6.59 -31.77 -28.00
C MET C 169 -5.85 -32.38 -29.17
N THR C 170 -4.61 -32.85 -28.98
CA THR C 170 -3.99 -33.63 -30.05
C THR C 170 -4.94 -34.71 -30.47
N GLU C 171 -5.59 -35.30 -29.48
CA GLU C 171 -6.80 -36.05 -29.65
C GLU C 171 -7.71 -35.23 -30.55
N GLN C 172 -8.26 -34.14 -30.00
CA GLN C 172 -9.24 -33.37 -30.74
C GLN C 172 -8.72 -32.98 -32.10
N ALA C 173 -7.42 -32.75 -32.20
CA ALA C 173 -6.76 -32.67 -33.49
C ALA C 173 -6.97 -33.97 -34.24
N ARG C 174 -6.35 -35.05 -33.76
CA ARG C 174 -6.53 -36.35 -34.40
C ARG C 174 -7.97 -36.78 -34.36
N GLN C 175 -8.77 -36.15 -33.52
CA GLN C 175 -10.22 -36.25 -33.56
C GLN C 175 -10.84 -35.18 -34.45
N GLY C 176 -10.03 -34.30 -35.03
CA GLY C 176 -10.56 -33.31 -35.94
C GLY C 176 -11.35 -32.22 -35.27
N LYS C 177 -11.46 -32.25 -33.94
CA LYS C 177 -12.26 -31.25 -33.25
C LYS C 177 -11.70 -29.85 -33.39
N LEU C 178 -10.43 -29.70 -33.75
CA LEU C 178 -9.74 -28.43 -33.57
C LEU C 178 -9.81 -27.57 -34.81
N ASP C 179 -9.97 -26.28 -34.59
CA ASP C 179 -9.94 -25.32 -35.65
C ASP C 179 -8.54 -25.26 -36.23
N PRO C 180 -8.38 -25.29 -37.54
CA PRO C 180 -7.09 -24.89 -38.11
C PRO C 180 -6.82 -23.43 -37.75
N VAL C 181 -5.54 -23.10 -37.66
CA VAL C 181 -5.12 -21.77 -37.25
C VAL C 181 -4.33 -21.19 -38.39
N ILE C 182 -4.07 -19.89 -38.33
CA ILE C 182 -3.24 -19.27 -39.34
C ILE C 182 -2.24 -18.37 -38.66
N GLY C 183 -1.15 -18.11 -39.36
CA GLY C 183 -0.43 -16.87 -39.19
C GLY C 183 0.27 -16.70 -37.87
N ARG C 184 0.01 -17.60 -36.93
CA ARG C 184 0.81 -17.69 -35.73
C ARG C 184 1.93 -18.67 -35.92
N GLU C 185 2.10 -19.11 -37.14
CA GLU C 185 2.92 -20.22 -37.52
C GLU C 185 4.33 -20.13 -36.95
N GLU C 186 5.14 -19.26 -37.52
CA GLU C 186 6.48 -19.11 -36.99
C GLU C 186 6.43 -18.54 -35.60
N GLU C 187 5.37 -17.81 -35.30
CA GLU C 187 5.09 -17.44 -33.93
C GLU C 187 5.05 -18.69 -33.09
N ILE C 188 4.24 -19.66 -33.51
CA ILE C 188 4.34 -20.96 -32.90
C ILE C 188 5.77 -21.45 -33.01
N ARG C 189 6.31 -21.42 -34.22
CA ARG C 189 7.70 -21.82 -34.40
C ARG C 189 8.58 -21.11 -33.38
N SER C 190 8.27 -19.85 -33.08
CA SER C 190 8.98 -19.17 -32.02
C SER C 190 8.65 -19.80 -30.67
N THR C 191 7.37 -20.01 -30.40
CA THR C 191 7.02 -20.82 -29.25
C THR C 191 7.72 -22.15 -29.35
N ILE C 192 7.53 -22.81 -30.48
CA ILE C 192 8.32 -24.00 -30.77
C ILE C 192 9.78 -23.70 -30.52
N ARG C 193 10.24 -22.55 -30.99
CA ARG C 193 11.62 -22.19 -30.76
C ARG C 193 11.90 -22.16 -29.27
N VAL C 194 10.94 -21.69 -28.48
CA VAL C 194 11.15 -21.68 -27.04
C VAL C 194 11.59 -23.04 -26.57
N LEU C 195 11.19 -24.07 -27.28
CA LEU C 195 11.07 -25.35 -26.62
C LEU C 195 12.39 -26.09 -26.51
N ALA C 196 13.40 -25.67 -27.26
CA ALA C 196 14.60 -26.50 -27.26
C ALA C 196 15.48 -26.24 -26.06
N ARG C 197 15.25 -25.17 -25.34
CA ARG C 197 16.28 -24.68 -24.44
C ARG C 197 16.27 -25.50 -23.17
N ARG C 198 17.37 -26.22 -22.95
CA ARG C 198 17.64 -26.78 -21.64
C ARG C 198 17.50 -25.74 -20.57
N ILE C 199 17.79 -24.49 -20.89
CA ILE C 199 17.54 -23.47 -19.91
C ILE C 199 16.05 -23.25 -19.78
N LYS C 200 15.41 -22.69 -20.79
CA LYS C 200 13.98 -22.50 -20.71
C LYS C 200 13.32 -22.93 -22.00
N SER C 201 12.56 -24.01 -21.93
CA SER C 201 11.59 -24.34 -22.95
C SER C 201 10.24 -23.70 -22.67
N ASN C 202 10.17 -22.85 -21.67
CA ASN C 202 8.87 -22.48 -21.15
C ASN C 202 8.44 -21.10 -21.62
N PRO C 203 7.50 -21.04 -22.55
CA PRO C 203 7.05 -19.75 -23.07
C PRO C 203 6.08 -19.04 -22.15
N CYS C 204 5.91 -17.75 -22.43
CA CYS C 204 4.78 -16.96 -21.97
C CYS C 204 4.32 -16.09 -23.12
N LEU C 205 3.02 -15.99 -23.32
CA LEU C 205 2.47 -15.34 -24.50
C LEU C 205 1.77 -14.05 -24.11
N ILE C 206 2.38 -12.92 -24.46
CA ILE C 206 1.89 -11.63 -24.03
C ILE C 206 0.96 -11.10 -25.11
N GLY C 207 -0.20 -10.62 -24.70
CA GLY C 207 -1.05 -9.93 -25.63
C GLY C 207 -2.52 -10.03 -25.28
N GLU C 208 -3.31 -9.35 -26.10
CA GLU C 208 -4.71 -9.09 -25.82
C GLU C 208 -5.45 -10.40 -25.58
N PRO C 209 -6.44 -10.40 -24.69
CA PRO C 209 -7.34 -11.55 -24.61
C PRO C 209 -8.07 -11.74 -25.93
N GLY C 210 -8.61 -12.94 -26.12
CA GLY C 210 -9.44 -13.21 -27.28
C GLY C 210 -8.65 -13.22 -28.57
N ILE C 211 -7.34 -12.99 -28.46
CA ILE C 211 -6.52 -12.91 -29.64
C ILE C 211 -6.32 -14.27 -30.29
N GLY C 212 -6.73 -15.34 -29.61
CA GLY C 212 -6.41 -16.68 -30.06
C GLY C 212 -5.41 -17.40 -29.19
N LYS C 213 -4.98 -16.80 -28.08
CA LYS C 213 -3.94 -17.39 -27.25
C LYS C 213 -4.19 -18.87 -27.02
N THR C 214 -5.41 -19.23 -26.67
CA THR C 214 -5.62 -20.66 -26.54
C THR C 214 -5.72 -21.27 -27.93
N ALA C 215 -6.47 -20.64 -28.83
CA ALA C 215 -6.57 -21.17 -30.18
C ALA C 215 -5.20 -21.32 -30.79
N ILE C 216 -4.28 -20.45 -30.38
CA ILE C 216 -2.88 -20.64 -30.71
C ILE C 216 -2.47 -22.07 -30.46
N ILE C 217 -2.81 -22.59 -29.29
CA ILE C 217 -2.34 -23.90 -28.91
C ILE C 217 -2.76 -24.93 -29.93
N GLU C 218 -3.85 -24.67 -30.64
CA GLU C 218 -4.27 -25.61 -31.67
C GLU C 218 -3.10 -25.88 -32.60
N GLY C 219 -2.76 -24.89 -33.42
CA GLY C 219 -1.66 -25.06 -34.34
C GLY C 219 -0.44 -25.61 -33.67
N VAL C 220 -0.19 -25.16 -32.43
CA VAL C 220 0.85 -25.76 -31.61
C VAL C 220 0.65 -27.25 -31.70
N ALA C 221 -0.42 -27.72 -31.11
CA ALA C 221 -0.70 -29.15 -31.15
C ALA C 221 -0.93 -29.61 -32.58
N GLN C 222 -1.68 -28.84 -33.36
CA GLN C 222 -1.95 -29.26 -34.72
C GLN C 222 -0.66 -29.59 -35.42
N ARG C 223 0.27 -28.65 -35.45
CA ARG C 223 1.57 -28.96 -36.03
C ARG C 223 2.27 -30.05 -35.24
N ILE C 224 1.95 -30.20 -33.97
CA ILE C 224 2.51 -31.33 -33.23
C ILE C 224 1.99 -32.64 -33.77
N ILE C 225 0.68 -32.79 -33.85
CA ILE C 225 0.18 -34.03 -34.45
C ILE C 225 0.51 -34.08 -35.92
N ASP C 226 0.71 -32.92 -36.55
CA ASP C 226 1.31 -32.93 -37.88
C ASP C 226 2.72 -33.48 -37.84
N ASP C 227 3.27 -33.67 -36.65
CA ASP C 227 4.67 -33.94 -36.41
C ASP C 227 5.54 -32.82 -36.95
N ASP C 228 4.95 -31.65 -37.14
CA ASP C 228 5.77 -30.45 -37.22
C ASP C 228 6.37 -30.17 -35.86
N VAL C 229 5.86 -30.83 -34.83
CA VAL C 229 6.56 -31.00 -33.57
C VAL C 229 7.91 -31.61 -33.91
N PRO C 230 9.01 -30.98 -33.54
CA PRO C 230 10.31 -31.54 -33.90
C PRO C 230 10.78 -32.58 -32.92
N THR C 231 11.95 -33.14 -33.21
CA THR C 231 12.43 -34.38 -32.61
C THR C 231 12.22 -34.42 -31.12
N ILE C 232 12.99 -33.60 -30.41
CA ILE C 232 12.84 -33.50 -28.97
C ILE C 232 11.39 -33.32 -28.62
N LEU C 233 10.69 -32.51 -29.40
CA LEU C 233 9.36 -32.12 -29.01
C LEU C 233 8.34 -33.21 -29.31
N GLN C 234 8.62 -34.08 -30.28
CA GLN C 234 7.61 -34.99 -30.78
C GLN C 234 6.98 -35.81 -29.67
N GLY C 235 7.78 -36.25 -28.70
CA GLY C 235 7.26 -37.12 -27.67
C GLY C 235 6.15 -36.50 -26.87
N ALA C 236 6.21 -35.18 -26.67
CA ALA C 236 5.15 -34.54 -25.94
C ALA C 236 3.86 -34.53 -26.76
N LYS C 237 2.76 -34.30 -26.05
CA LYS C 237 1.45 -34.11 -26.65
C LYS C 237 0.76 -32.97 -25.90
N LEU C 238 -0.50 -32.73 -26.21
CA LEU C 238 -1.19 -31.60 -25.63
C LEU C 238 -1.61 -31.92 -24.21
N PHE C 239 -1.25 -31.05 -23.29
CA PHE C 239 -1.92 -30.95 -22.00
C PHE C 239 -1.80 -29.54 -21.49
N SER C 240 -2.85 -29.10 -20.81
CA SER C 240 -2.94 -27.76 -20.27
C SER C 240 -3.96 -27.78 -19.15
N LEU C 241 -3.88 -26.79 -18.28
CA LEU C 241 -4.77 -26.80 -17.12
C LEU C 241 -6.15 -26.28 -17.48
N ASP C 242 -7.15 -27.03 -17.10
CA ASP C 242 -8.51 -26.53 -17.04
C ASP C 242 -8.80 -26.30 -15.57
N LEU C 243 -8.85 -25.04 -15.18
CA LEU C 243 -8.84 -24.73 -13.76
C LEU C 243 -10.00 -25.39 -13.10
N ALA C 244 -9.68 -26.22 -12.12
CA ALA C 244 -10.68 -26.94 -11.35
C ALA C 244 -10.85 -26.24 -10.03
N ALA C 245 -12.09 -26.19 -9.56
CA ALA C 245 -12.31 -25.86 -8.17
C ALA C 245 -11.54 -26.85 -7.32
N LEU C 246 -10.82 -26.34 -6.33
CA LEU C 246 -10.12 -27.24 -5.43
C LEU C 246 -11.07 -28.11 -4.62
N THR C 247 -12.35 -27.75 -4.58
CA THR C 247 -13.37 -28.53 -3.89
C THR C 247 -12.99 -28.71 -2.42
N GLY C 254 -9.96 -28.94 3.14
CA GLY C 254 -10.18 -27.52 2.98
C GLY C 254 -9.59 -26.94 1.71
N ASP C 255 -8.26 -26.87 1.66
CA ASP C 255 -7.54 -26.31 0.52
C ASP C 255 -6.75 -27.44 -0.15
N PHE C 256 -7.24 -27.88 -1.30
CA PHE C 256 -6.92 -29.18 -1.87
C PHE C 256 -5.84 -29.14 -2.94
N GLU C 257 -5.11 -28.02 -3.07
CA GLU C 257 -4.11 -27.88 -4.13
C GLU C 257 -3.19 -29.08 -4.23
N GLU C 258 -3.09 -29.86 -3.16
CA GLU C 258 -2.47 -31.17 -3.26
C GLU C 258 -2.96 -31.91 -4.48
N ARG C 259 -4.28 -31.88 -4.71
CA ARG C 259 -4.82 -32.39 -5.95
C ARG C 259 -4.05 -31.84 -7.12
N PHE C 260 -3.98 -30.52 -7.16
CA PHE C 260 -3.25 -29.81 -8.17
C PHE C 260 -1.75 -29.99 -7.98
N LYS C 261 -1.33 -30.34 -6.77
CA LYS C 261 0.01 -30.90 -6.63
C LYS C 261 0.07 -32.29 -7.21
N GLY C 262 -1.06 -32.99 -7.20
CA GLY C 262 -1.06 -34.37 -7.65
C GLY C 262 -0.52 -34.50 -9.05
N VAL C 263 -1.15 -33.78 -9.98
CA VAL C 263 -0.76 -33.83 -11.38
C VAL C 263 0.74 -33.70 -11.56
N LEU C 264 1.36 -32.90 -10.72
CA LEU C 264 2.69 -32.40 -10.97
C LEU C 264 3.67 -33.54 -11.17
N LYS C 265 3.96 -34.26 -10.11
CA LYS C 265 4.84 -35.40 -10.29
C LYS C 265 4.22 -36.43 -11.21
N GLU C 266 2.89 -36.52 -11.20
CA GLU C 266 2.21 -37.40 -12.13
C GLU C 266 2.67 -37.11 -13.55
N ILE C 267 2.39 -35.90 -14.03
CA ILE C 267 2.94 -35.53 -15.34
C ILE C 267 4.44 -35.60 -15.31
N GLU C 268 5.06 -35.33 -14.16
CA GLU C 268 6.50 -35.45 -14.10
C GLU C 268 6.92 -36.90 -14.30
N GLU C 269 6.29 -37.81 -13.55
CA GLU C 269 6.53 -39.21 -13.80
C GLU C 269 6.16 -39.60 -15.22
N SER C 270 5.26 -38.84 -15.85
CA SER C 270 4.61 -39.27 -17.08
C SER C 270 5.55 -39.36 -18.27
N LYS C 271 6.80 -38.96 -18.13
CA LYS C 271 7.81 -39.11 -19.17
C LYS C 271 7.44 -38.30 -20.43
N THR C 272 7.44 -36.98 -20.24
CA THR C 272 7.50 -35.97 -21.30
C THR C 272 6.60 -36.30 -22.48
N LEU C 273 5.53 -37.04 -22.23
CA LEU C 273 4.63 -37.46 -23.30
C LEU C 273 3.71 -36.35 -23.71
N ILE C 274 3.69 -35.27 -22.95
CA ILE C 274 2.77 -34.17 -23.17
C ILE C 274 3.46 -32.87 -22.81
N VAL C 275 2.69 -31.80 -22.92
CA VAL C 275 3.14 -30.45 -22.65
C VAL C 275 2.29 -29.92 -21.53
N LEU C 276 2.72 -28.82 -20.94
CA LEU C 276 1.86 -28.04 -20.08
C LEU C 276 1.69 -26.64 -20.62
N PHE C 277 0.46 -26.23 -20.81
CA PHE C 277 0.10 -24.85 -21.07
C PHE C 277 -0.78 -24.32 -19.95
N ILE C 278 -0.61 -23.03 -19.64
CA ILE C 278 -1.34 -22.37 -18.56
C ILE C 278 -1.96 -21.11 -19.10
N ASP C 279 -3.25 -20.91 -18.83
CA ASP C 279 -3.95 -19.79 -19.43
C ASP C 279 -3.39 -18.41 -19.11
N GLU C 280 -3.81 -17.86 -17.98
CA GLU C 280 -3.68 -16.43 -17.81
C GLU C 280 -3.23 -16.04 -16.42
N ILE C 281 -4.10 -16.20 -15.43
CA ILE C 281 -3.56 -16.12 -14.10
C ILE C 281 -2.68 -17.32 -13.93
N HIS C 282 -1.41 -17.08 -13.77
CA HIS C 282 -0.50 -18.14 -13.59
C HIS C 282 -0.27 -17.98 -12.15
N MET C 283 -0.90 -18.89 -11.42
CA MET C 283 -1.65 -18.43 -10.31
C MET C 283 -0.81 -17.62 -9.35
N LEU C 284 -1.24 -16.39 -9.17
CA LEU C 284 -0.83 -15.60 -8.02
C LEU C 284 -2.02 -15.57 -7.09
N MET C 285 -1.93 -16.32 -6.01
CA MET C 285 -2.91 -16.19 -4.96
C MET C 285 -2.57 -14.96 -4.14
N GLY C 286 -3.60 -14.26 -3.67
CA GLY C 286 -3.35 -13.19 -2.72
C GLY C 286 -2.59 -13.64 -1.50
N ASN C 287 -2.56 -14.94 -1.23
CA ASN C 287 -1.81 -15.50 -0.12
C ASN C 287 -0.93 -16.66 -0.60
N ALA C 292 -1.83 -21.19 -4.41
CA ALA C 292 -1.36 -20.58 -3.17
C ALA C 292 0.11 -20.22 -3.27
N ALA C 293 0.38 -18.94 -3.50
CA ALA C 293 1.74 -18.43 -3.53
C ALA C 293 2.60 -19.29 -4.43
N ASN C 294 3.68 -19.84 -3.89
CA ASN C 294 4.42 -20.85 -4.60
C ASN C 294 3.53 -22.08 -4.69
N ILE C 295 3.21 -22.46 -5.91
CA ILE C 295 2.54 -23.72 -6.16
C ILE C 295 3.23 -24.31 -7.36
N LEU C 296 3.84 -25.48 -7.17
CA LEU C 296 4.61 -26.13 -8.20
C LEU C 296 5.85 -25.32 -8.52
N LYS C 297 5.83 -24.05 -8.15
CA LYS C 297 6.86 -23.12 -8.59
C LYS C 297 8.26 -23.69 -8.42
N PRO C 298 8.65 -24.16 -7.23
CA PRO C 298 9.99 -24.76 -7.13
C PRO C 298 10.12 -25.98 -8.00
N ALA C 299 9.17 -26.91 -7.91
CA ALA C 299 9.16 -28.03 -8.83
C ALA C 299 9.09 -27.53 -10.25
N LEU C 300 8.24 -26.53 -10.48
CA LEU C 300 8.29 -25.83 -11.76
C LEU C 300 9.68 -25.31 -12.02
N SER C 301 10.30 -24.73 -11.01
CA SER C 301 11.65 -24.24 -11.18
C SER C 301 12.66 -25.35 -11.40
N ARG C 302 12.27 -26.62 -11.24
CA ARG C 302 13.25 -27.69 -11.32
C ARG C 302 13.98 -27.69 -12.65
N GLY C 303 13.27 -27.40 -13.73
CA GLY C 303 13.87 -27.41 -15.04
C GLY C 303 13.40 -28.53 -15.93
N GLN C 304 12.73 -29.51 -15.38
CA GLN C 304 11.86 -30.36 -16.18
C GLN C 304 10.52 -29.64 -16.29
N LEU C 305 9.48 -30.33 -16.72
CA LEU C 305 8.17 -29.70 -16.77
C LEU C 305 8.11 -28.51 -17.73
N LYS C 306 8.07 -28.84 -19.02
CA LYS C 306 7.70 -27.87 -20.03
C LYS C 306 6.38 -27.21 -19.66
N VAL C 307 6.33 -25.88 -19.80
CA VAL C 307 5.14 -25.11 -19.43
C VAL C 307 5.00 -23.93 -20.38
N ILE C 308 3.77 -23.61 -20.76
CA ILE C 308 3.48 -22.47 -21.63
C ILE C 308 2.75 -21.40 -20.84
N GLY C 309 3.25 -20.16 -20.92
CA GLY C 309 2.52 -19.01 -20.42
C GLY C 309 1.82 -18.23 -21.52
N ALA C 310 0.82 -17.45 -21.11
CA ALA C 310 0.15 -16.52 -22.01
C ALA C 310 -0.47 -15.41 -21.18
N THR C 311 -0.53 -14.22 -21.76
CA THR C 311 -1.06 -13.07 -21.05
C THR C 311 -1.26 -11.91 -22.01
N THR C 312 -1.70 -10.80 -21.45
CA THR C 312 -1.43 -9.47 -21.95
C THR C 312 -0.42 -8.84 -21.00
N ASN C 313 -0.12 -7.57 -21.23
CA ASN C 313 0.87 -6.86 -20.45
C ASN C 313 0.66 -6.95 -18.95
N ASN C 314 -0.35 -6.23 -18.44
CA ASN C 314 -0.42 -6.00 -17.00
C ASN C 314 -0.60 -7.29 -16.24
N GLU C 315 -1.30 -8.23 -16.84
CA GLU C 315 -1.47 -9.55 -16.23
C GLU C 315 -0.10 -10.18 -16.03
N TYR C 316 0.69 -10.21 -17.09
CA TYR C 316 2.10 -10.50 -16.94
C TYR C 316 2.70 -9.64 -15.85
N ARG C 317 2.40 -8.35 -15.88
CA ARG C 317 2.96 -7.42 -14.91
C ARG C 317 2.54 -7.77 -13.50
N SER C 318 1.72 -8.79 -13.33
CA SER C 318 1.17 -8.92 -12.00
C SER C 318 2.20 -9.55 -11.08
N ILE C 319 2.35 -10.86 -11.17
CA ILE C 319 3.17 -11.57 -10.20
C ILE C 319 4.65 -11.51 -10.57
N VAL C 320 4.98 -11.68 -11.85
CA VAL C 320 6.38 -11.84 -12.20
C VAL C 320 7.17 -10.61 -11.82
N GLU C 321 6.54 -9.44 -11.84
CA GLU C 321 7.25 -8.23 -11.46
C GLU C 321 7.74 -8.34 -10.03
N LYS C 322 6.89 -8.87 -9.16
CA LYS C 322 7.37 -9.37 -7.88
C LYS C 322 8.44 -10.38 -8.21
N ASP C 323 8.01 -11.50 -8.78
CA ASP C 323 8.85 -12.68 -8.92
C ASP C 323 10.12 -12.47 -9.72
N GLY C 324 9.98 -12.39 -11.04
CA GLY C 324 11.10 -12.51 -11.94
C GLY C 324 11.57 -13.93 -12.18
N ALA C 325 11.22 -14.86 -11.29
CA ALA C 325 11.61 -16.26 -11.54
C ALA C 325 10.84 -16.83 -12.70
N PHE C 326 9.56 -16.49 -12.81
CA PHE C 326 8.84 -16.83 -14.02
C PHE C 326 9.64 -16.37 -15.22
N GLU C 327 9.92 -15.07 -15.25
CA GLU C 327 10.89 -14.56 -16.20
C GLU C 327 12.14 -15.40 -16.18
N ARG C 328 12.69 -15.62 -14.99
CA ARG C 328 13.84 -16.50 -14.91
C ARG C 328 13.51 -17.88 -15.43
N ARG C 329 12.28 -18.33 -15.26
CA ARG C 329 11.87 -19.65 -15.72
C ARG C 329 11.10 -19.63 -17.04
N PHE C 330 10.86 -18.46 -17.63
CA PHE C 330 10.07 -18.42 -18.84
C PHE C 330 10.66 -17.50 -19.87
N GLN C 331 10.13 -17.63 -21.07
CA GLN C 331 10.19 -16.58 -22.05
C GLN C 331 8.82 -15.98 -22.26
N LYS C 332 8.77 -14.65 -22.26
CA LYS C 332 7.56 -13.96 -22.60
C LYS C 332 7.56 -13.69 -24.10
N ILE C 333 6.41 -13.90 -24.72
CA ILE C 333 6.34 -13.71 -26.16
C ILE C 333 5.07 -12.97 -26.48
N GLU C 334 5.21 -11.77 -27.02
CA GLU C 334 4.03 -11.02 -27.41
C GLU C 334 3.28 -11.76 -28.50
N VAL C 335 1.96 -11.67 -28.45
CA VAL C 335 1.12 -12.10 -29.56
C VAL C 335 0.53 -10.84 -30.16
N ALA C 336 0.93 -10.53 -31.38
CA ALA C 336 0.45 -9.34 -32.03
C ALA C 336 -1.01 -9.54 -32.41
N GLU C 337 -1.83 -8.54 -32.15
CA GLU C 337 -3.17 -8.64 -32.68
C GLU C 337 -3.08 -8.84 -34.17
N PRO C 338 -3.62 -9.92 -34.70
CA PRO C 338 -3.38 -10.28 -36.09
C PRO C 338 -3.92 -9.22 -37.04
N SER C 339 -3.44 -9.27 -38.27
CA SER C 339 -3.89 -8.27 -39.22
C SER C 339 -5.37 -8.50 -39.50
N VAL C 340 -5.99 -7.43 -39.97
CA VAL C 340 -7.36 -7.55 -40.47
C VAL C 340 -7.48 -8.71 -41.46
N ARG C 341 -6.49 -8.86 -42.33
CA ARG C 341 -6.63 -9.95 -43.28
C ARG C 341 -6.30 -11.28 -42.63
N GLN C 342 -5.35 -11.30 -41.69
CA GLN C 342 -5.20 -12.47 -40.85
C GLN C 342 -6.56 -12.87 -40.35
N THR C 343 -7.28 -11.90 -39.84
CA THR C 343 -8.66 -12.10 -39.49
C THR C 343 -9.32 -12.65 -40.74
N VAL C 344 -9.39 -11.81 -41.77
CA VAL C 344 -10.17 -12.09 -42.97
C VAL C 344 -9.93 -13.51 -43.40
N ALA C 345 -8.66 -13.86 -43.45
CA ALA C 345 -8.29 -15.22 -43.79
C ALA C 345 -8.99 -16.16 -42.83
N ILE C 346 -8.53 -16.20 -41.59
CA ILE C 346 -9.00 -17.25 -40.73
C ILE C 346 -10.44 -17.02 -40.33
N LEU C 347 -10.95 -15.83 -40.58
CA LEU C 347 -12.40 -15.67 -40.60
C LEU C 347 -13.03 -16.76 -41.42
N ARG C 348 -12.53 -16.93 -42.62
CA ARG C 348 -13.06 -17.94 -43.50
C ARG C 348 -12.92 -19.32 -42.91
N GLY C 349 -12.05 -19.47 -41.91
CA GLY C 349 -11.78 -20.78 -41.37
C GLY C 349 -13.04 -21.46 -40.89
N LEU C 350 -13.72 -20.84 -39.95
CA LEU C 350 -14.99 -21.37 -39.48
C LEU C 350 -16.15 -20.71 -40.16
N GLN C 351 -15.88 -19.86 -41.14
CA GLN C 351 -16.93 -19.37 -42.00
C GLN C 351 -17.85 -20.52 -42.38
N PRO C 352 -17.35 -21.60 -42.98
CA PRO C 352 -18.26 -22.70 -43.30
C PRO C 352 -18.92 -23.22 -42.06
N LYS C 353 -18.14 -23.28 -40.99
CA LYS C 353 -18.65 -23.80 -39.73
C LYS C 353 -19.86 -23.02 -39.28
N TYR C 354 -19.67 -21.76 -38.92
CA TYR C 354 -20.73 -21.09 -38.20
C TYR C 354 -21.99 -20.96 -39.03
N GLU C 355 -21.83 -20.65 -40.31
CA GLU C 355 -23.01 -20.67 -41.18
C GLU C 355 -23.65 -22.04 -41.16
N ILE C 356 -22.85 -23.09 -41.07
CA ILE C 356 -23.50 -24.38 -40.90
C ILE C 356 -23.88 -24.59 -39.43
N HIS C 357 -23.07 -24.09 -38.50
CA HIS C 357 -23.53 -24.03 -37.11
C HIS C 357 -24.88 -23.36 -37.05
N HIS C 358 -25.00 -22.27 -37.76
CA HIS C 358 -26.21 -21.48 -37.79
C HIS C 358 -27.05 -21.83 -38.98
N GLY C 359 -26.67 -22.87 -39.72
CA GLY C 359 -27.56 -23.45 -40.70
C GLY C 359 -27.82 -22.49 -41.83
N VAL C 360 -26.80 -21.73 -42.21
CA VAL C 360 -26.97 -20.63 -43.15
C VAL C 360 -25.77 -20.54 -44.04
N ARG C 361 -25.68 -19.44 -44.78
CA ARG C 361 -24.55 -19.20 -45.65
C ARG C 361 -23.98 -17.84 -45.33
N ILE C 362 -22.81 -17.58 -45.90
CA ILE C 362 -22.08 -16.36 -45.68
C ILE C 362 -21.65 -15.80 -47.01
N LEU C 363 -21.56 -14.48 -47.08
CA LEU C 363 -20.83 -13.80 -48.14
C LEU C 363 -19.61 -13.14 -47.50
N ASP C 364 -18.42 -13.49 -48.00
CA ASP C 364 -17.21 -12.85 -47.50
C ASP C 364 -17.31 -11.35 -47.57
N SER C 365 -18.17 -10.85 -48.47
CA SER C 365 -18.42 -9.43 -48.56
C SER C 365 -18.59 -8.84 -47.17
N ALA C 366 -19.63 -9.27 -46.45
CA ALA C 366 -19.74 -8.90 -45.05
C ALA C 366 -18.49 -9.31 -44.28
N LEU C 367 -18.01 -10.53 -44.53
CA LEU C 367 -16.95 -11.10 -43.72
C LEU C 367 -15.76 -10.17 -43.68
N VAL C 368 -15.26 -9.81 -44.85
CA VAL C 368 -14.26 -8.75 -44.87
C VAL C 368 -14.87 -7.47 -44.31
N THR C 369 -16.13 -7.20 -44.65
CA THR C 369 -16.69 -5.89 -44.32
C THR C 369 -16.63 -5.62 -42.83
N ALA C 370 -17.13 -6.56 -42.04
CA ALA C 370 -16.95 -6.42 -40.61
C ALA C 370 -15.49 -6.22 -40.30
N ALA C 371 -14.67 -7.17 -40.76
CA ALA C 371 -13.23 -7.05 -40.59
C ALA C 371 -12.78 -5.69 -41.03
N GLN C 372 -13.31 -5.20 -42.13
CA GLN C 372 -13.11 -3.80 -42.45
C GLN C 372 -13.66 -2.99 -41.30
N LEU C 373 -14.99 -2.91 -41.24
CA LEU C 373 -15.63 -2.00 -40.32
C LEU C 373 -15.33 -2.32 -38.87
N ALA C 374 -15.84 -3.46 -38.40
CA ALA C 374 -15.88 -3.72 -36.97
C ALA C 374 -14.52 -3.54 -36.34
N LYS C 375 -13.46 -3.75 -37.13
CA LYS C 375 -12.09 -3.60 -36.66
C LYS C 375 -11.93 -2.33 -35.84
N ARG C 376 -12.59 -1.27 -36.27
CA ARG C 376 -12.52 -0.03 -35.53
C ARG C 376 -13.44 -0.04 -34.33
N TYR C 377 -14.59 -0.67 -34.44
CA TYR C 377 -15.74 -0.28 -33.65
C TYR C 377 -16.01 -1.15 -32.44
N LEU C 378 -15.25 -2.20 -32.21
CA LEU C 378 -15.38 -2.81 -30.91
C LEU C 378 -14.06 -2.59 -30.19
N PRO C 379 -14.02 -1.67 -29.24
CA PRO C 379 -12.77 -1.41 -28.53
C PRO C 379 -12.26 -2.61 -27.79
N TYR C 380 -13.15 -3.31 -27.13
CA TYR C 380 -12.77 -4.23 -26.07
C TYR C 380 -12.40 -5.55 -26.72
N ARG C 381 -13.39 -6.23 -27.26
CA ARG C 381 -13.14 -7.48 -27.92
C ARG C 381 -12.36 -7.23 -29.20
N ARG C 382 -11.99 -8.30 -29.86
CA ARG C 382 -10.97 -8.23 -30.90
C ARG C 382 -11.46 -8.89 -32.15
N LEU C 383 -11.31 -8.19 -33.25
CA LEU C 383 -11.55 -8.66 -34.61
C LEU C 383 -10.90 -10.04 -34.72
N PRO C 384 -9.72 -10.27 -34.05
CA PRO C 384 -9.23 -11.64 -33.90
C PRO C 384 -10.32 -12.59 -33.48
N ASP C 385 -11.35 -12.03 -32.87
CA ASP C 385 -12.54 -12.81 -32.64
C ASP C 385 -13.76 -12.01 -33.07
N SER C 386 -13.91 -10.82 -32.48
CA SER C 386 -15.14 -10.06 -32.52
C SER C 386 -15.76 -10.06 -33.90
N ALA C 387 -14.94 -9.99 -34.93
CA ALA C 387 -15.41 -10.21 -36.27
C ALA C 387 -16.32 -11.42 -36.29
N LEU C 388 -15.72 -12.58 -36.09
CA LEU C 388 -16.49 -13.78 -35.93
C LEU C 388 -17.60 -13.56 -34.93
N ASP C 389 -17.30 -12.83 -33.87
CA ASP C 389 -18.34 -12.64 -32.89
C ASP C 389 -19.49 -11.88 -33.50
N LEU C 390 -19.17 -10.81 -34.21
CA LEU C 390 -20.19 -10.23 -35.07
C LEU C 390 -20.79 -11.29 -35.95
N VAL C 391 -19.98 -12.21 -36.44
CA VAL C 391 -20.47 -13.17 -37.40
C VAL C 391 -21.56 -14.03 -36.79
N ASP C 392 -21.22 -14.74 -35.70
CA ASP C 392 -22.25 -15.52 -35.02
C ASP C 392 -23.44 -14.62 -34.77
N ILE C 393 -23.17 -13.42 -34.26
CA ILE C 393 -24.20 -12.40 -34.20
C ILE C 393 -24.81 -12.20 -35.57
N SER C 394 -23.97 -11.93 -36.56
CA SER C 394 -24.46 -11.80 -37.91
C SER C 394 -25.26 -13.03 -38.27
N CYS C 395 -24.75 -14.19 -37.90
CA CYS C 395 -25.42 -15.44 -38.20
C CYS C 395 -26.85 -15.42 -37.68
N ALA C 396 -27.00 -15.19 -36.40
CA ALA C 396 -28.16 -15.75 -35.73
C ALA C 396 -29.43 -15.04 -36.15
N GLY C 397 -29.58 -13.79 -35.75
CA GLY C 397 -30.86 -13.12 -35.91
C GLY C 397 -31.42 -13.29 -37.30
N VAL C 398 -30.57 -13.18 -38.30
CA VAL C 398 -31.04 -13.44 -39.65
C VAL C 398 -31.35 -14.92 -39.80
N ALA C 399 -30.47 -15.78 -39.33
CA ALA C 399 -30.82 -17.20 -39.26
C ALA C 399 -32.00 -17.40 -38.33
N VAL C 400 -32.17 -16.50 -37.37
CA VAL C 400 -33.41 -16.49 -36.61
C VAL C 400 -34.53 -15.98 -37.49
N ALA C 401 -34.27 -14.89 -38.22
CA ALA C 401 -35.22 -14.44 -39.22
C ALA C 401 -35.47 -15.60 -40.17
N ARG C 402 -34.60 -16.59 -40.15
CA ARG C 402 -34.94 -17.88 -40.73
C ARG C 402 -35.68 -18.81 -39.77
N ASP C 403 -35.35 -18.81 -38.48
CA ASP C 403 -35.47 -20.05 -37.69
C ASP C 403 -36.90 -20.51 -37.36
N SER C 404 -37.62 -19.76 -36.54
CA SER C 404 -38.94 -20.15 -36.04
C SER C 404 -40.06 -19.78 -37.00
N LYS C 405 -39.71 -19.50 -38.27
CA LYS C 405 -40.19 -18.44 -39.13
C LYS C 405 -39.27 -17.27 -38.83
N PRO C 406 -39.23 -16.25 -39.67
CA PRO C 406 -38.73 -14.97 -39.19
C PRO C 406 -39.41 -14.64 -37.89
N GLU C 407 -38.60 -14.24 -36.91
CA GLU C 407 -39.20 -13.54 -35.77
C GLU C 407 -40.02 -12.37 -36.26
N GLU C 408 -39.62 -11.77 -37.39
CA GLU C 408 -40.40 -10.73 -38.01
C GLU C 408 -41.81 -11.23 -38.31
N LEU C 409 -41.94 -12.41 -38.92
CA LEU C 409 -43.25 -13.05 -38.98
C LEU C 409 -43.79 -13.28 -37.58
N ASP C 410 -42.95 -13.80 -36.70
CA ASP C 410 -43.40 -14.12 -35.35
C ASP C 410 -43.72 -12.87 -34.56
N SER C 411 -43.03 -11.76 -34.87
CA SER C 411 -43.36 -10.47 -34.24
C SER C 411 -44.52 -9.77 -34.94
N LYS C 412 -44.71 -9.98 -36.24
CA LYS C 412 -45.84 -9.35 -36.91
C LYS C 412 -47.18 -9.84 -36.37
N GLU C 413 -47.20 -10.98 -35.70
CA GLU C 413 -48.40 -11.34 -34.95
C GLU C 413 -48.47 -10.57 -33.64
N ARG C 414 -47.33 -10.22 -33.06
CA ARG C 414 -47.30 -9.46 -31.82
C ARG C 414 -47.51 -7.97 -32.04
N GLN C 415 -47.04 -7.43 -33.17
CA GLN C 415 -47.12 -6.00 -33.42
C GLN C 415 -48.57 -5.51 -33.38
N LEU C 416 -49.49 -6.31 -33.91
CA LEU C 416 -50.91 -6.03 -33.75
C LEU C 416 -51.45 -6.52 -32.42
N GLN C 417 -50.76 -7.48 -31.80
CA GLN C 417 -51.39 -8.36 -30.82
C GLN C 417 -51.99 -7.57 -29.66
N LEU C 418 -51.27 -6.61 -29.12
CA LEU C 418 -51.88 -5.77 -28.09
C LEU C 418 -52.78 -4.71 -28.72
N ILE C 419 -52.26 -3.98 -29.72
CA ILE C 419 -53.00 -2.85 -30.26
C ILE C 419 -54.35 -3.28 -30.80
N GLN C 420 -54.53 -4.56 -31.13
CA GLN C 420 -55.86 -5.06 -31.42
C GLN C 420 -56.67 -5.18 -30.13
N VAL C 421 -56.05 -5.66 -29.05
CA VAL C 421 -56.78 -5.86 -27.81
C VAL C 421 -56.58 -4.72 -26.81
N GLU C 422 -55.75 -3.74 -27.11
CA GLU C 422 -55.66 -2.58 -26.24
C GLU C 422 -56.76 -1.58 -26.54
N ILE C 423 -57.12 -1.44 -27.82
CA ILE C 423 -58.27 -0.63 -28.20
C ILE C 423 -59.57 -1.22 -27.69
N LYS C 424 -59.53 -2.45 -27.14
CA LYS C 424 -60.67 -3.00 -26.43
C LYS C 424 -61.20 -2.01 -25.40
N ALA C 425 -60.38 -1.68 -24.40
CA ALA C 425 -60.76 -0.71 -23.39
C ALA C 425 -61.26 0.58 -24.03
N LEU C 426 -60.64 0.98 -25.14
CA LEU C 426 -61.19 2.07 -25.94
C LEU C 426 -62.56 1.70 -26.47
N GLU C 427 -62.72 0.45 -26.90
CA GLU C 427 -63.95 0.00 -27.54
C GLU C 427 -64.94 -0.62 -26.56
N ARG C 428 -64.54 -0.88 -25.32
CA ARG C 428 -65.46 -1.47 -24.34
C ARG C 428 -66.71 -0.62 -24.19
N ASP C 429 -66.57 0.59 -23.68
CA ASP C 429 -67.68 1.50 -23.50
C ASP C 429 -67.38 2.80 -24.22
N GLU C 430 -68.43 3.45 -24.72
CA GLU C 430 -68.24 4.79 -25.28
C GLU C 430 -67.97 5.78 -24.17
N ASP C 431 -67.02 6.67 -24.42
CA ASP C 431 -66.55 7.64 -23.44
C ASP C 431 -66.49 9.02 -24.10
N ALA C 432 -66.26 10.03 -23.29
CA ALA C 432 -66.21 11.41 -23.78
C ALA C 432 -64.81 11.85 -24.19
N ASP C 433 -63.80 10.99 -24.11
CA ASP C 433 -62.43 11.35 -24.44
C ASP C 433 -61.85 10.47 -25.53
N SER C 434 -61.72 9.17 -25.29
CA SER C 434 -61.02 8.23 -26.15
C SER C 434 -61.93 7.61 -27.21
N THR C 435 -63.14 8.12 -27.38
CA THR C 435 -64.18 7.42 -28.10
C THR C 435 -63.86 7.28 -29.58
N THR C 436 -64.79 6.65 -30.30
CA THR C 436 -64.61 6.27 -31.69
C THR C 436 -64.57 7.46 -32.63
N LYS C 437 -64.74 8.68 -32.12
CA LYS C 437 -64.55 9.89 -32.92
C LYS C 437 -63.22 9.86 -33.67
N ASP C 438 -62.14 9.69 -32.92
CA ASP C 438 -60.78 9.75 -33.46
C ASP C 438 -59.93 8.57 -32.99
N ARG C 439 -59.75 8.46 -31.67
CA ARG C 439 -58.83 7.50 -31.07
C ARG C 439 -59.02 6.09 -31.64
N LEU C 440 -60.26 5.57 -31.55
CA LEU C 440 -60.50 4.22 -32.06
C LEU C 440 -60.18 4.13 -33.54
N LYS C 441 -60.33 5.23 -34.27
CA LYS C 441 -59.84 5.29 -35.64
C LYS C 441 -58.34 5.59 -35.67
N LEU C 442 -57.85 6.37 -34.71
CA LEU C 442 -56.45 6.79 -34.74
C LEU C 442 -55.53 5.59 -34.57
N ALA C 443 -55.73 4.81 -33.50
CA ALA C 443 -54.94 3.61 -33.31
C ALA C 443 -55.09 2.63 -34.47
N ARG C 444 -56.16 2.77 -35.25
CA ARG C 444 -56.34 1.91 -36.41
C ARG C 444 -55.28 2.15 -37.48
N GLN C 445 -54.64 3.32 -37.48
CA GLN C 445 -53.59 3.55 -38.47
C GLN C 445 -52.34 2.73 -38.18
N LYS C 446 -51.99 2.56 -36.90
CA LYS C 446 -50.84 1.73 -36.55
C LYS C 446 -51.01 0.33 -37.09
N GLU C 447 -52.14 -0.32 -36.75
CA GLU C 447 -52.41 -1.65 -37.27
C GLU C 447 -52.58 -1.65 -38.77
N ALA C 448 -53.11 -0.56 -39.34
CA ALA C 448 -53.12 -0.42 -40.79
C ALA C 448 -51.70 -0.37 -41.33
N SER C 449 -50.83 0.41 -40.69
CA SER C 449 -49.42 0.39 -41.04
C SER C 449 -48.83 -0.99 -40.85
N LEU C 450 -49.37 -1.76 -39.91
CA LEU C 450 -48.97 -3.13 -39.68
C LEU C 450 -49.79 -4.14 -40.48
N GLN C 451 -50.80 -3.67 -41.23
CA GLN C 451 -51.66 -4.54 -42.02
C GLN C 451 -51.06 -4.92 -43.37
N GLU C 452 -50.18 -4.09 -43.93
CA GLU C 452 -49.80 -4.19 -45.33
C GLU C 452 -48.63 -5.12 -45.60
N GLU C 453 -47.96 -5.62 -44.56
CA GLU C 453 -46.81 -6.50 -44.80
C GLU C 453 -47.23 -7.91 -45.18
N LEU C 454 -48.29 -8.42 -44.56
CA LEU C 454 -48.56 -9.86 -44.52
C LEU C 454 -48.55 -10.50 -45.90
N GLU C 455 -49.55 -10.19 -46.74
CA GLU C 455 -49.60 -10.80 -48.07
C GLU C 455 -48.34 -10.57 -48.89
N PRO C 456 -47.77 -9.35 -48.97
CA PRO C 456 -46.49 -9.22 -49.68
C PRO C 456 -45.38 -10.05 -49.05
N LEU C 457 -45.33 -10.11 -47.72
CA LEU C 457 -44.25 -10.83 -47.06
C LEU C 457 -44.49 -12.33 -47.02
N ARG C 458 -45.72 -12.76 -46.70
CA ARG C 458 -46.03 -14.19 -46.76
C ARG C 458 -45.75 -14.78 -48.14
N GLN C 459 -45.71 -13.92 -49.15
CA GLN C 459 -45.30 -14.34 -50.49
C GLN C 459 -43.90 -14.95 -50.47
N ARG C 460 -43.00 -14.41 -49.63
CA ARG C 460 -41.60 -14.82 -49.67
C ARG C 460 -41.42 -16.28 -49.27
N TYR C 461 -41.81 -16.63 -48.05
CA TYR C 461 -41.60 -18.00 -47.58
C TYR C 461 -42.66 -18.94 -48.12
N ASN C 462 -43.92 -18.55 -48.04
CA ASN C 462 -45.02 -19.37 -48.53
C ASN C 462 -45.52 -18.84 -49.86
N SER C 530 -35.29 -16.49 -44.23
CA SER C 530 -34.92 -17.86 -44.53
C SER C 530 -34.24 -18.00 -45.89
N MET C 531 -34.91 -17.52 -46.94
CA MET C 531 -34.32 -17.53 -48.28
C MET C 531 -32.94 -16.86 -48.25
N ILE C 532 -32.86 -15.70 -47.62
CA ILE C 532 -31.56 -15.15 -47.27
C ILE C 532 -30.88 -16.18 -46.38
N GLN C 533 -29.75 -16.66 -46.81
CA GLN C 533 -29.07 -17.73 -46.12
C GLN C 533 -27.65 -17.25 -45.96
N ASN C 534 -27.06 -16.97 -47.12
CA ASN C 534 -25.89 -16.14 -47.21
C ASN C 534 -26.06 -14.92 -46.35
N VAL C 535 -25.00 -14.57 -45.63
CA VAL C 535 -25.04 -13.32 -44.92
C VAL C 535 -25.11 -12.20 -45.94
N VAL C 536 -26.02 -11.25 -45.72
CA VAL C 536 -25.93 -10.03 -46.51
C VAL C 536 -24.59 -9.43 -46.17
N ASP C 537 -24.01 -8.72 -47.13
CA ASP C 537 -22.89 -7.92 -46.68
C ASP C 537 -23.40 -6.93 -45.64
N SER C 538 -24.24 -6.01 -46.09
CA SER C 538 -24.52 -4.81 -45.33
C SER C 538 -25.03 -5.10 -43.93
N ASP C 539 -26.29 -5.51 -43.83
CA ASP C 539 -26.97 -5.52 -42.55
C ASP C 539 -26.21 -6.35 -41.54
N THR C 540 -25.76 -7.52 -41.99
CA THR C 540 -24.87 -8.35 -41.21
C THR C 540 -23.73 -7.53 -40.65
N ILE C 541 -23.38 -6.47 -41.33
CA ILE C 541 -22.49 -5.52 -40.70
C ILE C 541 -23.45 -4.43 -40.24
N SER C 542 -24.07 -3.77 -41.20
CA SER C 542 -24.87 -2.58 -40.98
C SER C 542 -25.86 -2.73 -39.86
N GLU C 543 -26.92 -3.48 -40.12
CA GLU C 543 -27.95 -3.69 -39.12
C GLU C 543 -27.32 -4.14 -37.82
N THR C 544 -26.33 -5.00 -37.92
CA THR C 544 -25.63 -5.42 -36.73
C THR C 544 -24.86 -4.26 -36.14
N ALA C 545 -24.09 -3.56 -36.97
CA ALA C 545 -23.53 -2.30 -36.52
C ALA C 545 -24.63 -1.44 -35.94
N ALA C 546 -25.74 -1.34 -36.66
CA ALA C 546 -26.90 -0.65 -36.11
C ALA C 546 -27.27 -1.26 -34.78
N ARG C 547 -27.41 -2.58 -34.73
CA ARG C 547 -27.50 -3.24 -33.44
C ARG C 547 -26.35 -2.83 -32.55
N LEU C 548 -25.13 -2.86 -33.09
CA LEU C 548 -23.99 -2.51 -32.26
C LEU C 548 -24.02 -1.04 -31.86
N THR C 549 -24.00 -0.14 -32.83
CA THR C 549 -23.96 1.26 -32.47
C THR C 549 -25.09 2.07 -33.10
N GLY C 550 -24.96 2.42 -34.35
CA GLY C 550 -26.03 3.14 -35.00
C GLY C 550 -25.49 4.11 -36.02
N ILE C 551 -26.42 4.85 -36.60
CA ILE C 551 -26.18 5.82 -37.67
C ILE C 551 -25.46 5.07 -38.80
N PRO C 552 -26.10 4.04 -39.36
CA PRO C 552 -25.40 3.23 -40.35
C PRO C 552 -24.90 4.04 -41.50
N VAL C 553 -25.70 5.01 -41.92
CA VAL C 553 -25.48 5.69 -43.20
C VAL C 553 -24.02 6.10 -43.36
N LYS C 554 -23.43 6.62 -42.30
CA LYS C 554 -22.01 6.87 -42.34
C LYS C 554 -21.27 5.55 -42.43
N LYS C 555 -21.51 4.67 -41.47
CA LYS C 555 -20.83 3.38 -41.50
C LYS C 555 -21.25 2.58 -42.71
N LEU C 556 -22.31 3.00 -43.40
CA LEU C 556 -22.80 2.18 -44.51
C LEU C 556 -21.80 2.21 -45.65
N SER C 557 -21.66 3.35 -46.30
CA SER C 557 -20.87 3.33 -47.53
C SER C 557 -19.51 3.99 -47.38
N GLU C 558 -19.50 5.31 -47.40
CA GLU C 558 -18.26 6.03 -47.60
C GLU C 558 -17.27 5.75 -46.49
N SER C 559 -16.10 5.32 -46.90
CA SER C 559 -15.06 4.80 -46.01
C SER C 559 -13.82 5.62 -46.25
N GLU C 560 -13.33 6.25 -45.19
CA GLU C 560 -12.01 6.83 -45.15
C GLU C 560 -11.83 8.03 -46.07
N ASN C 561 -12.73 8.24 -47.01
CA ASN C 561 -12.26 8.99 -48.15
C ASN C 561 -13.07 10.22 -48.44
N GLU C 562 -14.23 10.04 -49.08
CA GLU C 562 -14.97 11.19 -49.57
C GLU C 562 -15.34 12.08 -48.41
N LYS C 563 -15.50 11.48 -47.23
CA LYS C 563 -15.59 12.27 -46.03
C LYS C 563 -14.54 13.35 -46.08
N LEU C 564 -13.30 12.95 -46.35
CA LEU C 564 -12.20 13.91 -46.42
C LEU C 564 -12.51 15.02 -47.39
N ILE C 565 -12.69 14.70 -48.67
CA ILE C 565 -12.86 15.76 -49.66
C ILE C 565 -13.92 16.74 -49.19
N HIS C 566 -15.03 16.23 -48.74
CA HIS C 566 -16.12 17.13 -48.40
C HIS C 566 -16.12 17.50 -46.93
N MET C 567 -15.17 16.96 -46.16
CA MET C 567 -15.06 17.22 -44.73
C MET C 567 -15.17 18.69 -44.40
N GLU C 568 -14.32 19.49 -45.01
CA GLU C 568 -14.33 20.91 -44.73
C GLU C 568 -15.70 21.49 -45.03
N ARG C 569 -16.12 21.36 -46.29
CA ARG C 569 -17.42 21.84 -46.71
C ARG C 569 -18.52 21.26 -45.84
N ASP C 570 -18.36 20.00 -45.43
CA ASP C 570 -19.12 19.48 -44.31
C ASP C 570 -18.91 20.34 -43.09
N LEU C 571 -17.67 20.36 -42.61
CA LEU C 571 -17.41 21.07 -41.36
C LEU C 571 -17.72 22.55 -41.51
N SER C 572 -17.71 23.05 -42.74
CA SER C 572 -18.01 24.45 -42.99
C SER C 572 -19.32 24.85 -42.34
N SER C 573 -20.17 23.87 -42.08
CA SER C 573 -21.35 24.09 -41.26
C SER C 573 -21.01 24.93 -40.03
N GLU C 574 -20.13 24.42 -39.19
CA GLU C 574 -20.04 24.79 -37.79
C GLU C 574 -19.83 26.27 -37.49
N VAL C 575 -18.66 26.82 -37.80
CA VAL C 575 -18.44 28.25 -37.85
C VAL C 575 -17.49 28.51 -39.00
N VAL C 576 -17.83 29.49 -39.83
CA VAL C 576 -16.96 29.80 -40.95
C VAL C 576 -15.79 30.55 -40.36
N GLY C 577 -14.79 30.87 -41.17
CA GLY C 577 -13.57 31.32 -40.55
C GLY C 577 -12.91 30.12 -39.94
N GLN C 578 -11.63 30.25 -39.65
CA GLN C 578 -10.81 29.13 -39.20
C GLN C 578 -10.83 28.02 -40.22
N MET C 579 -11.22 28.36 -41.44
CA MET C 579 -11.44 27.37 -42.48
C MET C 579 -10.13 26.68 -42.82
N ASP C 580 -9.11 27.48 -43.05
CA ASP C 580 -7.76 26.99 -43.20
C ASP C 580 -7.39 26.01 -42.10
N ALA C 581 -7.54 26.43 -40.86
CA ALA C 581 -7.33 25.51 -39.76
C ALA C 581 -8.12 24.25 -39.99
N ILE C 582 -9.40 24.42 -40.22
CA ILE C 582 -10.25 23.32 -40.62
C ILE C 582 -9.59 22.57 -41.76
N LYS C 583 -9.21 23.30 -42.80
CA LYS C 583 -8.47 22.68 -43.87
C LYS C 583 -7.25 21.98 -43.32
N ALA C 584 -6.44 22.71 -42.55
CA ALA C 584 -5.30 22.11 -41.90
C ALA C 584 -5.73 20.89 -41.12
N VAL C 585 -6.81 21.02 -40.37
CA VAL C 585 -7.37 19.85 -39.73
C VAL C 585 -7.69 18.81 -40.76
N SER C 586 -8.53 19.18 -41.72
CA SER C 586 -8.85 18.28 -42.81
C SER C 586 -7.59 17.82 -43.51
N ASN C 587 -6.63 18.70 -43.66
CA ASN C 587 -5.32 18.23 -44.02
C ASN C 587 -4.91 17.21 -42.98
N ALA C 588 -4.60 17.69 -41.78
CA ALA C 588 -3.88 16.88 -40.83
C ALA C 588 -4.54 15.53 -40.61
N VAL C 589 -5.86 15.48 -40.74
CA VAL C 589 -6.50 14.19 -40.61
C VAL C 589 -6.06 13.30 -41.75
N ARG C 590 -5.79 13.88 -42.89
CA ARG C 590 -5.24 13.05 -43.93
C ARG C 590 -3.79 12.79 -43.65
N LEU C 591 -3.07 13.79 -43.13
CA LEU C 591 -1.81 13.46 -42.49
C LEU C 591 -2.02 12.35 -41.50
N SER C 592 -3.11 12.43 -40.74
CA SER C 592 -3.44 11.30 -39.89
C SER C 592 -3.74 10.05 -40.67
N ARG C 593 -3.80 10.12 -41.98
CA ARG C 593 -4.12 8.93 -42.72
C ARG C 593 -3.09 8.71 -43.81
N SER C 594 -3.33 7.65 -44.59
CA SER C 594 -2.45 7.27 -45.67
C SER C 594 -1.11 6.83 -45.08
N GLY C 595 -0.96 6.97 -43.77
CA GLY C 595 0.21 6.52 -43.07
C GLY C 595 1.48 7.21 -43.45
N LEU C 596 1.40 8.22 -44.32
CA LEU C 596 2.58 9.00 -44.65
C LEU C 596 3.18 9.48 -43.35
N ALA C 597 2.48 10.37 -42.68
CA ALA C 597 2.81 10.64 -41.30
C ALA C 597 2.80 9.32 -40.53
N ASN C 598 3.65 9.23 -39.55
CA ASN C 598 3.86 7.96 -38.89
C ASN C 598 2.56 7.42 -38.33
N PRO C 599 2.10 6.27 -38.80
CA PRO C 599 0.86 5.68 -38.29
C PRO C 599 0.89 5.50 -36.80
N ARG C 600 2.05 5.51 -36.21
CA ARG C 600 2.16 5.70 -34.77
C ARG C 600 2.54 7.15 -34.58
N GLN C 601 1.56 7.95 -34.21
CA GLN C 601 1.69 9.38 -33.95
C GLN C 601 0.30 9.96 -33.77
N PRO C 602 0.12 10.91 -32.89
CA PRO C 602 -1.20 11.52 -32.74
C PRO C 602 -1.56 12.38 -33.92
N ALA C 603 -2.66 13.10 -33.79
CA ALA C 603 -2.97 14.26 -34.62
C ALA C 603 -3.00 15.46 -33.70
N SER C 604 -1.97 16.30 -33.78
CA SER C 604 -1.61 17.20 -32.70
C SER C 604 -2.13 18.61 -32.93
N PHE C 605 -3.06 19.03 -32.08
CA PHE C 605 -3.91 20.19 -32.36
C PHE C 605 -4.03 21.07 -31.13
N LEU C 606 -3.50 22.28 -31.25
CA LEU C 606 -3.55 23.30 -30.21
C LEU C 606 -4.20 24.54 -30.79
N PHE C 607 -5.21 25.05 -30.12
CA PHE C 607 -6.13 25.99 -30.73
C PHE C 607 -6.15 27.29 -29.95
N LEU C 608 -6.32 28.39 -30.68
CA LEU C 608 -6.35 29.72 -30.11
C LEU C 608 -7.71 30.37 -30.39
N GLY C 609 -8.15 31.20 -29.48
CA GLY C 609 -9.43 31.86 -29.60
C GLY C 609 -10.00 32.10 -28.22
N LEU C 610 -11.32 32.25 -28.18
CA LEU C 610 -12.01 32.56 -26.95
C LEU C 610 -13.11 31.53 -26.70
N SER C 611 -13.88 31.79 -25.65
CA SER C 611 -15.11 31.04 -25.45
C SER C 611 -16.04 31.39 -26.60
N GLY C 612 -16.73 30.39 -27.14
CA GLY C 612 -17.47 30.53 -28.37
C GLY C 612 -16.70 30.11 -29.61
N SER C 613 -15.38 30.02 -29.53
CA SER C 613 -14.54 30.10 -30.72
C SER C 613 -14.20 28.78 -31.37
N GLY C 614 -14.58 27.66 -30.78
CA GLY C 614 -14.34 26.35 -31.37
C GLY C 614 -13.36 25.46 -30.66
N LYS C 615 -12.42 26.01 -29.90
CA LYS C 615 -11.99 25.29 -28.71
C LYS C 615 -13.20 25.08 -27.85
N THR C 616 -13.97 26.13 -27.76
CA THR C 616 -15.34 26.08 -27.38
C THR C 616 -16.09 24.93 -28.02
N GLU C 617 -15.93 24.78 -29.33
CA GLU C 617 -16.92 24.13 -30.16
C GLU C 617 -16.33 22.92 -30.86
N LEU C 618 -15.37 23.18 -31.73
CA LEU C 618 -15.15 22.45 -32.96
C LEU C 618 -15.24 20.94 -32.80
N ALA C 619 -14.61 20.44 -31.74
CA ALA C 619 -14.58 19.01 -31.54
C ALA C 619 -15.96 18.40 -31.72
N LYS C 620 -16.98 19.16 -31.35
CA LYS C 620 -18.34 18.68 -31.54
C LYS C 620 -18.52 18.12 -32.93
N LYS C 621 -18.21 18.93 -33.94
CA LYS C 621 -18.27 18.43 -35.29
C LYS C 621 -17.25 17.32 -35.49
N VAL C 622 -16.07 17.51 -34.94
CA VAL C 622 -14.89 16.76 -35.35
C VAL C 622 -15.18 15.27 -35.42
N ALA C 623 -15.32 14.63 -34.27
CA ALA C 623 -15.60 13.21 -34.28
C ALA C 623 -16.96 12.95 -34.89
N GLY C 624 -17.94 13.78 -34.54
CA GLY C 624 -19.22 13.71 -35.20
C GLY C 624 -19.03 13.62 -36.70
N PHE C 625 -18.17 14.46 -37.25
CA PHE C 625 -17.65 14.10 -38.54
C PHE C 625 -16.83 12.83 -38.46
N LEU C 626 -15.68 12.93 -37.81
CA LEU C 626 -14.73 11.83 -37.84
C LEU C 626 -15.29 10.53 -37.30
N PHE C 627 -15.49 10.45 -36.01
CA PHE C 627 -15.94 9.20 -35.45
C PHE C 627 -17.45 9.10 -35.43
N ASN C 628 -18.13 10.14 -35.89
CA ASN C 628 -19.58 10.21 -35.79
C ASN C 628 -20.01 10.02 -34.35
N ASP C 629 -19.75 11.05 -33.58
CA ASP C 629 -20.09 11.08 -32.16
C ASP C 629 -19.77 12.45 -31.64
N GLU C 630 -20.47 12.81 -30.58
CA GLU C 630 -20.08 13.97 -29.80
C GLU C 630 -19.02 13.61 -28.77
N ASP C 631 -19.02 12.38 -28.31
CA ASP C 631 -18.31 12.03 -27.10
C ASP C 631 -16.95 11.40 -27.35
N MET C 632 -16.58 11.12 -28.59
CA MET C 632 -15.19 10.77 -28.79
C MET C 632 -14.31 11.91 -28.34
N MET C 633 -14.82 13.13 -28.53
CA MET C 633 -14.41 14.30 -27.78
C MET C 633 -14.40 14.01 -26.30
N ILE C 634 -13.29 14.32 -25.66
CA ILE C 634 -13.10 13.98 -24.26
C ILE C 634 -12.52 15.18 -23.55
N ARG C 635 -13.06 15.47 -22.38
CA ARG C 635 -12.84 16.75 -21.73
C ARG C 635 -11.73 16.63 -20.71
N VAL C 636 -10.84 17.61 -20.70
CA VAL C 636 -9.73 17.66 -19.75
C VAL C 636 -9.49 19.11 -19.40
N ASP C 637 -9.33 19.42 -18.11
CA ASP C 637 -9.01 20.76 -17.68
C ASP C 637 -7.65 20.79 -17.00
N CYS C 638 -6.76 21.64 -17.50
CA CYS C 638 -5.47 21.84 -16.85
C CYS C 638 -5.64 22.48 -15.48
N SER C 639 -6.56 23.45 -15.37
CA SER C 639 -6.80 24.11 -14.10
C SER C 639 -6.90 23.10 -12.99
N GLU C 640 -7.54 21.97 -13.28
CA GLU C 640 -7.55 20.88 -12.33
C GLU C 640 -6.14 20.46 -12.00
N LEU C 641 -5.24 20.51 -12.95
CA LEU C 641 -4.01 19.78 -12.83
C LEU C 641 -2.92 20.82 -12.74
N SER C 642 -2.54 21.18 -11.53
CA SER C 642 -1.40 22.09 -11.40
C SER C 642 -0.11 21.39 -11.08
N GLU C 643 -0.17 20.20 -10.53
CA GLU C 643 1.02 19.64 -9.91
C GLU C 643 1.16 18.15 -10.19
N LYS C 644 0.28 17.35 -9.62
CA LYS C 644 0.53 15.93 -9.46
C LYS C 644 -0.27 15.01 -10.37
N TYR C 645 -1.16 15.52 -11.21
CA TYR C 645 -2.24 14.69 -11.76
C TYR C 645 -1.74 13.40 -12.39
N ALA C 646 -0.46 13.32 -12.70
CA ALA C 646 0.10 12.01 -12.88
C ALA C 646 -0.32 11.10 -11.74
N VAL C 647 -0.61 11.68 -10.58
CA VAL C 647 -1.34 10.97 -9.56
C VAL C 647 -2.63 10.44 -10.19
N SER C 648 -3.55 11.32 -10.51
CA SER C 648 -4.87 10.89 -10.93
C SER C 648 -4.91 10.61 -12.41
N LYS C 649 -3.76 10.64 -13.06
CA LYS C 649 -3.69 10.18 -14.43
C LYS C 649 -3.99 8.70 -14.55
N LEU C 650 -4.24 8.03 -13.43
CA LEU C 650 -3.84 6.65 -13.15
C LEU C 650 -2.33 6.54 -12.96
N LEU C 651 -1.88 6.87 -11.74
CA LEU C 651 -0.55 6.49 -11.32
C LEU C 651 -0.46 4.97 -11.15
N GLY C 652 0.75 4.51 -10.82
CA GLY C 652 0.94 3.12 -10.45
C GLY C 652 0.28 2.85 -9.12
N THR C 653 -0.64 1.90 -9.09
CA THR C 653 -1.53 1.74 -7.94
C THR C 653 -0.74 1.66 -6.64
N THR C 654 -1.18 2.44 -5.66
CA THR C 654 -0.43 2.62 -4.41
C THR C 654 -1.38 2.67 -3.22
N ASP C 661 -7.81 5.02 -4.95
CA ASP C 661 -6.40 4.86 -5.24
C ASP C 661 -6.25 4.39 -6.68
N GLU C 662 -7.38 4.30 -7.36
CA GLU C 662 -7.44 3.89 -8.76
C GLU C 662 -7.72 5.14 -9.59
N GLY C 663 -6.74 5.54 -10.39
CA GLY C 663 -6.79 6.80 -11.12
C GLY C 663 -7.16 6.65 -12.58
N GLY C 664 -7.90 5.60 -12.90
CA GLY C 664 -8.03 5.10 -14.26
C GLY C 664 -8.49 6.07 -15.31
N PHE C 665 -8.93 7.26 -14.87
CA PHE C 665 -9.66 8.18 -15.72
C PHE C 665 -9.05 8.27 -17.10
N LEU C 666 -7.89 8.90 -17.22
CA LEU C 666 -7.28 9.06 -18.53
C LEU C 666 -7.27 7.74 -19.27
N THR C 667 -6.66 6.74 -18.63
CA THR C 667 -6.64 5.41 -19.19
C THR C 667 -8.04 4.98 -19.55
N ASN C 668 -8.92 5.01 -18.55
CA ASN C 668 -10.31 4.69 -18.79
C ASN C 668 -10.83 5.47 -19.98
N GLN C 669 -10.52 6.76 -20.02
CA GLN C 669 -11.08 7.58 -21.08
C GLN C 669 -10.84 6.92 -22.43
N LEU C 670 -9.60 6.50 -22.69
CA LEU C 670 -9.41 5.63 -23.84
C LEU C 670 -9.89 4.23 -23.52
N GLN C 671 -9.46 3.70 -22.37
CA GLN C 671 -9.81 2.32 -22.06
C GLN C 671 -11.29 2.11 -22.23
N TYR C 672 -12.07 3.17 -22.06
CA TYR C 672 -13.43 3.15 -22.56
C TYR C 672 -13.47 3.35 -24.06
N LYS C 673 -12.68 4.29 -24.58
CA LYS C 673 -12.96 4.92 -25.86
C LYS C 673 -11.69 5.08 -26.69
N PRO C 674 -11.34 4.06 -27.45
CA PRO C 674 -10.08 4.10 -28.21
C PRO C 674 -10.01 5.05 -29.39
N TYR C 675 -11.03 5.07 -30.23
CA TYR C 675 -11.03 5.96 -31.38
C TYR C 675 -11.76 7.22 -30.93
N SER C 676 -11.02 8.28 -30.71
CA SER C 676 -11.52 9.27 -29.76
C SER C 676 -10.86 10.61 -30.03
N VAL C 677 -11.44 11.64 -29.44
CA VAL C 677 -10.94 12.99 -29.59
C VAL C 677 -10.68 13.58 -28.22
N LEU C 678 -9.52 14.17 -28.05
CA LEU C 678 -9.02 14.51 -26.74
C LEU C 678 -8.99 16.02 -26.60
N LEU C 679 -9.93 16.56 -25.85
CA LEU C 679 -9.94 17.98 -25.55
C LEU C 679 -9.28 18.22 -24.21
N PHE C 680 -8.27 19.07 -24.21
CA PHE C 680 -7.69 19.55 -22.97
C PHE C 680 -8.07 21.01 -22.80
N ASP C 681 -8.36 21.41 -21.58
CA ASP C 681 -8.78 22.76 -21.26
C ASP C 681 -7.70 23.41 -20.42
N GLU C 682 -7.60 24.74 -20.53
CA GLU C 682 -6.60 25.49 -19.79
C GLU C 682 -5.20 25.08 -20.21
N VAL C 683 -5.12 24.53 -21.43
CA VAL C 683 -3.89 23.92 -21.90
C VAL C 683 -2.73 24.87 -21.71
N GLU C 684 -2.97 26.15 -22.00
CA GLU C 684 -1.98 27.18 -21.75
C GLU C 684 -1.43 27.11 -20.33
N LYS C 685 -2.21 26.64 -19.39
CA LYS C 685 -1.73 26.48 -18.03
C LYS C 685 -1.20 25.09 -17.78
N ALA C 686 -1.10 24.24 -18.81
CA ALA C 686 -0.64 22.89 -18.61
C ALA C 686 0.67 22.87 -17.83
N HIS C 687 0.68 22.13 -16.81
CA HIS C 687 1.73 22.11 -15.82
C HIS C 687 2.76 21.06 -16.16
N PRO C 688 3.97 21.19 -15.62
CA PRO C 688 5.07 20.29 -16.00
C PRO C 688 4.66 18.84 -16.05
N ASP C 689 3.86 18.41 -15.07
CA ASP C 689 3.30 17.07 -15.11
C ASP C 689 2.56 16.86 -16.41
N VAL C 690 1.39 17.48 -16.52
CA VAL C 690 0.47 17.10 -17.58
C VAL C 690 1.14 17.21 -18.94
N LEU C 691 1.92 18.26 -19.11
CA LEU C 691 2.59 18.42 -20.40
C LEU C 691 3.55 17.29 -20.67
N THR C 692 4.19 16.76 -19.64
CA THR C 692 5.25 15.80 -19.93
C THR C 692 4.66 14.51 -20.47
N VAL C 693 3.45 14.17 -20.05
CA VAL C 693 2.81 13.03 -20.69
C VAL C 693 2.20 13.45 -21.99
N MET C 694 1.80 14.71 -22.10
CA MET C 694 1.43 15.21 -23.42
C MET C 694 2.51 14.83 -24.40
N LEU C 695 3.77 14.92 -23.98
CA LEU C 695 4.85 14.46 -24.82
C LEU C 695 4.56 13.07 -25.35
N GLN C 696 4.31 12.13 -24.46
CA GLN C 696 3.96 10.82 -24.97
C GLN C 696 2.71 10.90 -25.82
N MET C 697 1.72 11.64 -25.36
CA MET C 697 0.55 11.86 -26.19
C MET C 697 1.01 12.41 -27.53
N LEU C 698 1.83 13.47 -27.49
CA LEU C 698 2.54 13.92 -28.67
C LEU C 698 3.30 12.79 -29.32
N ASP C 699 3.86 11.89 -28.52
CA ASP C 699 4.67 10.84 -29.08
C ASP C 699 3.80 9.78 -29.71
N ASP C 700 4.40 9.01 -30.62
CA ASP C 700 4.23 7.56 -30.77
C ASP C 700 2.79 7.13 -31.05
N GLY C 701 1.85 8.04 -30.93
CA GLY C 701 0.45 7.63 -30.93
C GLY C 701 0.15 6.54 -29.93
N ARG C 702 0.77 6.60 -28.75
CA ARG C 702 0.54 5.62 -27.70
C ARG C 702 0.56 6.32 -26.35
N ILE C 703 -0.15 5.74 -25.40
CA ILE C 703 -0.29 6.34 -24.08
C ILE C 703 -0.02 5.29 -23.03
N THR C 704 1.05 5.49 -22.26
CA THR C 704 1.32 4.63 -21.12
C THR C 704 0.33 4.89 -20.00
N SER C 705 0.26 3.95 -19.07
CA SER C 705 -0.49 4.11 -17.84
C SER C 705 0.48 4.15 -16.67
N GLY C 706 -0.08 4.37 -15.49
CA GLY C 706 0.70 4.26 -14.27
C GLY C 706 0.79 2.81 -13.86
N GLN C 707 -0.30 2.07 -14.08
CA GLN C 707 -0.27 0.63 -13.90
C GLN C 707 0.65 -0.04 -14.90
N GLY C 708 1.13 0.70 -15.89
CA GLY C 708 2.10 0.19 -16.83
C GLY C 708 1.57 -0.05 -18.23
N LYS C 709 0.26 -0.04 -18.42
CA LYS C 709 -0.25 -0.26 -19.77
C LYS C 709 0.05 0.93 -20.65
N THR C 710 0.46 0.65 -21.87
CA THR C 710 0.56 1.67 -22.90
C THR C 710 -0.62 1.52 -23.85
N ILE C 711 -1.09 2.64 -24.37
CA ILE C 711 -2.40 2.68 -25.00
C ILE C 711 -2.36 3.59 -26.21
N ASP C 712 -2.87 3.10 -27.34
CA ASP C 712 -2.77 3.82 -28.61
C ASP C 712 -3.36 5.22 -28.53
N CYS C 713 -2.53 6.21 -28.84
CA CYS C 713 -3.00 7.54 -29.15
C CYS C 713 -3.15 7.79 -30.65
N SER C 714 -2.63 6.91 -31.50
CA SER C 714 -2.54 7.23 -32.92
C SER C 714 -3.91 7.51 -33.50
N ASN C 715 -4.85 6.64 -33.22
CA ASN C 715 -6.21 6.79 -33.71
C ASN C 715 -6.98 7.81 -32.90
N CYS C 716 -6.29 8.46 -31.98
CA CYS C 716 -6.89 9.42 -31.08
C CYS C 716 -6.56 10.83 -31.57
N ILE C 717 -7.48 11.75 -31.30
CA ILE C 717 -7.34 13.13 -31.75
C ILE C 717 -7.28 14.01 -30.51
N VAL C 718 -6.37 14.97 -30.52
CA VAL C 718 -6.11 15.76 -29.34
C VAL C 718 -6.46 17.22 -29.61
N ILE C 719 -7.03 17.88 -28.61
CA ILE C 719 -7.65 19.19 -28.77
C ILE C 719 -7.29 20.06 -27.57
N MET C 720 -6.87 21.29 -27.83
CA MET C 720 -6.24 22.11 -26.82
C MET C 720 -6.82 23.51 -26.79
N THR C 721 -7.42 23.86 -25.66
CA THR C 721 -7.81 25.24 -25.43
C THR C 721 -6.58 26.08 -25.17
N SER C 722 -6.39 27.14 -25.95
CA SER C 722 -5.36 28.11 -25.64
C SER C 722 -5.90 29.52 -25.86
N ASN C 723 -5.96 30.27 -24.79
CA ASN C 723 -6.39 31.67 -24.80
C ASN C 723 -5.24 32.65 -24.73
N LEU C 724 -3.99 32.19 -24.78
CA LEU C 724 -2.82 32.99 -24.43
C LEU C 724 -2.84 34.40 -25.00
N GLY C 725 -2.88 34.52 -26.32
CA GLY C 725 -2.72 35.81 -26.96
C GLY C 725 -3.97 36.64 -26.83
N ALA C 726 -4.78 36.34 -25.80
CA ALA C 726 -6.07 36.99 -25.57
C ALA C 726 -5.94 38.48 -25.79
N GLU C 727 -4.84 39.04 -25.32
CA GLU C 727 -4.41 40.37 -25.72
C GLU C 727 -4.55 40.48 -27.22
N PHE C 728 -3.68 39.75 -27.88
CA PHE C 728 -3.60 39.77 -29.32
C PHE C 728 -4.90 39.30 -29.91
N ILE C 729 -5.53 38.32 -29.26
CA ILE C 729 -6.87 37.91 -29.65
C ILE C 729 -7.81 39.10 -29.54
N ASN C 730 -7.75 39.81 -28.42
CA ASN C 730 -8.60 40.98 -28.30
C ASN C 730 -8.25 41.97 -29.38
N SER C 731 -6.97 42.11 -29.68
CA SER C 731 -6.54 43.06 -30.71
C SER C 731 -7.22 42.81 -32.04
N GLN C 732 -7.74 41.59 -32.26
CA GLN C 732 -8.52 41.30 -33.45
C GLN C 732 -9.65 42.31 -33.65
N GLN C 733 -9.94 43.12 -32.64
CA GLN C 733 -10.68 44.35 -32.89
C GLN C 733 -10.12 45.07 -34.11
N GLY C 734 -8.80 45.19 -34.16
CA GLY C 734 -8.21 45.66 -35.38
C GLY C 734 -8.29 44.68 -36.52
N SER C 735 -8.95 43.55 -36.30
CA SER C 735 -8.93 42.45 -37.26
C SER C 735 -7.49 42.13 -37.64
N LYS C 736 -6.66 41.94 -36.62
CA LYS C 736 -5.22 42.02 -36.78
C LYS C 736 -4.70 41.05 -37.83
N ILE C 737 -3.59 41.45 -38.46
CA ILE C 737 -2.95 40.53 -39.39
C ILE C 737 -2.70 39.29 -38.57
N GLN C 738 -3.29 38.21 -39.03
CA GLN C 738 -3.34 37.03 -38.20
C GLN C 738 -1.93 36.56 -37.88
N GLU C 739 -1.20 36.14 -38.92
CA GLU C 739 0.17 35.71 -38.75
C GLU C 739 0.97 36.70 -37.92
N SER C 740 0.90 37.97 -38.29
CA SER C 740 1.50 39.01 -37.49
C SER C 740 1.13 38.80 -36.03
N THR C 741 -0.16 38.92 -35.74
CA THR C 741 -0.56 38.72 -34.36
C THR C 741 -0.31 37.27 -33.93
N LYS C 742 -0.36 36.32 -34.87
CA LYS C 742 0.06 34.96 -34.54
C LYS C 742 1.50 34.94 -34.06
N ASN C 743 2.40 35.46 -34.87
CA ASN C 743 3.78 35.61 -34.46
C ASN C 743 3.82 36.30 -33.12
N LEU C 744 3.16 37.45 -33.07
CA LEU C 744 2.93 38.16 -31.83
C LEU C 744 2.44 37.22 -30.75
N VAL C 745 1.46 36.39 -31.08
CA VAL C 745 1.06 35.36 -30.13
C VAL C 745 2.17 34.36 -29.93
N MET C 746 2.79 33.91 -31.03
CA MET C 746 3.60 32.70 -30.97
C MET C 746 4.52 32.74 -29.77
N GLY C 747 5.29 33.82 -29.66
CA GLY C 747 6.22 33.92 -28.55
C GLY C 747 5.57 33.53 -27.25
N ALA C 748 4.40 34.09 -26.97
CA ALA C 748 3.66 33.73 -25.77
C ALA C 748 3.56 32.23 -25.67
N VAL C 749 2.81 31.60 -26.56
CA VAL C 749 2.75 30.15 -26.54
C VAL C 749 4.15 29.57 -26.68
N ARG C 750 4.93 30.11 -27.61
CA ARG C 750 6.32 29.71 -27.72
C ARG C 750 6.99 29.73 -26.36
N GLN C 751 6.69 30.73 -25.55
CA GLN C 751 7.18 30.76 -24.18
C GLN C 751 6.55 29.63 -23.37
N HIS C 752 5.22 29.52 -23.41
CA HIS C 752 4.53 28.61 -22.53
C HIS C 752 4.89 27.17 -22.79
N PHE C 753 5.63 26.88 -23.85
CA PHE C 753 5.84 25.49 -24.21
C PHE C 753 7.24 25.31 -24.73
N ARG C 754 7.85 24.23 -24.28
CA ARG C 754 9.07 23.76 -24.89
C ARG C 754 8.81 23.44 -26.35
N PRO C 755 9.83 23.55 -27.18
CA PRO C 755 9.63 23.28 -28.61
C PRO C 755 9.12 21.88 -28.89
N GLU C 756 9.61 20.91 -28.14
CA GLU C 756 9.33 19.51 -28.44
C GLU C 756 7.83 19.29 -28.51
N PHE C 757 7.14 19.79 -27.50
CA PHE C 757 5.71 20.01 -27.56
C PHE C 757 5.39 20.65 -28.89
N LEU C 758 5.84 21.89 -29.05
CA LEU C 758 5.52 22.68 -30.22
C LEU C 758 5.81 21.92 -31.50
N ASN C 759 6.77 21.02 -31.45
CA ASN C 759 7.26 20.38 -32.64
C ASN C 759 6.70 19.01 -32.88
N ARG C 760 5.85 18.52 -31.98
CA ARG C 760 4.90 17.54 -32.41
C ARG C 760 3.59 18.16 -32.84
N ILE C 761 3.38 19.43 -32.55
CA ILE C 761 2.07 20.00 -32.81
C ILE C 761 1.85 20.04 -34.30
N SER C 762 0.77 19.42 -34.75
CA SER C 762 0.51 19.38 -36.18
C SER C 762 -0.06 20.69 -36.68
N SER C 763 -0.75 21.46 -35.83
CA SER C 763 -0.98 22.86 -36.13
C SER C 763 -1.37 23.60 -34.87
N ILE C 764 -1.26 24.92 -34.94
CA ILE C 764 -1.84 25.82 -33.96
C ILE C 764 -2.49 26.96 -34.71
N VAL C 765 -3.73 27.28 -34.37
CA VAL C 765 -4.44 28.33 -35.08
C VAL C 765 -5.27 29.14 -34.11
N ILE C 766 -5.40 30.42 -34.41
CA ILE C 766 -6.40 31.23 -33.76
C ILE C 766 -7.78 30.73 -34.13
N PHE C 767 -8.76 31.07 -33.32
CA PHE C 767 -10.15 31.12 -33.76
C PHE C 767 -10.54 32.60 -33.68
N ASN C 768 -10.65 33.23 -34.84
CA ASN C 768 -10.56 34.67 -34.90
C ASN C 768 -11.94 35.35 -34.83
N LYS C 769 -11.96 36.61 -35.26
CA LYS C 769 -13.16 37.44 -35.30
C LYS C 769 -14.28 36.78 -36.08
N LEU C 770 -15.49 37.19 -35.75
CA LEU C 770 -16.71 36.58 -36.25
C LEU C 770 -17.48 37.60 -37.08
N SER C 771 -18.06 37.15 -38.19
CA SER C 771 -18.86 38.02 -39.04
C SER C 771 -20.33 37.70 -38.86
N ARG C 772 -21.17 38.72 -38.97
CA ARG C 772 -22.61 38.46 -38.92
C ARG C 772 -22.93 37.28 -39.81
N LYS C 773 -22.35 37.29 -41.01
CA LYS C 773 -22.41 36.20 -41.96
C LYS C 773 -22.26 34.93 -41.16
N ALA C 774 -21.07 34.74 -40.61
CA ALA C 774 -20.90 33.70 -39.61
C ALA C 774 -21.99 33.82 -38.57
N ILE C 775 -21.96 34.88 -37.77
CA ILE C 775 -22.74 34.91 -36.55
C ILE C 775 -24.16 34.45 -36.82
N HIS C 776 -24.94 35.24 -37.53
CA HIS C 776 -26.36 34.93 -37.62
C HIS C 776 -26.59 33.51 -38.12
N LYS C 777 -25.75 33.04 -39.02
CA LYS C 777 -25.83 31.64 -39.39
C LYS C 777 -25.58 30.77 -38.17
N ILE C 778 -24.46 31.01 -37.50
CA ILE C 778 -24.13 30.24 -36.30
C ILE C 778 -25.28 30.33 -35.33
N VAL C 779 -25.79 31.54 -35.19
CA VAL C 779 -27.05 31.76 -34.53
C VAL C 779 -28.04 30.77 -35.09
N ASP C 780 -28.33 30.89 -36.38
CA ASP C 780 -29.31 30.02 -36.97
C ASP C 780 -28.95 28.56 -36.74
N ILE C 781 -27.66 28.28 -36.62
CA ILE C 781 -27.25 26.89 -36.48
C ILE C 781 -27.97 26.24 -35.32
N ARG C 782 -27.91 26.86 -34.16
CA ARG C 782 -28.74 26.32 -33.11
C ARG C 782 -30.19 26.44 -33.49
N LEU C 783 -30.57 27.59 -34.04
CA LEU C 783 -31.94 27.77 -34.50
C LEU C 783 -32.32 26.67 -35.45
N LYS C 784 -31.38 26.23 -36.26
CA LYS C 784 -31.60 25.09 -37.12
C LYS C 784 -32.08 23.94 -36.27
N GLU C 785 -31.26 23.55 -35.33
CA GLU C 785 -31.46 22.32 -34.62
C GLU C 785 -32.45 22.42 -33.50
N ILE C 786 -33.11 23.55 -33.34
CA ILE C 786 -34.09 23.71 -32.27
C ILE C 786 -34.99 22.50 -32.24
N GLU C 787 -35.50 22.20 -33.41
CA GLU C 787 -36.45 21.14 -33.68
C GLU C 787 -36.04 19.82 -33.06
N GLU C 788 -34.73 19.64 -32.87
CA GLU C 788 -34.11 18.32 -32.78
C GLU C 788 -34.89 17.37 -31.90
N ARG C 789 -35.22 17.81 -30.72
CA ARG C 789 -36.27 17.14 -30.00
C ARG C 789 -37.62 17.69 -30.37
N PHE C 790 -37.67 18.99 -30.62
CA PHE C 790 -38.90 19.71 -30.36
C PHE C 790 -39.84 19.54 -31.53
N GLU C 791 -39.58 20.29 -32.59
CA GLU C 791 -40.30 20.01 -33.81
C GLU C 791 -39.95 18.62 -34.31
N GLN C 792 -38.79 18.09 -33.92
CA GLN C 792 -38.46 16.75 -34.38
C GLN C 792 -39.05 15.69 -33.47
N ASN C 793 -38.43 15.42 -32.33
CA ASN C 793 -38.90 14.22 -31.67
C ASN C 793 -40.07 14.50 -30.75
N ASP C 794 -40.57 15.73 -30.73
CA ASP C 794 -41.81 15.96 -30.01
C ASP C 794 -42.83 16.76 -30.81
N LYS C 795 -42.61 18.07 -30.90
CA LYS C 795 -43.73 18.99 -31.04
C LYS C 795 -44.24 19.09 -32.47
N HIS C 796 -43.35 19.06 -33.45
CA HIS C 796 -43.70 19.47 -34.81
C HIS C 796 -44.02 20.97 -34.86
N TYR C 797 -43.46 21.73 -33.93
CA TYR C 797 -43.68 23.17 -33.91
C TYR C 797 -43.20 23.85 -35.18
N LYS C 798 -44.06 24.66 -35.76
CA LYS C 798 -43.73 25.34 -37.00
C LYS C 798 -43.15 26.72 -36.72
N LEU C 799 -41.90 26.90 -37.10
CA LEU C 799 -41.04 27.92 -36.53
C LEU C 799 -41.15 29.25 -37.27
N ASN C 800 -41.32 30.32 -36.51
CA ASN C 800 -41.21 31.66 -37.03
C ASN C 800 -40.11 32.43 -36.31
N LEU C 801 -39.34 33.20 -37.07
CA LEU C 801 -38.43 34.16 -36.49
C LEU C 801 -38.44 35.44 -37.32
N THR C 802 -38.48 36.56 -36.62
CA THR C 802 -38.23 37.84 -37.28
C THR C 802 -36.73 38.01 -37.47
N GLN C 803 -36.35 38.53 -38.63
CA GLN C 803 -34.95 38.65 -38.95
C GLN C 803 -34.27 39.59 -37.98
N GLU C 804 -34.95 40.68 -37.63
CA GLU C 804 -34.51 41.52 -36.56
C GLU C 804 -34.17 40.70 -35.33
N ALA C 805 -35.14 39.89 -34.87
CA ALA C 805 -34.85 38.97 -33.79
C ALA C 805 -33.64 38.15 -34.14
N LYS C 806 -33.68 37.51 -35.29
CA LYS C 806 -32.52 36.80 -35.79
C LYS C 806 -31.28 37.67 -35.71
N ASP C 807 -31.45 38.97 -35.92
CA ASP C 807 -30.36 39.90 -35.69
C ASP C 807 -30.23 40.22 -34.20
N PHE C 808 -31.36 40.48 -33.56
CA PHE C 808 -31.47 40.78 -32.13
C PHE C 808 -30.61 39.77 -31.40
N LEU C 809 -30.73 38.54 -31.86
CA LEU C 809 -29.88 37.45 -31.43
C LEU C 809 -28.44 37.90 -31.38
N ALA C 810 -27.86 38.17 -32.55
CA ALA C 810 -26.56 38.81 -32.52
C ALA C 810 -26.62 40.06 -31.66
N LYS C 811 -27.63 40.89 -31.88
CA LYS C 811 -27.59 42.28 -31.47
C LYS C 811 -27.33 42.47 -29.97
N TYR C 812 -28.31 42.22 -29.12
CA TYR C 812 -27.96 42.09 -27.70
C TYR C 812 -27.04 40.90 -27.51
N GLY C 813 -27.41 39.78 -28.12
CA GLY C 813 -26.96 38.50 -27.60
C GLY C 813 -25.49 38.23 -27.85
N TYR C 814 -25.04 38.42 -29.07
CA TYR C 814 -23.66 38.09 -29.36
C TYR C 814 -22.73 38.81 -28.41
N SER C 815 -21.89 38.05 -27.72
CA SER C 815 -20.82 38.60 -26.90
C SER C 815 -19.55 38.64 -27.68
N ASP C 816 -18.93 39.81 -27.74
CA ASP C 816 -17.66 39.95 -28.40
C ASP C 816 -16.77 38.79 -28.02
N ASP C 817 -16.40 38.73 -26.76
CA ASP C 817 -15.51 37.69 -26.28
C ASP C 817 -16.17 36.32 -26.40
N MET C 818 -17.32 36.13 -25.77
CA MET C 818 -17.86 34.79 -25.65
C MET C 818 -18.96 34.47 -26.66
N GLY C 819 -19.37 35.41 -27.48
CA GLY C 819 -20.38 35.10 -28.47
C GLY C 819 -21.78 35.15 -27.89
N ALA C 820 -22.72 34.76 -28.73
CA ALA C 820 -24.05 34.51 -28.21
C ALA C 820 -24.16 33.12 -27.63
N ARG C 821 -23.06 32.38 -27.62
CA ARG C 821 -22.95 31.24 -26.73
C ARG C 821 -23.47 31.54 -25.34
N PRO C 822 -23.13 32.67 -24.73
CA PRO C 822 -23.90 33.07 -23.55
C PRO C 822 -25.37 33.25 -23.88
N LEU C 823 -25.66 34.01 -24.94
CA LEU C 823 -27.05 34.17 -25.32
C LEU C 823 -27.67 32.83 -25.65
N ASN C 824 -26.85 31.92 -26.16
CA ASN C 824 -27.32 30.57 -26.40
C ASN C 824 -27.97 30.01 -25.14
N ARG C 825 -27.24 30.07 -24.03
CA ARG C 825 -27.85 29.73 -22.75
C ARG C 825 -29.09 30.57 -22.51
N LEU C 826 -29.06 31.82 -22.96
CA LEU C 826 -30.22 32.68 -22.78
C LEU C 826 -31.34 32.25 -23.70
N ILE C 827 -30.99 31.75 -24.88
CA ILE C 827 -31.93 31.61 -25.99
C ILE C 827 -33.26 31.13 -25.46
N GLN C 828 -33.23 29.96 -24.85
CA GLN C 828 -34.41 29.35 -24.28
C GLN C 828 -35.29 30.37 -23.59
N ASN C 829 -34.67 31.23 -22.80
CA ASN C 829 -35.43 32.18 -22.02
C ASN C 829 -36.24 33.02 -22.98
N GLU C 830 -35.55 33.85 -23.74
CA GLU C 830 -36.21 34.65 -24.74
C GLU C 830 -36.84 33.79 -25.82
N ILE C 831 -36.56 32.51 -25.86
CA ILE C 831 -37.14 31.70 -26.91
C ILE C 831 -38.06 30.65 -26.35
N LEU C 832 -37.47 29.61 -25.78
CA LEU C 832 -38.28 28.46 -25.38
C LEU C 832 -39.38 28.88 -24.42
N ASN C 833 -39.01 29.40 -23.26
CA ASN C 833 -40.03 29.80 -22.30
C ASN C 833 -41.05 30.71 -22.97
N LYS C 834 -40.56 31.70 -23.71
CA LYS C 834 -41.47 32.54 -24.47
C LYS C 834 -42.45 31.67 -25.24
N LEU C 835 -41.95 30.62 -25.87
CA LEU C 835 -42.85 29.63 -26.42
C LEU C 835 -43.48 28.81 -25.31
N ALA C 836 -42.65 28.25 -24.43
CA ALA C 836 -43.20 27.42 -23.36
C ALA C 836 -44.35 28.13 -22.70
N LEU C 837 -44.21 29.42 -22.49
CA LEU C 837 -45.32 30.27 -22.11
C LEU C 837 -46.53 29.97 -22.98
N ARG C 838 -46.43 30.25 -24.27
CA ARG C 838 -47.51 29.91 -25.17
C ARG C 838 -47.87 28.44 -25.05
N ILE C 839 -46.86 27.56 -24.91
CA ILE C 839 -47.14 26.15 -24.67
C ILE C 839 -48.05 26.01 -23.47
N LEU C 840 -47.62 26.60 -22.36
CA LEU C 840 -48.48 26.71 -21.20
C LEU C 840 -49.83 27.30 -21.59
N LYS C 841 -49.80 28.38 -22.36
CA LYS C 841 -51.05 29.02 -22.76
C LYS C 841 -51.92 28.06 -23.56
N ASN C 842 -51.36 27.50 -24.63
CA ASN C 842 -51.94 26.77 -25.77
C ASN C 842 -52.30 27.70 -26.92
N GLU C 843 -52.11 29.01 -26.84
CA GLU C 843 -52.16 29.80 -28.08
C GLU C 843 -51.30 29.12 -29.13
N ILE C 844 -50.20 28.53 -28.72
CA ILE C 844 -49.66 27.51 -29.59
C ILE C 844 -50.49 26.26 -29.42
N LYS C 845 -51.21 25.90 -30.47
CA LYS C 845 -51.43 24.52 -30.77
C LYS C 845 -50.34 24.18 -31.76
N ASP C 846 -50.23 22.93 -32.17
CA ASP C 846 -49.11 22.61 -33.04
C ASP C 846 -49.22 23.45 -34.30
N LYS C 847 -48.12 24.16 -34.60
CA LYS C 847 -47.96 25.13 -35.68
C LYS C 847 -48.47 26.53 -35.33
N GLU C 848 -49.25 26.69 -34.26
CA GLU C 848 -49.58 28.04 -33.82
C GLU C 848 -48.32 28.71 -33.29
N THR C 849 -47.89 29.79 -33.93
CA THR C 849 -46.59 30.38 -33.62
C THR C 849 -46.65 31.90 -33.71
N VAL C 850 -46.25 32.59 -32.64
CA VAL C 850 -46.19 34.05 -32.62
C VAL C 850 -44.94 34.47 -31.88
N ASN C 851 -44.12 35.32 -32.49
CA ASN C 851 -42.80 35.62 -31.97
C ASN C 851 -42.63 37.12 -31.76
N VAL C 852 -41.41 37.53 -31.42
CA VAL C 852 -41.10 38.94 -31.28
C VAL C 852 -40.03 39.36 -32.26
N GLN D 1 19.66 -54.55 -5.06
CA GLN D 1 20.71 -54.46 -4.04
C GLN D 1 20.36 -53.41 -3.00
N PHE D 2 20.77 -53.65 -1.75
CA PHE D 2 20.69 -52.62 -0.74
C PHE D 2 21.75 -51.55 -1.02
N THR D 3 21.84 -50.60 -0.09
CA THR D 3 22.81 -49.51 -0.18
C THR D 3 23.49 -49.24 1.16
N GLU D 4 23.51 -47.99 1.57
CA GLU D 4 24.14 -47.60 2.83
C GLU D 4 23.38 -48.15 4.03
N ARG D 5 22.24 -47.55 4.35
CA ARG D 5 21.42 -48.00 5.47
C ARG D 5 21.07 -49.46 5.28
N ALA D 6 21.41 -50.28 6.27
CA ALA D 6 21.14 -51.72 6.21
C ALA D 6 22.39 -52.42 5.70
N LEU D 7 22.82 -52.09 4.49
CA LEU D 7 24.01 -52.68 3.90
C LEU D 7 25.17 -52.40 4.83
N THR D 8 25.33 -51.13 5.20
CA THR D 8 26.39 -50.72 6.11
C THR D 8 26.23 -51.52 7.40
N ILE D 9 25.03 -51.51 7.95
CA ILE D 9 24.74 -52.26 9.17
C ILE D 9 25.04 -53.72 8.82
N LEU D 10 25.24 -53.96 7.53
CA LEU D 10 25.56 -55.29 7.03
C LEU D 10 27.07 -55.49 6.92
N THR D 11 27.82 -54.43 6.61
CA THR D 11 29.27 -54.55 6.56
C THR D 11 29.86 -54.58 7.96
N LEU D 12 29.35 -53.75 8.86
CA LEU D 12 29.78 -53.88 10.24
C LEU D 12 29.31 -55.22 10.79
N ALA D 13 28.20 -55.74 10.28
CA ALA D 13 27.86 -57.14 10.48
C ALA D 13 28.95 -58.04 9.92
N GLN D 14 29.33 -57.80 8.65
CA GLN D 14 30.48 -58.50 8.09
C GLN D 14 31.74 -58.19 8.88
N LYS D 15 31.90 -56.94 9.30
CA LYS D 15 32.97 -56.59 10.23
C LYS D 15 32.83 -57.39 11.51
N LEU D 16 31.61 -57.51 12.03
CA LEU D 16 31.37 -58.39 13.15
C LEU D 16 31.49 -59.85 12.73
N ALA D 17 31.10 -60.18 11.50
CA ALA D 17 31.37 -61.50 10.97
C ALA D 17 32.86 -61.76 10.82
N SER D 18 33.66 -60.70 10.77
CA SER D 18 35.10 -60.84 10.88
C SER D 18 35.60 -60.70 12.33
N ASP D 19 34.74 -60.28 13.25
CA ASP D 19 35.16 -60.15 14.65
C ASP D 19 35.32 -61.51 15.30
N HIS D 20 34.26 -62.31 15.33
CA HIS D 20 34.32 -63.66 15.88
C HIS D 20 34.43 -64.72 14.79
N GLN D 21 34.50 -64.32 13.52
CA GLN D 21 34.58 -65.23 12.38
C GLN D 21 33.62 -66.42 12.51
N HIS D 22 32.32 -66.14 12.44
CA HIS D 22 31.34 -67.20 12.60
C HIS D 22 31.32 -68.09 11.35
N PRO D 23 30.93 -69.36 11.50
CA PRO D 23 30.75 -70.21 10.32
C PRO D 23 29.56 -69.79 9.49
N GLN D 24 28.69 -68.97 10.07
CA GLN D 24 27.36 -68.73 9.53
C GLN D 24 26.97 -67.33 9.97
N LEU D 25 26.09 -66.68 9.20
CA LEU D 25 25.73 -65.31 9.53
C LEU D 25 24.55 -65.36 10.49
N GLN D 26 24.82 -65.03 11.74
CA GLN D 26 23.81 -65.00 12.77
C GLN D 26 22.89 -63.82 12.54
N PRO D 27 21.64 -63.92 13.01
CA PRO D 27 20.79 -62.73 13.05
C PRO D 27 21.46 -61.55 13.71
N ILE D 28 22.45 -61.79 14.56
CA ILE D 28 23.02 -60.78 15.42
C ILE D 28 24.18 -60.01 14.79
N HIS D 29 24.76 -60.53 13.69
CA HIS D 29 25.86 -59.81 13.05
C HIS D 29 25.50 -58.36 12.84
N ILE D 30 24.33 -58.11 12.26
CA ILE D 30 23.90 -56.74 12.09
C ILE D 30 23.24 -56.18 13.34
N LEU D 31 22.77 -57.05 14.25
CA LEU D 31 22.20 -56.55 15.50
C LEU D 31 23.27 -55.89 16.35
N ALA D 32 24.35 -56.61 16.64
CA ALA D 32 25.48 -55.98 17.29
C ALA D 32 26.18 -54.98 16.38
N ALA D 33 25.91 -55.04 15.07
CA ALA D 33 26.33 -53.96 14.18
C ALA D 33 25.37 -52.78 14.22
N PHE D 34 24.06 -53.06 14.29
CA PHE D 34 23.06 -52.00 14.50
C PHE D 34 23.50 -51.05 15.59
N ILE D 35 23.58 -51.54 16.82
CA ILE D 35 24.29 -50.84 17.86
C ILE D 35 25.74 -50.64 17.43
N GLU D 36 26.25 -49.42 17.62
CA GLU D 36 27.68 -49.24 17.44
C GLU D 36 28.43 -49.71 18.68
N THR D 37 27.90 -49.39 19.84
CA THR D 37 28.52 -49.62 21.14
C THR D 37 27.36 -49.39 22.10
N PRO D 38 27.49 -49.63 23.42
CA PRO D 38 26.32 -49.50 24.31
C PRO D 38 25.58 -48.18 24.22
N GLU D 39 26.10 -47.24 23.41
CA GLU D 39 25.47 -45.94 23.25
C GLU D 39 23.99 -46.07 23.03
N ASP D 40 23.22 -45.19 23.66
CA ASP D 40 21.85 -44.97 23.25
C ASP D 40 21.77 -44.26 21.91
N GLY D 41 22.89 -43.77 21.38
CA GLY D 41 22.86 -42.97 20.19
C GLY D 41 22.27 -43.72 19.01
N SER D 42 22.91 -44.82 18.60
CA SER D 42 22.43 -45.56 17.44
C SER D 42 20.95 -45.84 17.60
N VAL D 43 20.18 -45.49 16.59
CA VAL D 43 18.75 -45.76 16.59
C VAL D 43 18.53 -47.17 17.11
N PRO D 44 19.14 -48.19 16.51
CA PRO D 44 18.79 -49.57 16.90
C PRO D 44 19.04 -49.90 18.36
N TYR D 45 19.77 -49.07 19.10
CA TYR D 45 19.96 -49.41 20.51
C TYR D 45 18.74 -49.00 21.33
N LEU D 46 18.58 -47.70 21.54
CA LEU D 46 17.50 -47.15 22.36
C LEU D 46 16.43 -46.53 21.51
N GLN D 47 16.83 -45.60 20.65
CA GLN D 47 15.99 -44.95 19.67
C GLN D 47 15.30 -45.98 18.78
N ASN D 48 15.69 -47.23 18.88
CA ASN D 48 15.05 -48.28 18.09
C ASN D 48 13.57 -48.38 18.40
N LEU D 49 12.82 -48.72 17.35
CA LEU D 49 11.38 -48.79 17.25
C LEU D 49 10.80 -50.00 17.97
N ILE D 50 11.66 -50.87 18.52
CA ILE D 50 11.24 -52.06 19.27
C ILE D 50 11.31 -51.77 20.76
N GLU D 51 12.51 -51.45 21.25
CA GLU D 51 12.68 -51.13 22.67
C GLU D 51 11.62 -50.14 23.15
N LYS D 52 11.45 -49.05 22.40
CA LYS D 52 10.34 -48.15 22.70
C LYS D 52 9.02 -48.93 22.70
N GLY D 53 8.80 -49.77 21.69
CA GLY D 53 7.58 -50.54 21.64
C GLY D 53 7.48 -51.66 22.66
N ARG D 54 8.41 -52.61 22.63
CA ARG D 54 8.26 -53.79 23.47
C ARG D 54 9.52 -54.21 24.22
N TYR D 55 10.52 -54.72 23.50
CA TYR D 55 11.64 -55.43 24.08
C TYR D 55 12.85 -54.52 24.25
N ASP D 56 13.29 -54.35 25.49
CA ASP D 56 14.51 -53.61 25.76
C ASP D 56 15.66 -54.15 24.93
N TYR D 57 16.42 -53.24 24.31
CA TYR D 57 17.59 -53.68 23.58
C TYR D 57 18.80 -53.87 24.49
N ASP D 58 18.93 -53.08 25.55
CA ASP D 58 19.90 -53.41 26.59
C ASP D 58 19.69 -54.84 27.06
N LEU D 59 18.43 -55.21 27.26
CA LEU D 59 18.04 -56.60 27.38
C LEU D 59 18.42 -57.39 26.13
N PHE D 60 18.13 -56.83 24.96
CA PHE D 60 18.30 -57.58 23.72
C PHE D 60 19.76 -57.57 23.24
N LYS D 61 20.44 -56.43 23.34
CA LYS D 61 21.85 -56.32 22.95
C LYS D 61 22.72 -57.37 23.65
N LYS D 62 22.73 -57.35 24.98
CA LYS D 62 23.65 -58.21 25.68
C LYS D 62 23.41 -59.68 25.35
N VAL D 63 22.14 -60.07 25.20
CA VAL D 63 21.84 -61.47 24.97
C VAL D 63 22.13 -61.86 23.52
N VAL D 64 21.99 -60.91 22.59
CA VAL D 64 22.36 -61.25 21.22
C VAL D 64 23.88 -61.27 21.08
N ASN D 65 24.59 -60.49 21.90
CA ASN D 65 26.04 -60.49 21.87
C ASN D 65 26.59 -61.88 22.15
N ARG D 66 26.06 -62.53 23.19
CA ARG D 66 26.51 -63.87 23.52
C ARG D 66 26.05 -64.92 22.53
N ASN D 67 25.21 -64.55 21.57
CA ASN D 67 24.95 -65.47 20.49
C ASN D 67 26.06 -65.41 19.44
N LEU D 68 26.66 -64.24 19.27
CA LEU D 68 27.83 -64.12 18.40
C LEU D 68 28.92 -65.10 18.81
N VAL D 69 29.02 -65.38 20.12
CA VAL D 69 30.08 -66.25 20.62
C VAL D 69 29.68 -67.72 20.68
N ARG D 70 28.40 -68.05 20.56
CA ARG D 70 27.99 -69.44 20.67
C ARG D 70 27.93 -70.15 19.32
N ILE D 71 28.32 -69.47 18.24
CA ILE D 71 28.59 -70.13 16.97
C ILE D 71 29.71 -71.14 17.19
N PRO D 72 29.73 -72.25 16.45
CA PRO D 72 30.94 -73.09 16.43
C PRO D 72 32.08 -72.33 15.78
N GLN D 73 33.24 -72.32 16.44
CA GLN D 73 34.32 -71.45 16.00
C GLN D 73 34.79 -71.85 14.61
N GLN D 74 34.96 -70.86 13.75
CA GLN D 74 35.26 -71.05 12.34
C GLN D 74 36.58 -70.35 12.01
N GLN D 75 36.97 -70.41 10.74
CA GLN D 75 38.24 -69.89 10.27
C GLN D 75 38.00 -68.81 9.21
N PRO D 76 39.03 -68.12 8.72
CA PRO D 76 38.77 -66.88 7.94
C PRO D 76 37.97 -67.07 6.68
N ALA D 77 38.28 -68.07 5.85
CA ALA D 77 37.55 -68.21 4.60
C ALA D 77 36.09 -68.58 4.84
N PRO D 78 35.76 -69.62 5.61
CA PRO D 78 34.35 -69.83 5.98
C PRO D 78 33.81 -68.78 6.94
N ALA D 79 34.65 -67.93 7.53
CA ALA D 79 34.11 -66.77 8.21
C ALA D 79 33.26 -65.96 7.25
N GLU D 80 32.15 -65.42 7.77
CA GLU D 80 31.15 -64.67 7.03
C GLU D 80 30.77 -65.35 5.71
N ILE D 81 30.72 -66.68 5.71
CA ILE D 81 30.45 -67.38 4.46
C ILE D 81 28.95 -67.45 4.17
N THR D 82 28.13 -67.73 5.18
CA THR D 82 26.76 -68.11 4.86
C THR D 82 25.74 -67.38 5.73
N PRO D 83 24.62 -66.96 5.12
CA PRO D 83 23.65 -66.11 5.82
C PRO D 83 22.90 -66.78 6.95
N SER D 84 23.00 -68.09 7.12
CA SER D 84 22.10 -68.83 8.00
C SER D 84 20.67 -68.74 7.51
N TYR D 85 20.33 -69.52 6.49
CA TYR D 85 19.12 -69.32 5.70
C TYR D 85 17.89 -69.03 6.56
N ALA D 86 17.83 -69.57 7.77
CA ALA D 86 16.88 -69.06 8.75
C ALA D 86 16.94 -67.54 8.83
N LEU D 87 18.15 -67.00 8.93
CA LEU D 87 18.37 -65.58 8.72
C LEU D 87 18.45 -65.23 7.23
N GLY D 88 18.91 -66.17 6.41
CA GLY D 88 19.21 -65.86 5.02
C GLY D 88 18.07 -65.17 4.29
N LYS D 89 16.83 -65.60 4.53
CA LYS D 89 15.69 -64.93 3.91
C LYS D 89 15.63 -63.47 4.33
N VAL D 90 16.09 -63.18 5.55
CA VAL D 90 15.72 -61.92 6.19
C VAL D 90 16.25 -60.73 5.40
N LEU D 91 17.42 -60.87 4.79
CA LEU D 91 17.91 -59.82 3.91
C LEU D 91 16.97 -59.64 2.73
N GLN D 92 16.55 -60.75 2.13
CA GLN D 92 15.52 -60.63 1.10
C GLN D 92 14.16 -60.36 1.73
N ASP D 93 13.90 -60.96 2.89
CA ASP D 93 12.76 -60.55 3.69
C ASP D 93 12.88 -59.08 4.06
N ALA D 94 14.09 -58.55 4.15
CA ALA D 94 14.24 -57.11 4.34
C ALA D 94 13.67 -56.35 3.15
N ALA D 95 13.83 -56.92 1.96
CA ALA D 95 13.29 -56.30 0.75
C ALA D 95 11.78 -56.24 0.74
N LYS D 96 11.11 -56.88 1.71
CA LYS D 96 9.67 -57.05 1.64
C LYS D 96 8.89 -55.75 1.85
N ILE D 97 9.35 -54.88 2.76
CA ILE D 97 8.46 -53.89 3.36
C ILE D 97 8.55 -52.52 2.68
N GLN D 98 9.39 -52.36 1.64
CA GLN D 98 9.58 -51.03 1.07
C GLN D 98 8.26 -50.42 0.61
N LYS D 99 7.28 -51.24 0.27
CA LYS D 99 6.00 -50.72 -0.22
C LYS D 99 5.09 -50.26 0.92
N GLN D 100 5.02 -51.00 2.02
CA GLN D 100 4.21 -50.55 3.16
C GLN D 100 4.98 -49.56 4.01
N GLN D 101 6.30 -49.72 4.12
CA GLN D 101 7.12 -48.57 4.49
C GLN D 101 7.08 -47.50 3.41
N LYS D 102 6.48 -47.81 2.26
CA LYS D 102 6.16 -46.83 1.23
C LYS D 102 7.43 -46.17 0.69
N ASP D 103 8.28 -47.02 0.13
CA ASP D 103 9.67 -46.70 -0.17
C ASP D 103 10.07 -47.40 -1.46
N SER D 104 10.94 -46.74 -2.24
CA SER D 104 11.56 -47.42 -3.38
C SER D 104 12.74 -48.27 -2.95
N PHE D 105 13.43 -47.88 -1.87
CA PHE D 105 14.61 -48.58 -1.39
C PHE D 105 14.40 -49.02 0.05
N ILE D 106 15.30 -49.89 0.48
CA ILE D 106 15.12 -50.72 1.67
C ILE D 106 16.13 -50.28 2.69
N ALA D 107 15.67 -49.63 3.76
CA ALA D 107 16.56 -48.92 4.65
C ALA D 107 16.92 -49.75 5.87
N GLN D 108 17.66 -49.12 6.79
CA GLN D 108 18.11 -49.81 8.00
C GLN D 108 16.97 -50.12 8.94
N ASP D 109 15.84 -49.41 8.83
CA ASP D 109 14.65 -49.80 9.56
C ASP D 109 13.99 -51.01 8.90
N HIS D 110 14.21 -51.17 7.59
CA HIS D 110 13.56 -52.22 6.81
C HIS D 110 14.25 -53.55 6.97
N ILE D 111 15.59 -53.55 6.99
CA ILE D 111 16.33 -54.77 7.26
C ILE D 111 15.95 -55.33 8.62
N LEU D 112 16.02 -54.48 9.65
CA LEU D 112 15.56 -54.88 10.96
C LEU D 112 14.10 -55.31 10.91
N PHE D 113 13.31 -54.65 10.07
CA PHE D 113 11.90 -55.02 9.94
C PHE D 113 11.76 -56.49 9.63
N ALA D 114 12.61 -57.01 8.74
CA ALA D 114 12.58 -58.44 8.50
C ALA D 114 13.27 -59.20 9.61
N LEU D 115 14.25 -58.57 10.26
CA LEU D 115 14.93 -59.22 11.37
C LEU D 115 13.96 -59.55 12.48
N PHE D 116 12.75 -59.03 12.42
CA PHE D 116 11.77 -59.24 13.48
C PHE D 116 11.49 -60.71 13.75
N ASN D 117 11.96 -61.61 12.89
CA ASN D 117 11.75 -63.04 13.10
C ASN D 117 13.03 -63.70 13.61
N ASP D 118 14.02 -63.94 12.76
CA ASP D 118 15.19 -64.71 13.20
C ASP D 118 16.08 -63.88 14.11
N SER D 119 16.05 -62.56 13.98
CA SER D 119 16.69 -61.74 14.99
C SER D 119 15.63 -61.55 16.05
N SER D 120 15.80 -62.28 17.13
CA SER D 120 14.81 -62.39 18.19
C SER D 120 15.27 -63.50 19.11
N ILE D 121 14.71 -63.56 20.29
CA ILE D 121 14.63 -64.81 21.02
C ILE D 121 13.16 -65.13 21.07
N GLN D 122 12.71 -66.06 20.24
CA GLN D 122 11.30 -66.42 20.18
C GLN D 122 11.24 -67.84 20.70
N GLN D 123 10.77 -67.97 21.95
CA GLN D 123 11.05 -69.13 22.79
C GLN D 123 10.03 -69.15 23.92
N ILE D 124 10.26 -70.00 24.93
CA ILE D 124 9.46 -69.97 26.15
C ILE D 124 9.42 -68.55 26.72
N PHE D 125 10.59 -67.94 26.88
CA PHE D 125 10.68 -66.50 27.14
C PHE D 125 11.00 -65.83 25.81
N LYS D 126 10.02 -65.13 25.26
CA LYS D 126 10.15 -64.58 23.91
C LYS D 126 10.65 -63.16 23.99
N GLU D 127 11.87 -62.93 23.52
CA GLU D 127 12.25 -61.61 23.05
C GLU D 127 12.15 -61.77 21.54
N ALA D 128 11.00 -61.43 21.01
CA ALA D 128 10.81 -61.43 19.58
C ALA D 128 11.35 -60.10 19.10
N GLN D 129 11.03 -59.74 17.88
CA GLN D 129 11.03 -58.34 17.52
C GLN D 129 9.66 -58.02 16.95
N VAL D 130 9.04 -56.97 17.48
CA VAL D 130 7.68 -56.59 17.12
C VAL D 130 7.60 -56.47 15.61
N ASP D 131 6.67 -57.22 15.00
CA ASP D 131 6.69 -57.39 13.55
C ASP D 131 6.17 -56.15 12.83
N ILE D 132 4.91 -55.79 13.05
CA ILE D 132 4.26 -54.69 12.33
C ILE D 132 4.05 -53.47 13.24
N GLU D 133 3.33 -53.65 14.35
CA GLU D 133 2.74 -52.54 15.08
C GLU D 133 3.76 -51.44 15.43
N ALA D 134 4.83 -51.80 16.13
CA ALA D 134 5.66 -50.77 16.76
C ALA D 134 6.55 -50.06 15.75
N ILE D 135 7.16 -50.81 14.82
CA ILE D 135 8.05 -50.18 13.85
C ILE D 135 7.32 -49.11 13.05
N LYS D 136 6.19 -49.49 12.44
CA LYS D 136 5.48 -48.61 11.51
C LYS D 136 5.23 -47.24 12.12
N GLN D 137 4.40 -47.18 13.16
CA GLN D 137 4.07 -45.88 13.75
C GLN D 137 5.29 -45.22 14.34
N GLN D 138 6.28 -45.99 14.75
CA GLN D 138 7.53 -45.38 15.17
C GLN D 138 8.49 -45.17 14.00
N ALA D 139 8.21 -45.78 12.85
CA ALA D 139 8.74 -45.26 11.60
C ALA D 139 7.90 -44.09 11.09
N LEU D 140 6.60 -44.08 11.41
CA LEU D 140 5.85 -42.83 11.30
C LEU D 140 6.47 -41.77 12.19
N GLU D 141 7.10 -42.20 13.28
CA GLU D 141 7.98 -41.30 14.02
C GLU D 141 9.29 -41.09 13.26
N LEU D 142 9.95 -42.19 12.87
CA LEU D 142 11.29 -42.13 12.29
C LEU D 142 11.17 -42.25 10.78
N ARG D 143 11.39 -41.12 10.10
CA ARG D 143 11.15 -40.99 8.66
C ARG D 143 9.67 -41.25 8.39
N GLY D 144 9.34 -42.06 7.41
CA GLY D 144 8.04 -42.23 6.81
C GLY D 144 8.25 -42.67 5.37
N ASN D 145 7.29 -42.37 4.50
CA ASN D 145 7.62 -42.29 3.09
C ASN D 145 8.78 -41.33 2.87
N THR D 146 8.98 -40.41 3.82
CA THR D 146 10.00 -39.36 3.79
C THR D 146 11.35 -39.94 3.41
N ARG D 147 11.62 -41.17 3.83
CA ARG D 147 12.88 -41.83 3.52
C ARG D 147 12.76 -42.74 2.32
N ILE D 148 12.60 -42.14 1.14
CA ILE D 148 12.47 -42.91 -0.09
C ILE D 148 13.62 -43.88 -0.27
N ASP D 149 14.84 -43.39 -0.09
CA ASP D 149 16.03 -44.23 -0.23
C ASP D 149 16.90 -43.76 -1.38
N SER D 150 18.04 -44.42 -1.57
CA SER D 150 18.96 -44.08 -2.65
C SER D 150 20.01 -43.07 -2.17
N ARG D 151 20.84 -43.49 -1.23
CA ARG D 151 21.88 -42.64 -0.69
C ARG D 151 23.07 -43.45 -0.18
N GLY D 152 22.93 -44.03 1.01
CA GLY D 152 23.97 -44.83 1.60
C GLY D 152 23.57 -45.41 2.93
N ALA D 153 23.05 -44.56 3.82
CA ALA D 153 22.63 -44.99 5.14
C ALA D 153 22.98 -43.96 6.20
N ASP D 154 22.06 -43.03 6.45
CA ASP D 154 22.28 -41.99 7.44
C ASP D 154 21.05 -41.77 8.30
N THR D 155 21.13 -42.20 9.56
CA THR D 155 20.02 -42.06 10.50
C THR D 155 20.28 -42.83 11.78
N ASN D 156 21.52 -42.83 12.22
CA ASN D 156 21.91 -43.53 13.45
C ASN D 156 21.54 -42.72 14.69
N THR D 157 21.10 -43.41 15.74
CA THR D 157 20.73 -42.74 16.98
C THR D 157 19.69 -41.66 16.74
N PRO D 158 19.91 -40.50 17.37
CA PRO D 158 18.99 -39.36 17.21
C PRO D 158 19.24 -38.59 15.92
N LEU D 159 18.70 -39.10 14.82
CA LEU D 159 18.87 -38.44 13.52
C LEU D 159 17.81 -38.90 12.52
N GLU D 160 18.26 -39.48 11.41
CA GLU D 160 17.34 -39.96 10.38
C GLU D 160 16.46 -38.83 9.85
N TYR D 161 17.10 -37.73 9.47
CA TYR D 161 16.37 -36.58 8.93
C TYR D 161 17.19 -35.85 7.87
N LEU D 162 17.63 -34.64 8.21
CA LEU D 162 18.43 -33.84 7.29
C LEU D 162 18.06 -34.17 5.85
N SER D 163 16.85 -33.78 5.46
CA SER D 163 16.29 -34.09 4.17
C SER D 163 15.25 -33.02 3.85
N LYS D 164 14.40 -33.30 2.87
CA LYS D 164 13.47 -32.35 2.28
C LYS D 164 14.24 -31.09 1.93
N TYR D 165 13.89 -29.97 2.56
CA TYR D 165 14.65 -28.75 2.38
C TYR D 165 16.15 -29.01 2.51
N ALA D 166 16.54 -29.86 3.44
CA ALA D 166 17.94 -30.23 3.50
C ALA D 166 18.27 -31.09 2.29
N ILE D 167 19.18 -30.61 1.44
CA ILE D 167 19.69 -31.35 0.30
C ILE D 167 21.10 -30.86 -0.01
N ASP D 168 21.85 -31.68 -0.74
CA ASP D 168 23.21 -31.36 -1.12
C ASP D 168 23.45 -31.76 -2.56
N MET D 169 24.28 -30.96 -3.22
CA MET D 169 24.73 -31.25 -4.57
C MET D 169 26.13 -31.84 -4.64
N THR D 170 26.83 -31.95 -3.51
CA THR D 170 28.21 -32.43 -3.56
C THR D 170 28.28 -33.83 -4.13
N GLU D 171 27.60 -34.76 -3.47
CA GLU D 171 27.48 -36.08 -4.03
C GLU D 171 26.99 -36.00 -5.45
N GLN D 172 25.98 -35.15 -5.68
CA GLN D 172 25.49 -34.93 -7.03
C GLN D 172 26.63 -34.53 -7.95
N ALA D 173 27.56 -33.74 -7.43
CA ALA D 173 28.76 -33.42 -8.21
C ALA D 173 29.63 -34.65 -8.36
N ARG D 174 29.91 -35.35 -7.26
CA ARG D 174 30.52 -36.67 -7.40
C ARG D 174 29.65 -37.58 -8.23
N GLN D 175 28.34 -37.40 -8.16
CA GLN D 175 27.48 -38.05 -9.13
C GLN D 175 27.60 -37.42 -10.50
N GLY D 176 28.35 -36.32 -10.62
CA GLY D 176 28.42 -35.65 -11.89
C GLY D 176 27.12 -35.08 -12.34
N LYS D 177 26.19 -34.82 -11.40
CA LYS D 177 24.86 -34.35 -11.78
C LYS D 177 24.87 -32.97 -12.41
N LEU D 178 25.99 -32.25 -12.40
CA LEU D 178 25.98 -30.83 -12.73
C LEU D 178 27.22 -30.50 -13.57
N ASP D 179 27.44 -29.20 -13.78
CA ASP D 179 28.29 -28.69 -14.84
C ASP D 179 29.64 -28.29 -14.29
N PRO D 180 30.76 -28.73 -14.87
CA PRO D 180 32.05 -28.18 -14.47
C PRO D 180 32.10 -26.70 -14.79
N VAL D 181 32.47 -25.91 -13.78
CA VAL D 181 32.46 -24.46 -13.93
C VAL D 181 33.78 -24.04 -14.54
N ILE D 182 33.95 -22.75 -14.80
CA ILE D 182 35.26 -22.20 -15.10
C ILE D 182 35.39 -20.82 -14.46
N GLY D 183 36.65 -20.46 -14.20
CA GLY D 183 37.07 -19.08 -14.09
C GLY D 183 36.79 -18.41 -12.77
N ARG D 184 35.85 -18.89 -12.00
CA ARG D 184 35.56 -18.32 -10.70
C ARG D 184 36.41 -18.94 -9.62
N GLU D 185 37.39 -19.71 -10.04
CA GLU D 185 38.31 -20.41 -9.17
C GLU D 185 38.86 -19.51 -8.08
N GLU D 186 39.74 -18.59 -8.44
CA GLU D 186 40.26 -17.68 -7.43
C GLU D 186 39.15 -16.86 -6.81
N GLU D 187 38.10 -16.59 -7.59
CA GLU D 187 36.91 -16.02 -7.01
C GLU D 187 36.41 -16.93 -5.90
N ILE D 188 36.26 -18.20 -6.21
CA ILE D 188 35.87 -19.17 -5.20
C ILE D 188 36.95 -19.26 -4.13
N ARG D 189 38.21 -19.15 -4.52
CA ARG D 189 39.31 -19.18 -3.57
C ARG D 189 39.01 -18.29 -2.39
N SER D 190 38.56 -17.07 -2.68
CA SER D 190 37.99 -16.19 -1.67
C SER D 190 36.85 -16.91 -0.97
N THR D 191 35.78 -17.13 -1.72
CA THR D 191 34.58 -17.70 -1.13
C THR D 191 34.94 -18.88 -0.26
N ILE D 192 35.80 -19.75 -0.78
CA ILE D 192 36.44 -20.78 0.00
C ILE D 192 36.98 -20.15 1.26
N ARG D 193 38.01 -19.33 1.09
CA ARG D 193 38.79 -18.93 2.24
C ARG D 193 37.93 -18.21 3.25
N VAL D 194 36.70 -17.84 2.89
CA VAL D 194 35.82 -17.22 3.86
C VAL D 194 35.60 -18.16 5.03
N LEU D 195 35.42 -19.44 4.75
CA LEU D 195 35.18 -20.39 5.82
C LEU D 195 36.32 -20.41 6.82
N ALA D 196 37.54 -20.12 6.36
CA ALA D 196 38.70 -20.19 7.24
C ALA D 196 38.52 -19.37 8.49
N ARG D 197 37.65 -18.37 8.43
CA ARG D 197 37.63 -17.31 9.43
C ARG D 197 36.91 -17.76 10.69
N ARG D 198 37.62 -17.75 11.82
CA ARG D 198 36.94 -17.79 13.09
C ARG D 198 35.92 -16.68 13.19
N ILE D 199 36.19 -15.54 12.58
CA ILE D 199 35.27 -14.44 12.62
C ILE D 199 34.06 -14.73 11.76
N LYS D 200 34.23 -14.77 10.45
CA LYS D 200 33.12 -15.04 9.56
C LYS D 200 33.55 -16.15 8.62
N SER D 201 33.03 -17.34 8.85
CA SER D 201 33.13 -18.34 7.82
C SER D 201 32.17 -18.05 6.69
N ASN D 202 31.25 -17.12 6.89
CA ASN D 202 30.03 -17.08 6.11
C ASN D 202 30.08 -15.95 5.11
N PRO D 203 30.33 -16.24 3.85
CA PRO D 203 30.29 -15.23 2.82
C PRO D 203 28.87 -14.99 2.30
N CYS D 204 28.70 -13.82 1.71
CA CYS D 204 27.57 -13.54 0.85
C CYS D 204 28.09 -12.98 -0.46
N LEU D 205 27.31 -13.16 -1.51
CA LEU D 205 27.72 -12.68 -2.82
C LEU D 205 26.82 -11.57 -3.33
N ILE D 206 27.45 -10.67 -4.06
CA ILE D 206 26.75 -9.66 -4.84
C ILE D 206 27.07 -9.96 -6.30
N GLY D 207 26.24 -9.45 -7.19
CA GLY D 207 26.51 -9.56 -8.59
C GLY D 207 25.21 -9.59 -9.38
N GLU D 208 25.32 -10.10 -10.59
CA GLU D 208 24.16 -10.17 -11.45
C GLU D 208 23.51 -11.54 -11.34
N PRO D 209 22.21 -11.60 -11.07
CA PRO D 209 21.54 -12.89 -10.89
C PRO D 209 21.65 -13.78 -12.12
N GLY D 210 21.39 -15.08 -11.90
CA GLY D 210 21.32 -16.05 -12.96
C GLY D 210 22.61 -16.28 -13.72
N ILE D 211 23.75 -15.84 -13.19
CA ILE D 211 24.96 -15.82 -14.00
C ILE D 211 25.82 -17.05 -13.80
N GLY D 212 25.36 -18.01 -13.01
CA GLY D 212 26.22 -19.08 -12.58
C GLY D 212 26.59 -19.05 -11.11
N LYS D 213 26.08 -18.08 -10.36
CA LYS D 213 26.51 -17.91 -8.98
C LYS D 213 26.18 -19.13 -8.14
N THR D 214 24.96 -19.65 -8.23
CA THR D 214 24.69 -20.85 -7.46
C THR D 214 25.45 -22.03 -8.04
N ALA D 215 25.86 -21.94 -9.29
CA ALA D 215 26.83 -22.90 -9.79
C ALA D 215 28.23 -22.53 -9.33
N ILE D 216 28.54 -21.25 -9.32
CA ILE D 216 29.71 -20.77 -8.61
C ILE D 216 29.72 -21.38 -7.22
N ILE D 217 28.57 -21.39 -6.58
CA ILE D 217 28.39 -22.17 -5.36
C ILE D 217 28.82 -23.58 -5.66
N GLU D 218 28.10 -24.23 -6.56
CA GLU D 218 28.47 -25.58 -6.94
C GLU D 218 29.94 -25.66 -7.26
N GLY D 219 30.48 -24.60 -7.88
CA GLY D 219 31.92 -24.57 -8.12
C GLY D 219 32.69 -24.91 -6.87
N VAL D 220 32.31 -24.28 -5.75
CA VAL D 220 32.87 -24.70 -4.48
C VAL D 220 32.64 -26.18 -4.29
N ALA D 221 31.37 -26.58 -4.36
CA ALA D 221 31.01 -27.96 -4.13
C ALA D 221 31.81 -28.90 -5.02
N GLN D 222 31.96 -28.56 -6.29
CA GLN D 222 32.90 -29.33 -7.09
C GLN D 222 34.25 -29.31 -6.42
N ARG D 223 34.85 -28.13 -6.32
CA ARG D 223 36.14 -28.01 -5.66
C ARG D 223 36.13 -28.64 -4.29
N ILE D 224 34.95 -28.80 -3.70
CA ILE D 224 34.83 -29.58 -2.49
C ILE D 224 35.01 -31.05 -2.82
N ILE D 225 34.08 -31.60 -3.60
CA ILE D 225 34.23 -33.00 -3.96
C ILE D 225 35.49 -33.20 -4.76
N ASP D 226 35.94 -32.16 -5.45
CA ASP D 226 37.27 -32.20 -6.03
C ASP D 226 38.33 -32.29 -4.94
N ASP D 227 37.97 -31.97 -3.70
CA ASP D 227 38.92 -31.75 -2.63
C ASP D 227 39.90 -30.64 -2.99
N ASP D 228 39.51 -29.80 -3.95
CA ASP D 228 40.19 -28.52 -4.10
C ASP D 228 39.92 -27.67 -2.88
N VAL D 229 38.91 -28.04 -2.11
CA VAL D 229 38.71 -27.58 -0.74
C VAL D 229 39.89 -28.01 0.13
N PRO D 230 40.57 -27.10 0.79
CA PRO D 230 41.58 -27.54 1.76
C PRO D 230 40.95 -27.95 3.07
N THR D 231 41.82 -28.23 4.04
CA THR D 231 41.57 -29.22 5.08
C THR D 231 40.23 -29.13 5.76
N ILE D 232 40.07 -28.10 6.60
CA ILE D 232 39.02 -28.09 7.60
C ILE D 232 37.69 -28.41 6.96
N LEU D 233 37.49 -27.89 5.78
CA LEU D 233 36.18 -27.93 5.19
C LEU D 233 35.95 -29.23 4.46
N GLN D 234 37.02 -29.97 4.18
CA GLN D 234 36.94 -31.15 3.32
C GLN D 234 35.90 -32.12 3.84
N GLY D 235 35.82 -32.30 5.15
CA GLY D 235 34.75 -33.09 5.71
C GLY D 235 33.40 -32.44 5.47
N ALA D 236 33.33 -31.13 5.61
CA ALA D 236 32.05 -30.45 5.44
C ALA D 236 31.56 -30.57 4.01
N LYS D 237 30.26 -30.39 3.85
CA LYS D 237 29.58 -30.66 2.59
C LYS D 237 28.59 -29.54 2.30
N LEU D 238 28.39 -29.28 1.02
CA LEU D 238 27.38 -28.34 0.61
C LEU D 238 26.02 -28.72 1.16
N PHE D 239 25.23 -27.71 1.44
CA PHE D 239 23.79 -27.82 1.43
C PHE D 239 23.25 -26.74 0.53
N SER D 240 22.39 -27.14 -0.39
CA SER D 240 21.69 -26.22 -1.25
C SER D 240 20.31 -26.02 -0.64
N LEU D 241 19.99 -24.76 -0.33
CA LEU D 241 18.71 -24.46 0.27
C LEU D 241 17.56 -24.98 -0.57
N ASP D 242 16.47 -25.28 0.09
CA ASP D 242 15.19 -25.47 -0.57
C ASP D 242 14.24 -24.43 0.01
N LEU D 243 13.52 -23.75 -0.84
CA LEU D 243 12.57 -22.75 -0.38
C LEU D 243 11.16 -23.13 -0.79
N ALA D 244 10.27 -22.99 0.17
CA ALA D 244 8.90 -23.49 0.10
C ALA D 244 8.28 -23.18 1.44
N ALA D 245 7.04 -23.58 1.66
CA ALA D 245 6.35 -23.24 2.88
C ALA D 245 5.07 -24.05 2.96
N LEU D 246 4.51 -24.10 4.17
CA LEU D 246 3.51 -25.09 4.50
C LEU D 246 2.61 -24.64 5.65
N GLY D 254 0.33 -24.60 9.52
CA GLY D 254 0.41 -23.60 10.58
C GLY D 254 1.58 -22.68 10.37
N ASP D 255 2.60 -22.80 11.22
CA ASP D 255 3.82 -22.04 11.00
C ASP D 255 4.57 -22.63 9.82
N PHE D 256 5.69 -21.99 9.50
CA PHE D 256 6.49 -22.32 8.34
C PHE D 256 7.94 -22.39 8.79
N GLU D 257 8.43 -21.24 9.26
CA GLU D 257 9.84 -21.03 9.45
C GLU D 257 10.42 -21.92 10.54
N GLU D 258 9.60 -22.27 11.53
CA GLU D 258 10.13 -23.07 12.62
C GLU D 258 10.82 -24.32 12.10
N ARG D 259 10.25 -24.93 11.07
CA ARG D 259 10.92 -25.98 10.32
C ARG D 259 12.30 -25.47 9.95
N PHE D 260 12.31 -24.44 9.12
CA PHE D 260 13.55 -23.78 8.74
C PHE D 260 14.37 -23.41 9.95
N LYS D 261 13.71 -22.96 11.02
CA LYS D 261 14.40 -22.81 12.29
C LYS D 261 14.89 -24.17 12.78
N GLY D 262 14.05 -25.19 12.67
CA GLY D 262 14.39 -26.47 13.27
C GLY D 262 15.65 -27.07 12.69
N VAL D 263 15.74 -27.10 11.36
CA VAL D 263 16.82 -27.80 10.68
C VAL D 263 18.18 -27.34 11.15
N LEU D 264 18.24 -26.18 11.76
CA LEU D 264 19.52 -25.54 12.00
C LEU D 264 20.32 -26.28 13.05
N LYS D 265 19.68 -26.68 14.13
CA LYS D 265 20.39 -27.49 15.11
C LYS D 265 20.79 -28.81 14.50
N GLU D 266 19.90 -29.39 13.70
CA GLU D 266 20.18 -30.65 13.05
C GLU D 266 21.51 -30.59 12.34
N ILE D 267 21.64 -29.59 11.47
CA ILE D 267 22.90 -29.41 10.78
C ILE D 267 23.98 -28.94 11.74
N GLU D 268 23.61 -28.18 12.77
CA GLU D 268 24.59 -27.90 13.81
C GLU D 268 24.92 -29.17 14.57
N GLU D 269 23.94 -30.05 14.74
CA GLU D 269 24.21 -31.35 15.32
C GLU D 269 25.11 -32.18 14.41
N SER D 270 25.09 -31.90 13.12
CA SER D 270 25.81 -32.72 12.16
C SER D 270 27.30 -32.70 12.38
N LYS D 271 27.80 -31.87 13.30
CA LYS D 271 29.21 -31.84 13.67
C LYS D 271 30.08 -31.46 12.47
N THR D 272 29.91 -30.21 12.05
CA THR D 272 30.67 -29.51 11.00
C THR D 272 30.91 -30.40 9.80
N LEU D 273 29.99 -31.31 9.58
CA LEU D 273 30.13 -32.28 8.52
C LEU D 273 29.58 -31.74 7.22
N ILE D 274 29.04 -30.53 7.25
CA ILE D 274 28.34 -29.94 6.12
C ILE D 274 28.55 -28.45 6.08
N VAL D 275 27.93 -27.81 5.10
CA VAL D 275 27.72 -26.36 5.07
C VAL D 275 26.49 -26.13 4.22
N LEU D 276 25.75 -25.08 4.54
CA LEU D 276 24.65 -24.66 3.70
C LEU D 276 25.00 -23.37 2.99
N PHE D 277 24.47 -23.25 1.78
CA PHE D 277 24.46 -21.98 1.08
C PHE D 277 23.07 -21.40 1.11
N ILE D 278 22.90 -20.30 1.82
CA ILE D 278 21.68 -19.54 1.70
C ILE D 278 21.74 -18.80 0.37
N ASP D 279 20.59 -18.65 -0.25
CA ASP D 279 20.68 -18.42 -1.68
C ASP D 279 20.57 -16.95 -2.03
N GLU D 280 19.36 -16.40 -2.02
CA GLU D 280 19.21 -15.05 -2.56
C GLU D 280 18.43 -14.13 -1.64
N ILE D 281 17.15 -14.41 -1.44
CA ILE D 281 16.42 -13.55 -0.54
C ILE D 281 16.82 -13.94 0.87
N HIS D 282 17.49 -13.03 1.53
CA HIS D 282 17.89 -13.25 2.88
C HIS D 282 17.08 -12.19 3.52
N MET D 283 16.02 -12.60 4.19
CA MET D 283 14.85 -11.78 4.04
C MET D 283 14.46 -10.94 5.23
N LEU D 284 14.09 -9.72 4.91
CA LEU D 284 13.28 -8.89 5.78
C LEU D 284 11.84 -9.20 5.43
N MET D 285 11.15 -9.88 6.33
CA MET D 285 9.89 -10.52 6.03
C MET D 285 8.82 -10.04 7.00
N GLY D 286 7.56 -10.25 6.63
CA GLY D 286 6.47 -10.06 7.56
C GLY D 286 6.41 -11.13 8.63
N ASN D 287 6.48 -12.39 8.24
CA ASN D 287 6.39 -13.50 9.18
C ASN D 287 7.46 -14.55 8.97
N ALA D 292 10.33 -14.43 10.06
CA ALA D 292 10.79 -13.15 9.55
C ALA D 292 11.93 -12.63 10.39
N ALA D 293 12.46 -11.47 9.98
CA ALA D 293 13.40 -10.74 10.82
C ALA D 293 14.51 -11.66 11.28
N ASN D 294 14.60 -11.90 12.58
CA ASN D 294 15.60 -12.83 13.08
C ASN D 294 14.98 -14.21 13.06
N ILE D 295 15.40 -15.00 12.09
CA ILE D 295 15.09 -16.41 11.98
C ILE D 295 16.40 -17.09 11.63
N LEU D 296 16.91 -17.91 12.54
CA LEU D 296 18.29 -18.37 12.51
C LEU D 296 19.24 -17.22 12.71
N LYS D 297 18.77 -16.02 12.40
CA LYS D 297 19.66 -14.87 12.44
C LYS D 297 20.34 -14.77 13.78
N PRO D 298 19.65 -15.01 14.90
CA PRO D 298 20.39 -15.23 16.15
C PRO D 298 21.27 -16.46 16.09
N ALA D 299 20.72 -17.61 15.69
CA ALA D 299 21.54 -18.79 15.63
C ALA D 299 22.62 -18.63 14.59
N LEU D 300 22.34 -17.86 13.55
CA LEU D 300 23.39 -17.25 12.77
C LEU D 300 24.29 -16.51 13.73
N SER D 301 23.74 -15.45 14.33
CA SER D 301 24.52 -14.60 15.22
C SER D 301 25.13 -15.38 16.38
N ARG D 302 24.71 -16.63 16.57
CA ARG D 302 25.32 -17.52 17.53
C ARG D 302 26.81 -17.69 17.30
N GLY D 303 27.33 -17.22 16.17
CA GLY D 303 28.73 -17.37 15.92
C GLY D 303 29.09 -18.80 15.63
N GLN D 304 28.18 -19.53 15.00
CA GLN D 304 28.40 -20.92 14.65
C GLN D 304 27.82 -21.14 13.26
N LEU D 305 27.85 -22.39 12.82
CA LEU D 305 27.12 -22.79 11.61
C LEU D 305 27.60 -22.05 10.37
N LYS D 306 28.76 -22.46 9.86
CA LYS D 306 29.26 -22.01 8.57
C LYS D 306 28.19 -22.14 7.49
N VAL D 307 27.94 -21.05 6.76
CA VAL D 307 26.87 -20.95 5.77
C VAL D 307 27.30 -19.91 4.75
N ILE D 308 26.65 -19.84 3.59
CA ILE D 308 26.93 -18.81 2.60
C ILE D 308 25.64 -18.18 2.11
N GLY D 309 25.66 -16.85 1.95
CA GLY D 309 24.59 -16.14 1.28
C GLY D 309 25.00 -15.62 -0.09
N ALA D 310 24.01 -15.05 -0.80
CA ALA D 310 24.29 -14.24 -1.99
C ALA D 310 23.09 -13.36 -2.32
N THR D 311 23.37 -12.26 -3.00
CA THR D 311 22.35 -11.38 -3.55
C THR D 311 22.98 -10.41 -4.54
N THR D 312 22.25 -9.37 -4.89
CA THR D 312 22.87 -8.16 -5.39
C THR D 312 22.68 -7.09 -4.31
N ASN D 313 23.59 -6.11 -4.30
CA ASN D 313 23.64 -5.19 -3.18
C ASN D 313 22.29 -4.60 -2.88
N ASN D 314 21.48 -4.42 -3.92
CA ASN D 314 20.19 -3.78 -3.76
C ASN D 314 19.45 -4.35 -2.58
N GLU D 315 19.51 -5.66 -2.42
CA GLU D 315 19.05 -6.26 -1.18
C GLU D 315 20.11 -6.11 -0.09
N TYR D 316 21.38 -6.34 -0.46
CA TYR D 316 22.45 -6.37 0.51
C TYR D 316 22.45 -5.12 1.38
N ARG D 317 21.97 -4.00 0.82
CA ARG D 317 21.86 -2.79 1.61
C ARG D 317 21.09 -2.99 2.90
N SER D 318 20.24 -4.01 2.97
CA SER D 318 19.34 -4.04 4.11
C SER D 318 19.76 -5.04 5.19
N ILE D 319 19.45 -6.32 4.99
CA ILE D 319 19.37 -7.25 6.13
C ILE D 319 20.73 -7.40 6.81
N VAL D 320 21.74 -7.83 6.05
CA VAL D 320 23.09 -7.94 6.58
C VAL D 320 23.56 -6.60 7.12
N GLU D 321 23.22 -5.52 6.41
CA GLU D 321 23.68 -4.18 6.76
C GLU D 321 22.86 -3.55 7.88
N LYS D 322 21.53 -3.58 7.77
CA LYS D 322 20.71 -2.89 8.76
C LYS D 322 20.96 -3.44 10.15
N ASP D 323 21.30 -4.73 10.27
CA ASP D 323 21.94 -5.18 11.49
C ASP D 323 23.36 -4.66 11.58
N GLY D 324 24.18 -4.98 10.59
CA GLY D 324 25.60 -4.73 10.65
C GLY D 324 26.35 -5.73 11.48
N ALA D 325 25.69 -6.40 12.41
CA ALA D 325 26.28 -7.54 13.07
C ALA D 325 26.13 -8.77 12.22
N PHE D 326 25.09 -8.83 11.40
CA PHE D 326 25.06 -9.81 10.34
C PHE D 326 26.03 -9.43 9.25
N GLU D 327 26.19 -8.13 9.02
CA GLU D 327 27.41 -7.68 8.37
C GLU D 327 28.63 -8.16 9.12
N ARG D 328 28.60 -8.05 10.44
CA ARG D 328 29.67 -8.68 11.21
C ARG D 328 29.60 -10.19 11.12
N ARG D 329 28.44 -10.74 10.76
CA ARG D 329 28.36 -12.16 10.43
C ARG D 329 28.69 -12.47 8.97
N PHE D 330 28.37 -11.58 8.04
CA PHE D 330 28.50 -11.92 6.63
C PHE D 330 29.70 -11.22 6.01
N GLN D 331 30.32 -11.88 5.06
CA GLN D 331 31.38 -11.29 4.26
C GLN D 331 30.88 -11.13 2.83
N LYS D 332 30.76 -9.89 2.39
CA LYS D 332 30.27 -9.64 1.04
C LYS D 332 31.37 -9.81 0.02
N ILE D 333 30.99 -10.34 -1.14
CA ILE D 333 31.88 -10.49 -2.28
C ILE D 333 31.02 -10.34 -3.52
N GLU D 334 31.61 -9.82 -4.58
CA GLU D 334 30.91 -9.70 -5.85
C GLU D 334 31.89 -9.95 -6.98
N VAL D 335 31.37 -10.40 -8.10
CA VAL D 335 32.18 -10.63 -9.30
C VAL D 335 31.39 -10.16 -10.51
N ALA D 336 32.08 -9.50 -11.43
CA ALA D 336 31.49 -8.97 -12.63
C ALA D 336 31.09 -10.09 -13.57
N GLU D 337 30.27 -9.75 -14.55
CA GLU D 337 30.00 -10.69 -15.61
C GLU D 337 31.33 -11.16 -16.18
N PRO D 338 31.51 -12.46 -16.35
CA PRO D 338 32.79 -12.97 -16.84
C PRO D 338 33.15 -12.37 -18.18
N SER D 339 34.44 -12.44 -18.50
CA SER D 339 34.92 -11.90 -19.75
C SER D 339 34.24 -12.62 -20.90
N VAL D 340 34.05 -11.87 -21.97
CA VAL D 340 33.51 -12.43 -23.20
C VAL D 340 34.22 -13.72 -23.56
N ARG D 341 35.55 -13.73 -23.46
CA ARG D 341 36.29 -14.88 -23.93
C ARG D 341 36.06 -16.09 -23.04
N GLN D 342 36.26 -15.92 -21.73
CA GLN D 342 36.01 -17.01 -20.80
C GLN D 342 34.64 -17.59 -21.06
N THR D 343 33.69 -16.70 -21.32
CA THR D 343 32.36 -17.14 -21.67
C THR D 343 32.43 -18.17 -22.77
N VAL D 344 33.10 -17.81 -23.88
CA VAL D 344 33.26 -18.76 -24.97
C VAL D 344 33.72 -20.10 -24.44
N ALA D 345 34.75 -20.08 -23.62
CA ALA D 345 35.21 -21.32 -23.00
C ALA D 345 34.10 -21.96 -22.20
N ILE D 346 33.44 -21.19 -21.36
CA ILE D 346 32.37 -21.79 -20.57
C ILE D 346 31.24 -22.19 -21.48
N LEU D 347 31.06 -21.45 -22.57
CA LEU D 347 30.16 -21.90 -23.61
C LEU D 347 30.68 -23.17 -24.24
N ARG D 348 31.95 -23.14 -24.65
CA ARG D 348 32.62 -24.37 -25.04
C ARG D 348 32.39 -25.44 -23.99
N GLY D 349 32.33 -25.05 -22.73
CA GLY D 349 31.91 -25.97 -21.70
C GLY D 349 30.57 -26.56 -22.05
N LEU D 350 29.56 -25.71 -22.24
CA LEU D 350 28.26 -26.27 -22.58
C LEU D 350 28.11 -26.50 -24.07
N GLN D 351 29.14 -26.23 -24.84
CA GLN D 351 29.05 -26.48 -26.26
C GLN D 351 28.47 -27.86 -26.47
N PRO D 352 29.10 -28.93 -25.99
CA PRO D 352 28.53 -30.25 -26.22
C PRO D 352 27.16 -30.38 -25.63
N LYS D 353 26.90 -29.61 -24.59
CA LYS D 353 25.73 -29.85 -23.78
C LYS D 353 24.47 -29.73 -24.61
N TYR D 354 24.11 -28.53 -24.99
CA TYR D 354 22.79 -28.41 -25.57
C TYR D 354 22.75 -28.85 -27.01
N GLU D 355 23.91 -28.92 -27.68
CA GLU D 355 23.88 -29.56 -28.98
C GLU D 355 23.62 -31.03 -28.83
N ILE D 356 24.18 -31.66 -27.80
CA ILE D 356 23.79 -33.03 -27.58
C ILE D 356 22.34 -33.08 -27.12
N HIS D 357 21.81 -31.95 -26.66
CA HIS D 357 20.37 -31.85 -26.49
C HIS D 357 19.68 -31.56 -27.80
N HIS D 358 20.26 -30.66 -28.59
CA HIS D 358 19.66 -30.18 -29.80
C HIS D 358 20.20 -30.85 -31.04
N GLY D 359 21.08 -31.83 -30.87
CA GLY D 359 21.55 -32.64 -31.98
C GLY D 359 22.14 -31.80 -33.09
N VAL D 360 23.04 -30.88 -32.76
CA VAL D 360 23.62 -29.98 -33.73
C VAL D 360 25.11 -29.91 -33.51
N ARG D 361 25.78 -29.15 -34.38
CA ARG D 361 27.23 -29.00 -34.31
C ARG D 361 27.54 -27.52 -34.13
N ILE D 362 28.07 -27.16 -32.98
CA ILE D 362 28.31 -25.75 -32.71
C ILE D 362 29.57 -25.31 -33.42
N LEU D 363 29.50 -24.17 -34.07
CA LEU D 363 30.65 -23.60 -34.75
C LEU D 363 31.13 -22.41 -33.94
N ASP D 364 32.32 -22.56 -33.36
CA ASP D 364 32.86 -21.56 -32.44
C ASP D 364 32.85 -20.17 -33.05
N SER D 365 32.94 -20.10 -34.38
CA SER D 365 32.76 -18.83 -35.07
C SER D 365 31.51 -18.12 -34.55
N ALA D 366 30.35 -18.75 -34.73
CA ALA D 366 29.16 -18.29 -34.04
C ALA D 366 29.44 -18.05 -32.57
N LEU D 367 30.07 -19.02 -31.93
CA LEU D 367 30.19 -18.98 -30.49
C LEU D 367 30.83 -17.69 -30.05
N VAL D 368 31.99 -17.38 -30.59
CA VAL D 368 32.59 -16.09 -30.27
C VAL D 368 31.73 -14.96 -30.78
N THR D 369 31.01 -15.20 -31.87
CA THR D 369 30.29 -14.12 -32.53
C THR D 369 29.31 -13.46 -31.57
N ALA D 370 28.26 -14.19 -31.23
CA ALA D 370 27.27 -13.64 -30.31
C ALA D 370 27.94 -13.12 -29.06
N ALA D 371 28.99 -13.83 -28.63
CA ALA D 371 29.69 -13.44 -27.42
C ALA D 371 30.00 -11.97 -27.46
N GLN D 372 30.70 -11.54 -28.50
CA GLN D 372 30.75 -10.11 -28.78
C GLN D 372 29.34 -9.57 -28.93
N LEU D 373 28.61 -10.15 -29.87
CA LEU D 373 27.41 -9.51 -30.36
C LEU D 373 26.39 -9.33 -29.26
N ALA D 374 26.11 -10.39 -28.51
CA ALA D 374 25.15 -10.27 -27.42
C ALA D 374 25.62 -9.22 -26.43
N LYS D 375 26.85 -9.37 -25.95
CA LYS D 375 27.46 -8.37 -25.09
C LYS D 375 27.24 -7.00 -25.67
N ARG D 376 27.42 -6.86 -26.98
CA ARG D 376 27.06 -5.63 -27.65
C ARG D 376 25.57 -5.36 -27.49
N TYR D 377 24.75 -6.30 -27.94
CA TYR D 377 23.35 -5.97 -28.15
C TYR D 377 22.43 -6.33 -27.00
N LEU D 378 22.86 -7.12 -26.05
CA LEU D 378 21.89 -7.54 -25.05
C LEU D 378 22.29 -7.00 -23.68
N PRO D 379 21.48 -6.12 -23.10
CA PRO D 379 21.77 -5.63 -21.75
C PRO D 379 21.52 -6.65 -20.65
N TYR D 380 20.42 -7.37 -20.72
CA TYR D 380 19.76 -7.85 -19.51
C TYR D 380 20.36 -9.16 -19.00
N ARG D 381 20.12 -10.24 -19.70
CA ARG D 381 20.77 -11.46 -19.30
C ARG D 381 22.25 -11.35 -19.60
N ARG D 382 22.99 -12.37 -19.25
CA ARG D 382 24.43 -12.27 -19.20
C ARG D 382 25.05 -13.24 -20.16
N LEU D 383 26.06 -12.75 -20.87
CA LEU D 383 26.74 -13.56 -21.86
C LEU D 383 27.08 -14.94 -21.33
N PRO D 384 27.51 -15.10 -20.08
CA PRO D 384 27.59 -16.44 -19.50
C PRO D 384 26.37 -17.25 -19.82
N ASP D 385 25.22 -16.61 -19.92
CA ASP D 385 24.03 -17.29 -20.37
C ASP D 385 23.64 -16.78 -21.74
N SER D 386 23.32 -15.49 -21.79
CA SER D 386 22.58 -14.95 -22.92
C SER D 386 23.17 -15.39 -24.24
N ALA D 387 24.48 -15.53 -24.30
CA ALA D 387 25.08 -16.22 -25.42
C ALA D 387 24.38 -17.54 -25.60
N LEU D 388 24.59 -18.44 -24.63
CA LEU D 388 23.96 -19.74 -24.70
C LEU D 388 22.48 -19.59 -24.97
N ASP D 389 21.86 -18.58 -24.34
CA ASP D 389 20.49 -18.24 -24.68
C ASP D 389 20.38 -18.16 -26.18
N LEU D 390 21.05 -17.18 -26.76
CA LEU D 390 21.06 -17.08 -28.20
C LEU D 390 21.42 -18.42 -28.79
N VAL D 391 22.51 -18.99 -28.31
CA VAL D 391 23.01 -20.26 -28.79
C VAL D 391 21.88 -21.27 -28.82
N ASP D 392 21.43 -21.70 -27.65
CA ASP D 392 20.35 -22.67 -27.59
C ASP D 392 19.19 -22.22 -28.45
N ILE D 393 18.86 -20.92 -28.37
CA ILE D 393 17.79 -20.42 -29.23
C ILE D 393 18.19 -20.55 -30.69
N SER D 394 19.37 -20.09 -31.02
CA SER D 394 19.90 -20.40 -32.34
C SER D 394 19.88 -21.90 -32.54
N CYS D 395 20.49 -22.63 -31.59
CA CYS D 395 20.42 -24.08 -31.62
C CYS D 395 19.00 -24.56 -31.82
N ALA D 396 18.05 -23.83 -31.27
CA ALA D 396 16.67 -24.13 -31.61
C ALA D 396 16.41 -23.74 -33.04
N GLY D 397 16.54 -22.45 -33.34
CA GLY D 397 16.17 -21.97 -34.67
C GLY D 397 16.69 -22.86 -35.76
N VAL D 398 17.95 -23.26 -35.67
CA VAL D 398 18.46 -24.26 -36.60
C VAL D 398 17.60 -25.50 -36.45
N ALA D 399 17.64 -26.11 -35.26
CA ALA D 399 16.86 -27.31 -35.04
C ALA D 399 15.44 -27.10 -35.50
N VAL D 400 14.86 -25.96 -35.13
CA VAL D 400 13.54 -25.57 -35.60
C VAL D 400 13.46 -25.85 -37.08
N ALA D 401 14.27 -25.13 -37.85
CA ALA D 401 14.40 -25.46 -39.26
C ALA D 401 14.82 -26.91 -39.42
N ARG D 402 15.86 -27.27 -38.68
CA ARG D 402 16.38 -28.63 -38.69
C ARG D 402 15.38 -29.54 -37.97
N ASP D 403 14.74 -29.00 -36.94
CA ASP D 403 13.74 -29.74 -36.17
C ASP D 403 12.69 -30.28 -37.13
N SER D 404 12.15 -29.39 -37.95
CA SER D 404 11.16 -29.78 -38.94
C SER D 404 11.62 -29.32 -40.31
N LYS D 405 10.67 -29.17 -41.24
CA LYS D 405 11.02 -28.72 -42.58
C LYS D 405 11.63 -27.33 -42.43
N PRO D 406 12.76 -27.12 -43.11
CA PRO D 406 13.47 -25.83 -43.06
C PRO D 406 12.54 -24.66 -43.34
N GLU D 407 12.32 -23.80 -42.34
CA GLU D 407 11.42 -22.66 -42.51
C GLU D 407 11.15 -22.38 -43.98
N GLU D 408 12.21 -22.15 -44.75
CA GLU D 408 12.05 -21.84 -46.17
C GLU D 408 11.11 -22.84 -46.83
N LEU D 409 11.29 -24.12 -46.54
CA LEU D 409 10.35 -25.13 -46.98
C LEU D 409 8.93 -24.82 -46.48
N ASP D 410 8.76 -24.80 -45.16
CA ASP D 410 7.44 -24.49 -44.62
C ASP D 410 6.97 -23.09 -44.96
N SER D 411 7.88 -22.13 -45.11
CA SER D 411 7.50 -20.85 -45.66
C SER D 411 6.81 -21.03 -47.00
N LYS D 412 7.39 -21.90 -47.84
CA LYS D 412 6.73 -22.26 -49.08
C LYS D 412 5.45 -23.03 -48.81
N GLU D 413 5.51 -24.02 -47.92
CA GLU D 413 4.31 -24.68 -47.44
C GLU D 413 3.28 -23.64 -47.01
N ARG D 414 3.73 -22.65 -46.26
CA ARG D 414 2.85 -21.60 -45.74
C ARG D 414 2.15 -20.87 -46.87
N GLN D 415 2.91 -20.08 -47.63
CA GLN D 415 2.35 -19.30 -48.71
C GLN D 415 1.48 -20.15 -49.62
N LEU D 416 1.86 -21.41 -49.81
CA LEU D 416 0.95 -22.36 -50.45
C LEU D 416 -0.39 -22.35 -49.75
N GLN D 417 -0.38 -22.59 -48.44
CA GLN D 417 -1.63 -22.70 -47.70
C GLN D 417 -2.42 -21.41 -47.74
N LEU D 418 -1.73 -20.27 -47.88
CA LEU D 418 -2.37 -18.96 -47.89
C LEU D 418 -3.54 -18.88 -48.85
N ILE D 419 -3.22 -18.81 -50.13
CA ILE D 419 -4.23 -18.49 -51.10
C ILE D 419 -5.06 -19.71 -51.46
N GLN D 420 -4.47 -20.89 -51.36
CA GLN D 420 -5.14 -22.11 -51.81
C GLN D 420 -6.50 -22.24 -51.17
N VAL D 421 -6.63 -21.83 -49.91
CA VAL D 421 -7.94 -21.83 -49.29
C VAL D 421 -8.71 -20.58 -49.69
N GLU D 422 -8.01 -19.48 -49.92
CA GLU D 422 -8.69 -18.25 -50.31
C GLU D 422 -9.40 -18.44 -51.63
N ILE D 423 -8.66 -18.90 -52.64
CA ILE D 423 -9.22 -19.10 -53.97
C ILE D 423 -10.47 -19.96 -53.90
N LYS D 424 -10.51 -20.88 -52.94
CA LYS D 424 -11.66 -21.78 -52.77
C LYS D 424 -12.95 -21.01 -52.61
N ALA D 425 -13.06 -20.26 -51.51
CA ALA D 425 -14.33 -19.64 -51.17
C ALA D 425 -14.81 -18.65 -52.21
N LEU D 426 -13.93 -18.23 -53.12
CA LEU D 426 -14.23 -17.06 -53.95
C LEU D 426 -15.40 -17.35 -54.90
N GLU D 427 -15.25 -18.36 -55.75
CA GLU D 427 -16.27 -18.61 -56.76
C GLU D 427 -17.53 -19.21 -56.17
N ARG D 428 -17.52 -19.55 -54.88
CA ARG D 428 -18.62 -20.31 -54.28
C ARG D 428 -19.97 -19.66 -54.50
N ASP D 429 -20.01 -18.36 -54.75
CA ASP D 429 -21.26 -17.64 -54.93
C ASP D 429 -21.25 -16.91 -56.26
N GLU D 430 -22.43 -16.46 -56.67
CA GLU D 430 -22.61 -15.85 -57.98
C GLU D 430 -22.18 -14.40 -57.89
N ASP D 431 -21.10 -14.06 -58.60
CA ASP D 431 -20.42 -12.79 -58.44
C ASP D 431 -19.90 -12.34 -59.80
N ALA D 432 -19.93 -11.03 -60.04
CA ALA D 432 -19.27 -10.43 -61.19
C ALA D 432 -17.92 -9.83 -60.84
N ASP D 433 -17.54 -9.87 -59.56
CA ASP D 433 -16.42 -9.06 -59.06
C ASP D 433 -15.38 -9.93 -58.37
N SER D 434 -15.72 -10.57 -57.26
CA SER D 434 -14.81 -11.42 -56.51
C SER D 434 -14.83 -12.86 -57.02
N THR D 435 -15.48 -13.09 -58.16
CA THR D 435 -15.71 -14.43 -58.68
C THR D 435 -14.41 -15.01 -59.26
N THR D 436 -14.56 -16.13 -59.98
CA THR D 436 -13.44 -16.79 -60.64
C THR D 436 -12.65 -15.86 -61.53
N LYS D 437 -13.21 -14.70 -61.89
CA LYS D 437 -12.58 -13.80 -62.84
C LYS D 437 -11.22 -13.32 -62.34
N ASP D 438 -11.19 -12.67 -61.18
CA ASP D 438 -9.99 -11.90 -60.79
C ASP D 438 -8.95 -12.75 -60.07
N ARG D 439 -9.24 -13.11 -58.81
CA ARG D 439 -8.18 -13.70 -57.99
C ARG D 439 -7.92 -15.15 -58.37
N LEU D 440 -8.96 -15.88 -58.76
CA LEU D 440 -8.77 -17.27 -59.17
C LEU D 440 -7.72 -17.37 -60.26
N LYS D 441 -7.80 -16.49 -61.25
CA LYS D 441 -6.74 -16.43 -62.24
C LYS D 441 -5.46 -15.89 -61.63
N LEU D 442 -5.57 -14.92 -60.73
CA LEU D 442 -4.39 -14.38 -60.06
C LEU D 442 -3.67 -15.47 -59.28
N ALA D 443 -4.43 -16.21 -58.46
CA ALA D 443 -3.82 -17.19 -57.58
C ALA D 443 -3.17 -18.33 -58.37
N ARG D 444 -3.89 -18.87 -59.35
CA ARG D 444 -3.41 -20.07 -60.03
C ARG D 444 -2.07 -19.82 -60.72
N GLN D 445 -1.85 -18.60 -61.20
CA GLN D 445 -0.50 -18.23 -61.59
C GLN D 445 0.37 -17.97 -60.36
N LYS D 446 -0.15 -17.17 -59.42
CA LYS D 446 0.61 -16.85 -58.22
C LYS D 446 1.01 -18.12 -57.47
N GLU D 447 0.16 -19.15 -57.50
CA GLU D 447 0.54 -20.42 -56.90
C GLU D 447 1.61 -21.10 -57.74
N ALA D 448 1.53 -20.96 -59.06
CA ALA D 448 2.54 -21.55 -59.93
C ALA D 448 3.87 -20.85 -59.81
N SER D 449 3.93 -19.71 -59.12
CA SER D 449 5.18 -18.96 -59.04
C SER D 449 6.25 -19.70 -58.24
N LEU D 450 5.96 -19.99 -56.97
CA LEU D 450 6.94 -20.60 -56.09
C LEU D 450 6.74 -22.10 -55.88
N GLN D 451 5.76 -22.72 -56.54
CA GLN D 451 5.46 -24.12 -56.32
C GLN D 451 6.63 -25.04 -56.65
N GLU D 452 7.60 -24.56 -57.41
CA GLU D 452 8.56 -25.47 -58.05
C GLU D 452 9.57 -26.04 -57.06
N GLU D 453 10.19 -25.19 -56.24
CA GLU D 453 11.40 -25.60 -55.54
C GLU D 453 11.16 -26.72 -54.52
N LEU D 454 9.90 -26.92 -54.11
CA LEU D 454 9.59 -27.66 -52.89
C LEU D 454 10.26 -29.03 -52.82
N GLU D 455 9.77 -29.98 -53.60
CA GLU D 455 10.30 -31.36 -53.50
C GLU D 455 11.77 -31.47 -53.87
N PRO D 456 12.29 -30.80 -54.89
CA PRO D 456 13.75 -30.82 -55.09
C PRO D 456 14.50 -30.28 -53.89
N LEU D 457 14.05 -29.13 -53.37
CA LEU D 457 14.65 -28.64 -52.13
C LEU D 457 14.28 -29.53 -50.95
N ARG D 458 13.18 -30.28 -51.07
CA ARG D 458 12.93 -31.37 -50.13
C ARG D 458 13.80 -32.58 -50.46
N GLN D 459 14.19 -32.74 -51.72
CA GLN D 459 15.02 -33.88 -52.08
C GLN D 459 16.42 -33.79 -51.47
N ARG D 460 16.83 -32.61 -50.99
CA ARG D 460 18.03 -32.53 -50.17
C ARG D 460 17.86 -33.34 -48.89
N TYR D 461 16.66 -33.33 -48.32
CA TYR D 461 16.36 -34.24 -47.22
C TYR D 461 16.33 -35.69 -47.69
N ASN D 462 15.95 -35.92 -48.94
CA ASN D 462 15.92 -37.27 -49.49
C ASN D 462 17.32 -37.82 -49.74
N SER D 530 17.69 -26.79 -44.20
CA SER D 530 19.01 -27.25 -44.59
C SER D 530 19.37 -28.54 -43.88
N MET D 531 19.98 -29.46 -44.61
CA MET D 531 20.49 -30.67 -43.99
C MET D 531 21.59 -30.36 -42.98
N ILE D 532 22.09 -29.14 -42.94
CA ILE D 532 23.22 -28.85 -42.08
C ILE D 532 22.81 -29.07 -40.64
N GLN D 533 23.52 -29.95 -39.96
CA GLN D 533 23.31 -30.16 -38.55
C GLN D 533 24.09 -29.14 -37.73
N ASN D 534 25.23 -28.71 -38.25
CA ASN D 534 26.03 -27.70 -37.59
C ASN D 534 25.28 -26.40 -37.50
N VAL D 535 25.68 -25.57 -36.55
CA VAL D 535 25.11 -24.24 -36.42
C VAL D 535 26.02 -23.27 -37.13
N VAL D 536 25.45 -22.45 -38.02
CA VAL D 536 26.27 -21.51 -38.75
C VAL D 536 26.87 -20.55 -37.75
N ASP D 537 27.96 -19.91 -38.14
CA ASP D 537 28.29 -18.70 -37.43
C ASP D 537 27.11 -17.74 -37.54
N SER D 538 26.99 -17.14 -38.71
CA SER D 538 26.27 -15.89 -38.83
C SER D 538 24.82 -16.00 -38.40
N ASP D 539 23.99 -16.61 -39.25
CA ASP D 539 22.55 -16.57 -39.05
C ASP D 539 22.18 -16.99 -37.64
N THR D 540 22.76 -18.10 -37.20
CA THR D 540 22.61 -18.56 -35.84
C THR D 540 22.79 -17.40 -34.90
N ILE D 541 23.85 -16.66 -35.08
CA ILE D 541 23.93 -15.41 -34.36
C ILE D 541 22.93 -14.52 -35.05
N SER D 542 23.27 -14.15 -36.27
CA SER D 542 22.70 -13.01 -36.97
C SER D 542 21.20 -13.05 -36.96
N GLU D 543 20.65 -13.97 -37.75
CA GLU D 543 19.20 -14.05 -37.90
C GLU D 543 18.53 -13.95 -36.56
N THR D 544 18.78 -14.93 -35.71
CA THR D 544 18.29 -14.91 -34.35
C THR D 544 18.54 -13.56 -33.69
N ALA D 545 19.78 -13.09 -33.75
CA ALA D 545 20.08 -11.78 -33.21
C ALA D 545 19.31 -10.71 -33.94
N ALA D 546 19.19 -10.84 -35.25
CA ALA D 546 18.30 -9.95 -35.97
C ALA D 546 16.87 -10.21 -35.54
N ARG D 547 16.49 -11.48 -35.44
CA ARG D 547 15.22 -11.80 -34.82
C ARG D 547 15.16 -11.18 -33.45
N LEU D 548 16.28 -11.12 -32.76
CA LEU D 548 16.32 -10.35 -31.53
C LEU D 548 16.07 -8.88 -31.83
N THR D 549 16.77 -8.32 -32.81
CA THR D 549 16.62 -6.88 -32.99
C THR D 549 16.32 -6.43 -34.43
N GLY D 550 17.29 -6.52 -35.33
CA GLY D 550 17.06 -6.09 -36.69
C GLY D 550 18.36 -5.63 -37.34
N ILE D 551 18.21 -5.15 -38.57
CA ILE D 551 19.32 -4.59 -39.35
C ILE D 551 20.49 -5.56 -39.39
N PRO D 552 20.27 -6.79 -39.87
CA PRO D 552 21.32 -7.81 -39.77
C PRO D 552 22.65 -7.36 -40.32
N VAL D 553 22.63 -6.68 -41.46
CA VAL D 553 23.87 -6.37 -42.16
C VAL D 553 24.86 -5.67 -41.24
N LYS D 554 24.42 -4.60 -40.58
CA LYS D 554 25.31 -3.97 -39.63
C LYS D 554 25.64 -4.94 -38.51
N LYS D 555 24.60 -5.58 -37.97
CA LYS D 555 24.81 -6.69 -37.06
C LYS D 555 25.81 -7.66 -37.67
N LEU D 556 25.70 -7.88 -38.97
CA LEU D 556 26.61 -8.80 -39.63
C LEU D 556 27.97 -8.13 -39.65
N SER D 557 28.07 -7.06 -40.43
CA SER D 557 29.37 -6.58 -40.86
C SER D 557 30.13 -5.95 -39.70
N GLU D 558 29.56 -4.90 -39.13
CA GLU D 558 30.20 -4.20 -38.01
C GLU D 558 31.51 -4.88 -37.63
N SER D 559 32.57 -4.58 -38.37
CA SER D 559 33.88 -5.16 -38.10
C SER D 559 34.59 -4.42 -36.97
N GLU D 560 34.21 -3.16 -36.75
CA GLU D 560 34.81 -2.35 -35.70
C GLU D 560 35.79 -1.34 -36.27
N ASN D 561 35.54 -0.92 -37.51
CA ASN D 561 36.41 0.05 -38.17
C ASN D 561 35.75 0.59 -39.44
N GLU D 562 34.69 -0.08 -39.88
CA GLU D 562 33.96 0.33 -41.07
C GLU D 562 33.25 1.64 -40.84
N LYS D 563 32.57 1.74 -39.71
CA LYS D 563 32.09 3.04 -39.28
C LYS D 563 33.24 4.01 -39.34
N LEU D 564 34.17 3.82 -38.41
CA LEU D 564 35.28 4.73 -38.17
C LEU D 564 35.85 5.16 -39.50
N ILE D 565 36.45 4.21 -40.20
CA ILE D 565 37.11 4.50 -41.46
C ILE D 565 36.20 5.33 -42.35
N HIS D 566 34.92 5.02 -42.37
CA HIS D 566 34.04 5.76 -43.24
C HIS D 566 33.25 6.82 -42.49
N MET D 567 33.45 6.91 -41.17
CA MET D 567 32.48 7.58 -40.30
C MET D 567 32.19 8.98 -40.75
N GLU D 568 33.20 9.69 -41.23
CA GLU D 568 32.95 11.00 -41.80
C GLU D 568 31.97 10.85 -42.93
N ARG D 569 32.42 10.22 -44.02
CA ARG D 569 31.56 10.06 -45.17
C ARG D 569 30.33 9.27 -44.80
N ASP D 570 30.44 8.39 -43.81
CA ASP D 570 29.26 7.90 -43.13
C ASP D 570 28.45 9.08 -42.65
N LEU D 571 28.95 9.77 -41.64
CA LEU D 571 28.20 10.88 -41.08
C LEU D 571 27.82 11.86 -42.16
N SER D 572 28.73 12.07 -43.11
CA SER D 572 28.47 13.03 -44.18
C SER D 572 27.18 12.73 -44.89
N SER D 573 26.67 11.52 -44.75
CA SER D 573 25.38 11.17 -45.30
C SER D 573 24.28 12.00 -44.67
N GLU D 574 24.63 12.81 -43.67
CA GLU D 574 23.57 13.44 -42.91
C GLU D 574 23.50 14.95 -43.03
N VAL D 575 24.37 15.68 -42.36
CA VAL D 575 24.17 17.11 -42.22
C VAL D 575 25.41 17.85 -42.66
N VAL D 576 25.23 18.75 -43.61
CA VAL D 576 26.34 19.53 -44.06
C VAL D 576 26.80 20.43 -42.92
N GLY D 577 28.06 20.85 -43.00
CA GLY D 577 28.59 21.79 -42.04
C GLY D 577 28.97 21.07 -40.77
N GLN D 578 29.87 21.69 -40.05
CA GLN D 578 30.51 21.09 -38.89
C GLN D 578 31.23 19.82 -39.27
N MET D 579 31.56 19.71 -40.55
CA MET D 579 32.27 18.56 -41.05
C MET D 579 33.44 18.24 -40.14
N ASP D 580 34.26 19.25 -39.86
CA ASP D 580 35.27 19.15 -38.82
C ASP D 580 34.69 18.58 -37.53
N ALA D 581 33.75 19.30 -36.92
CA ALA D 581 33.11 18.79 -35.72
C ALA D 581 32.64 17.38 -35.96
N ILE D 582 31.94 17.20 -37.08
CA ILE D 582 31.60 15.87 -37.53
C ILE D 582 32.84 15.00 -37.49
N LYS D 583 33.90 15.45 -38.16
CA LYS D 583 35.17 14.73 -38.12
C LYS D 583 35.62 14.58 -36.68
N ALA D 584 35.69 15.71 -35.97
CA ALA D 584 36.06 15.67 -34.58
C ALA D 584 35.25 14.62 -33.86
N VAL D 585 33.94 14.68 -34.04
CA VAL D 585 33.08 13.68 -33.42
C VAL D 585 33.52 12.29 -33.84
N SER D 586 33.65 12.08 -35.14
CA SER D 586 34.23 10.85 -35.62
C SER D 586 35.56 10.61 -34.93
N ASN D 587 36.45 11.59 -35.06
CA ASN D 587 37.69 11.54 -34.31
C ASN D 587 37.43 11.21 -32.85
N ALA D 588 36.49 11.92 -32.25
CA ALA D 588 36.21 11.75 -30.83
C ALA D 588 35.90 10.30 -30.50
N VAL D 589 34.76 9.83 -30.97
CA VAL D 589 34.25 8.53 -30.59
C VAL D 589 35.23 7.43 -30.89
N ARG D 590 36.21 7.68 -31.74
CA ARG D 590 37.23 6.66 -31.92
C ARG D 590 38.03 6.50 -30.65
N LEU D 591 38.25 7.60 -29.94
CA LEU D 591 38.77 7.51 -28.60
C LEU D 591 37.79 6.82 -27.68
N SER D 592 36.51 6.77 -28.04
CA SER D 592 35.64 5.88 -27.31
C SER D 592 36.08 4.45 -27.46
N ARG D 593 37.07 4.20 -28.30
CA ARG D 593 37.76 2.93 -28.29
C ARG D 593 39.23 3.18 -27.97
N SER D 594 39.98 2.08 -28.04
CA SER D 594 41.43 2.04 -27.84
C SER D 594 41.76 2.18 -26.37
N GLY D 595 40.81 2.69 -25.58
CA GLY D 595 40.99 2.85 -24.16
C GLY D 595 42.24 3.62 -23.80
N LEU D 596 42.78 4.38 -24.74
CA LEU D 596 43.94 5.20 -24.40
C LEU D 596 43.57 6.30 -23.44
N ALA D 597 42.34 6.79 -23.51
CA ALA D 597 41.76 7.57 -22.44
C ALA D 597 41.14 6.60 -21.43
N ASN D 598 40.41 7.12 -20.46
CA ASN D 598 39.88 6.24 -19.45
C ASN D 598 38.83 5.32 -20.07
N PRO D 599 39.05 4.01 -20.05
CA PRO D 599 38.05 3.10 -20.61
C PRO D 599 36.67 3.34 -20.05
N ARG D 600 36.59 3.82 -18.83
CA ARG D 600 35.37 4.39 -18.30
C ARG D 600 35.54 5.90 -18.37
N GLN D 601 34.82 6.53 -19.27
CA GLN D 601 34.98 7.96 -19.51
C GLN D 601 33.91 8.35 -20.52
N PRO D 602 33.25 9.44 -20.29
CA PRO D 602 32.01 9.72 -21.02
C PRO D 602 32.23 10.08 -22.48
N ALA D 603 31.12 10.25 -23.19
CA ALA D 603 31.09 10.80 -24.55
C ALA D 603 30.38 12.14 -24.47
N SER D 604 31.15 13.22 -24.58
CA SER D 604 30.79 14.49 -23.97
C SER D 604 30.91 15.63 -24.97
N PHE D 605 29.78 16.21 -25.35
CA PHE D 605 29.79 17.10 -26.50
C PHE D 605 28.93 18.32 -26.23
N LEU D 606 29.55 19.48 -26.23
CA LEU D 606 28.82 20.73 -26.03
C LEU D 606 28.50 21.33 -27.40
N PHE D 607 27.23 21.36 -27.73
CA PHE D 607 26.84 21.94 -29.00
C PHE D 607 26.73 23.45 -28.88
N LEU D 608 27.39 24.14 -29.78
CA LEU D 608 27.30 25.58 -29.93
C LEU D 608 26.50 25.77 -31.19
N GLY D 609 25.23 26.16 -31.06
CA GLY D 609 24.40 26.19 -32.25
C GLY D 609 22.96 26.48 -31.92
N LEU D 610 22.19 26.54 -32.98
CA LEU D 610 20.81 26.97 -32.91
C LEU D 610 19.84 25.82 -33.11
N SER D 611 18.57 26.16 -33.19
CA SER D 611 17.63 25.23 -33.79
C SER D 611 17.99 25.06 -35.26
N GLY D 612 17.57 23.93 -35.81
CA GLY D 612 17.99 23.61 -37.16
C GLY D 612 19.46 23.30 -37.29
N SER D 613 20.21 23.33 -36.20
CA SER D 613 21.66 23.23 -36.26
C SER D 613 22.14 21.80 -36.36
N GLY D 614 21.24 20.84 -36.46
CA GLY D 614 21.64 19.45 -36.48
C GLY D 614 22.02 18.91 -35.14
N LYS D 615 22.01 19.76 -34.12
CA LYS D 615 22.30 19.33 -32.77
C LYS D 615 21.53 18.07 -32.50
N THR D 616 20.26 18.07 -32.87
CA THR D 616 19.48 16.87 -32.71
C THR D 616 19.94 15.84 -33.74
N GLU D 617 19.96 16.23 -35.01
CA GLU D 617 20.25 15.33 -36.12
C GLU D 617 21.45 14.48 -35.79
N LEU D 618 22.57 15.16 -35.64
CA LEU D 618 23.83 14.55 -35.31
C LEU D 618 23.59 13.55 -34.22
N ALA D 619 23.30 14.08 -33.04
CA ALA D 619 23.09 13.24 -31.88
C ALA D 619 22.19 12.08 -32.23
N LYS D 620 21.06 12.38 -32.86
CA LYS D 620 20.23 11.34 -33.42
C LYS D 620 21.09 10.40 -34.22
N LYS D 621 21.53 10.87 -35.37
CA LYS D 621 22.22 9.98 -36.29
C LYS D 621 23.37 9.28 -35.62
N VAL D 622 24.01 9.92 -34.64
CA VAL D 622 25.21 9.38 -34.05
C VAL D 622 25.05 7.91 -33.71
N ALA D 623 24.23 7.61 -32.71
CA ALA D 623 24.03 6.20 -32.40
C ALA D 623 23.25 5.52 -33.49
N GLY D 624 22.25 6.20 -34.05
CA GLY D 624 21.62 5.70 -35.25
C GLY D 624 22.66 5.27 -36.25
N PHE D 625 23.75 6.02 -36.33
CA PHE D 625 24.95 5.49 -36.95
C PHE D 625 25.65 4.52 -36.01
N LEU D 626 26.11 5.01 -34.86
CA LEU D 626 26.89 4.18 -33.95
C LEU D 626 26.13 2.94 -33.52
N PHE D 627 25.10 3.11 -32.71
CA PHE D 627 24.40 1.98 -32.16
C PHE D 627 23.32 1.48 -33.07
N ASN D 628 23.25 2.00 -34.28
CA ASN D 628 22.32 1.48 -35.27
C ASN D 628 20.89 1.75 -34.82
N ASP D 629 20.69 2.87 -34.14
CA ASP D 629 19.37 3.34 -33.77
C ASP D 629 19.53 4.65 -33.05
N GLU D 630 18.51 5.48 -33.10
CA GLU D 630 18.52 6.74 -32.38
C GLU D 630 17.81 6.64 -31.05
N ASP D 631 17.12 5.55 -30.79
CA ASP D 631 16.41 5.45 -29.53
C ASP D 631 17.36 5.29 -28.37
N MET D 632 18.63 5.03 -28.66
CA MET D 632 19.66 5.12 -27.65
C MET D 632 19.68 6.50 -27.02
N MET D 633 19.28 7.50 -27.78
CA MET D 633 19.32 8.86 -27.30
C MET D 633 18.38 9.04 -26.12
N ILE D 634 18.69 10.01 -25.28
CA ILE D 634 17.80 10.41 -24.22
C ILE D 634 17.69 11.93 -24.19
N ARG D 635 16.51 12.43 -24.45
CA ARG D 635 16.20 13.84 -24.23
C ARG D 635 16.19 14.10 -22.73
N VAL D 636 16.82 15.20 -22.32
CA VAL D 636 16.73 15.65 -20.95
C VAL D 636 16.61 17.17 -20.95
N ASP D 637 15.59 17.69 -20.29
CA ASP D 637 15.32 19.12 -20.31
C ASP D 637 16.01 19.78 -19.14
N CYS D 638 17.02 20.61 -19.45
CA CYS D 638 17.68 21.37 -18.40
C CYS D 638 16.72 22.36 -17.75
N SER D 639 15.71 22.81 -18.50
CA SER D 639 14.63 23.55 -17.88
C SER D 639 14.10 22.80 -16.68
N GLU D 640 14.10 21.48 -16.77
CA GLU D 640 13.55 20.65 -15.72
C GLU D 640 14.58 20.32 -14.68
N LEU D 641 15.75 20.91 -14.76
CA LEU D 641 16.81 20.69 -13.79
C LEU D 641 16.89 21.93 -12.93
N SER D 642 16.43 21.82 -11.69
CA SER D 642 16.38 22.98 -10.82
C SER D 642 17.13 22.77 -9.49
N GLU D 643 16.54 22.06 -8.54
CA GLU D 643 17.25 21.88 -7.29
C GLU D 643 17.22 20.43 -6.85
N LYS D 644 16.04 19.88 -6.64
CA LYS D 644 15.92 18.58 -6.01
C LYS D 644 15.76 17.44 -7.01
N TYR D 645 15.71 17.74 -8.30
CA TYR D 645 15.51 16.66 -9.27
C TYR D 645 16.64 15.64 -9.18
N ALA D 646 17.71 15.96 -8.47
CA ALA D 646 18.78 14.99 -8.23
C ALA D 646 18.17 13.66 -7.84
N VAL D 647 17.18 13.71 -6.95
CA VAL D 647 16.37 12.52 -6.68
C VAL D 647 15.81 11.97 -7.98
N SER D 648 15.05 12.81 -8.69
CA SER D 648 14.49 12.33 -9.94
C SER D 648 15.56 12.16 -11.00
N LYS D 649 16.79 12.56 -10.71
CA LYS D 649 17.92 12.00 -11.45
C LYS D 649 18.40 10.69 -10.86
N LEU D 650 18.46 10.61 -9.54
CA LEU D 650 19.21 9.56 -8.85
C LEU D 650 18.39 9.06 -7.67
N LEU D 651 18.24 7.74 -7.57
CA LEU D 651 17.15 7.12 -6.82
C LEU D 651 17.04 7.69 -5.41
N GLY D 652 15.82 8.07 -5.04
CA GLY D 652 15.57 8.63 -3.72
C GLY D 652 15.63 7.58 -2.63
N THR D 653 14.48 7.30 -2.03
CA THR D 653 14.74 6.05 -1.16
C THR D 653 14.26 6.84 0.05
N THR D 654 13.03 7.33 -0.02
CA THR D 654 12.43 8.12 1.06
C THR D 654 12.60 9.36 0.66
N ALA D 655 13.64 10.12 0.34
CA ALA D 655 13.54 11.57 0.24
C ALA D 655 13.80 12.23 1.60
N TYR D 660 7.60 8.39 -4.11
CA TYR D 660 8.25 7.13 -3.77
C TYR D 660 9.76 7.22 -3.81
N ASP D 661 10.36 6.10 -4.19
CA ASP D 661 11.80 6.04 -4.43
C ASP D 661 11.99 6.08 -5.94
N GLU D 662 12.49 7.21 -6.44
CA GLU D 662 12.56 7.45 -7.87
C GLU D 662 13.93 8.00 -8.22
N GLY D 663 14.47 7.60 -9.38
CA GLY D 663 15.77 8.06 -9.80
C GLY D 663 16.05 7.86 -11.27
N GLY D 664 16.59 8.89 -11.92
CA GLY D 664 16.91 8.83 -13.33
C GLY D 664 15.72 9.06 -14.24
N PHE D 665 15.67 10.23 -14.86
CA PHE D 665 14.78 10.46 -15.99
C PHE D 665 15.32 9.71 -17.21
N LEU D 666 16.64 9.62 -17.30
CA LEU D 666 17.30 8.93 -18.40
C LEU D 666 18.12 7.72 -17.91
N THR D 667 18.34 7.64 -16.59
CA THR D 667 19.10 6.55 -16.01
C THR D 667 18.37 5.22 -16.16
N ASN D 668 17.33 5.02 -15.36
CA ASN D 668 16.55 3.80 -15.41
C ASN D 668 16.37 3.41 -16.86
N GLN D 669 16.25 4.39 -17.74
CA GLN D 669 16.34 4.14 -19.17
C GLN D 669 17.69 3.56 -19.54
N LEU D 670 18.74 3.98 -18.86
CA LEU D 670 20.02 3.34 -19.13
C LEU D 670 20.11 2.03 -18.37
N GLN D 671 19.64 2.03 -17.14
CA GLN D 671 19.31 0.80 -16.44
C GLN D 671 18.49 -0.05 -17.40
N TYR D 672 17.62 0.60 -18.16
CA TYR D 672 17.03 -0.07 -19.30
C TYR D 672 18.06 -0.29 -20.40
N LYS D 673 18.75 0.77 -20.82
CA LYS D 673 19.54 0.74 -22.05
C LYS D 673 20.97 1.19 -21.79
N PRO D 674 21.86 0.23 -21.54
CA PRO D 674 23.24 0.57 -21.19
C PRO D 674 24.02 1.22 -22.31
N TYR D 675 23.53 1.18 -23.52
CA TYR D 675 24.20 1.80 -24.65
C TYR D 675 23.25 2.85 -25.20
N SER D 676 23.61 4.12 -25.05
CA SER D 676 22.59 5.14 -25.17
C SER D 676 23.25 6.46 -25.55
N VAL D 677 22.42 7.50 -25.61
CA VAL D 677 22.88 8.85 -25.87
C VAL D 677 22.08 9.78 -25.00
N LEU D 678 22.72 10.83 -24.49
CA LEU D 678 22.13 11.66 -23.46
C LEU D 678 22.16 13.11 -23.90
N LEU D 679 20.99 13.70 -24.07
CA LEU D 679 20.89 15.09 -24.52
C LEU D 679 20.58 16.02 -23.36
N PHE D 680 21.34 17.10 -23.25
CA PHE D 680 21.08 18.18 -22.31
C PHE D 680 20.94 19.50 -23.06
N ASP D 681 20.32 20.47 -22.39
CA ASP D 681 19.65 21.57 -23.09
C ASP D 681 20.18 22.91 -22.58
N GLU D 682 20.89 23.62 -23.44
CA GLU D 682 21.50 24.90 -23.07
C GLU D 682 22.14 24.75 -21.69
N VAL D 683 22.88 23.65 -21.59
CA VAL D 683 22.92 22.86 -20.37
C VAL D 683 23.16 23.73 -19.15
N GLU D 684 24.04 24.71 -19.29
CA GLU D 684 24.25 25.72 -18.25
C GLU D 684 22.95 26.34 -17.78
N LYS D 685 21.90 26.27 -18.60
CA LYS D 685 20.57 26.59 -18.11
C LYS D 685 20.24 25.81 -16.86
N ALA D 686 20.72 24.57 -16.78
CA ALA D 686 20.51 23.77 -15.58
C ALA D 686 21.40 24.29 -14.44
N HIS D 687 21.07 23.86 -13.26
CA HIS D 687 21.53 24.54 -12.07
C HIS D 687 22.86 24.00 -11.57
N PRO D 688 23.59 24.83 -10.83
CA PRO D 688 24.81 24.35 -10.18
C PRO D 688 24.50 23.19 -9.27
N ASP D 689 23.21 23.04 -9.01
CA ASP D 689 22.67 21.78 -8.60
C ASP D 689 23.32 20.68 -9.43
N VAL D 690 23.02 20.67 -10.72
CA VAL D 690 23.26 19.47 -11.50
C VAL D 690 24.73 19.31 -11.83
N LEU D 691 25.48 20.41 -11.92
CA LEU D 691 26.82 20.34 -12.46
C LEU D 691 27.61 19.22 -11.80
N THR D 692 27.43 19.04 -10.50
CA THR D 692 28.11 17.94 -9.84
C THR D 692 27.54 16.60 -10.26
N VAL D 693 26.23 16.51 -10.39
CA VAL D 693 25.70 15.24 -10.85
C VAL D 693 25.88 15.17 -12.35
N MET D 694 25.94 16.32 -13.01
CA MET D 694 26.56 16.33 -14.32
C MET D 694 27.98 15.84 -14.19
N LEU D 695 28.71 16.41 -13.25
CA LEU D 695 30.06 15.94 -13.01
C LEU D 695 30.07 14.46 -12.71
N GLN D 696 29.04 13.96 -12.03
CA GLN D 696 28.94 12.51 -11.84
C GLN D 696 29.18 11.78 -13.14
N MET D 697 28.52 12.22 -14.20
CA MET D 697 28.82 11.68 -15.51
C MET D 697 30.29 11.90 -15.83
N LEU D 698 30.71 13.16 -15.73
CA LEU D 698 32.11 13.50 -15.94
C LEU D 698 32.97 12.71 -14.99
N ASP D 699 32.50 12.55 -13.75
CA ASP D 699 33.14 11.66 -12.82
C ASP D 699 33.27 10.30 -13.44
N ASP D 700 34.47 9.73 -13.36
CA ASP D 700 34.72 8.29 -13.35
C ASP D 700 34.24 7.62 -14.64
N GLY D 701 33.57 8.38 -15.49
CA GLY D 701 33.03 7.83 -16.71
C GLY D 701 31.97 6.77 -16.51
N ARG D 702 31.47 6.62 -15.28
CA ARG D 702 30.32 5.79 -15.03
C ARG D 702 29.27 6.58 -14.26
N ILE D 703 28.15 5.93 -13.96
CA ILE D 703 27.01 6.62 -13.36
C ILE D 703 26.56 5.86 -12.13
N THR D 704 26.80 6.43 -10.97
CA THR D 704 26.25 5.95 -9.72
C THR D 704 24.76 6.25 -9.68
N SER D 705 24.06 5.57 -8.78
CA SER D 705 22.62 5.69 -8.65
C SER D 705 22.27 6.03 -7.21
N GLY D 706 20.99 6.39 -7.00
CA GLY D 706 20.52 6.58 -5.66
C GLY D 706 20.48 5.29 -4.88
N GLN D 707 20.14 4.19 -5.55
CA GLN D 707 20.43 2.90 -4.96
C GLN D 707 21.92 2.59 -4.99
N GLY D 708 22.71 3.44 -5.63
CA GLY D 708 24.15 3.32 -5.64
C GLY D 708 24.73 2.75 -6.91
N LYS D 709 23.91 2.08 -7.72
CA LYS D 709 24.44 1.36 -8.86
C LYS D 709 25.20 2.29 -9.79
N THR D 710 26.44 1.93 -10.07
CA THR D 710 27.34 2.71 -10.90
C THR D 710 27.43 2.06 -12.27
N ILE D 711 27.14 2.82 -13.32
CA ILE D 711 27.00 2.24 -14.65
C ILE D 711 27.77 3.07 -15.66
N ASP D 712 28.34 2.39 -16.65
CA ASP D 712 29.26 3.05 -17.58
C ASP D 712 28.56 4.08 -18.43
N CYS D 713 29.15 5.27 -18.49
CA CYS D 713 28.79 6.21 -19.53
C CYS D 713 29.51 5.91 -20.84
N SER D 714 30.76 5.47 -20.76
CA SER D 714 31.54 5.23 -21.97
C SER D 714 30.79 4.33 -22.93
N ASN D 715 29.92 3.48 -22.42
CA ASN D 715 29.08 2.69 -23.29
C ASN D 715 27.87 3.47 -23.77
N CYS D 716 27.79 4.75 -23.42
CA CYS D 716 26.77 5.61 -24.00
C CYS D 716 27.38 6.91 -24.50
N ILE D 717 26.51 7.83 -24.91
CA ILE D 717 26.94 9.14 -25.32
C ILE D 717 26.18 10.16 -24.49
N VAL D 718 26.77 11.34 -24.32
CA VAL D 718 26.03 12.44 -23.73
C VAL D 718 26.21 13.66 -24.61
N ILE D 719 25.24 14.56 -24.52
CA ILE D 719 25.16 15.69 -25.44
C ILE D 719 24.96 16.95 -24.62
N MET D 720 25.69 18.00 -24.96
CA MET D 720 25.50 19.29 -24.34
C MET D 720 25.23 20.30 -25.45
N THR D 721 24.31 21.20 -25.18
CA THR D 721 23.87 22.17 -26.17
C THR D 721 24.02 23.56 -25.60
N SER D 722 24.39 24.52 -26.45
CA SER D 722 24.43 25.90 -26.02
C SER D 722 24.05 26.82 -27.16
N ASN D 723 23.12 27.71 -26.90
CA ASN D 723 22.88 28.88 -27.73
C ASN D 723 23.66 30.07 -27.22
N LEU D 724 24.51 29.86 -26.23
CA LEU D 724 25.16 30.95 -25.52
C LEU D 724 25.70 32.00 -26.48
N GLY D 725 26.29 31.56 -27.58
CA GLY D 725 26.83 32.48 -28.53
C GLY D 725 25.79 33.03 -29.48
N ALA D 726 24.51 32.94 -29.11
CA ALA D 726 23.45 33.43 -30.00
C ALA D 726 23.82 34.79 -30.56
N GLU D 727 24.22 35.69 -29.67
CA GLU D 727 24.98 36.86 -30.06
C GLU D 727 26.19 36.41 -30.85
N PHE D 728 27.12 35.77 -30.15
CA PHE D 728 28.43 35.46 -30.69
C PHE D 728 28.32 34.68 -31.99
N ILE D 729 27.17 34.06 -32.23
CA ILE D 729 26.85 33.52 -33.54
C ILE D 729 26.88 34.61 -34.60
N ASN D 730 26.65 35.87 -34.20
CA ASN D 730 26.67 36.94 -35.18
C ASN D 730 27.95 36.92 -35.99
N SER D 731 29.04 36.47 -35.38
CA SER D 731 30.28 36.22 -36.10
C SER D 731 30.00 35.35 -37.31
N GLN D 732 29.71 34.07 -37.09
CA GLN D 732 29.39 33.24 -38.24
C GLN D 732 28.03 33.60 -38.84
N GLN D 733 27.22 34.44 -38.17
CA GLN D 733 26.13 35.10 -38.88
C GLN D 733 26.69 36.01 -39.95
N GLY D 734 27.68 36.83 -39.59
CA GLY D 734 28.50 37.46 -40.60
C GLY D 734 29.51 36.53 -41.22
N SER D 735 29.37 35.23 -40.96
CA SER D 735 30.29 34.18 -41.39
C SER D 735 31.70 34.40 -40.87
N LYS D 736 31.84 35.12 -39.76
CA LYS D 736 33.16 35.50 -39.28
C LYS D 736 33.91 34.31 -38.71
N ILE D 737 35.24 34.47 -38.60
CA ILE D 737 36.07 33.43 -38.02
C ILE D 737 35.57 33.07 -36.65
N GLN D 738 35.35 31.78 -36.45
CA GLN D 738 34.74 31.35 -35.21
C GLN D 738 35.71 31.55 -34.06
N GLU D 739 37.01 31.48 -34.33
CA GLU D 739 38.00 31.59 -33.28
C GLU D 739 37.70 32.75 -32.37
N SER D 740 37.25 33.87 -32.96
CA SER D 740 36.63 34.90 -32.17
C SER D 740 35.59 34.29 -31.26
N THR D 741 34.47 33.89 -31.84
CA THR D 741 33.36 33.46 -31.01
C THR D 741 33.71 32.20 -30.23
N LYS D 742 34.49 31.30 -30.83
CA LYS D 742 35.00 30.15 -30.08
C LYS D 742 35.54 30.60 -28.74
N ASN D 743 36.60 31.40 -28.78
CA ASN D 743 37.07 32.06 -27.59
C ASN D 743 35.93 32.81 -26.93
N LEU D 744 35.26 33.64 -27.72
CA LEU D 744 34.25 34.54 -27.18
C LEU D 744 33.16 33.78 -26.45
N VAL D 745 32.75 32.63 -26.98
CA VAL D 745 31.80 31.84 -26.21
C VAL D 745 32.50 31.05 -25.13
N MET D 746 33.73 30.62 -25.38
CA MET D 746 34.42 29.74 -24.46
C MET D 746 34.36 30.24 -23.03
N GLY D 747 35.04 31.35 -22.77
CA GLY D 747 34.92 31.98 -21.46
C GLY D 747 33.49 32.10 -21.03
N ALA D 748 32.63 32.56 -21.95
CA ALA D 748 31.22 32.77 -21.63
C ALA D 748 30.59 31.51 -21.05
N VAL D 749 30.83 30.38 -21.68
CA VAL D 749 30.40 29.15 -21.03
C VAL D 749 31.37 28.74 -19.94
N ARG D 750 32.67 28.94 -20.17
CA ARG D 750 33.65 28.74 -19.12
C ARG D 750 33.24 29.47 -17.85
N GLN D 751 32.59 30.62 -18.01
CA GLN D 751 31.93 31.24 -16.88
C GLN D 751 31.16 30.20 -16.08
N HIS D 752 30.16 29.60 -16.73
CA HIS D 752 29.20 28.75 -16.02
C HIS D 752 29.84 27.54 -15.37
N PHE D 753 31.07 27.19 -15.71
CA PHE D 753 31.58 25.90 -15.30
C PHE D 753 33.02 25.99 -14.85
N ARG D 754 33.29 25.44 -13.69
CA ARG D 754 34.66 25.10 -13.37
C ARG D 754 35.21 24.25 -14.49
N PRO D 755 36.42 24.52 -14.95
CA PRO D 755 36.89 23.81 -16.14
C PRO D 755 36.80 22.32 -15.99
N GLU D 756 37.11 21.81 -14.81
CA GLU D 756 37.14 20.38 -14.58
C GLU D 756 35.92 19.71 -15.17
N PHE D 757 34.75 20.32 -14.93
CA PHE D 757 33.54 20.05 -15.69
C PHE D 757 33.87 19.98 -17.17
N LEU D 758 34.28 21.11 -17.72
CA LEU D 758 34.62 21.21 -19.12
C LEU D 758 35.79 20.33 -19.50
N ASN D 759 36.56 19.86 -18.54
CA ASN D 759 37.79 19.20 -18.92
C ASN D 759 37.59 17.72 -19.18
N ARG D 760 36.46 17.17 -18.80
CA ARG D 760 36.14 15.83 -19.25
C ARG D 760 35.39 15.84 -20.56
N ILE D 761 35.13 17.02 -21.11
CA ILE D 761 34.46 17.08 -22.40
C ILE D 761 35.32 16.39 -23.44
N SER D 762 34.66 15.69 -24.35
CA SER D 762 35.34 15.28 -25.57
C SER D 762 35.91 16.54 -26.18
N SER D 763 35.03 17.36 -26.75
CA SER D 763 35.38 18.72 -27.11
C SER D 763 34.10 19.50 -27.28
N ILE D 764 34.24 20.81 -27.26
CA ILE D 764 33.11 21.68 -27.48
C ILE D 764 32.72 21.59 -28.94
N VAL D 765 31.42 21.67 -29.22
CA VAL D 765 30.93 21.49 -30.57
C VAL D 765 30.28 22.79 -31.02
N ILE D 766 30.91 23.46 -31.92
CA ILE D 766 30.25 24.56 -32.62
C ILE D 766 29.30 24.00 -33.66
N PHE D 767 28.25 24.77 -33.96
CA PHE D 767 27.47 24.64 -35.18
C PHE D 767 27.53 25.97 -35.90
N ASN D 768 28.05 25.98 -37.11
CA ASN D 768 28.29 27.25 -37.76
C ASN D 768 27.31 27.44 -38.89
N LYS D 769 27.58 28.47 -39.70
CA LYS D 769 26.75 28.80 -40.84
C LYS D 769 26.47 27.56 -41.67
N LEU D 770 25.23 27.45 -42.11
CA LEU D 770 24.79 26.30 -42.89
C LEU D 770 24.45 26.81 -44.28
N SER D 771 25.29 26.51 -45.25
CA SER D 771 25.25 27.19 -46.52
C SER D 771 24.01 26.78 -47.32
N ARG D 772 23.69 27.61 -48.31
CA ARG D 772 22.60 27.36 -49.23
C ARG D 772 22.66 25.91 -49.69
N LYS D 773 23.90 25.45 -49.87
CA LYS D 773 24.16 24.04 -50.08
C LYS D 773 23.34 23.25 -49.09
N ALA D 774 23.77 23.35 -47.83
CA ALA D 774 23.17 22.57 -46.77
C ALA D 774 21.67 22.65 -46.85
N ILE D 775 21.16 23.87 -46.99
CA ILE D 775 19.72 24.10 -47.02
C ILE D 775 19.11 23.11 -47.99
N HIS D 776 19.33 23.30 -49.28
CA HIS D 776 18.71 22.40 -50.23
C HIS D 776 19.24 20.99 -50.06
N LYS D 777 20.50 20.85 -49.63
CA LYS D 777 21.01 19.53 -49.37
C LYS D 777 20.18 18.84 -48.30
N ILE D 778 19.99 19.50 -47.17
CA ILE D 778 19.13 18.90 -46.17
C ILE D 778 17.72 18.73 -46.73
N VAL D 779 17.27 19.71 -47.50
CA VAL D 779 15.99 19.60 -48.19
C VAL D 779 15.91 18.27 -48.92
N ASP D 780 17.02 17.82 -49.48
CA ASP D 780 17.03 16.45 -49.96
C ASP D 780 16.64 15.51 -48.84
N ILE D 781 17.55 15.32 -47.89
CA ILE D 781 17.35 14.26 -46.95
C ILE D 781 16.05 14.45 -46.21
N ARG D 782 15.57 15.69 -46.17
CA ARG D 782 14.17 15.92 -45.81
C ARG D 782 13.26 14.98 -46.59
N LEU D 783 13.51 14.86 -47.89
CA LEU D 783 12.66 13.99 -48.69
C LEU D 783 12.76 12.56 -48.25
N LYS D 784 13.87 12.19 -47.63
CA LYS D 784 14.14 10.79 -47.37
C LYS D 784 13.00 10.14 -46.60
N GLU D 785 12.68 10.70 -45.44
CA GLU D 785 11.60 10.17 -44.63
C GLU D 785 10.36 9.89 -45.47
N ILE D 786 10.03 10.79 -46.37
CA ILE D 786 8.92 10.59 -47.28
C ILE D 786 9.16 9.29 -48.00
N GLU D 787 10.16 9.31 -48.87
CA GLU D 787 10.48 8.12 -49.65
C GLU D 787 10.75 6.93 -48.75
N GLU D 788 11.71 7.06 -47.83
CA GLU D 788 12.14 5.90 -47.05
C GLU D 788 11.01 5.30 -46.25
N ARG D 789 9.91 6.02 -46.15
CA ARG D 789 8.72 5.48 -45.53
C ARG D 789 7.61 5.36 -46.54
N PHE D 790 7.19 6.46 -47.11
CA PHE D 790 5.90 6.48 -47.78
C PHE D 790 6.07 5.68 -49.06
N GLU D 791 6.88 6.20 -49.95
CA GLU D 791 7.20 5.42 -51.13
C GLU D 791 7.91 4.12 -50.75
N GLN D 792 8.26 3.94 -49.47
CA GLN D 792 8.74 2.63 -49.01
C GLN D 792 7.76 1.87 -48.14
N ASN D 793 7.66 2.24 -46.85
CA ASN D 793 6.98 1.35 -45.92
C ASN D 793 5.55 1.10 -46.35
N ASP D 794 4.90 2.07 -47.01
CA ASP D 794 3.72 1.70 -47.75
C ASP D 794 3.63 2.32 -49.15
N LYS D 795 3.41 3.63 -49.20
CA LYS D 795 2.72 4.26 -50.32
C LYS D 795 3.25 3.82 -51.67
N HIS D 796 4.57 3.82 -51.83
CA HIS D 796 5.18 3.44 -53.10
C HIS D 796 4.68 4.36 -54.22
N TYR D 797 5.13 5.61 -54.14
CA TYR D 797 4.64 6.65 -55.05
C TYR D 797 5.79 7.48 -55.56
N LYS D 798 5.98 7.49 -56.88
CA LYS D 798 7.09 8.21 -57.48
C LYS D 798 7.03 9.69 -57.13
N LEU D 799 8.20 10.32 -57.14
CA LEU D 799 8.30 11.67 -56.62
C LEU D 799 9.04 12.59 -57.59
N ASN D 800 8.44 13.73 -57.88
CA ASN D 800 9.08 14.76 -58.67
C ASN D 800 9.46 15.94 -57.79
N LEU D 801 10.49 16.65 -58.23
CA LEU D 801 11.10 17.68 -57.41
C LEU D 801 11.31 18.92 -58.26
N THR D 802 10.66 20.01 -57.89
CA THR D 802 10.84 21.27 -58.60
C THR D 802 11.78 22.14 -57.80
N GLN D 803 13.01 22.26 -58.27
CA GLN D 803 14.04 22.97 -57.54
C GLN D 803 13.55 24.34 -57.13
N GLU D 804 13.00 25.07 -58.10
CA GLU D 804 12.42 26.38 -57.87
C GLU D 804 11.55 26.36 -56.64
N ALA D 805 10.43 25.65 -56.73
CA ALA D 805 9.58 25.50 -55.55
C ALA D 805 10.40 24.99 -54.39
N LYS D 806 11.11 23.87 -54.59
CA LYS D 806 11.98 23.34 -53.55
C LYS D 806 12.78 24.47 -52.93
N ASP D 807 13.38 25.27 -53.80
CA ASP D 807 14.12 26.43 -53.31
C ASP D 807 13.16 27.46 -52.73
N PHE D 808 12.12 27.82 -53.49
CA PHE D 808 11.07 28.68 -52.94
C PHE D 808 10.63 28.18 -51.59
N LEU D 809 10.39 26.88 -51.49
CA LEU D 809 10.26 26.28 -50.18
C LEU D 809 11.52 26.56 -49.37
N ALA D 810 12.65 26.04 -49.82
CA ALA D 810 13.91 26.22 -49.09
C ALA D 810 14.14 27.67 -48.73
N LYS D 811 13.82 28.58 -49.65
CA LYS D 811 13.76 30.00 -49.37
C LYS D 811 13.03 30.21 -48.06
N TYR D 812 11.73 29.96 -48.07
CA TYR D 812 11.01 30.00 -46.82
C TYR D 812 11.40 28.87 -45.90
N GLY D 813 12.11 27.87 -46.41
CA GLY D 813 12.50 26.73 -45.60
C GLY D 813 13.46 27.13 -44.51
N TYR D 814 14.59 27.73 -44.89
CA TYR D 814 15.57 28.07 -43.88
C TYR D 814 15.14 29.34 -43.16
N SER D 815 15.19 29.29 -41.84
CA SER D 815 15.14 30.50 -41.03
C SER D 815 16.51 30.69 -40.39
N ASP D 816 16.86 31.95 -40.18
CA ASP D 816 18.09 32.20 -39.44
C ASP D 816 18.02 31.54 -38.08
N ASP D 817 17.18 32.10 -37.21
CA ASP D 817 17.11 31.70 -35.81
C ASP D 817 16.89 30.20 -35.65
N MET D 818 15.76 29.71 -36.14
CA MET D 818 15.39 28.33 -35.92
C MET D 818 16.10 27.40 -36.89
N GLY D 819 16.96 27.93 -37.74
CA GLY D 819 17.49 27.14 -38.83
C GLY D 819 16.39 26.91 -39.84
N ALA D 820 16.64 25.98 -40.74
CA ALA D 820 15.57 25.52 -41.59
C ALA D 820 14.61 24.61 -40.85
N ARG D 821 14.90 24.30 -39.58
CA ARG D 821 14.23 23.26 -38.83
C ARG D 821 12.73 23.22 -39.07
N PRO D 822 12.04 24.34 -39.16
CA PRO D 822 10.62 24.30 -39.52
C PRO D 822 10.33 23.48 -40.74
N LEU D 823 11.34 23.27 -41.58
CA LEU D 823 11.13 22.64 -42.87
C LEU D 823 10.27 21.39 -42.74
N ASN D 824 10.57 20.58 -41.73
CA ASN D 824 9.78 19.40 -41.46
C ASN D 824 8.32 19.74 -41.54
N ARG D 825 7.85 20.55 -40.61
CA ARG D 825 6.51 21.07 -40.72
C ARG D 825 6.30 21.67 -42.09
N LEU D 826 7.17 22.60 -42.46
CA LEU D 826 7.00 23.38 -43.67
C LEU D 826 6.57 22.49 -44.81
N ILE D 827 7.41 21.53 -45.13
CA ILE D 827 7.07 20.51 -46.11
C ILE D 827 5.70 19.95 -45.87
N GLN D 828 5.57 19.16 -44.82
CA GLN D 828 4.44 18.27 -44.65
C GLN D 828 3.14 18.94 -45.02
N ASN D 829 3.04 20.20 -44.62
CA ASN D 829 1.80 20.95 -44.64
C ASN D 829 1.13 20.77 -45.98
N GLU D 830 1.71 21.40 -46.99
CA GLU D 830 1.21 21.32 -48.35
C GLU D 830 1.64 20.03 -49.01
N ILE D 831 2.79 19.52 -48.65
CA ILE D 831 3.43 18.49 -49.44
C ILE D 831 2.65 17.22 -49.26
N LEU D 832 2.68 16.69 -48.05
CA LEU D 832 1.83 15.55 -47.75
C LEU D 832 0.41 15.81 -48.21
N ASN D 833 -0.05 17.04 -48.05
CA ASN D 833 -1.38 17.41 -48.49
C ASN D 833 -1.59 17.06 -49.94
N LYS D 834 -0.92 17.80 -50.83
CA LYS D 834 -1.18 17.64 -52.25
C LYS D 834 -1.20 16.18 -52.63
N LEU D 835 -0.28 15.41 -52.06
CA LEU D 835 -0.38 13.98 -52.13
C LEU D 835 -1.73 13.53 -51.62
N ALA D 836 -1.94 13.69 -50.31
CA ALA D 836 -3.21 13.28 -49.73
C ALA D 836 -4.36 13.78 -50.55
N LEU D 837 -4.25 15.01 -51.02
CA LEU D 837 -5.21 15.50 -51.98
C LEU D 837 -5.24 14.57 -53.18
N ARG D 838 -4.16 14.56 -53.95
CA ARG D 838 -4.14 13.71 -55.14
C ARG D 838 -4.28 12.24 -54.78
N ILE D 839 -4.07 11.88 -53.51
CA ILE D 839 -4.54 10.57 -53.06
C ILE D 839 -6.03 10.46 -53.25
N LEU D 840 -6.75 11.54 -53.02
CA LEU D 840 -8.17 11.50 -53.27
C LEU D 840 -8.47 11.62 -54.75
N LYS D 841 -7.74 12.50 -55.43
CA LYS D 841 -8.24 13.14 -56.64
C LYS D 841 -8.61 12.18 -57.75
N ASN D 842 -8.21 10.92 -57.67
CA ASN D 842 -8.60 9.85 -58.59
C ASN D 842 -8.16 10.16 -60.02
N GLU D 843 -7.66 11.37 -60.27
CA GLU D 843 -7.22 11.75 -61.62
C GLU D 843 -5.84 11.24 -61.95
N ILE D 844 -4.87 11.47 -61.06
CA ILE D 844 -3.50 11.00 -61.27
C ILE D 844 -3.01 10.48 -59.92
N LYS D 845 -2.63 9.20 -59.88
CA LYS D 845 -2.73 8.44 -58.65
C LYS D 845 -1.46 7.70 -58.29
N ASP D 846 -1.54 6.77 -57.34
CA ASP D 846 -0.34 6.18 -56.76
C ASP D 846 0.60 5.67 -57.83
N LYS D 847 1.89 5.86 -57.58
CA LYS D 847 3.03 5.48 -58.38
C LYS D 847 3.30 6.53 -59.46
N GLU D 848 2.49 7.57 -59.57
CA GLU D 848 2.76 8.72 -60.41
C GLU D 848 3.71 9.68 -59.68
N THR D 849 3.87 10.89 -60.20
CA THR D 849 4.36 12.01 -59.39
C THR D 849 3.83 13.33 -59.94
N VAL D 850 3.48 14.24 -59.04
CA VAL D 850 3.04 15.59 -59.36
C VAL D 850 3.53 16.49 -58.22
N ASN D 851 3.64 17.79 -58.48
CA ASN D 851 3.95 18.74 -57.42
C ASN D 851 3.47 20.13 -57.83
N VAL D 852 3.85 21.14 -57.06
CA VAL D 852 3.59 22.53 -57.42
C VAL D 852 4.85 23.15 -57.99
N GLU E 160 12.37 -21.06 34.94
CA GLU E 160 13.44 -20.07 35.00
C GLU E 160 13.65 -19.39 33.65
N TYR E 161 12.81 -18.37 33.41
CA TYR E 161 12.89 -17.62 32.16
C TYR E 161 14.25 -16.92 31.99
N LEU E 162 15.05 -16.89 33.05
CA LEU E 162 16.43 -16.41 33.00
C LEU E 162 17.17 -17.03 31.84
N SER E 163 17.47 -18.32 31.98
CA SER E 163 18.38 -18.97 31.07
C SER E 163 17.88 -18.93 29.64
N LYS E 164 16.67 -18.41 29.42
CA LYS E 164 16.17 -18.28 28.07
C LYS E 164 16.99 -17.25 27.36
N TYR E 165 16.81 -16.00 27.76
CA TYR E 165 17.47 -14.89 27.13
C TYR E 165 18.64 -14.37 27.93
N ALA E 166 18.91 -14.95 29.09
CA ALA E 166 20.04 -14.57 29.90
C ALA E 166 21.19 -15.49 29.54
N ILE E 167 22.18 -14.94 28.88
CA ILE E 167 23.40 -15.66 28.57
C ILE E 167 24.52 -15.06 29.40
N ASP E 168 25.15 -15.90 30.20
CA ASP E 168 26.08 -15.43 31.20
C ASP E 168 27.49 -15.77 30.80
N MET E 169 28.37 -14.80 30.95
CA MET E 169 29.79 -15.04 30.79
C MET E 169 30.33 -15.83 31.97
N THR E 170 29.93 -15.46 33.18
CA THR E 170 30.56 -16.03 34.37
C THR E 170 30.57 -17.54 34.30
N GLU E 171 29.49 -18.10 33.74
CA GLU E 171 29.49 -19.45 33.25
C GLU E 171 30.74 -19.65 32.42
N GLN E 172 30.71 -19.07 31.23
CA GLN E 172 31.81 -19.17 30.29
C GLN E 172 33.13 -18.74 30.91
N ALA E 173 33.07 -17.75 31.80
CA ALA E 173 34.28 -17.28 32.46
C ALA E 173 34.85 -18.37 33.37
N ARG E 174 34.03 -18.85 34.31
CA ARG E 174 34.45 -20.00 35.10
C ARG E 174 34.73 -21.17 34.18
N GLN E 175 33.98 -21.27 33.08
CA GLN E 175 34.34 -22.22 32.04
C GLN E 175 35.68 -21.83 31.41
N GLY E 176 35.97 -20.54 31.34
CA GLY E 176 37.13 -20.09 30.61
C GLY E 176 36.93 -20.03 29.12
N LYS E 177 35.70 -19.82 28.65
CA LYS E 177 35.44 -19.79 27.21
C LYS E 177 36.08 -18.55 26.57
N LEU E 178 35.77 -17.38 27.10
CA LEU E 178 35.99 -16.10 26.46
C LEU E 178 37.46 -15.68 26.49
N ASP E 179 37.79 -14.71 25.65
CA ASP E 179 39.17 -14.28 25.46
C ASP E 179 39.49 -13.09 26.37
N PRO E 180 40.53 -13.18 27.19
CA PRO E 180 40.83 -12.06 28.10
C PRO E 180 41.17 -10.79 27.35
N VAL E 181 40.50 -9.73 27.72
CA VAL E 181 40.67 -8.41 27.14
C VAL E 181 42.02 -7.88 27.56
N ILE E 182 42.46 -6.84 26.88
CA ILE E 182 43.70 -6.15 27.23
C ILE E 182 43.43 -4.66 27.32
N GLY E 183 44.08 -4.02 28.30
CA GLY E 183 44.16 -2.59 28.35
C GLY E 183 42.86 -1.87 28.66
N ARG E 184 41.75 -2.56 28.68
CA ARG E 184 40.50 -1.96 29.07
C ARG E 184 40.36 -1.94 30.58
N GLU E 185 41.43 -2.33 31.26
CA GLU E 185 41.49 -2.50 32.70
C GLU E 185 40.90 -1.34 33.46
N GLU E 186 41.56 -0.19 33.43
CA GLU E 186 40.99 0.98 34.09
C GLU E 186 39.63 1.31 33.49
N GLU E 187 39.48 1.10 32.19
CA GLU E 187 38.17 1.25 31.57
C GLU E 187 37.17 0.35 32.26
N ILE E 188 37.51 -0.93 32.40
CA ILE E 188 36.76 -1.78 33.30
C ILE E 188 36.63 -1.10 34.65
N ARG E 189 37.77 -0.77 35.23
CA ARG E 189 37.79 -0.16 36.55
C ARG E 189 36.85 1.03 36.59
N SER E 190 37.03 1.96 35.64
CA SER E 190 36.14 3.10 35.52
C SER E 190 34.68 2.67 35.58
N THR E 191 34.26 1.85 34.64
CA THR E 191 32.90 1.34 34.64
C THR E 191 32.55 0.74 35.98
N ILE E 192 33.36 -0.23 36.43
CA ILE E 192 33.09 -0.88 37.71
C ILE E 192 32.85 0.16 38.78
N ARG E 193 33.70 1.17 38.82
CA ARG E 193 33.44 2.33 39.64
C ARG E 193 32.01 2.75 39.42
N VAL E 194 31.70 3.22 38.22
CA VAL E 194 30.32 3.60 37.90
C VAL E 194 29.37 2.50 38.32
N LEU E 195 29.77 1.27 38.11
CA LEU E 195 28.98 0.14 38.55
C LEU E 195 28.82 0.12 40.06
N ALA E 196 29.65 0.84 40.80
CA ALA E 196 29.46 0.97 42.23
C ALA E 196 28.64 2.19 42.62
N ARG E 197 28.24 3.01 41.66
CA ARG E 197 27.44 4.18 41.97
C ARG E 197 26.00 3.79 42.27
N ARG E 198 25.51 4.15 43.45
CA ARG E 198 24.08 4.03 43.71
C ARG E 198 23.26 4.93 42.81
N ILE E 199 23.81 6.06 42.41
CA ILE E 199 23.09 6.96 41.52
C ILE E 199 23.03 6.35 40.13
N LYS E 200 24.16 6.28 39.44
CA LYS E 200 24.21 5.56 38.19
C LYS E 200 25.18 4.39 38.32
N SER E 201 24.63 3.20 38.51
CA SER E 201 25.44 2.02 38.25
C SER E 201 25.83 1.99 36.79
N ASN E 202 24.93 2.45 35.93
CA ASN E 202 25.06 2.28 34.51
C ASN E 202 26.31 2.96 34.01
N PRO E 203 27.29 2.21 33.56
CA PRO E 203 28.26 2.73 32.61
C PRO E 203 27.66 2.64 31.21
N CYS E 204 28.17 3.47 30.31
CA CYS E 204 27.72 3.39 28.93
C CYS E 204 28.88 3.65 28.00
N LEU E 205 28.98 2.80 26.98
CA LEU E 205 30.05 2.90 26.00
C LEU E 205 29.53 3.65 24.79
N ILE E 206 30.35 4.54 24.26
CA ILE E 206 30.14 5.09 22.94
C ILE E 206 31.40 4.79 22.14
N GLY E 207 31.27 4.80 20.82
CA GLY E 207 32.42 4.59 19.99
C GLY E 207 32.03 3.80 18.76
N GLU E 208 33.01 3.26 18.11
CA GLU E 208 32.55 2.34 17.09
C GLU E 208 32.61 0.92 17.60
N PRO E 209 31.52 0.19 17.46
CA PRO E 209 31.46 -1.19 17.98
C PRO E 209 32.51 -2.13 17.41
N GLY E 210 32.46 -3.39 17.82
CA GLY E 210 33.52 -4.32 17.46
C GLY E 210 34.74 -4.00 18.30
N ILE E 211 34.55 -3.10 19.26
CA ILE E 211 35.67 -2.45 19.94
C ILE E 211 36.04 -3.12 21.26
N GLY E 212 35.38 -4.22 21.61
CA GLY E 212 35.65 -4.86 22.88
C GLY E 212 34.58 -4.65 23.92
N LYS E 213 33.44 -4.08 23.54
CA LYS E 213 32.40 -3.72 24.49
C LYS E 213 32.02 -4.88 25.39
N THR E 214 31.39 -5.90 24.84
CA THR E 214 30.99 -7.00 25.70
C THR E 214 32.23 -7.74 26.20
N ALA E 215 33.33 -7.67 25.47
CA ALA E 215 34.59 -8.15 25.99
C ALA E 215 35.01 -7.31 27.19
N ILE E 216 34.90 -5.99 27.07
CA ILE E 216 34.96 -5.17 28.26
C ILE E 216 34.01 -5.75 29.31
N ILE E 217 32.79 -6.07 28.90
CA ILE E 217 31.88 -6.69 29.82
C ILE E 217 32.39 -8.05 30.26
N GLU E 218 33.22 -8.70 29.43
CA GLU E 218 33.91 -9.89 29.92
C GLU E 218 34.84 -9.50 31.06
N GLY E 219 35.82 -8.64 30.77
CA GLY E 219 36.73 -8.20 31.81
C GLY E 219 35.99 -7.76 33.04
N VAL E 220 34.87 -7.09 32.84
CA VAL E 220 33.89 -6.87 33.89
C VAL E 220 33.63 -8.18 34.60
N ALA E 221 32.95 -9.10 33.93
CA ALA E 221 32.56 -10.33 34.59
C ALA E 221 33.77 -11.16 34.95
N GLN E 222 34.84 -11.06 34.17
CA GLN E 222 36.08 -11.69 34.57
C GLN E 222 36.44 -11.27 35.98
N ARG E 223 36.27 -10.00 36.29
CA ARG E 223 36.57 -9.54 37.63
C ARG E 223 35.57 -10.06 38.63
N ILE E 224 34.40 -10.49 38.17
CA ILE E 224 33.49 -11.19 39.06
C ILE E 224 34.04 -12.57 39.38
N ILE E 225 34.33 -13.34 38.33
CA ILE E 225 34.60 -14.76 38.52
C ILE E 225 35.94 -14.99 39.18
N ASP E 226 36.89 -14.08 38.97
CA ASP E 226 38.12 -14.08 39.74
C ASP E 226 37.97 -13.29 41.03
N ASP E 227 36.77 -12.77 41.29
CA ASP E 227 36.49 -11.94 42.45
C ASP E 227 37.42 -10.74 42.50
N ASP E 228 37.94 -10.35 41.34
CA ASP E 228 38.50 -9.02 41.23
C ASP E 228 37.40 -7.99 41.47
N VAL E 229 36.15 -8.39 41.28
CA VAL E 229 34.99 -7.58 41.67
C VAL E 229 35.16 -7.18 43.13
N PRO E 230 34.98 -5.90 43.47
CA PRO E 230 34.98 -5.50 44.87
C PRO E 230 33.65 -5.85 45.52
N THR E 231 33.60 -5.61 46.83
CA THR E 231 32.67 -6.30 47.73
C THR E 231 31.25 -6.33 47.18
N ILE E 232 30.68 -5.15 47.00
CA ILE E 232 29.22 -5.01 46.88
C ILE E 232 28.66 -6.04 45.91
N LEU E 233 29.18 -6.04 44.70
CA LEU E 233 28.62 -6.81 43.62
C LEU E 233 29.33 -8.13 43.41
N GLN E 234 30.27 -8.46 44.29
CA GLN E 234 30.87 -9.80 44.25
C GLN E 234 29.79 -10.87 44.19
N GLY E 235 28.83 -10.81 45.11
CA GLY E 235 27.70 -11.70 45.02
C GLY E 235 26.95 -11.56 43.72
N ALA E 236 26.91 -10.35 43.17
CA ALA E 236 26.26 -10.19 41.88
C ALA E 236 27.05 -10.93 40.80
N LYS E 237 26.37 -11.18 39.69
CA LYS E 237 26.98 -11.88 38.56
C LYS E 237 26.59 -11.22 37.26
N LEU E 238 26.90 -11.86 36.14
CA LEU E 238 26.62 -11.30 34.84
C LEU E 238 25.47 -12.02 34.16
N PHE E 239 24.65 -11.24 33.47
CA PHE E 239 23.81 -11.69 32.37
C PHE E 239 23.90 -10.71 31.22
N SER E 240 23.43 -11.16 30.07
CA SER E 240 23.27 -10.32 28.90
C SER E 240 22.09 -10.87 28.11
N LEU E 241 21.28 -9.97 27.57
CA LEU E 241 20.04 -10.44 26.98
C LEU E 241 20.24 -11.17 25.68
N ASP E 242 19.22 -11.96 25.35
CA ASP E 242 19.01 -12.45 24.01
C ASP E 242 17.77 -11.75 23.49
N LEU E 243 17.84 -11.27 22.26
CA LEU E 243 16.66 -10.71 21.64
C LEU E 243 15.76 -11.82 21.16
N ALA E 244 16.16 -13.06 21.39
CA ALA E 244 15.61 -14.24 20.79
C ALA E 244 14.15 -14.47 21.13
N ALA E 245 13.58 -13.70 22.05
CA ALA E 245 12.17 -13.93 22.33
C ALA E 245 11.37 -13.50 21.12
N LEU E 246 10.68 -14.46 20.53
CA LEU E 246 10.04 -14.31 19.23
C LEU E 246 8.85 -15.26 19.12
N GLY E 254 3.13 -15.67 20.43
CA GLY E 254 2.40 -14.57 21.02
C GLY E 254 3.21 -13.29 21.06
N ASP E 255 2.89 -12.40 21.98
CA ASP E 255 3.63 -11.15 22.10
C ASP E 255 4.87 -11.37 22.95
N PHE E 256 5.63 -10.29 23.14
CA PHE E 256 7.06 -10.43 23.39
C PHE E 256 7.52 -9.62 24.59
N GLU E 257 7.45 -8.29 24.53
CA GLU E 257 7.95 -7.46 25.61
C GLU E 257 7.44 -7.93 26.96
N GLU E 258 6.16 -8.30 27.01
CA GLU E 258 5.61 -8.90 28.22
C GLU E 258 6.50 -10.01 28.73
N ARG E 259 6.88 -10.93 27.85
CA ARG E 259 7.86 -11.93 28.21
C ARG E 259 9.11 -11.26 28.74
N PHE E 260 9.69 -10.36 27.95
CA PHE E 260 10.88 -9.63 28.39
C PHE E 260 10.67 -9.03 29.76
N LYS E 261 9.48 -8.50 30.02
CA LYS E 261 9.17 -8.03 31.36
C LYS E 261 9.31 -9.15 32.38
N GLY E 262 9.04 -10.38 31.98
CA GLY E 262 9.03 -11.46 32.95
C GLY E 262 10.32 -11.56 33.72
N VAL E 263 11.43 -11.71 33.01
CA VAL E 263 12.72 -11.84 33.68
C VAL E 263 12.96 -10.65 34.58
N LEU E 264 12.48 -9.48 34.16
CA LEU E 264 12.78 -8.26 34.90
C LEU E 264 12.31 -8.39 36.33
N LYS E 265 11.04 -8.73 36.51
CA LYS E 265 10.56 -9.09 37.83
C LYS E 265 11.45 -10.15 38.43
N GLU E 266 11.69 -11.21 37.66
CA GLU E 266 12.49 -12.33 38.11
C GLU E 266 13.85 -11.85 38.60
N ILE E 267 14.53 -11.06 37.78
CA ILE E 267 15.85 -10.60 38.20
C ILE E 267 15.72 -9.59 39.33
N GLU E 268 14.68 -8.76 39.29
CA GLU E 268 14.42 -7.94 40.46
C GLU E 268 14.18 -8.81 41.67
N GLU E 269 13.43 -9.89 41.49
CA GLU E 269 13.38 -10.90 42.52
C GLU E 269 14.76 -11.53 42.76
N SER E 270 15.53 -11.71 41.68
CA SER E 270 16.80 -12.41 41.81
C SER E 270 17.75 -11.74 42.78
N LYS E 271 17.52 -10.47 43.10
CA LYS E 271 18.20 -9.77 44.17
C LYS E 271 19.71 -9.68 43.93
N THR E 272 20.06 -8.87 42.92
CA THR E 272 21.43 -8.38 42.63
C THR E 272 22.47 -9.48 42.76
N LEU E 273 22.09 -10.71 42.42
CA LEU E 273 23.04 -11.80 42.33
C LEU E 273 23.61 -11.90 40.93
N ILE E 274 23.01 -11.16 39.98
CA ILE E 274 23.44 -11.09 38.59
C ILE E 274 23.27 -9.65 38.12
N VAL E 275 23.82 -9.36 36.95
CA VAL E 275 23.52 -8.12 36.25
C VAL E 275 23.39 -8.40 34.77
N LEU E 276 22.41 -7.77 34.15
CA LEU E 276 22.22 -7.83 32.71
C LEU E 276 23.23 -6.95 32.00
N PHE E 277 23.44 -7.23 30.73
CA PHE E 277 24.21 -6.35 29.86
C PHE E 277 23.56 -6.24 28.48
N ILE E 278 23.29 -5.02 28.06
CA ILE E 278 22.71 -4.71 26.75
C ILE E 278 23.70 -3.85 25.99
N ASP E 279 23.61 -3.85 24.66
CA ASP E 279 24.71 -3.23 23.94
C ASP E 279 24.33 -1.94 23.25
N GLU E 280 23.74 -2.03 22.07
CA GLU E 280 23.25 -0.85 21.37
C GLU E 280 21.76 -0.65 21.47
N ILE E 281 21.01 -1.66 21.86
CA ILE E 281 19.58 -1.65 21.56
C ILE E 281 18.93 -1.14 22.82
N HIS E 282 18.58 0.12 22.78
CA HIS E 282 17.88 0.77 23.85
C HIS E 282 16.93 1.66 23.10
N MET E 283 15.64 1.36 23.17
CA MET E 283 14.80 1.62 22.03
C MET E 283 13.50 2.27 22.45
N LEU E 284 13.21 3.40 21.84
CA LEU E 284 11.82 3.80 21.68
C LEU E 284 11.28 2.97 20.53
N MET E 285 10.33 2.11 20.82
CA MET E 285 9.86 1.19 19.81
C MET E 285 8.83 1.87 18.93
N GLY E 286 8.89 1.57 17.63
CA GLY E 286 8.16 2.38 16.66
C GLY E 286 6.65 2.32 16.83
N ASN E 287 6.09 1.12 16.80
CA ASN E 287 4.64 0.97 16.76
C ASN E 287 4.10 0.08 17.88
N ALA E 292 5.80 -2.03 23.33
CA ALA E 292 6.66 -0.94 22.86
C ALA E 292 7.01 0.00 24.00
N ALA E 293 7.12 1.28 23.66
CA ALA E 293 7.25 2.37 24.62
C ALA E 293 8.39 2.14 25.60
N ASN E 294 8.15 2.46 26.87
CA ASN E 294 9.18 2.37 27.89
C ASN E 294 8.82 1.24 28.82
N ILE E 295 9.56 0.15 28.70
CA ILE E 295 9.42 -0.99 29.58
C ILE E 295 10.78 -1.18 30.24
N LEU E 296 10.77 -1.37 31.55
CA LEU E 296 11.98 -1.42 32.35
C LEU E 296 12.67 -0.07 32.37
N LYS E 297 12.38 0.75 31.38
CA LYS E 297 12.76 2.15 31.49
C LYS E 297 12.12 2.73 32.73
N PRO E 298 10.86 2.43 33.05
CA PRO E 298 10.40 2.66 34.41
C PRO E 298 11.07 1.75 35.42
N ALA E 299 11.21 0.47 35.10
CA ALA E 299 11.72 -0.45 36.10
C ALA E 299 13.21 -0.27 36.33
N LEU E 300 13.91 0.38 35.40
CA LEU E 300 15.20 0.91 35.78
C LEU E 300 15.03 2.25 36.46
N SER E 301 14.09 3.07 35.97
CA SER E 301 13.71 4.26 36.71
C SER E 301 13.16 3.91 38.08
N ARG E 302 12.94 2.62 38.32
CA ARG E 302 12.49 2.12 39.61
C ARG E 302 13.49 2.39 40.73
N GLY E 303 14.66 2.92 40.41
CA GLY E 303 15.61 3.25 41.44
C GLY E 303 16.25 2.04 42.06
N GLN E 304 16.32 0.94 41.31
CA GLN E 304 16.82 -0.32 41.78
C GLN E 304 17.54 -0.98 40.61
N LEU E 305 17.90 -2.24 40.77
CA LEU E 305 18.25 -3.05 39.62
C LEU E 305 19.43 -2.48 38.86
N LYS E 306 20.63 -2.71 39.38
CA LYS E 306 21.85 -2.38 38.66
C LYS E 306 21.81 -2.90 37.23
N VAL E 307 22.11 -2.01 36.28
CA VAL E 307 22.09 -2.32 34.85
C VAL E 307 23.27 -1.61 34.22
N ILE E 308 23.57 -1.96 32.97
CA ILE E 308 24.74 -1.45 32.26
C ILE E 308 24.32 -1.02 30.86
N GLY E 309 24.69 0.19 30.46
CA GLY E 309 24.42 0.68 29.12
C GLY E 309 25.64 0.74 28.21
N ALA E 310 25.34 0.90 26.92
CA ALA E 310 26.30 1.32 25.91
C ALA E 310 25.49 1.78 24.69
N THR E 311 26.13 2.55 23.82
CA THR E 311 25.61 2.75 22.45
C THR E 311 26.65 3.52 21.63
N THR E 312 26.24 4.00 20.48
CA THR E 312 27.06 4.92 19.73
C THR E 312 26.50 6.32 19.95
N ASN E 313 27.06 7.30 19.26
CA ASN E 313 26.77 8.70 19.55
C ASN E 313 25.30 9.08 19.43
N ASN E 314 24.79 9.19 18.21
CA ASN E 314 23.49 9.82 18.05
C ASN E 314 22.39 8.95 18.64
N GLU E 315 22.58 7.64 18.62
CA GLU E 315 21.72 6.76 19.37
C GLU E 315 21.61 7.25 20.80
N TYR E 316 22.75 7.42 21.45
CA TYR E 316 22.81 8.05 22.75
C TYR E 316 22.05 9.36 22.72
N ARG E 317 22.45 10.25 21.81
CA ARG E 317 21.78 11.53 21.66
C ARG E 317 20.28 11.34 21.63
N SER E 318 19.82 10.40 20.80
CA SER E 318 18.41 10.14 20.64
C SER E 318 17.77 9.82 21.98
N ILE E 319 18.04 8.62 22.48
CA ILE E 319 17.24 8.09 23.57
C ILE E 319 17.57 8.81 24.89
N VAL E 320 18.85 8.93 25.23
CA VAL E 320 19.22 9.29 26.58
C VAL E 320 18.76 10.70 26.91
N GLU E 321 18.67 11.56 25.89
CA GLU E 321 18.24 12.93 26.03
C GLU E 321 16.73 13.07 26.06
N LYS E 322 16.03 12.35 25.18
CA LYS E 322 14.58 12.39 25.18
C LYS E 322 14.00 11.92 26.50
N ASP E 323 14.82 11.33 27.35
CA ASP E 323 14.48 11.15 28.77
C ASP E 323 15.27 12.15 29.60
N GLY E 324 16.59 11.95 29.70
CA GLY E 324 17.41 12.66 30.63
C GLY E 324 17.44 11.98 31.99
N ALA E 325 16.43 11.19 32.30
CA ALA E 325 16.56 10.27 33.40
C ALA E 325 17.34 9.04 32.98
N PHE E 326 17.23 8.66 31.71
CA PHE E 326 18.24 7.77 31.15
C PHE E 326 19.61 8.36 31.38
N GLU E 327 19.79 9.61 30.97
CA GLU E 327 20.94 10.37 31.42
C GLU E 327 21.11 10.25 32.92
N ARG E 328 20.03 10.43 33.67
CA ARG E 328 20.13 10.30 35.12
C ARG E 328 20.34 8.86 35.54
N ARG E 329 19.89 7.89 34.75
CA ARG E 329 20.22 6.49 34.99
C ARG E 329 21.54 6.07 34.38
N PHE E 330 21.89 6.61 33.22
CA PHE E 330 23.04 6.13 32.48
C PHE E 330 24.18 7.13 32.55
N GLN E 331 25.35 6.64 32.93
CA GLN E 331 26.57 7.41 32.88
C GLN E 331 27.46 6.82 31.81
N LYS E 332 27.70 7.58 30.75
CA LYS E 332 28.44 7.01 29.63
C LYS E 332 29.94 7.14 29.84
N ILE E 333 30.64 6.03 29.58
CA ILE E 333 32.09 6.02 29.55
C ILE E 333 32.49 5.52 28.18
N GLU E 334 33.04 6.41 27.37
CA GLU E 334 33.27 6.09 25.97
C GLU E 334 34.69 5.59 25.75
N VAL E 335 34.81 4.31 25.38
CA VAL E 335 36.10 3.79 24.95
C VAL E 335 36.40 4.28 23.54
N ALA E 336 37.67 4.17 23.16
CA ALA E 336 38.12 4.54 21.83
C ALA E 336 38.79 3.35 21.17
N GLU E 337 38.95 3.46 19.87
CA GLU E 337 39.73 2.45 19.17
C GLU E 337 41.15 2.51 19.70
N PRO E 338 41.67 1.44 20.28
CA PRO E 338 42.83 1.56 21.17
C PRO E 338 44.08 2.00 20.43
N SER E 339 45.07 2.41 21.23
CA SER E 339 46.36 2.75 20.67
C SER E 339 46.89 1.55 19.91
N VAL E 340 47.40 1.82 18.71
CA VAL E 340 47.65 0.79 17.73
C VAL E 340 48.33 -0.42 18.36
N ARG E 341 49.25 -0.17 19.28
CA ARG E 341 50.04 -1.24 19.86
C ARG E 341 49.21 -2.22 20.67
N GLN E 342 48.02 -1.82 21.10
CA GLN E 342 47.31 -2.65 22.05
C GLN E 342 47.01 -4.01 21.43
N THR E 343 46.26 -3.98 20.34
CA THR E 343 45.77 -5.21 19.73
C THR E 343 46.89 -6.19 19.50
N VAL E 344 48.10 -5.68 19.31
CA VAL E 344 49.27 -6.54 19.25
C VAL E 344 49.19 -7.57 20.36
N ALA E 345 48.93 -7.10 21.57
CA ALA E 345 48.76 -8.03 22.67
C ALA E 345 47.58 -8.95 22.42
N ILE E 346 46.42 -8.38 22.04
CA ILE E 346 45.30 -9.27 21.81
C ILE E 346 45.56 -10.09 20.58
N LEU E 347 46.37 -9.58 19.67
CA LEU E 347 46.91 -10.43 18.63
C LEU E 347 47.75 -11.53 19.26
N ARG E 348 48.78 -11.13 19.99
CA ARG E 348 49.51 -12.09 20.80
C ARG E 348 48.53 -12.92 21.61
N GLY E 349 47.43 -12.30 22.03
CA GLY E 349 46.33 -13.08 22.55
C GLY E 349 45.79 -14.06 21.53
N LEU E 350 45.42 -13.56 20.36
CA LEU E 350 44.79 -14.46 19.40
C LEU E 350 45.75 -15.03 18.39
N GLN E 351 47.01 -14.64 18.45
CA GLN E 351 47.98 -15.30 17.60
C GLN E 351 47.84 -16.80 17.78
N PRO E 352 48.02 -17.34 18.98
CA PRO E 352 47.83 -18.79 19.13
C PRO E 352 46.49 -19.22 18.63
N LYS E 353 45.48 -18.39 18.84
CA LYS E 353 44.12 -18.78 18.54
C LYS E 353 43.96 -19.18 17.09
N TYR E 354 43.93 -18.21 16.19
CA TYR E 354 43.43 -18.57 14.88
C TYR E 354 44.43 -19.41 14.11
N GLU E 355 45.71 -19.25 14.40
CA GLU E 355 46.68 -20.12 13.77
C GLU E 355 46.46 -21.55 14.20
N ILE E 356 45.99 -21.76 15.43
CA ILE E 356 45.61 -23.09 15.82
C ILE E 356 44.19 -23.40 15.35
N HIS E 357 43.38 -22.37 15.06
CA HIS E 357 42.17 -22.62 14.29
C HIS E 357 42.53 -23.01 12.87
N HIS E 358 43.48 -22.29 12.31
CA HIS E 358 43.84 -22.44 10.92
C HIS E 358 45.05 -23.34 10.76
N GLY E 359 45.51 -23.96 11.83
CA GLY E 359 46.57 -24.94 11.75
C GLY E 359 47.87 -24.34 11.27
N VAL E 360 48.22 -23.15 11.77
CA VAL E 360 49.34 -22.43 11.21
C VAL E 360 50.10 -21.67 12.29
N ARG E 361 50.98 -20.77 11.85
CA ARG E 361 51.83 -19.99 12.72
C ARG E 361 51.78 -18.54 12.28
N ILE E 362 52.38 -17.68 13.10
CA ILE E 362 52.38 -16.25 12.83
C ILE E 362 53.74 -15.68 13.13
N LEU E 363 54.29 -14.93 12.18
CA LEU E 363 55.42 -14.07 12.48
C LEU E 363 54.89 -12.75 13.00
N ASP E 364 55.58 -12.22 14.01
CA ASP E 364 55.23 -10.89 14.49
C ASP E 364 55.30 -9.87 13.37
N SER E 365 56.29 -10.04 12.47
CA SER E 365 56.53 -9.03 11.43
C SER E 365 55.24 -8.65 10.73
N ALA E 366 54.54 -9.63 10.17
CA ALA E 366 53.19 -9.38 9.73
C ALA E 366 52.29 -9.02 10.91
N LEU E 367 52.40 -9.80 11.99
CA LEU E 367 51.49 -9.65 13.10
C LEU E 367 51.43 -8.21 13.57
N VAL E 368 52.59 -7.64 13.91
CA VAL E 368 52.61 -6.22 14.21
C VAL E 368 52.08 -5.43 13.02
N THR E 369 52.57 -5.76 11.84
CA THR E 369 52.28 -4.95 10.67
C THR E 369 50.79 -4.83 10.44
N ALA E 370 50.05 -5.89 10.74
CA ALA E 370 48.65 -6.00 10.37
C ALA E 370 47.95 -4.71 10.70
N ALA E 371 47.79 -4.46 12.00
CA ALA E 371 47.31 -3.17 12.43
C ALA E 371 48.14 -2.07 11.80
N GLN E 372 49.46 -2.18 11.91
CA GLN E 372 50.37 -1.10 11.55
C GLN E 372 49.94 -0.49 10.23
N LEU E 373 49.54 -1.34 9.31
CA LEU E 373 48.95 -0.82 8.10
C LEU E 373 47.45 -0.66 8.26
N ALA E 374 46.76 -1.77 8.53
CA ALA E 374 45.30 -1.74 8.52
C ALA E 374 44.76 -0.61 9.37
N LYS E 375 45.53 -0.18 10.35
CA LYS E 375 45.26 1.12 10.93
C LYS E 375 45.05 2.08 9.79
N ARG E 376 46.14 2.38 9.12
CA ARG E 376 46.15 3.38 8.07
C ARG E 376 45.15 3.06 6.99
N TYR E 377 45.44 2.06 6.19
CA TYR E 377 44.75 1.92 4.93
C TYR E 377 43.43 1.20 5.06
N LEU E 378 43.09 0.71 6.22
CA LEU E 378 41.76 0.20 6.36
C LEU E 378 40.86 1.34 6.78
N PRO E 379 39.77 1.58 6.06
CA PRO E 379 38.95 2.75 6.38
C PRO E 379 38.23 2.66 7.71
N TYR E 380 37.66 1.52 8.05
CA TYR E 380 36.55 1.47 8.99
C TYR E 380 36.93 0.93 10.36
N ARG E 381 37.24 -0.35 10.42
CA ARG E 381 37.02 -1.17 11.60
C ARG E 381 38.06 -0.86 12.67
N ARG E 382 38.09 -1.70 13.68
CA ARG E 382 38.66 -1.30 14.95
C ARG E 382 39.98 -2.00 15.20
N LEU E 383 40.80 -1.33 16.00
CA LEU E 383 42.16 -1.79 16.26
C LEU E 383 42.21 -3.28 16.54
N PRO E 384 41.42 -3.83 17.46
CA PRO E 384 41.32 -5.29 17.50
C PRO E 384 40.72 -5.83 16.22
N ASP E 385 39.69 -5.15 15.74
CA ASP E 385 38.82 -5.69 14.73
C ASP E 385 39.59 -5.73 13.42
N SER E 386 39.76 -4.54 12.87
CA SER E 386 40.32 -4.37 11.55
C SER E 386 41.55 -5.23 11.34
N ALA E 387 42.48 -5.17 12.28
CA ALA E 387 43.68 -5.98 12.17
C ALA E 387 43.30 -7.44 12.04
N LEU E 388 42.68 -7.97 13.09
CA LEU E 388 42.40 -9.39 13.09
C LEU E 388 41.61 -9.79 11.87
N ASP E 389 40.74 -8.89 11.40
CA ASP E 389 40.00 -9.13 10.17
C ASP E 389 40.95 -9.56 9.08
N LEU E 390 41.94 -8.72 8.81
CA LEU E 390 43.03 -9.07 7.91
C LEU E 390 43.55 -10.45 8.24
N VAL E 391 43.85 -10.65 9.52
CA VAL E 391 44.63 -11.77 9.99
C VAL E 391 44.02 -13.07 9.50
N ASP E 392 42.86 -13.42 10.06
CA ASP E 392 42.20 -14.66 9.66
C ASP E 392 42.15 -14.74 8.15
N ILE E 393 41.85 -13.62 7.50
CA ILE E 393 41.82 -13.60 6.06
C ILE E 393 43.21 -13.85 5.50
N SER E 394 44.19 -13.10 5.99
CA SER E 394 45.56 -13.46 5.69
C SER E 394 45.80 -14.91 6.03
N CYS E 395 45.46 -15.28 7.27
CA CYS E 395 45.54 -16.67 7.69
C CYS E 395 44.82 -17.58 6.73
N ALA E 396 43.74 -17.10 6.11
CA ALA E 396 42.96 -17.97 5.28
C ALA E 396 43.77 -18.32 4.05
N GLY E 397 44.03 -17.32 3.22
CA GLY E 397 44.69 -17.58 1.94
C GLY E 397 45.91 -18.44 2.10
N VAL E 398 46.78 -18.08 3.03
CA VAL E 398 47.98 -18.86 3.25
C VAL E 398 47.60 -20.29 3.60
N ALA E 399 46.56 -20.45 4.39
CA ALA E 399 46.05 -21.80 4.63
C ALA E 399 45.23 -22.27 3.45
N VAL E 400 44.39 -21.38 2.90
CA VAL E 400 43.72 -21.71 1.65
C VAL E 400 44.73 -22.21 0.65
N ALA E 401 45.90 -21.57 0.61
CA ALA E 401 47.02 -22.18 -0.09
C ALA E 401 47.37 -23.51 0.54
N ARG E 402 47.65 -23.51 1.84
CA ARG E 402 48.12 -24.73 2.49
C ARG E 402 47.08 -25.84 2.41
N ASP E 403 45.85 -25.49 2.82
CA ASP E 403 44.73 -26.42 2.84
C ASP E 403 44.04 -26.44 1.48
N SER E 404 44.84 -26.28 0.44
CA SER E 404 44.37 -26.27 -0.94
C SER E 404 45.49 -26.65 -1.91
N LYS E 405 46.74 -26.54 -1.45
CA LYS E 405 47.89 -26.73 -2.31
C LYS E 405 48.37 -25.38 -2.81
N PRO E 406 49.66 -25.29 -3.15
CA PRO E 406 50.20 -24.01 -3.66
C PRO E 406 49.47 -23.59 -4.92
N GLU E 407 49.07 -22.31 -4.93
CA GLU E 407 48.20 -21.81 -6.00
C GLU E 407 48.90 -21.83 -7.34
N GLU E 408 50.09 -21.23 -7.41
CA GLU E 408 50.78 -21.11 -8.69
C GLU E 408 50.90 -22.49 -9.34
N LEU E 409 51.14 -23.52 -8.53
CA LEU E 409 51.03 -24.88 -9.03
C LEU E 409 49.66 -25.12 -9.63
N ASP E 410 48.62 -24.92 -8.83
CA ASP E 410 47.27 -25.13 -9.32
C ASP E 410 46.91 -24.10 -10.37
N SER E 411 47.49 -22.89 -10.29
CA SER E 411 47.35 -21.90 -11.35
C SER E 411 47.75 -22.49 -12.69
N LYS E 412 48.94 -23.10 -12.74
CA LYS E 412 49.42 -23.73 -13.96
C LYS E 412 48.42 -24.71 -14.52
N GLU E 413 47.74 -25.45 -13.65
CA GLU E 413 46.74 -26.41 -14.11
C GLU E 413 45.64 -25.71 -14.89
N ARG E 414 44.95 -24.78 -14.22
CA ARG E 414 43.76 -24.17 -14.80
C ARG E 414 44.10 -23.42 -16.08
N GLN E 415 45.13 -22.57 -16.01
CA GLN E 415 45.54 -21.83 -17.21
C GLN E 415 45.80 -22.78 -18.36
N LEU E 416 46.39 -23.94 -18.07
CA LEU E 416 46.43 -25.00 -19.07
C LEU E 416 45.05 -25.59 -19.27
N GLN E 417 44.37 -25.94 -18.17
CA GLN E 417 43.05 -26.52 -18.26
C GLN E 417 42.17 -25.69 -19.19
N LEU E 418 42.31 -24.37 -19.12
CA LEU E 418 41.70 -23.51 -20.12
C LEU E 418 42.25 -23.81 -21.50
N ILE E 419 43.57 -23.67 -21.67
CA ILE E 419 44.09 -23.74 -23.01
C ILE E 419 44.10 -25.17 -23.51
N GLN E 420 44.28 -26.13 -22.61
CA GLN E 420 44.31 -27.52 -23.05
C GLN E 420 42.99 -27.94 -23.68
N VAL E 421 41.87 -27.34 -23.26
CA VAL E 421 40.60 -27.68 -23.90
C VAL E 421 40.33 -26.80 -25.10
N GLU E 422 41.13 -25.75 -25.32
CA GLU E 422 40.88 -24.90 -26.46
C GLU E 422 41.07 -25.65 -27.76
N ILE E 423 41.98 -26.62 -27.77
CA ILE E 423 42.14 -27.47 -28.93
C ILE E 423 40.85 -28.20 -29.24
N LYS E 424 40.05 -28.50 -28.22
CA LYS E 424 38.92 -29.41 -28.40
C LYS E 424 37.88 -28.81 -29.32
N ALA E 425 37.48 -27.57 -29.06
CA ALA E 425 36.59 -26.88 -29.98
C ALA E 425 37.21 -26.85 -31.37
N LEU E 426 38.49 -26.52 -31.45
CA LEU E 426 39.23 -26.66 -32.70
C LEU E 426 39.15 -28.08 -33.19
N GLU E 427 39.22 -29.04 -32.27
CA GLU E 427 39.25 -30.46 -32.60
C GLU E 427 37.89 -31.00 -33.01
N ARG E 428 36.81 -30.24 -32.78
CA ARG E 428 35.48 -30.72 -33.14
C ARG E 428 35.42 -31.10 -34.61
N ASP E 429 35.77 -30.18 -35.48
CA ASP E 429 35.89 -30.46 -36.90
C ASP E 429 37.25 -30.01 -37.40
N GLU E 430 37.71 -30.66 -38.45
CA GLU E 430 38.83 -30.12 -39.22
C GLU E 430 38.32 -28.87 -39.94
N ASP E 431 38.97 -27.74 -39.69
CA ASP E 431 38.42 -26.46 -40.06
C ASP E 431 39.48 -25.65 -40.82
N ALA E 432 39.04 -24.55 -41.43
CA ALA E 432 39.92 -23.74 -42.26
C ALA E 432 40.50 -22.51 -41.58
N ASP E 433 40.02 -22.10 -40.41
CA ASP E 433 40.19 -20.70 -40.05
C ASP E 433 40.94 -20.47 -38.75
N SER E 434 40.22 -20.64 -37.64
CA SER E 434 40.79 -20.57 -36.31
C SER E 434 41.28 -21.93 -35.86
N THR E 435 41.32 -22.87 -36.78
CA THR E 435 41.47 -24.30 -36.51
C THR E 435 42.89 -24.62 -36.08
N THR E 436 43.20 -25.92 -36.09
CA THR E 436 44.56 -26.37 -35.83
C THR E 436 45.58 -25.57 -36.63
N LYS E 437 45.18 -25.00 -37.76
CA LYS E 437 46.02 -24.12 -38.55
C LYS E 437 46.67 -23.04 -37.68
N ASP E 438 45.88 -22.11 -37.16
CA ASP E 438 46.47 -20.99 -36.42
C ASP E 438 46.59 -21.29 -34.92
N ARG E 439 45.45 -21.54 -34.27
CA ARG E 439 45.43 -21.47 -32.82
C ARG E 439 46.08 -22.68 -32.16
N LEU E 440 45.83 -23.89 -32.65
CA LEU E 440 46.39 -25.08 -32.01
C LEU E 440 47.87 -24.89 -31.74
N LYS E 441 48.62 -24.48 -32.76
CA LYS E 441 49.99 -24.01 -32.52
C LYS E 441 49.98 -22.79 -31.61
N LEU E 442 49.26 -21.74 -32.02
CA LEU E 442 49.26 -20.48 -31.27
C LEU E 442 48.96 -20.73 -29.80
N ALA E 443 48.04 -21.63 -29.52
CA ALA E 443 47.78 -22.03 -28.14
C ALA E 443 48.93 -22.87 -27.59
N ARG E 444 49.30 -23.94 -28.29
CA ARG E 444 50.30 -24.87 -27.76
C ARG E 444 51.63 -24.17 -27.48
N GLN E 445 51.91 -23.09 -28.21
CA GLN E 445 53.11 -22.31 -27.93
C GLN E 445 53.21 -21.93 -26.47
N LYS E 446 52.07 -21.67 -25.84
CA LYS E 446 52.09 -21.37 -24.42
C LYS E 446 52.15 -22.63 -23.57
N GLU E 447 51.43 -23.70 -23.96
CA GLU E 447 51.24 -24.81 -23.04
C GLU E 447 52.54 -25.56 -22.79
N ALA E 448 53.31 -25.81 -23.85
CA ALA E 448 54.65 -26.37 -23.64
C ALA E 448 55.49 -25.45 -22.78
N SER E 449 55.29 -24.14 -22.92
CA SER E 449 55.97 -23.18 -22.06
C SER E 449 55.39 -23.18 -20.65
N LEU E 450 54.13 -23.59 -20.49
CA LEU E 450 53.57 -23.70 -19.15
C LEU E 450 53.97 -25.00 -18.48
N GLN E 451 53.81 -26.13 -19.17
CA GLN E 451 54.02 -27.43 -18.54
C GLN E 451 55.47 -27.62 -18.11
N GLU E 452 56.41 -26.92 -18.75
CA GLU E 452 57.82 -27.10 -18.44
C GLU E 452 58.11 -26.79 -16.98
N GLU E 453 57.47 -25.77 -16.42
CA GLU E 453 57.69 -25.46 -15.02
C GLU E 453 56.80 -26.29 -14.09
N LEU E 454 55.76 -26.90 -14.63
CA LEU E 454 54.72 -27.51 -13.80
C LEU E 454 55.27 -28.58 -12.87
N GLU E 455 55.65 -29.71 -13.45
CA GLU E 455 56.12 -30.85 -12.64
C GLU E 455 57.42 -30.62 -11.88
N PRO E 456 58.42 -29.89 -12.39
CA PRO E 456 59.68 -29.76 -11.61
C PRO E 456 59.49 -29.31 -10.17
N LEU E 457 58.66 -28.30 -9.93
CA LEU E 457 58.38 -27.91 -8.56
C LEU E 457 57.21 -28.68 -7.96
N ARG E 458 56.45 -29.41 -8.77
CA ARG E 458 55.62 -30.48 -8.22
C ARG E 458 56.49 -31.48 -7.50
N GLN E 459 57.59 -31.89 -8.12
CA GLN E 459 58.60 -32.67 -7.41
C GLN E 459 59.07 -31.93 -6.17
N ARG E 460 59.32 -30.63 -6.29
CA ARG E 460 59.64 -29.83 -5.11
C ARG E 460 58.46 -29.82 -4.14
N TYR E 461 57.24 -29.79 -4.68
CA TYR E 461 56.07 -29.96 -3.83
C TYR E 461 55.96 -31.39 -3.32
N ASN E 462 56.56 -32.35 -4.02
CA ASN E 462 56.60 -33.73 -3.55
C ASN E 462 57.67 -33.92 -2.48
N SER E 530 51.78 -23.88 3.01
CA SER E 530 52.15 -25.05 3.80
C SER E 530 53.51 -24.87 4.43
N MET E 531 54.55 -24.87 3.61
CA MET E 531 55.86 -24.42 4.09
C MET E 531 55.73 -23.07 4.76
N ILE E 532 54.86 -22.22 4.23
CA ILE E 532 54.38 -21.08 4.98
C ILE E 532 53.42 -21.60 6.03
N GLN E 533 53.73 -21.33 7.28
CA GLN E 533 52.84 -21.65 8.37
C GLN E 533 52.72 -20.37 9.18
N ASN E 534 53.87 -19.89 9.63
CA ASN E 534 54.01 -18.52 10.05
C ASN E 534 53.51 -17.59 8.96
N VAL E 535 52.99 -16.45 9.38
CA VAL E 535 52.54 -15.44 8.44
C VAL E 535 53.57 -14.31 8.45
N VAL E 536 54.18 -14.08 7.30
CA VAL E 536 55.26 -13.11 7.15
C VAL E 536 54.70 -11.88 6.47
N ASP E 537 55.27 -10.73 6.82
CA ASP E 537 54.69 -9.44 6.49
C ASP E 537 54.15 -9.41 5.07
N SER E 538 55.02 -9.47 4.09
CA SER E 538 54.70 -8.99 2.75
C SER E 538 53.33 -9.41 2.26
N ASP E 539 53.19 -10.66 1.89
CA ASP E 539 51.95 -11.07 1.26
C ASP E 539 50.83 -11.11 2.27
N THR E 540 51.09 -11.81 3.38
CA THR E 540 50.14 -11.86 4.47
C THR E 540 49.68 -10.48 4.82
N ILE E 541 50.52 -9.49 4.62
CA ILE E 541 50.02 -8.15 4.80
C ILE E 541 49.72 -7.61 3.43
N SER E 542 50.76 -7.17 2.73
CA SER E 542 50.54 -6.28 1.60
C SER E 542 49.65 -6.91 0.56
N GLU E 543 49.92 -8.16 0.21
CA GLU E 543 49.01 -8.84 -0.70
C GLU E 543 47.62 -8.74 -0.13
N THR E 544 47.44 -9.44 0.99
CA THR E 544 46.17 -9.37 1.70
C THR E 544 45.72 -7.93 1.84
N ALA E 545 46.64 -7.04 2.14
CA ALA E 545 46.30 -5.63 2.10
C ALA E 545 45.78 -5.30 0.72
N ALA E 546 46.67 -5.43 -0.28
CA ALA E 546 46.25 -5.19 -1.64
C ALA E 546 45.08 -6.07 -2.01
N ARG E 547 44.92 -7.21 -1.36
CA ARG E 547 43.68 -7.94 -1.54
C ARG E 547 42.50 -7.09 -1.18
N LEU E 548 42.72 -6.03 -0.41
CA LEU E 548 41.80 -4.91 -0.54
C LEU E 548 42.16 -4.01 -1.71
N THR E 549 43.42 -3.61 -1.83
CA THR E 549 43.68 -2.36 -2.54
C THR E 549 44.52 -2.45 -3.81
N GLY E 550 45.83 -2.51 -3.66
CA GLY E 550 46.72 -2.52 -4.79
C GLY E 550 47.98 -1.75 -4.45
N ILE E 551 48.81 -1.57 -5.46
CA ILE E 551 50.14 -0.96 -5.30
C ILE E 551 50.79 -1.54 -4.06
N PRO E 552 50.98 -2.85 -3.98
CA PRO E 552 51.48 -3.44 -2.74
C PRO E 552 52.88 -3.01 -2.43
N VAL E 553 53.74 -2.94 -3.44
CA VAL E 553 55.14 -2.62 -3.23
C VAL E 553 55.26 -1.32 -2.45
N LYS E 554 54.39 -0.36 -2.72
CA LYS E 554 54.32 0.79 -1.85
C LYS E 554 53.85 0.37 -0.47
N LYS E 555 52.70 -0.30 -0.41
CA LYS E 555 52.23 -0.84 0.84
C LYS E 555 53.31 -1.68 1.50
N LEU E 556 54.16 -2.27 0.68
CA LEU E 556 55.33 -2.97 1.18
C LEU E 556 56.35 -1.98 1.69
N SER E 557 56.91 -1.21 0.77
CA SER E 557 58.23 -0.64 0.99
C SER E 557 58.24 0.36 2.14
N GLU E 558 57.37 1.35 2.08
CA GLU E 558 57.65 2.63 2.71
C GLU E 558 57.89 2.55 4.21
N SER E 559 59.03 3.08 4.64
CA SER E 559 59.38 3.28 6.04
C SER E 559 58.52 4.33 6.69
N GLU E 560 57.68 5.00 5.90
CA GLU E 560 56.78 6.07 6.28
C GLU E 560 57.59 7.34 6.47
N ASN E 561 58.89 7.19 6.71
CA ASN E 561 59.77 8.33 6.64
C ASN E 561 60.27 8.55 5.23
N GLU E 562 60.65 7.46 4.56
CA GLU E 562 61.28 7.59 3.25
C GLU E 562 60.46 8.50 2.36
N LYS E 563 59.13 8.36 2.43
CA LYS E 563 58.29 9.27 1.68
C LYS E 563 58.71 10.70 1.89
N LEU E 564 59.21 11.03 3.07
CA LEU E 564 59.77 12.37 3.23
C LEU E 564 60.90 12.53 2.23
N ILE E 565 62.01 11.83 2.50
CA ILE E 565 63.29 12.21 1.89
C ILE E 565 63.15 12.42 0.40
N HIS E 566 62.57 11.44 -0.29
CA HIS E 566 62.72 11.38 -1.73
C HIS E 566 61.55 11.99 -2.48
N MET E 567 60.50 12.40 -1.77
CA MET E 567 59.30 12.86 -2.45
C MET E 567 59.56 14.05 -3.33
N GLU E 568 60.49 14.91 -2.92
CA GLU E 568 60.85 16.07 -3.70
C GLU E 568 61.15 15.60 -5.12
N ARG E 569 62.26 14.88 -5.27
CA ARG E 569 62.58 14.31 -6.57
C ARG E 569 61.41 13.55 -7.13
N ASP E 570 60.70 12.82 -6.27
CA ASP E 570 59.52 12.10 -6.71
C ASP E 570 58.54 13.06 -7.35
N LEU E 571 58.00 13.96 -6.55
CA LEU E 571 57.10 14.93 -7.14
C LEU E 571 57.84 15.77 -8.17
N SER E 572 59.13 15.99 -7.97
CA SER E 572 59.88 16.67 -9.01
C SER E 572 59.68 15.99 -10.34
N SER E 573 59.69 14.66 -10.34
CA SER E 573 59.29 13.94 -11.53
C SER E 573 57.85 14.27 -11.90
N GLU E 574 56.99 14.48 -10.91
CA GLU E 574 55.60 14.79 -11.22
C GLU E 574 55.44 16.23 -11.67
N VAL E 575 56.10 17.15 -11.00
CA VAL E 575 55.91 18.57 -11.22
C VAL E 575 57.26 19.26 -11.14
N VAL E 576 57.45 20.25 -12.00
CA VAL E 576 58.72 20.94 -12.12
C VAL E 576 58.59 22.32 -11.49
N GLY E 577 59.70 22.77 -10.91
CA GLY E 577 59.75 24.05 -10.28
C GLY E 577 58.81 24.05 -9.09
N GLN E 578 58.53 25.26 -8.63
CA GLN E 578 57.80 25.46 -7.39
C GLN E 578 58.48 24.66 -6.28
N MET E 579 59.81 24.77 -6.25
CA MET E 579 60.59 24.13 -5.22
C MET E 579 60.07 24.45 -3.84
N ASP E 580 59.60 25.68 -3.64
CA ASP E 580 58.92 26.04 -2.41
C ASP E 580 57.88 24.99 -2.05
N ALA E 581 56.85 24.85 -2.89
CA ALA E 581 55.89 23.78 -2.74
C ALA E 581 56.62 22.47 -2.55
N ILE E 582 57.59 22.21 -3.43
CA ILE E 582 58.41 21.02 -3.27
C ILE E 582 58.97 20.98 -1.86
N LYS E 583 59.68 22.04 -1.47
CA LYS E 583 60.18 22.14 -0.12
C LYS E 583 59.03 22.10 0.88
N ALA E 584 58.27 23.18 0.91
CA ALA E 584 57.45 23.49 2.08
C ALA E 584 56.39 22.43 2.29
N VAL E 585 55.60 22.16 1.26
CA VAL E 585 54.53 21.19 1.41
C VAL E 585 55.11 19.90 1.97
N SER E 586 56.12 19.38 1.30
CA SER E 586 56.90 18.26 1.81
C SER E 586 57.28 18.56 3.23
N ASN E 587 58.09 19.59 3.42
CA ASN E 587 58.47 20.04 4.75
C ASN E 587 57.27 20.00 5.67
N ALA E 588 56.27 20.81 5.35
CA ALA E 588 55.05 20.84 6.14
C ALA E 588 54.53 19.44 6.39
N VAL E 589 54.47 18.63 5.35
CA VAL E 589 53.98 17.30 5.63
C VAL E 589 55.08 16.45 6.26
N ARG E 590 56.33 16.67 5.84
CA ARG E 590 57.44 16.12 6.62
C ARG E 590 57.30 16.54 8.07
N LEU E 591 56.72 17.70 8.31
CA LEU E 591 56.30 18.03 9.65
C LEU E 591 54.95 17.41 9.99
N SER E 592 54.05 17.29 9.02
CA SER E 592 52.73 16.77 9.35
C SER E 592 52.83 15.42 10.02
N ARG E 593 53.83 14.64 9.68
CA ARG E 593 54.19 13.49 10.47
C ARG E 593 55.53 13.75 11.12
N SER E 594 55.98 12.77 11.90
CA SER E 594 56.99 12.92 12.93
C SER E 594 56.45 13.73 14.10
N GLY E 595 55.22 14.21 14.02
CA GLY E 595 54.51 14.74 15.17
C GLY E 595 55.22 15.85 15.90
N LEU E 596 55.85 16.75 15.15
CA LEU E 596 56.57 17.83 15.82
C LEU E 596 55.61 18.77 16.52
N ALA E 597 54.38 18.85 16.05
CA ALA E 597 53.39 19.70 16.68
C ALA E 597 52.17 18.86 17.03
N ASN E 598 51.10 19.53 17.43
CA ASN E 598 49.97 18.88 18.07
C ASN E 598 49.50 17.69 17.26
N PRO E 599 49.45 16.49 17.85
CA PRO E 599 48.97 15.32 17.11
C PRO E 599 47.64 15.59 16.49
N ARG E 600 46.80 16.32 17.19
CA ARG E 600 45.64 16.90 16.55
C ARG E 600 46.06 18.29 16.06
N GLN E 601 46.20 18.40 14.76
CA GLN E 601 46.59 19.63 14.10
C GLN E 601 46.69 19.32 12.62
N PRO E 602 46.17 20.15 11.79
CA PRO E 602 46.00 19.76 10.38
C PRO E 602 47.20 20.07 9.54
N ALA E 603 47.10 19.75 8.25
CA ALA E 603 48.06 20.16 7.25
C ALA E 603 47.40 21.27 6.43
N SER E 604 47.83 22.50 6.66
CA SER E 604 47.10 23.68 6.25
C SER E 604 47.80 24.32 5.06
N PHE E 605 47.11 24.34 3.93
CA PHE E 605 47.71 24.75 2.67
C PHE E 605 46.80 25.70 1.93
N LEU E 606 47.26 26.94 1.76
CA LEU E 606 46.76 27.83 0.73
C LEU E 606 47.79 27.87 -0.39
N PHE E 607 47.35 27.50 -1.58
CA PHE E 607 48.23 27.44 -2.72
C PHE E 607 47.74 28.44 -3.77
N LEU E 608 48.70 29.00 -4.49
CA LEU E 608 48.40 30.03 -5.46
C LEU E 608 49.20 29.79 -6.72
N GLY E 609 48.79 30.49 -7.76
CA GLY E 609 49.36 30.39 -9.07
C GLY E 609 48.28 30.75 -10.09
N LEU E 610 48.49 30.29 -11.31
CA LEU E 610 47.43 30.37 -12.29
C LEU E 610 46.62 29.09 -12.28
N SER E 611 45.57 29.09 -13.08
CA SER E 611 44.89 27.85 -13.39
C SER E 611 45.76 27.06 -14.36
N GLY E 612 45.58 25.74 -14.37
CA GLY E 612 46.46 24.92 -15.17
C GLY E 612 47.87 24.83 -14.65
N SER E 613 48.09 25.20 -13.39
CA SER E 613 49.43 25.33 -12.83
C SER E 613 49.86 24.07 -12.08
N GLY E 614 49.06 23.02 -12.13
CA GLY E 614 49.37 21.77 -11.46
C GLY E 614 49.04 21.74 -9.99
N LYS E 615 48.42 22.80 -9.46
CA LYS E 615 47.99 22.85 -8.08
C LYS E 615 47.16 21.63 -7.72
N THR E 616 46.04 21.44 -8.40
CA THR E 616 45.29 20.20 -8.26
C THR E 616 46.19 18.99 -8.37
N GLU E 617 47.00 18.93 -9.42
CA GLU E 617 47.97 17.87 -9.58
C GLU E 617 48.83 17.70 -8.34
N LEU E 618 49.37 18.80 -7.86
CA LEU E 618 50.25 18.80 -6.72
C LEU E 618 49.70 17.88 -5.66
N ALA E 619 48.58 18.27 -5.09
CA ALA E 619 47.84 17.41 -4.18
C ALA E 619 47.66 16.03 -4.78
N LYS E 620 46.94 15.96 -5.90
CA LYS E 620 46.71 14.67 -6.52
C LYS E 620 47.99 13.86 -6.56
N LYS E 621 49.09 14.52 -6.89
CA LYS E 621 50.36 13.85 -6.69
C LYS E 621 50.61 13.61 -5.22
N VAL E 622 50.49 14.65 -4.41
CA VAL E 622 50.84 14.57 -3.01
C VAL E 622 50.20 13.34 -2.39
N ALA E 623 48.88 13.38 -2.24
CA ALA E 623 48.18 12.19 -1.78
C ALA E 623 48.53 11.00 -2.64
N GLY E 624 48.47 11.17 -3.95
CA GLY E 624 48.90 10.11 -4.84
C GLY E 624 50.26 9.59 -4.43
N PHE E 625 51.20 10.49 -4.22
CA PHE E 625 52.41 10.09 -3.55
C PHE E 625 52.07 9.57 -2.17
N LEU E 626 51.59 10.45 -1.32
CA LEU E 626 51.37 10.10 0.07
C LEU E 626 50.42 8.94 0.20
N PHE E 627 49.15 9.17 -0.08
CA PHE E 627 48.15 8.19 0.24
C PHE E 627 48.06 7.11 -0.78
N ASN E 628 48.96 7.11 -1.75
CA ASN E 628 48.95 6.10 -2.79
C ASN E 628 47.67 6.24 -3.61
N ASP E 629 47.21 7.47 -3.76
CA ASP E 629 45.96 7.73 -4.44
C ASP E 629 45.73 9.22 -4.47
N GLU E 630 44.98 9.65 -5.48
CA GLU E 630 44.54 11.02 -5.56
C GLU E 630 43.27 11.24 -4.77
N ASP E 631 42.39 10.24 -4.74
CA ASP E 631 41.01 10.45 -4.36
C ASP E 631 40.87 10.94 -2.93
N MET E 632 41.93 10.88 -2.15
CA MET E 632 41.95 11.53 -0.84
C MET E 632 41.58 12.98 -0.98
N MET E 633 41.95 13.57 -2.10
CA MET E 633 41.52 14.91 -2.46
C MET E 633 40.01 15.01 -2.37
N ILE E 634 39.54 16.09 -1.78
CA ILE E 634 38.12 16.34 -1.67
C ILE E 634 37.87 17.76 -2.11
N ARG E 635 36.75 17.98 -2.77
CA ARG E 635 36.59 19.10 -3.68
C ARG E 635 35.48 20.01 -3.20
N VAL E 636 35.84 21.19 -2.73
CA VAL E 636 34.87 22.25 -2.52
C VAL E 636 35.44 23.54 -3.08
N ASP E 637 34.81 24.05 -4.12
CA ASP E 637 35.07 25.41 -4.53
C ASP E 637 34.53 26.32 -3.44
N CYS E 638 35.38 27.18 -2.91
CA CYS E 638 34.86 28.15 -1.96
C CYS E 638 33.82 29.04 -2.62
N SER E 639 33.88 29.13 -3.95
CA SER E 639 32.91 29.94 -4.67
C SER E 639 31.54 29.28 -4.72
N GLU E 640 31.43 28.05 -4.22
CA GLU E 640 30.18 27.32 -4.38
C GLU E 640 29.01 28.03 -3.71
N LEU E 641 29.09 28.25 -2.41
CA LEU E 641 27.93 28.67 -1.64
C LEU E 641 28.33 29.84 -0.73
N SER E 642 27.52 30.90 -0.75
CA SER E 642 27.91 32.15 -0.14
C SER E 642 27.51 32.33 1.32
N GLU E 643 26.54 31.57 1.82
CA GLU E 643 25.93 32.00 3.06
C GLU E 643 25.71 30.86 4.03
N LYS E 644 24.97 29.85 3.59
CA LYS E 644 24.51 28.78 4.46
C LYS E 644 25.32 27.50 4.35
N TYR E 645 26.38 27.47 3.52
CA TYR E 645 27.01 26.19 3.24
C TYR E 645 27.36 25.43 4.51
N ALA E 646 27.56 26.15 5.61
CA ALA E 646 27.69 25.50 6.89
C ALA E 646 26.60 24.46 6.99
N VAL E 647 25.39 24.80 6.58
CA VAL E 647 24.35 23.79 6.42
C VAL E 647 24.82 22.72 5.46
N SER E 648 25.23 23.13 4.26
CA SER E 648 25.44 22.16 3.21
C SER E 648 26.70 21.34 3.41
N LYS E 649 27.55 21.69 4.37
CA LYS E 649 28.56 20.72 4.74
C LYS E 649 27.98 19.65 5.66
N LEU E 650 27.11 20.07 6.57
CA LEU E 650 26.63 19.26 7.69
C LEU E 650 25.65 20.11 8.48
N LEU E 651 24.86 19.46 9.33
CA LEU E 651 23.90 20.12 10.19
C LEU E 651 23.22 19.06 11.05
N GLY E 652 22.70 19.48 12.20
CA GLY E 652 21.77 18.60 12.86
C GLY E 652 20.56 18.64 11.98
N THR E 653 20.24 17.54 11.32
CA THR E 653 19.42 17.60 10.12
C THR E 653 17.95 17.50 10.49
N THR E 654 17.19 18.46 9.98
CA THR E 654 15.75 18.43 10.10
C THR E 654 15.16 17.48 9.06
N TYR E 660 15.46 19.79 5.35
CA TYR E 660 15.76 18.45 4.88
C TYR E 660 16.82 17.77 5.72
N ASP E 661 16.89 16.44 5.61
CA ASP E 661 17.98 15.68 6.19
C ASP E 661 19.06 15.45 5.13
N GLU E 662 20.21 16.06 5.31
CA GLU E 662 21.38 15.82 4.48
C GLU E 662 22.16 14.68 5.09
N GLY E 663 22.41 13.63 4.31
CA GLY E 663 23.30 12.59 4.77
C GLY E 663 24.64 13.16 5.21
N GLY E 664 25.10 14.19 4.52
CA GLY E 664 26.26 14.94 4.92
C GLY E 664 26.98 15.41 3.68
N PHE E 665 28.09 16.09 3.90
CA PHE E 665 28.93 16.32 2.74
C PHE E 665 30.39 16.05 3.03
N LEU E 666 31.02 16.95 3.78
CA LEU E 666 32.45 16.90 3.99
C LEU E 666 32.88 15.61 4.66
N THR E 667 32.57 15.52 5.94
CA THR E 667 32.84 14.30 6.69
C THR E 667 32.22 13.12 6.00
N ASN E 668 31.00 13.32 5.47
CA ASN E 668 30.29 12.30 4.75
C ASN E 668 31.25 11.66 3.78
N GLN E 669 32.12 12.48 3.19
CA GLN E 669 33.27 11.94 2.50
C GLN E 669 34.40 11.59 3.47
N LEU E 670 34.75 12.51 4.36
CA LEU E 670 35.98 12.31 5.11
C LEU E 670 35.77 11.33 6.26
N GLN E 671 34.70 11.53 7.04
CA GLN E 671 34.35 10.47 7.98
C GLN E 671 34.24 9.16 7.24
N TYR E 672 33.75 9.22 6.01
CA TYR E 672 33.91 8.07 5.15
C TYR E 672 35.38 7.82 4.85
N LYS E 673 36.14 8.87 4.53
CA LYS E 673 37.50 8.68 4.05
C LYS E 673 38.47 9.32 5.03
N PRO E 674 38.93 8.55 6.01
CA PRO E 674 39.66 9.13 7.14
C PRO E 674 41.00 9.68 6.75
N TYR E 675 41.51 9.31 5.60
CA TYR E 675 42.76 9.85 5.10
C TYR E 675 42.45 10.50 3.78
N SER E 676 42.63 11.81 3.73
CA SER E 676 41.90 12.60 2.75
C SER E 676 42.68 13.88 2.50
N VAL E 677 42.27 14.59 1.46
CA VAL E 677 42.87 15.87 1.14
C VAL E 677 41.72 16.80 0.77
N LEU E 678 41.86 18.05 1.17
CA LEU E 678 40.73 18.96 1.15
C LEU E 678 41.05 20.15 0.26
N LEU E 679 40.32 20.26 -0.84
CA LEU E 679 40.59 21.30 -1.83
C LEU E 679 39.53 22.38 -1.74
N PHE E 680 39.99 23.61 -1.45
CA PHE E 680 39.11 24.73 -1.20
C PHE E 680 39.59 25.90 -2.05
N ASP E 681 38.65 26.55 -2.72
CA ASP E 681 38.93 27.13 -4.02
C ASP E 681 38.37 28.52 -4.12
N GLU E 682 39.21 29.48 -4.44
CA GLU E 682 38.82 30.88 -4.43
C GLU E 682 38.31 31.21 -3.04
N VAL E 683 39.24 31.11 -2.10
CA VAL E 683 38.89 31.15 -0.68
C VAL E 683 38.44 32.54 -0.28
N GLU E 684 38.88 33.57 -0.99
CA GLU E 684 38.30 34.88 -0.77
C GLU E 684 36.83 34.89 -1.16
N LYS E 685 36.41 33.91 -1.94
CA LYS E 685 34.99 33.66 -2.10
C LYS E 685 34.53 32.55 -1.18
N ALA E 686 35.41 32.03 -0.32
CA ALA E 686 34.93 31.36 0.88
C ALA E 686 34.42 32.41 1.85
N HIS E 687 33.21 32.25 2.25
CA HIS E 687 32.50 33.29 2.97
C HIS E 687 32.67 33.15 4.46
N PRO E 688 32.48 34.25 5.18
CA PRO E 688 32.46 34.18 6.63
C PRO E 688 31.60 33.08 7.15
N ASP E 689 30.58 32.67 6.38
CA ASP E 689 29.98 31.37 6.62
C ASP E 689 31.06 30.32 6.83
N VAL E 690 31.78 30.01 5.76
CA VAL E 690 32.63 28.84 5.80
C VAL E 690 33.98 29.15 6.42
N LEU E 691 34.54 30.33 6.13
CA LEU E 691 35.89 30.56 6.57
C LEU E 691 36.00 30.57 8.08
N THR E 692 34.89 30.79 8.80
CA THR E 692 34.98 30.72 10.24
C THR E 692 35.11 29.28 10.71
N VAL E 693 34.22 28.40 10.23
CA VAL E 693 34.35 27.00 10.60
C VAL E 693 35.65 26.44 10.08
N MET E 694 36.30 27.17 9.18
CA MET E 694 37.66 26.81 8.85
C MET E 694 38.55 26.87 10.08
N LEU E 695 38.20 27.71 11.05
CA LEU E 695 39.07 27.85 12.20
C LEU E 695 39.33 26.50 12.84
N GLN E 696 38.27 25.79 13.24
CA GLN E 696 38.46 24.41 13.66
C GLN E 696 39.10 23.62 12.55
N MET E 697 38.65 23.85 11.31
CA MET E 697 39.26 23.15 10.21
C MET E 697 40.72 23.49 10.12
N LEU E 698 41.07 24.72 10.48
CA LEU E 698 42.47 25.04 10.66
C LEU E 698 42.99 24.62 12.02
N ASP E 699 42.11 24.43 12.98
CA ASP E 699 42.57 23.91 14.25
C ASP E 699 42.74 22.41 14.14
N ASP E 700 43.58 21.86 15.01
CA ASP E 700 43.39 20.55 15.63
C ASP E 700 43.27 19.40 14.63
N GLY E 701 43.09 19.74 13.35
CA GLY E 701 42.75 18.72 12.38
C GLY E 701 41.66 17.78 12.86
N ARG E 702 40.69 18.29 13.62
CA ARG E 702 39.57 17.44 14.02
C ARG E 702 38.28 18.26 13.99
N ILE E 703 37.28 17.76 13.27
CA ILE E 703 36.19 18.60 12.80
C ILE E 703 34.85 18.07 13.28
N THR E 704 34.11 18.93 13.94
CA THR E 704 32.77 18.60 14.39
C THR E 704 31.87 18.32 13.19
N SER E 705 30.85 17.51 13.41
CA SER E 705 29.89 17.21 12.37
C SER E 705 28.61 18.02 12.59
N GLY E 706 27.67 17.85 11.67
CA GLY E 706 26.36 18.45 11.83
C GLY E 706 25.54 17.64 12.80
N GLN E 707 25.64 16.33 12.66
CA GLN E 707 25.23 15.46 13.75
C GLN E 707 26.10 15.64 14.98
N GLY E 708 27.18 16.43 14.87
CA GLY E 708 27.92 16.90 16.02
C GLY E 708 29.26 16.22 16.24
N LYS E 709 29.47 15.03 15.68
CA LYS E 709 30.71 14.32 15.94
C LYS E 709 31.90 15.11 15.41
N THR E 710 32.99 15.08 16.19
CA THR E 710 34.25 15.62 15.69
C THR E 710 34.95 14.57 14.83
N ILE E 711 35.57 15.03 13.75
CA ILE E 711 36.21 14.13 12.79
C ILE E 711 37.62 14.60 12.53
N ASP E 712 38.57 13.68 12.70
CA ASP E 712 39.98 14.02 12.57
C ASP E 712 40.33 14.31 11.12
N CYS E 713 40.81 15.52 10.87
CA CYS E 713 41.52 15.84 9.66
C CYS E 713 43.03 15.88 9.85
N SER E 714 43.53 15.74 11.08
CA SER E 714 44.98 15.80 11.24
C SER E 714 45.66 14.68 10.47
N ASN E 715 44.91 13.66 10.10
CA ASN E 715 45.42 12.64 9.21
C ASN E 715 45.32 13.05 7.76
N CYS E 716 44.88 14.28 7.50
CA CYS E 716 44.44 14.69 6.18
C CYS E 716 44.99 16.06 5.86
N ILE E 717 44.81 16.46 4.60
CA ILE E 717 45.38 17.69 4.10
C ILE E 717 44.24 18.60 3.65
N VAL E 718 44.53 19.89 3.64
CA VAL E 718 43.53 20.88 3.28
C VAL E 718 44.20 21.90 2.37
N ILE E 719 43.51 22.29 1.32
CA ILE E 719 44.13 23.03 0.24
C ILE E 719 43.28 24.25 -0.09
N MET E 720 43.91 25.41 -0.13
CA MET E 720 43.22 26.67 -0.37
C MET E 720 43.81 27.32 -1.61
N THR E 721 42.97 28.03 -2.35
CA THR E 721 43.43 28.70 -3.56
C THR E 721 42.70 30.02 -3.74
N SER E 722 43.28 30.88 -4.56
CA SER E 722 42.67 32.18 -4.83
C SER E 722 43.22 32.73 -6.13
N ASN E 723 42.49 33.67 -6.70
CA ASN E 723 42.90 34.37 -7.91
C ASN E 723 43.55 35.72 -7.63
N LEU E 724 43.75 36.07 -6.37
CA LEU E 724 44.07 37.44 -6.00
C LEU E 724 45.29 37.99 -6.72
N GLY E 725 46.47 37.53 -6.35
CA GLY E 725 47.69 37.99 -6.97
C GLY E 725 48.02 37.35 -8.29
N ALA E 726 47.09 36.59 -8.87
CA ALA E 726 47.32 36.08 -10.23
C ALA E 726 47.69 37.22 -11.15
N GLU E 727 47.08 38.38 -10.92
CA GLU E 727 47.66 39.63 -11.36
C GLU E 727 49.12 39.67 -10.97
N PHE E 728 49.38 39.76 -9.67
CA PHE E 728 50.72 39.96 -9.14
C PHE E 728 51.69 38.90 -9.63
N ILE E 729 51.18 37.76 -10.15
CA ILE E 729 52.03 36.87 -10.93
C ILE E 729 52.69 37.64 -12.07
N ASN E 730 52.08 38.75 -12.48
CA ASN E 730 52.74 39.61 -13.46
C ASN E 730 54.12 40.00 -12.99
N SER E 731 54.41 39.86 -11.70
CA SER E 731 55.79 39.95 -11.24
C SER E 731 56.67 38.94 -11.95
N GLN E 732 56.35 37.64 -11.82
CA GLN E 732 57.16 36.62 -12.47
C GLN E 732 57.13 36.74 -13.99
N GLN E 733 56.21 37.54 -14.55
CA GLN E 733 56.36 37.95 -15.94
C GLN E 733 57.69 38.65 -16.13
N GLY E 734 57.93 39.71 -15.37
CA GLY E 734 59.26 40.24 -15.25
C GLY E 734 60.18 39.40 -14.38
N SER E 735 59.70 38.24 -13.94
CA SER E 735 60.44 37.36 -13.03
C SER E 735 60.82 38.10 -11.76
N LYS E 736 59.92 38.97 -11.29
CA LYS E 736 60.22 39.84 -10.16
C LYS E 736 60.38 39.04 -8.88
N ILE E 737 61.01 39.66 -7.88
CA ILE E 737 61.18 39.00 -6.59
C ILE E 737 59.82 38.53 -6.13
N GLN E 738 59.72 37.23 -5.92
CA GLN E 738 58.44 36.68 -5.55
C GLN E 738 58.09 37.13 -4.15
N GLU E 739 59.04 36.97 -3.22
CA GLU E 739 58.83 37.39 -1.85
C GLU E 739 58.29 38.81 -1.80
N SER E 740 58.90 39.70 -2.58
CA SER E 740 58.30 40.99 -2.83
C SER E 740 56.83 40.82 -3.22
N THR E 741 56.57 40.28 -4.40
CA THR E 741 55.18 40.20 -4.79
C THR E 741 54.39 39.27 -3.88
N LYS E 742 55.05 38.33 -3.20
CA LYS E 742 54.39 37.67 -2.09
C LYS E 742 53.76 38.70 -1.18
N ASN E 743 54.62 39.53 -0.61
CA ASN E 743 54.13 40.67 0.17
C ASN E 743 53.05 41.40 -0.59
N LEU E 744 53.29 41.66 -1.86
CA LEU E 744 52.26 42.25 -2.72
C LEU E 744 51.00 41.41 -2.72
N VAL E 745 51.14 40.09 -2.82
CA VAL E 745 49.95 39.26 -2.71
C VAL E 745 49.54 39.08 -1.26
N MET E 746 50.53 38.88 -0.39
CA MET E 746 50.24 38.53 1.00
C MET E 746 49.20 39.43 1.60
N GLY E 747 49.39 40.74 1.45
CA GLY E 747 48.38 41.67 1.88
C GLY E 747 47.01 41.29 1.35
N ALA E 748 46.92 41.02 0.06
CA ALA E 748 45.63 40.77 -0.57
C ALA E 748 44.86 39.70 0.18
N VAL E 749 45.45 38.53 0.34
CA VAL E 749 44.82 37.53 1.18
C VAL E 749 44.77 38.01 2.62
N ARG E 750 45.89 38.57 3.10
CA ARG E 750 45.87 39.19 4.41
C ARG E 750 44.71 40.16 4.53
N GLN E 751 44.42 40.88 3.45
CA GLN E 751 43.23 41.71 3.43
C GLN E 751 41.98 40.85 3.64
N HIS E 752 41.83 39.81 2.82
CA HIS E 752 40.57 39.10 2.84
C HIS E 752 40.35 38.30 4.10
N PHE E 753 41.34 38.19 4.98
CA PHE E 753 41.22 37.22 6.05
C PHE E 753 41.90 37.75 7.31
N ARG E 754 41.85 36.90 8.34
CA ARG E 754 42.31 37.20 9.67
C ARG E 754 43.69 36.60 9.85
N PRO E 755 44.68 37.36 10.28
CA PRO E 755 46.03 36.80 10.38
C PRO E 755 46.06 35.52 11.18
N GLU E 756 45.20 35.46 12.19
CA GLU E 756 45.11 34.30 13.05
C GLU E 756 44.67 33.10 12.24
N PHE E 757 43.54 33.27 11.56
CA PHE E 757 43.15 32.36 10.49
C PHE E 757 44.31 32.08 9.57
N LEU E 758 45.15 33.08 9.33
CA LEU E 758 46.33 32.84 8.52
C LEU E 758 47.41 32.13 9.35
N ASN E 759 47.68 32.61 10.56
CA ASN E 759 48.64 31.93 11.40
C ASN E 759 48.25 30.49 11.65
N ARG E 760 46.99 30.15 11.48
CA ARG E 760 46.65 28.75 11.42
C ARG E 760 47.38 28.02 10.32
N ILE E 761 47.69 28.68 9.22
CA ILE E 761 48.25 27.98 8.06
C ILE E 761 49.68 27.59 8.34
N SER E 762 49.99 26.31 8.12
CA SER E 762 51.36 25.87 8.10
C SER E 762 52.18 26.75 7.18
N SER E 763 51.76 26.85 5.92
CA SER E 763 52.39 27.74 4.98
C SER E 763 51.47 28.01 3.81
N ILE E 764 51.79 29.05 3.07
CA ILE E 764 51.04 29.44 1.89
C ILE E 764 52.03 29.70 0.78
N VAL E 765 51.65 29.32 -0.44
CA VAL E 765 52.57 29.37 -1.57
C VAL E 765 51.82 29.79 -2.82
N ILE E 766 52.56 30.44 -3.68
CA ILE E 766 52.17 30.80 -5.03
C ILE E 766 52.87 29.89 -6.00
N PHE E 767 52.24 29.62 -7.13
CA PHE E 767 52.96 29.13 -8.29
C PHE E 767 53.33 30.33 -9.14
N ASN E 768 54.60 30.68 -9.16
CA ASN E 768 55.08 31.55 -10.22
C ASN E 768 55.29 30.70 -11.45
N LYS E 769 54.95 31.25 -12.61
CA LYS E 769 55.07 30.45 -13.81
C LYS E 769 56.54 30.13 -14.06
N LEU E 770 56.77 29.04 -14.78
CA LEU E 770 58.06 28.39 -14.81
C LEU E 770 58.47 28.13 -16.25
N SER E 771 59.72 27.71 -16.42
CA SER E 771 60.35 27.69 -17.72
C SER E 771 59.54 26.93 -18.75
N ARG E 772 59.49 27.45 -19.97
CA ARG E 772 58.99 26.65 -21.08
C ARG E 772 59.70 25.31 -21.12
N LYS E 773 60.96 25.31 -20.72
CA LYS E 773 61.63 24.07 -20.37
C LYS E 773 60.71 23.28 -19.48
N ALA E 774 60.51 23.78 -18.26
CA ALA E 774 59.60 23.13 -17.33
C ALA E 774 58.31 22.76 -18.02
N ILE E 775 57.71 23.73 -18.72
CA ILE E 775 56.55 23.41 -19.55
C ILE E 775 56.83 22.16 -20.38
N HIS E 776 57.80 22.23 -21.27
CA HIS E 776 57.97 21.05 -22.10
C HIS E 776 58.49 19.89 -21.28
N LYS E 777 59.23 20.17 -20.21
CA LYS E 777 59.62 19.10 -19.31
C LYS E 777 58.40 18.33 -18.86
N ILE E 778 57.23 18.96 -18.93
CA ILE E 778 56.02 18.25 -18.56
C ILE E 778 55.67 17.23 -19.61
N VAL E 779 56.00 17.54 -20.85
CA VAL E 779 55.36 16.90 -21.98
C VAL E 779 55.51 15.39 -21.96
N ASP E 780 56.72 14.88 -22.18
CA ASP E 780 56.87 13.44 -22.18
C ASP E 780 56.30 12.86 -20.91
N ILE E 781 56.52 13.53 -19.79
CA ILE E 781 55.84 13.15 -18.57
C ILE E 781 54.35 13.23 -18.78
N ARG E 782 53.87 14.38 -19.24
CA ARG E 782 52.49 14.49 -19.68
C ARG E 782 52.15 13.38 -20.65
N LEU E 783 53.12 12.88 -21.40
CA LEU E 783 52.86 11.75 -22.27
C LEU E 783 53.09 10.42 -21.60
N LYS E 784 53.83 10.40 -20.51
CA LYS E 784 53.98 9.17 -19.76
C LYS E 784 52.62 8.71 -19.27
N GLU E 785 51.88 9.62 -18.65
CA GLU E 785 50.51 9.34 -18.29
C GLU E 785 49.65 9.11 -19.51
N ILE E 786 50.15 9.43 -20.69
CA ILE E 786 49.42 8.99 -21.86
C ILE E 786 49.68 7.50 -21.95
N GLU E 787 50.91 7.16 -22.34
CA GLU E 787 51.23 5.79 -22.70
C GLU E 787 50.90 4.80 -21.60
N GLU E 788 50.52 5.31 -20.43
CA GLU E 788 50.48 4.50 -19.21
C GLU E 788 49.79 3.17 -19.40
N ARG E 789 48.54 3.17 -19.83
CA ARG E 789 47.88 1.92 -20.14
C ARG E 789 48.22 1.45 -21.52
N PHE E 790 48.59 2.39 -22.38
CA PHE E 790 48.15 2.34 -23.76
C PHE E 790 49.04 1.36 -24.53
N GLU E 791 50.29 1.76 -24.74
CA GLU E 791 51.33 0.81 -25.09
C GLU E 791 51.45 -0.29 -24.05
N GLN E 792 50.79 -0.16 -22.89
CA GLN E 792 50.96 -1.21 -21.90
C GLN E 792 49.82 -2.19 -21.96
N ASN E 793 48.68 -1.83 -21.39
CA ASN E 793 47.66 -2.86 -21.28
C ASN E 793 46.82 -2.99 -22.54
N ASP E 794 47.09 -2.21 -23.59
CA ASP E 794 46.54 -2.61 -24.87
C ASP E 794 47.54 -2.48 -26.02
N LYS E 795 47.86 -1.25 -26.40
CA LYS E 795 48.47 -0.99 -27.70
C LYS E 795 49.78 -1.73 -27.88
N HIS E 796 50.61 -1.75 -26.85
CA HIS E 796 52.01 -2.09 -27.01
C HIS E 796 52.61 -1.24 -28.13
N TYR E 797 52.22 0.03 -28.15
CA TYR E 797 52.62 0.96 -29.19
C TYR E 797 53.92 1.66 -28.84
N LYS E 798 54.99 1.31 -29.55
CA LYS E 798 56.22 2.07 -29.43
C LYS E 798 55.96 3.52 -29.77
N LEU E 799 56.69 4.44 -29.16
CA LEU E 799 56.32 5.83 -29.25
C LEU E 799 57.50 6.70 -29.66
N ASN E 800 57.34 7.40 -30.78
CA ASN E 800 58.32 8.36 -31.27
C ASN E 800 57.74 9.76 -31.19
N LEU E 801 58.62 10.74 -31.08
CA LEU E 801 58.17 12.11 -30.93
C LEU E 801 59.11 13.04 -31.67
N THR E 802 58.55 13.92 -32.50
CA THR E 802 59.34 14.97 -33.12
C THR E 802 59.45 16.11 -32.13
N GLN E 803 60.68 16.47 -31.78
CA GLN E 803 60.86 17.67 -30.98
C GLN E 803 60.09 18.80 -31.59
N GLU E 804 60.10 18.88 -32.91
CA GLU E 804 59.32 19.84 -33.67
C GLU E 804 57.91 19.94 -33.12
N ALA E 805 57.14 18.88 -33.32
CA ALA E 805 55.80 18.85 -32.73
C ALA E 805 55.89 19.05 -31.23
N LYS E 806 56.76 18.28 -30.57
CA LYS E 806 57.00 18.50 -29.15
C LYS E 806 57.21 19.98 -28.88
N ASP E 807 58.06 20.61 -29.68
CA ASP E 807 58.21 22.06 -29.62
C ASP E 807 56.92 22.73 -30.02
N PHE E 808 56.36 22.34 -31.17
CA PHE E 808 55.04 22.83 -31.57
C PHE E 808 54.08 22.74 -30.40
N LEU E 809 54.04 21.57 -29.77
CA LEU E 809 53.34 21.46 -28.52
C LEU E 809 53.93 22.42 -27.51
N ALA E 810 55.23 22.29 -27.24
CA ALA E 810 55.87 23.20 -26.30
C ALA E 810 55.52 24.64 -26.64
N LYS E 811 55.51 24.96 -27.93
CA LYS E 811 54.89 26.20 -28.34
C LYS E 811 53.43 26.24 -27.93
N TYR E 812 52.58 25.43 -28.56
CA TYR E 812 51.16 25.64 -28.39
C TYR E 812 50.61 25.01 -27.13
N GLY E 813 51.34 24.08 -26.51
CA GLY E 813 50.82 23.41 -25.33
C GLY E 813 50.60 24.36 -24.18
N TYR E 814 51.57 25.21 -23.91
CA TYR E 814 51.45 26.12 -22.80
C TYR E 814 50.57 27.31 -23.18
N SER E 815 49.62 27.61 -22.31
CA SER E 815 48.92 28.88 -22.35
C SER E 815 49.43 29.75 -21.22
N ASP E 816 49.66 31.02 -21.53
CA ASP E 816 50.02 31.98 -20.50
C ASP E 816 49.09 31.84 -19.32
N ASP E 817 47.85 32.29 -19.50
CA ASP E 817 46.90 32.27 -18.41
C ASP E 817 46.62 30.85 -17.94
N MET E 818 46.33 29.95 -18.86
CA MET E 818 45.80 28.64 -18.51
C MET E 818 46.90 27.62 -18.26
N GLY E 819 48.15 28.05 -18.27
CA GLY E 819 49.21 27.07 -18.14
C GLY E 819 49.18 26.16 -19.34
N ALA E 820 49.52 24.90 -19.12
CA ALA E 820 49.41 23.88 -20.14
C ALA E 820 48.11 23.10 -20.03
N ARG E 821 47.21 23.52 -19.14
CA ARG E 821 45.92 22.83 -19.05
C ARG E 821 45.33 22.55 -20.43
N PRO E 822 45.44 23.44 -21.42
CA PRO E 822 45.17 23.01 -22.79
C PRO E 822 45.95 21.78 -23.19
N LEU E 823 47.26 21.76 -22.89
CA LEU E 823 48.16 20.77 -23.50
C LEU E 823 47.58 19.38 -23.43
N ASN E 824 47.12 19.00 -22.24
CA ASN E 824 46.35 17.78 -22.11
C ASN E 824 45.32 17.69 -23.23
N ARG E 825 44.31 18.56 -23.17
CA ARG E 825 43.29 18.50 -24.19
C ARG E 825 43.89 18.72 -25.57
N LEU E 826 44.97 19.47 -25.65
CA LEU E 826 45.67 19.55 -26.92
C LEU E 826 46.05 18.14 -27.32
N ILE E 827 46.97 17.53 -26.57
CA ILE E 827 47.44 16.19 -26.87
C ILE E 827 46.26 15.27 -27.11
N GLN E 828 45.18 15.53 -26.41
CA GLN E 828 43.95 14.77 -26.56
C GLN E 828 43.50 14.72 -28.01
N ASN E 829 44.01 15.60 -28.86
CA ASN E 829 43.36 15.66 -30.15
C ASN E 829 44.26 15.12 -31.23
N GLU E 830 45.17 15.98 -31.66
CA GLU E 830 46.06 15.67 -32.78
C GLU E 830 46.87 14.42 -32.48
N ILE E 831 47.36 14.30 -31.26
CA ILE E 831 48.26 13.22 -30.91
C ILE E 831 47.39 11.99 -30.86
N LEU E 832 46.46 12.02 -29.93
CA LEU E 832 45.45 10.99 -29.83
C LEU E 832 44.90 10.62 -31.19
N ASN E 833 44.21 11.55 -31.84
CA ASN E 833 43.32 11.13 -32.90
C ASN E 833 44.09 10.59 -34.10
N LYS E 834 45.11 11.33 -34.55
CA LYS E 834 45.97 10.79 -35.60
C LYS E 834 46.39 9.37 -35.23
N LEU E 835 46.89 9.22 -34.01
CA LEU E 835 47.04 7.89 -33.46
C LEU E 835 45.74 7.13 -33.52
N ALA E 836 44.72 7.68 -32.86
CA ALA E 836 43.44 6.99 -32.80
C ALA E 836 42.97 6.63 -34.19
N LEU E 837 43.11 7.57 -35.12
CA LEU E 837 42.68 7.31 -36.48
C LEU E 837 43.45 6.15 -37.08
N ARG E 838 44.77 6.28 -37.16
CA ARG E 838 45.59 5.29 -37.86
C ARG E 838 45.33 3.88 -37.35
N ILE E 839 44.77 3.75 -36.15
CA ILE E 839 44.66 2.46 -35.48
C ILE E 839 43.98 1.45 -36.37
N LEU E 840 42.68 1.61 -36.56
CA LEU E 840 41.99 0.71 -37.47
C LEU E 840 42.50 0.88 -38.88
N LYS E 841 43.13 2.02 -39.17
CA LYS E 841 43.77 2.22 -40.46
C LYS E 841 45.05 1.42 -40.59
N ASN E 842 45.49 0.75 -39.52
CA ASN E 842 46.39 -0.38 -39.52
C ASN E 842 47.80 -0.09 -40.02
N GLU E 843 48.09 1.09 -40.55
CA GLU E 843 49.50 1.43 -40.72
C GLU E 843 50.19 1.38 -39.38
N ILE E 844 49.49 1.79 -38.34
CA ILE E 844 49.85 1.36 -36.99
C ILE E 844 49.23 0.00 -36.74
N LYS E 845 50.06 -0.92 -36.31
CA LYS E 845 49.71 -2.17 -35.68
C LYS E 845 50.41 -2.15 -34.34
N ASP E 846 50.42 -3.28 -33.66
CA ASP E 846 51.18 -3.35 -32.44
C ASP E 846 52.63 -2.95 -32.68
N LYS E 847 53.22 -2.30 -31.69
CA LYS E 847 54.64 -2.02 -31.61
C LYS E 847 55.10 -0.94 -32.58
N GLU E 848 54.21 -0.42 -33.42
CA GLU E 848 54.58 0.66 -34.32
C GLU E 848 54.97 1.90 -33.53
N THR E 849 55.64 2.84 -34.19
CA THR E 849 55.71 4.21 -33.68
C THR E 849 55.64 5.22 -34.82
N VAL E 850 54.63 6.10 -34.81
CA VAL E 850 54.56 7.23 -35.75
C VAL E 850 54.05 8.46 -35.03
N ASN E 851 54.88 9.49 -34.92
CA ASN E 851 54.45 10.84 -34.58
C ASN E 851 53.99 11.60 -35.83
N VAL E 852 53.21 12.65 -35.61
CA VAL E 852 53.01 13.64 -36.67
C VAL E 852 54.30 14.42 -36.84
N GLU F 160 -8.21 -0.47 40.66
CA GLU F 160 -7.93 0.71 41.47
C GLU F 160 -6.53 1.25 41.18
N TYR F 161 -6.47 2.19 40.23
CA TYR F 161 -5.18 2.76 39.81
C TYR F 161 -4.41 3.34 40.98
N LEU F 162 -5.12 3.88 41.99
CA LEU F 162 -4.47 4.23 43.25
C LEU F 162 -3.70 3.03 43.80
N SER F 163 -4.45 1.96 44.11
CA SER F 163 -3.81 0.71 44.50
C SER F 163 -2.84 0.23 43.44
N LYS F 164 -2.97 0.68 42.19
CA LYS F 164 -2.00 0.25 41.20
C LYS F 164 -0.76 1.12 41.20
N TYR F 165 -0.84 2.28 40.54
CA TYR F 165 0.33 3.06 40.23
C TYR F 165 0.49 4.32 41.05
N ALA F 166 -0.46 4.64 41.92
CA ALA F 166 -0.31 5.83 42.76
C ALA F 166 0.57 5.50 43.94
N ILE F 167 1.70 6.19 44.05
CA ILE F 167 2.70 5.91 45.06
C ILE F 167 2.50 6.85 46.23
N ASP F 168 2.34 6.29 47.42
CA ASP F 168 2.27 7.07 48.64
C ASP F 168 3.65 7.02 49.30
N MET F 169 4.33 8.16 49.28
CA MET F 169 5.65 8.23 49.90
C MET F 169 5.55 8.40 51.41
N THR F 170 4.42 8.91 51.90
CA THR F 170 4.23 9.01 53.34
C THR F 170 4.28 7.63 53.97
N GLU F 171 3.75 6.64 53.27
CA GLU F 171 4.03 5.25 53.58
C GLU F 171 5.53 5.08 53.70
N GLN F 172 6.23 5.27 52.58
CA GLN F 172 7.69 5.18 52.55
C GLN F 172 8.32 6.03 53.64
N ALA F 173 7.70 7.16 53.97
CA ALA F 173 8.24 8.01 55.03
C ALA F 173 8.19 7.32 56.38
N ARG F 174 7.01 6.86 56.79
CA ARG F 174 6.94 6.06 57.99
C ARG F 174 7.59 4.70 57.78
N GLN F 175 7.66 4.24 56.53
CA GLN F 175 8.54 3.14 56.19
C GLN F 175 10.01 3.56 56.20
N GLY F 176 10.28 4.85 56.37
CA GLY F 176 11.64 5.33 56.52
C GLY F 176 12.48 5.27 55.26
N LYS F 177 11.84 5.12 54.09
CA LYS F 177 12.60 4.90 52.87
C LYS F 177 13.29 6.17 52.40
N LEU F 178 12.55 7.26 52.25
CA LEU F 178 13.07 8.45 51.62
C LEU F 178 14.03 9.19 52.56
N ASP F 179 14.86 10.05 51.96
CA ASP F 179 15.84 10.81 52.71
C ASP F 179 15.25 12.18 53.08
N PRO F 180 15.24 12.56 54.35
CA PRO F 180 14.66 13.86 54.73
C PRO F 180 15.40 15.02 54.09
N VAL F 181 14.67 16.13 53.92
CA VAL F 181 15.18 17.24 53.13
C VAL F 181 15.28 18.51 53.96
N ILE F 182 15.69 19.59 53.31
CA ILE F 182 16.15 20.80 54.01
C ILE F 182 15.93 22.00 53.10
N GLY F 183 15.71 23.16 53.71
CA GLY F 183 16.03 24.44 53.13
C GLY F 183 15.07 24.94 52.07
N ARG F 184 14.29 24.04 51.48
CA ARG F 184 13.09 24.46 50.79
C ARG F 184 11.97 24.66 51.78
N GLU F 185 12.27 24.47 53.07
CA GLU F 185 11.33 24.57 54.16
C GLU F 185 10.53 25.86 54.04
N GLU F 186 11.17 26.89 53.50
CA GLU F 186 10.47 28.04 52.94
C GLU F 186 9.50 27.62 51.84
N GLU F 187 10.01 27.10 50.71
CA GLU F 187 9.10 26.63 49.67
C GLU F 187 8.19 25.51 50.20
N ILE F 188 8.78 24.57 50.96
CA ILE F 188 8.01 23.51 51.59
C ILE F 188 6.79 24.16 52.22
N ARG F 189 7.02 25.00 53.22
CA ARG F 189 5.91 25.72 53.83
C ARG F 189 5.11 26.48 52.79
N SER F 190 5.77 27.33 52.00
CA SER F 190 5.04 28.21 51.10
C SER F 190 4.18 27.42 50.13
N THR F 191 4.77 26.42 49.47
CA THR F 191 3.98 25.55 48.61
C THR F 191 2.91 24.82 49.42
N ILE F 192 3.27 24.30 50.58
CA ILE F 192 2.25 23.78 51.48
C ILE F 192 1.33 24.90 51.91
N ARG F 193 1.88 26.09 52.16
CA ARG F 193 1.01 27.25 52.39
C ARG F 193 0.13 27.50 51.19
N VAL F 194 0.71 27.45 49.99
CA VAL F 194 -0.12 27.42 48.78
C VAL F 194 -1.14 26.31 48.90
N LEU F 195 -0.67 25.09 49.14
CA LEU F 195 -1.59 24.00 49.47
C LEU F 195 -2.52 24.40 50.60
N ALA F 196 -1.97 25.03 51.64
CA ALA F 196 -2.82 25.50 52.73
C ALA F 196 -3.67 26.67 52.29
N ARG F 197 -3.23 27.42 51.28
CA ARG F 197 -4.09 28.44 50.71
C ARG F 197 -5.35 27.80 50.16
N ARG F 198 -6.49 28.25 50.65
CA ARG F 198 -7.77 27.77 50.14
C ARG F 198 -8.01 28.23 48.72
N ILE F 199 -7.48 29.39 48.35
CA ILE F 199 -7.74 29.96 47.02
C ILE F 199 -6.97 29.18 45.96
N LYS F 200 -5.65 29.27 45.98
CA LYS F 200 -4.84 28.38 45.15
C LYS F 200 -4.16 27.42 46.11
N SER F 201 -4.66 26.19 46.14
CA SER F 201 -3.97 25.12 46.84
C SER F 201 -2.85 24.58 45.98
N ASN F 202 -3.15 24.36 44.71
CA ASN F 202 -2.18 23.84 43.77
C ASN F 202 -1.01 24.80 43.64
N PRO F 203 0.21 24.38 43.97
CA PRO F 203 1.38 25.14 43.55
C PRO F 203 1.77 24.78 42.13
N CYS F 204 2.51 25.67 41.49
CA CYS F 204 3.36 25.31 40.35
C CYS F 204 4.81 25.46 40.77
N LEU F 205 5.49 24.34 40.94
CA LEU F 205 6.94 24.39 41.08
C LEU F 205 7.53 24.74 39.73
N ILE F 206 8.32 25.80 39.69
CA ILE F 206 8.99 26.22 38.47
C ILE F 206 10.48 26.00 38.68
N GLY F 207 11.16 25.61 37.62
CA GLY F 207 12.60 25.63 37.64
C GLY F 207 13.16 24.55 36.76
N GLU F 208 14.48 24.55 36.63
CA GLU F 208 15.11 23.54 35.81
C GLU F 208 15.22 22.25 36.61
N PRO F 209 14.91 21.11 36.01
CA PRO F 209 14.83 19.86 36.77
C PRO F 209 16.17 19.46 37.37
N GLY F 210 16.09 18.50 38.30
CA GLY F 210 17.24 18.02 39.03
C GLY F 210 17.55 18.82 40.28
N ILE F 211 16.69 19.77 40.64
CA ILE F 211 16.98 20.72 41.69
C ILE F 211 16.41 20.28 43.03
N GLY F 212 15.65 19.20 43.08
CA GLY F 212 15.00 18.81 44.31
C GLY F 212 13.53 19.18 44.40
N LYS F 213 12.92 19.49 43.25
CA LYS F 213 11.52 19.88 43.28
C LYS F 213 10.61 18.81 43.87
N THR F 214 10.93 17.52 43.69
CA THR F 214 10.19 16.53 44.46
C THR F 214 10.89 16.20 45.76
N ALA F 215 12.17 16.60 45.89
CA ALA F 215 12.78 16.55 47.21
C ALA F 215 12.09 17.54 48.12
N ILE F 216 11.61 18.63 47.55
CA ILE F 216 10.59 19.44 48.19
C ILE F 216 9.52 18.47 48.67
N ILE F 217 8.88 17.80 47.72
CA ILE F 217 7.74 16.95 48.02
C ILE F 217 8.11 15.87 49.00
N GLU F 218 9.38 15.49 49.05
CA GLU F 218 9.83 14.51 50.04
C GLU F 218 9.50 14.96 51.45
N GLY F 219 10.11 16.07 51.89
CA GLY F 219 9.81 16.58 53.22
C GLY F 219 8.34 16.96 53.36
N VAL F 220 7.74 17.44 52.28
CA VAL F 220 6.30 17.65 52.27
C VAL F 220 5.58 16.36 52.63
N ALA F 221 5.88 15.29 51.88
CA ALA F 221 5.39 13.97 52.25
C ALA F 221 5.75 13.64 53.69
N GLN F 222 6.94 14.03 54.12
CA GLN F 222 7.32 13.78 55.50
C GLN F 222 6.48 14.63 56.44
N ARG F 223 6.31 15.92 56.13
CA ARG F 223 5.46 16.75 56.97
C ARG F 223 4.06 16.17 57.11
N ILE F 224 3.64 15.36 56.15
CA ILE F 224 2.36 14.66 56.29
C ILE F 224 2.44 13.69 57.47
N ILE F 225 3.48 12.86 57.48
CA ILE F 225 3.69 11.98 58.63
C ILE F 225 4.39 12.71 59.77
N ASP F 226 5.09 13.81 59.48
CA ASP F 226 5.59 14.66 60.54
C ASP F 226 4.46 15.43 61.22
N ASP F 227 3.31 15.49 60.57
CA ASP F 227 2.08 16.06 61.12
C ASP F 227 2.21 17.57 61.39
N ASP F 228 3.12 18.24 60.68
CA ASP F 228 3.08 19.70 60.60
C ASP F 228 2.03 20.14 59.61
N VAL F 229 1.48 19.20 58.86
CA VAL F 229 0.58 19.50 57.74
C VAL F 229 -0.65 20.23 58.27
N PRO F 230 -1.05 21.34 57.65
CA PRO F 230 -2.12 22.17 58.21
C PRO F 230 -3.44 21.42 58.31
N THR F 231 -4.31 21.96 59.17
CA THR F 231 -5.63 21.36 59.37
C THR F 231 -6.35 21.18 58.05
N ILE F 232 -6.34 22.23 57.22
CA ILE F 232 -6.86 22.12 55.86
C ILE F 232 -6.25 20.91 55.19
N LEU F 233 -4.95 20.72 55.38
CA LEU F 233 -4.20 19.71 54.65
C LEU F 233 -3.96 18.43 55.45
N GLN F 234 -4.40 18.38 56.72
CA GLN F 234 -4.10 17.23 57.57
C GLN F 234 -4.58 15.92 56.96
N GLY F 235 -5.89 15.76 56.83
CA GLY F 235 -6.44 14.48 56.42
C GLY F 235 -5.89 13.97 55.10
N ALA F 236 -5.39 14.87 54.27
CA ALA F 236 -4.80 14.46 53.01
C ALA F 236 -3.41 13.85 53.24
N LYS F 237 -3.01 13.00 52.30
CA LYS F 237 -1.68 12.39 52.32
C LYS F 237 -1.08 12.58 50.93
N LEU F 238 0.08 11.97 50.70
CA LEU F 238 0.76 12.10 49.43
C LEU F 238 0.38 10.97 48.49
N PHE F 239 -0.17 11.34 47.35
CA PHE F 239 -0.02 10.57 46.12
C PHE F 239 0.77 11.41 45.14
N SER F 240 1.63 10.75 44.38
CA SER F 240 2.34 11.40 43.29
C SER F 240 2.32 10.45 42.12
N LEU F 241 1.73 10.87 41.00
CA LEU F 241 1.61 9.98 39.86
C LEU F 241 2.83 10.16 38.97
N ASP F 242 3.64 9.12 38.89
CA ASP F 242 4.70 9.04 37.90
C ASP F 242 4.10 8.32 36.71
N LEU F 243 3.88 9.05 35.63
CA LEU F 243 2.95 8.57 34.61
C LEU F 243 3.65 7.50 33.77
N ALA F 244 3.14 6.29 33.86
CA ALA F 244 3.47 5.22 32.92
C ALA F 244 2.16 4.84 32.24
N ALA F 245 2.02 5.22 30.98
CA ALA F 245 0.88 4.81 30.18
C ALA F 245 1.39 3.69 29.30
N LEU F 246 0.98 2.46 29.62
CA LEU F 246 1.59 1.28 29.05
C LEU F 246 0.99 0.01 29.64
N GLY F 254 -7.62 0.42 22.36
CA GLY F 254 -8.29 1.19 23.39
C GLY F 254 -7.36 2.15 24.11
N ASP F 255 -7.91 3.27 24.58
CA ASP F 255 -7.12 4.23 25.33
C ASP F 255 -6.56 3.59 26.59
N PHE F 256 -5.25 3.66 26.75
CA PHE F 256 -4.61 3.21 27.98
C PHE F 256 -4.52 4.33 29.01
N GLU F 257 -4.86 5.55 28.63
CA GLU F 257 -4.77 6.67 29.55
C GLU F 257 -5.96 6.75 30.49
N GLU F 258 -7.18 6.50 30.01
CA GLU F 258 -8.39 6.77 30.79
C GLU F 258 -8.30 6.15 32.18
N ARG F 259 -7.46 5.13 32.33
CA ARG F 259 -6.99 4.68 33.62
C ARG F 259 -6.60 5.88 34.49
N PHE F 260 -5.64 6.67 34.02
CA PHE F 260 -5.29 7.92 34.68
C PHE F 260 -6.51 8.81 34.91
N LYS F 261 -7.51 8.74 34.04
CA LYS F 261 -8.73 9.48 34.30
C LYS F 261 -9.64 8.75 35.27
N GLY F 262 -9.70 7.43 35.16
CA GLY F 262 -10.54 6.67 36.08
C GLY F 262 -10.11 6.80 37.51
N VAL F 263 -8.81 6.97 37.74
CA VAL F 263 -8.31 7.11 39.11
C VAL F 263 -8.81 8.40 39.73
N LEU F 264 -9.14 9.39 38.89
CA LEU F 264 -9.67 10.65 39.41
C LEU F 264 -10.90 10.43 40.27
N LYS F 265 -11.63 9.34 40.03
CA LYS F 265 -12.70 8.95 40.92
C LYS F 265 -12.16 8.26 42.16
N GLU F 266 -11.10 7.47 41.98
CA GLU F 266 -10.55 6.69 43.09
C GLU F 266 -10.03 7.59 44.19
N ILE F 267 -9.44 8.72 43.81
CA ILE F 267 -9.12 9.75 44.79
C ILE F 267 -10.38 10.45 45.24
N GLU F 268 -11.29 10.71 44.31
CA GLU F 268 -12.58 11.28 44.67
C GLU F 268 -13.33 10.33 45.60
N GLU F 269 -13.14 9.03 45.42
CA GLU F 269 -13.51 8.03 46.40
C GLU F 269 -13.00 8.44 47.77
N SER F 270 -11.67 8.52 47.91
CA SER F 270 -11.08 8.99 49.14
C SER F 270 -11.56 10.38 49.52
N LYS F 271 -12.08 11.15 48.55
CA LYS F 271 -12.61 12.49 48.79
C LYS F 271 -11.52 13.40 49.37
N THR F 272 -10.58 13.77 48.48
CA THR F 272 -9.42 14.61 48.79
C THR F 272 -8.75 14.19 50.10
N LEU F 273 -8.67 12.88 50.31
CA LEU F 273 -7.96 12.29 51.43
C LEU F 273 -6.46 12.20 51.18
N ILE F 274 -6.02 12.67 50.01
CA ILE F 274 -4.61 12.69 49.63
C ILE F 274 -4.32 13.99 48.91
N VAL F 275 -3.09 14.10 48.42
CA VAL F 275 -2.73 15.12 47.45
C VAL F 275 -2.05 14.42 46.29
N LEU F 276 -2.14 15.02 45.12
CA LEU F 276 -1.40 14.55 43.96
C LEU F 276 -0.22 15.48 43.70
N PHE F 277 0.86 14.91 43.20
CA PHE F 277 2.01 15.67 42.73
C PHE F 277 2.51 15.12 41.42
N ILE F 278 2.51 15.95 40.39
CA ILE F 278 3.09 15.65 39.08
C ILE F 278 4.26 16.59 38.90
N ASP F 279 5.31 16.12 38.24
CA ASP F 279 6.60 16.78 38.39
C ASP F 279 6.90 17.60 37.14
N GLU F 280 7.50 17.01 36.10
CA GLU F 280 7.78 17.74 34.88
C GLU F 280 6.82 17.43 33.75
N ILE F 281 5.88 16.50 33.95
CA ILE F 281 4.91 16.22 32.90
C ILE F 281 3.72 17.11 33.20
N HIS F 282 3.64 18.22 32.48
CA HIS F 282 2.43 19.03 32.46
C HIS F 282 2.26 19.49 31.02
N MET F 283 1.27 18.91 30.35
CA MET F 283 1.12 19.08 28.91
C MET F 283 -0.29 18.65 28.56
N LEU F 284 -0.70 18.96 27.34
CA LEU F 284 -1.89 18.35 26.79
C LEU F 284 -1.76 16.83 26.92
N MET F 285 -2.76 16.21 27.54
CA MET F 285 -2.71 14.79 27.90
C MET F 285 -2.62 13.89 26.67
N ALA F 292 -7.05 11.51 28.24
CA ALA F 292 -6.62 12.03 26.95
C ALA F 292 -6.85 13.54 26.87
N ALA F 293 -6.63 14.10 25.69
CA ALA F 293 -6.89 15.52 25.41
C ALA F 293 -6.10 16.36 26.40
N ASN F 294 -6.73 17.18 27.23
CA ASN F 294 -6.06 17.92 28.28
C ASN F 294 -5.92 17.06 29.53
N ILE F 295 -4.84 17.29 30.28
CA ILE F 295 -4.61 16.56 31.52
C ILE F 295 -5.64 16.95 32.57
N LEU F 296 -5.74 16.10 33.60
CA LEU F 296 -6.29 16.52 34.88
C LEU F 296 -7.75 16.98 34.84
N LYS F 297 -7.93 18.29 34.76
CA LYS F 297 -8.88 19.11 35.52
C LYS F 297 -10.30 18.64 35.85
N PRO F 298 -11.05 17.99 34.95
CA PRO F 298 -12.46 17.73 35.25
C PRO F 298 -12.75 17.28 36.70
N ALA F 299 -11.81 16.59 37.33
CA ALA F 299 -11.90 16.37 38.77
C ALA F 299 -11.52 17.62 39.55
N LEU F 300 -10.37 18.22 39.22
CA LEU F 300 -10.04 19.53 39.78
C LEU F 300 -11.06 20.56 39.34
N SER F 301 -11.35 20.61 38.04
CA SER F 301 -12.39 21.46 37.48
C SER F 301 -13.76 21.13 38.04
N ARG F 302 -13.92 20.01 38.73
CA ARG F 302 -15.09 19.82 39.56
C ARG F 302 -15.05 20.71 40.79
N GLY F 303 -13.95 21.44 40.99
CA GLY F 303 -13.74 22.28 42.14
C GLY F 303 -12.93 21.62 43.23
N GLN F 304 -12.68 20.33 43.09
CA GLN F 304 -12.11 19.44 44.08
C GLN F 304 -10.60 19.33 43.90
N LEU F 305 -10.01 18.31 44.53
CA LEU F 305 -8.72 17.79 44.11
C LEU F 305 -7.55 18.75 44.29
N LYS F 306 -7.12 18.93 45.53
CA LYS F 306 -5.79 19.46 45.80
C LYS F 306 -4.72 18.60 45.13
N VAL F 307 -3.84 19.26 44.38
CA VAL F 307 -2.72 18.61 43.69
C VAL F 307 -1.49 19.49 43.86
N ILE F 308 -0.33 18.87 43.93
CA ILE F 308 0.92 19.60 43.92
C ILE F 308 1.39 19.66 42.47
N GLY F 309 1.34 20.85 41.88
CA GLY F 309 1.80 21.02 40.52
C GLY F 309 3.26 21.45 40.48
N ALA F 310 3.89 21.14 39.36
CA ALA F 310 5.31 21.40 39.18
C ALA F 310 5.57 21.50 37.69
N THR F 311 6.74 22.04 37.35
CA THR F 311 7.18 22.13 35.96
C THR F 311 8.50 22.87 35.90
N THR F 312 9.18 22.72 34.77
CA THR F 312 10.08 23.76 34.34
C THR F 312 9.25 24.90 33.77
N ASN F 313 9.84 26.10 33.73
CA ASN F 313 9.19 27.17 32.99
C ASN F 313 8.84 26.69 31.59
N ASN F 314 9.61 25.74 31.04
CA ASN F 314 9.35 25.18 29.73
C ASN F 314 7.91 24.70 29.61
N GLU F 315 7.55 23.64 30.33
CA GLU F 315 6.16 23.16 30.26
C GLU F 315 5.21 24.22 30.80
N TYR F 316 5.72 25.11 31.66
CA TYR F 316 4.94 26.29 32.01
C TYR F 316 4.76 27.21 30.82
N ARG F 317 5.74 27.24 29.92
CA ARG F 317 5.63 28.10 28.73
C ARG F 317 4.66 27.56 27.69
N SER F 318 4.14 26.34 27.85
CA SER F 318 3.44 25.77 26.71
C SER F 318 1.92 25.78 26.85
N ILE F 319 1.35 24.82 27.57
CA ILE F 319 -0.10 24.69 27.58
C ILE F 319 -0.72 25.61 28.62
N VAL F 320 -0.13 25.69 29.82
CA VAL F 320 -0.72 26.51 30.86
C VAL F 320 -0.63 27.98 30.53
N GLU F 321 0.15 28.34 29.51
CA GLU F 321 0.06 29.69 28.97
C GLU F 321 -1.27 29.91 28.27
N LYS F 322 -1.81 28.87 27.63
CA LYS F 322 -3.07 29.00 26.90
C LYS F 322 -4.18 29.49 27.82
N ASP F 323 -4.67 28.60 28.67
CA ASP F 323 -5.73 28.96 29.63
C ASP F 323 -5.26 30.02 30.60
N GLY F 324 -4.38 29.63 31.54
CA GLY F 324 -4.03 30.44 32.68
C GLY F 324 -5.04 30.41 33.80
N ALA F 325 -6.29 30.02 33.53
CA ALA F 325 -7.30 29.86 34.55
C ALA F 325 -7.45 28.43 35.03
N PHE F 326 -6.67 27.51 34.48
CA PHE F 326 -6.37 26.30 35.22
C PHE F 326 -5.26 26.55 36.22
N GLU F 327 -4.28 27.38 35.84
CA GLU F 327 -3.34 27.91 36.81
C GLU F 327 -4.03 28.81 37.83
N ARG F 328 -5.30 29.13 37.61
CA ARG F 328 -6.13 29.73 38.64
C ARG F 328 -6.09 28.94 39.94
N ARG F 329 -5.81 27.65 39.87
CA ARG F 329 -5.53 26.84 41.05
C ARG F 329 -4.08 26.96 41.48
N PHE F 330 -3.20 27.47 40.63
CA PHE F 330 -1.77 27.26 40.73
C PHE F 330 -1.03 28.56 41.00
N GLN F 331 -0.43 28.65 42.18
CA GLN F 331 0.65 29.58 42.40
C GLN F 331 1.94 28.99 41.83
N LYS F 332 2.58 29.73 40.92
CA LYS F 332 3.83 29.26 40.36
C LYS F 332 4.97 29.67 41.29
N ILE F 333 5.69 28.68 41.79
CA ILE F 333 6.83 28.89 42.67
C ILE F 333 8.05 28.34 41.95
N GLU F 334 9.05 29.19 41.74
CA GLU F 334 10.26 28.76 41.08
C GLU F 334 11.36 28.48 42.09
N VAL F 335 11.86 27.28 42.07
CA VAL F 335 13.02 26.91 42.87
C VAL F 335 14.27 27.54 42.29
N ALA F 336 15.20 27.88 43.17
CA ALA F 336 16.52 28.34 42.78
C ALA F 336 17.54 27.29 43.19
N GLU F 337 18.64 27.21 42.44
CA GLU F 337 19.64 26.21 42.76
C GLU F 337 20.12 26.43 44.18
N PRO F 338 20.01 25.45 45.06
CA PRO F 338 20.09 25.69 46.50
C PRO F 338 21.44 26.28 46.90
N SER F 339 21.45 26.90 48.07
CA SER F 339 22.65 27.56 48.57
C SER F 339 23.68 26.51 48.96
N VAL F 340 24.83 27.00 49.43
CA VAL F 340 25.92 26.09 49.76
C VAL F 340 25.54 25.22 50.96
N ARG F 341 25.03 25.83 52.02
CA ARG F 341 24.65 25.08 53.21
C ARG F 341 23.62 24.01 52.86
N GLN F 342 22.70 24.33 51.95
CA GLN F 342 21.74 23.36 51.43
C GLN F 342 22.47 22.11 51.02
N THR F 343 23.29 22.23 49.98
CA THR F 343 24.19 21.15 49.61
C THR F 343 24.89 20.59 50.83
N VAL F 344 25.64 21.44 51.53
CA VAL F 344 26.33 21.08 52.76
C VAL F 344 25.43 20.27 53.68
N ALA F 345 24.31 20.87 54.11
CA ALA F 345 23.48 20.20 55.11
C ALA F 345 22.98 18.85 54.61
N ILE F 346 22.44 18.78 53.39
CA ILE F 346 22.06 17.46 52.88
C ILE F 346 23.28 16.57 52.82
N LEU F 347 24.38 17.08 52.26
CA LEU F 347 25.65 16.37 52.37
C LEU F 347 25.90 16.00 53.82
N ARG F 348 25.85 17.00 54.71
CA ARG F 348 25.96 16.71 56.14
C ARG F 348 25.05 15.57 56.54
N GLY F 349 23.81 15.59 56.06
CA GLY F 349 22.92 14.48 56.32
C GLY F 349 23.29 13.26 55.51
N LEU F 350 23.61 13.45 54.23
CA LEU F 350 23.77 12.32 53.34
C LEU F 350 25.22 11.93 53.10
N GLN F 351 26.20 12.67 53.64
CA GLN F 351 27.57 12.18 53.66
C GLN F 351 27.56 10.83 54.36
N PRO F 352 27.11 10.74 55.63
CA PRO F 352 27.09 9.42 56.28
C PRO F 352 26.22 8.44 55.54
N LYS F 353 25.13 8.91 54.95
CA LYS F 353 24.30 8.08 54.11
C LYS F 353 25.13 7.43 53.02
N TYR F 354 25.61 8.21 52.06
CA TYR F 354 26.15 7.56 50.88
C TYR F 354 27.54 7.01 51.11
N GLU F 355 28.18 7.39 52.21
CA GLU F 355 29.37 6.63 52.59
C GLU F 355 28.97 5.32 53.24
N ILE F 356 27.83 5.28 53.94
CA ILE F 356 27.34 4.00 54.41
C ILE F 356 26.57 3.29 53.30
N HIS F 357 25.91 4.04 52.40
CA HIS F 357 25.39 3.42 51.20
C HIS F 357 26.48 2.63 50.49
N HIS F 358 27.67 3.22 50.42
CA HIS F 358 28.82 2.57 49.84
C HIS F 358 29.72 1.95 50.90
N GLY F 359 29.30 1.99 52.17
CA GLY F 359 30.03 1.33 53.23
C GLY F 359 31.41 1.89 53.47
N VAL F 360 31.58 3.20 53.29
CA VAL F 360 32.90 3.82 53.44
C VAL F 360 32.80 5.01 54.37
N ARG F 361 33.88 5.76 54.48
CA ARG F 361 33.90 6.99 55.26
C ARG F 361 34.51 8.11 54.44
N ILE F 362 34.27 9.35 54.89
CA ILE F 362 34.65 10.55 54.15
C ILE F 362 35.10 11.59 55.16
N LEU F 363 35.91 12.54 54.69
CA LEU F 363 36.14 13.77 55.42
C LEU F 363 35.03 14.76 55.12
N ASP F 364 34.36 15.23 56.17
CA ASP F 364 33.48 16.38 56.01
C ASP F 364 34.27 17.60 55.55
N SER F 365 35.56 17.64 55.90
CA SER F 365 36.45 18.63 55.31
C SER F 365 36.31 18.64 53.80
N ALA F 366 36.41 17.46 53.18
CA ALA F 366 36.10 17.34 51.76
C ALA F 366 34.67 17.77 51.49
N LEU F 367 33.73 17.29 52.31
CA LEU F 367 32.32 17.39 52.00
C LEU F 367 31.92 18.82 51.66
N VAL F 368 32.22 19.75 52.57
CA VAL F 368 31.97 21.16 52.28
C VAL F 368 32.84 21.64 51.13
N THR F 369 34.11 21.23 51.13
CA THR F 369 35.02 21.62 50.07
C THR F 369 34.51 21.16 48.72
N ALA F 370 33.81 20.04 48.69
CA ALA F 370 33.21 19.54 47.46
C ALA F 370 32.38 20.62 46.82
N ALA F 371 31.31 21.03 47.50
CA ALA F 371 30.40 22.04 46.98
C ALA F 371 31.17 23.24 46.46
N GLN F 372 32.25 23.62 47.15
CA GLN F 372 33.01 24.82 46.83
C GLN F 372 33.36 24.90 45.34
N LEU F 373 34.30 24.05 44.92
CA LEU F 373 34.67 24.03 43.51
C LEU F 373 33.53 23.52 42.65
N ALA F 374 32.79 22.55 43.18
CA ALA F 374 31.61 22.06 42.49
C ALA F 374 30.69 23.21 42.10
N LYS F 375 30.16 23.91 43.09
CA LYS F 375 29.38 25.11 42.81
C LYS F 375 30.12 26.05 41.88
N ARG F 376 31.42 26.21 42.11
CA ARG F 376 32.21 27.12 41.30
C ARG F 376 32.21 26.70 39.84
N TYR F 377 32.72 25.51 39.57
CA TYR F 377 32.95 25.07 38.20
C TYR F 377 31.85 24.19 37.64
N LEU F 378 30.76 24.02 38.37
CA LEU F 378 29.62 23.34 37.76
C LEU F 378 29.21 24.08 36.50
N PRO F 379 29.36 23.46 35.35
CA PRO F 379 28.89 24.07 34.12
C PRO F 379 27.38 23.99 33.94
N TYR F 380 26.76 22.96 34.51
CA TYR F 380 25.38 22.63 34.17
C TYR F 380 24.43 22.56 35.34
N ARG F 381 24.61 21.50 36.13
CA ARG F 381 23.51 20.85 36.82
C ARG F 381 23.09 21.63 38.06
N ARG F 382 22.23 21.00 38.85
CA ARG F 382 21.91 21.47 40.19
C ARG F 382 22.94 20.87 41.14
N LEU F 383 23.65 21.73 41.85
CA LEU F 383 24.89 21.33 42.49
C LEU F 383 24.77 20.09 43.35
N PRO F 384 23.86 20.02 44.34
CA PRO F 384 23.85 18.86 45.24
C PRO F 384 23.85 17.53 44.50
N ASP F 385 23.04 17.43 43.44
CA ASP F 385 23.08 16.27 42.56
C ASP F 385 24.52 16.05 42.12
N SER F 386 25.01 16.96 41.28
CA SER F 386 26.40 16.92 40.83
C SER F 386 27.34 16.70 42.00
N ALA F 387 27.11 17.40 43.11
CA ALA F 387 27.85 17.15 44.32
C ALA F 387 27.69 15.69 44.70
N LEU F 388 26.47 15.32 45.10
CA LEU F 388 26.20 13.92 45.45
C LEU F 388 26.72 13.00 44.38
N ASP F 389 26.56 13.37 43.11
CA ASP F 389 27.23 12.67 42.03
C ASP F 389 28.70 12.59 42.37
N LEU F 390 29.38 13.73 42.32
CA LEU F 390 30.81 13.76 42.61
C LEU F 390 31.11 13.07 43.93
N VAL F 391 30.26 13.30 44.93
CA VAL F 391 30.37 12.59 46.19
C VAL F 391 30.33 11.10 45.94
N ASP F 392 29.20 10.59 45.47
CA ASP F 392 29.11 9.17 45.12
C ASP F 392 30.25 8.79 44.20
N ILE F 393 30.50 9.63 43.19
CA ILE F 393 31.71 9.48 42.38
C ILE F 393 32.92 9.32 43.28
N SER F 394 33.19 10.36 44.08
CA SER F 394 34.25 10.25 45.08
C SER F 394 34.06 9.00 45.92
N CYS F 395 32.86 8.81 46.46
CA CYS F 395 32.56 7.66 47.28
C CYS F 395 32.84 6.37 46.53
N ALA F 396 31.97 6.03 45.59
CA ALA F 396 32.09 4.77 44.88
C ALA F 396 33.46 4.62 44.27
N GLY F 397 34.00 5.71 43.71
CA GLY F 397 35.24 5.63 42.95
C GLY F 397 36.38 5.01 43.72
N VAL F 398 36.70 5.59 44.88
CA VAL F 398 37.73 4.97 45.70
C VAL F 398 37.17 3.78 46.48
N ALA F 399 35.85 3.76 46.72
CA ALA F 399 35.24 2.57 47.28
C ALA F 399 35.40 1.39 46.33
N VAL F 400 35.08 1.62 45.06
CA VAL F 400 35.41 0.61 44.06
C VAL F 400 36.91 0.35 44.05
N ALA F 401 37.71 1.41 44.24
CA ALA F 401 39.13 1.20 44.44
C ALA F 401 39.39 0.46 45.74
N ARG F 402 38.53 0.64 46.75
CA ARG F 402 38.72 -0.09 47.99
C ARG F 402 38.30 -1.56 47.84
N ASP F 403 37.07 -1.77 47.36
CA ASP F 403 36.52 -3.11 47.17
C ASP F 403 36.94 -3.69 45.82
N SER F 404 38.16 -4.22 45.77
CA SER F 404 38.71 -4.81 44.56
C SER F 404 40.22 -4.97 44.73
N LYS F 405 40.64 -5.28 45.95
CA LYS F 405 42.05 -5.23 46.31
C LYS F 405 42.56 -3.80 46.27
N PRO F 406 43.85 -3.65 45.93
CA PRO F 406 44.47 -2.33 45.84
C PRO F 406 44.79 -1.98 44.40
N GLU F 407 44.32 -0.82 43.94
CA GLU F 407 44.58 -0.40 42.58
C GLU F 407 46.05 -0.54 42.20
N GLU F 408 46.89 0.30 42.80
CA GLU F 408 48.26 0.45 42.32
C GLU F 408 49.06 -0.83 42.52
N LEU F 409 48.95 -1.43 43.70
CA LEU F 409 49.67 -2.68 43.96
C LEU F 409 49.32 -3.73 42.93
N ASP F 410 48.03 -3.87 42.61
CA ASP F 410 47.62 -4.84 41.62
C ASP F 410 47.86 -4.32 40.21
N SER F 411 47.88 -3.00 40.03
CA SER F 411 48.13 -2.44 38.71
C SER F 411 49.56 -2.70 38.27
N LYS F 412 50.50 -2.77 39.22
CA LYS F 412 51.87 -3.10 38.88
C LYS F 412 51.95 -4.45 38.19
N GLU F 413 51.12 -5.41 38.61
CA GLU F 413 50.98 -6.65 37.86
C GLU F 413 50.42 -6.38 36.47
N ARG F 414 49.39 -5.54 36.39
CA ARG F 414 48.77 -5.24 35.10
C ARG F 414 49.76 -4.57 34.16
N GLN F 415 50.40 -3.49 34.61
CA GLN F 415 51.40 -2.84 33.77
C GLN F 415 52.56 -3.77 33.47
N LEU F 416 52.77 -4.78 34.32
CA LEU F 416 53.67 -5.87 33.94
C LEU F 416 52.99 -6.85 33.00
N GLN F 417 51.72 -7.17 33.28
CA GLN F 417 50.98 -8.16 32.48
C GLN F 417 51.10 -7.86 30.98
N LEU F 418 51.02 -6.58 30.62
CA LEU F 418 51.15 -6.19 29.22
C LEU F 418 52.57 -6.47 28.72
N ILE F 419 53.58 -6.04 29.49
CA ILE F 419 54.95 -6.17 29.01
C ILE F 419 55.49 -7.57 29.24
N GLN F 420 55.03 -8.25 30.29
CA GLN F 420 55.60 -9.56 30.61
C GLN F 420 55.33 -10.57 29.50
N VAL F 421 54.14 -10.50 28.90
CA VAL F 421 53.78 -11.46 27.87
C VAL F 421 54.46 -11.18 26.55
N GLU F 422 55.09 -10.01 26.42
CA GLU F 422 55.73 -9.67 25.16
C GLU F 422 56.94 -10.54 24.86
N ILE F 423 57.37 -11.35 25.83
CA ILE F 423 58.41 -12.35 25.57
C ILE F 423 57.94 -13.36 24.54
N LYS F 424 56.64 -13.60 24.49
CA LYS F 424 56.14 -14.84 23.91
C LYS F 424 56.32 -14.87 22.40
N ALA F 425 55.93 -13.80 21.70
CA ALA F 425 56.08 -13.78 20.25
C ALA F 425 57.52 -14.06 19.84
N LEU F 426 58.47 -13.49 20.57
CA LEU F 426 59.87 -13.83 20.37
C LEU F 426 60.16 -15.23 20.87
N GLU F 427 59.58 -15.59 22.01
CA GLU F 427 59.65 -16.96 22.51
C GLU F 427 59.06 -17.93 21.49
N ARG F 428 58.07 -17.50 20.72
CA ARG F 428 57.44 -18.39 19.75
C ARG F 428 58.36 -18.68 18.57
N ASP F 429 58.90 -17.64 17.94
CA ASP F 429 59.54 -17.77 16.64
C ASP F 429 60.95 -17.20 16.68
N GLU F 430 61.73 -17.53 15.65
CA GLU F 430 63.16 -17.30 15.63
C GLU F 430 63.49 -16.10 14.75
N ASP F 431 63.88 -14.99 15.38
CA ASP F 431 64.57 -13.88 14.74
C ASP F 431 65.53 -13.27 15.76
N ALA F 432 66.73 -12.94 15.29
CA ALA F 432 67.81 -12.51 16.17
C ALA F 432 67.89 -11.01 16.36
N ASP F 433 66.99 -10.24 15.75
CA ASP F 433 67.00 -8.79 15.94
C ASP F 433 66.44 -8.43 17.31
N SER F 434 65.19 -8.79 17.56
CA SER F 434 64.48 -8.52 18.80
C SER F 434 64.71 -9.61 19.85
N THR F 435 65.66 -10.52 19.62
CA THR F 435 65.71 -11.77 20.37
C THR F 435 66.03 -11.51 21.84
N THR F 436 66.15 -12.60 22.60
CA THR F 436 66.21 -12.54 24.06
C THR F 436 67.31 -11.61 24.57
N LYS F 437 68.28 -11.28 23.72
CA LYS F 437 69.30 -10.31 24.12
C LYS F 437 68.71 -8.95 24.43
N ASP F 438 68.02 -8.34 23.47
CA ASP F 438 67.57 -6.95 23.66
C ASP F 438 66.09 -6.84 23.96
N ARG F 439 65.23 -6.99 22.95
CA ARG F 439 63.82 -6.64 23.10
C ARG F 439 63.17 -7.36 24.27
N LEU F 440 63.58 -8.60 24.52
CA LEU F 440 63.16 -9.30 25.73
C LEU F 440 63.53 -8.50 26.96
N LYS F 441 64.83 -8.31 27.18
CA LYS F 441 65.28 -7.58 28.36
C LYS F 441 64.99 -6.08 28.23
N LEU F 442 64.86 -5.60 27.00
CA LEU F 442 64.64 -4.17 26.72
C LEU F 442 63.55 -3.58 27.60
N ALA F 443 62.31 -4.03 27.41
CA ALA F 443 61.23 -3.57 28.28
C ALA F 443 61.35 -4.19 29.68
N ARG F 444 62.05 -5.33 29.79
CA ARG F 444 62.18 -6.03 31.05
C ARG F 444 63.04 -5.28 32.07
N GLN F 445 63.76 -4.24 31.64
CA GLN F 445 64.64 -3.52 32.55
C GLN F 445 63.84 -2.82 33.64
N LYS F 446 62.72 -2.20 33.29
CA LYS F 446 62.03 -1.31 34.21
C LYS F 446 61.22 -2.05 35.27
N GLU F 447 60.92 -3.34 35.06
CA GLU F 447 60.02 -4.04 35.97
C GLU F 447 60.61 -4.18 37.37
N ALA F 448 61.89 -3.88 37.56
CA ALA F 448 62.54 -4.17 38.83
C ALA F 448 61.96 -3.32 39.96
N SER F 449 61.66 -2.05 39.70
CA SER F 449 61.23 -1.14 40.76
C SER F 449 59.82 -1.41 41.25
N LEU F 450 59.05 -2.24 40.55
CA LEU F 450 57.63 -2.38 40.88
C LEU F 450 57.41 -3.25 42.10
N GLN F 451 58.05 -4.41 42.16
CA GLN F 451 57.73 -5.46 43.12
C GLN F 451 58.38 -5.24 44.49
N GLU F 452 59.15 -4.17 44.66
CA GLU F 452 59.89 -3.98 45.91
C GLU F 452 58.97 -3.79 47.11
N GLU F 453 58.05 -2.81 47.06
CA GLU F 453 57.14 -2.60 48.17
C GLU F 453 55.79 -3.28 47.99
N LEU F 454 55.58 -4.01 46.88
CA LEU F 454 54.26 -4.58 46.59
C LEU F 454 53.78 -5.44 47.75
N GLU F 455 54.41 -6.60 47.94
CA GLU F 455 54.04 -7.46 49.06
C GLU F 455 54.23 -6.80 50.42
N PRO F 456 55.28 -5.99 50.67
CA PRO F 456 55.30 -5.21 51.92
C PRO F 456 54.06 -4.36 52.13
N LEU F 457 53.38 -3.96 51.06
CA LEU F 457 52.11 -3.24 51.16
C LEU F 457 50.90 -4.14 51.01
N ARG F 458 51.09 -5.46 50.85
CA ARG F 458 49.96 -6.39 50.71
C ARG F 458 49.61 -7.01 52.06
N GLN F 459 50.48 -7.87 52.59
CA GLN F 459 50.19 -8.53 53.86
C GLN F 459 50.04 -7.53 54.99
N ARG F 460 50.74 -6.39 54.90
CA ARG F 460 50.52 -5.30 55.85
C ARG F 460 49.06 -4.90 55.89
N TYR F 461 48.45 -4.75 54.71
CA TYR F 461 47.01 -4.50 54.62
C TYR F 461 46.21 -5.75 54.99
N ASN F 462 46.80 -6.93 54.84
CA ASN F 462 46.12 -8.18 55.15
C ASN F 462 46.23 -8.50 56.64
N SER F 530 42.37 1.51 48.85
CA SER F 530 41.70 0.49 49.66
C SER F 530 42.02 0.68 51.14
N MET F 531 43.26 1.10 51.42
CA MET F 531 43.69 1.25 52.81
C MET F 531 42.83 2.28 53.55
N ILE F 532 42.33 3.29 52.86
CA ILE F 532 41.52 4.32 53.49
C ILE F 532 40.06 4.07 53.11
N GLN F 533 39.29 3.60 54.08
CA GLN F 533 37.84 3.56 53.91
C GLN F 533 37.24 4.94 54.16
N ASN F 534 37.87 5.70 55.05
CA ASN F 534 37.74 7.14 55.01
C ASN F 534 38.39 7.68 53.76
N VAL F 535 38.01 8.89 53.36
CA VAL F 535 38.58 9.47 52.16
C VAL F 535 38.92 10.93 52.44
N VAL F 536 39.95 11.42 51.74
CA VAL F 536 40.62 12.66 52.08
C VAL F 536 39.74 13.84 51.70
N ASP F 537 40.18 15.05 52.05
CA ASP F 537 39.69 16.26 51.40
C ASP F 537 40.07 16.28 49.92
N SER F 538 41.36 16.45 49.66
CA SER F 538 41.88 16.95 48.38
C SER F 538 41.42 16.16 47.16
N ASP F 539 41.94 14.95 46.99
CA ASP F 539 41.64 14.18 45.79
C ASP F 539 40.14 13.94 45.67
N THR F 540 39.50 13.62 46.79
CA THR F 540 38.05 13.48 46.83
C THR F 540 37.38 14.73 46.31
N ILE F 541 38.04 15.88 46.42
CA ILE F 541 37.54 17.05 45.74
C ILE F 541 38.18 17.07 44.36
N SER F 542 39.46 17.43 44.32
CA SER F 542 40.14 17.71 43.06
C SER F 542 40.13 16.51 42.12
N GLU F 543 40.90 15.47 42.46
CA GLU F 543 41.09 14.36 41.53
C GLU F 543 39.75 13.82 41.05
N THR F 544 38.80 13.68 41.97
CA THR F 544 37.44 13.35 41.59
C THR F 544 36.89 14.41 40.66
N ALA F 545 36.74 15.64 41.15
CA ALA F 545 36.23 16.72 40.31
C ALA F 545 37.11 16.98 39.11
N ALA F 546 38.37 16.52 39.13
CA ALA F 546 39.19 16.60 37.94
C ALA F 546 38.59 15.84 36.77
N ARG F 547 37.57 15.02 37.02
CA ARG F 547 36.87 14.33 35.94
C ARG F 547 35.75 15.16 35.36
N LEU F 548 35.57 16.39 35.84
CA LEU F 548 34.89 17.41 35.03
C LEU F 548 35.84 17.87 33.92
N THR F 549 36.91 18.56 34.31
CA THR F 549 37.93 18.95 33.35
C THR F 549 39.33 18.56 33.83
N GLY F 550 39.85 19.23 34.84
CA GLY F 550 41.17 18.86 35.29
C GLY F 550 41.89 20.03 35.94
N ILE F 551 43.21 19.98 35.86
CA ILE F 551 44.14 20.95 36.44
C ILE F 551 43.97 20.99 37.95
N PRO F 552 44.12 19.85 38.64
CA PRO F 552 43.78 19.82 40.07
C PRO F 552 44.67 20.71 40.94
N VAL F 553 45.98 20.67 40.71
CA VAL F 553 46.89 21.41 41.57
C VAL F 553 46.57 22.89 41.55
N LYS F 554 46.11 23.41 40.42
CA LYS F 554 45.60 24.77 40.40
C LYS F 554 44.22 24.86 41.04
N LYS F 555 43.37 23.85 40.79
CA LYS F 555 42.14 23.73 41.55
C LYS F 555 42.44 23.62 43.04
N LEU F 556 43.62 23.09 43.38
CA LEU F 556 44.05 22.98 44.77
C LEU F 556 44.50 24.32 45.35
N SER F 557 45.63 24.81 44.86
CA SER F 557 46.39 25.85 45.55
C SER F 557 45.63 27.17 45.70
N GLU F 558 44.48 27.33 45.06
CA GLU F 558 43.75 28.58 45.07
C GLU F 558 42.76 28.62 46.22
N SER F 559 42.84 29.67 47.03
CA SER F 559 41.85 29.99 48.06
C SER F 559 40.78 30.94 47.55
N GLU F 560 40.82 31.24 46.25
CA GLU F 560 39.99 32.21 45.53
C GLU F 560 40.47 33.62 45.84
N ASN F 561 41.18 33.78 46.95
CA ASN F 561 42.02 34.95 47.21
C ASN F 561 43.41 34.79 46.61
N GLU F 562 43.93 33.56 46.63
CA GLU F 562 45.33 33.32 46.28
C GLU F 562 45.67 33.84 44.91
N LYS F 563 44.68 33.94 44.02
CA LYS F 563 44.90 34.50 42.69
C LYS F 563 45.65 35.82 42.80
N LEU F 564 44.93 36.83 43.29
CA LEU F 564 45.37 38.22 43.16
C LEU F 564 46.74 38.42 43.79
N ILE F 565 46.85 38.09 45.08
CA ILE F 565 48.12 38.24 45.79
C ILE F 565 49.26 37.62 45.00
N HIS F 566 49.02 36.47 44.40
CA HIS F 566 50.05 35.76 43.67
C HIS F 566 49.97 35.96 42.17
N MET F 567 48.96 36.70 41.69
CA MET F 567 48.69 36.80 40.25
C MET F 567 49.80 37.54 39.52
N GLU F 568 50.08 38.76 39.94
CA GLU F 568 51.01 39.59 39.17
C GLU F 568 52.43 39.04 39.24
N ARG F 569 52.70 38.15 40.20
CA ARG F 569 53.87 37.30 40.06
C ARG F 569 53.62 36.22 39.01
N ASP F 570 52.48 35.54 39.11
CA ASP F 570 52.12 34.53 38.12
C ASP F 570 52.02 35.15 36.75
N LEU F 571 51.33 36.29 36.66
CA LEU F 571 51.20 36.95 35.38
C LEU F 571 52.56 37.40 34.85
N SER F 572 53.51 37.67 35.75
CA SER F 572 54.86 38.01 35.33
C SER F 572 55.51 36.86 34.58
N SER F 573 55.07 35.63 34.83
CA SER F 573 55.63 34.48 34.13
C SER F 573 55.22 34.47 32.66
N GLU F 574 53.97 34.82 32.35
CA GLU F 574 53.47 34.70 30.99
C GLU F 574 53.85 35.89 30.14
N VAL F 575 53.22 37.03 30.35
CA VAL F 575 53.45 38.18 29.49
C VAL F 575 54.71 38.91 29.94
N VAL F 576 55.66 39.01 29.04
CA VAL F 576 57.01 39.45 29.39
C VAL F 576 57.02 40.97 29.54
N GLY F 577 57.87 41.45 30.45
CA GLY F 577 57.90 42.86 30.75
C GLY F 577 56.52 43.31 31.17
N GLN F 578 56.03 44.35 30.50
CA GLN F 578 54.62 44.73 30.58
C GLN F 578 54.15 44.85 32.03
N MET F 579 55.04 45.31 32.90
CA MET F 579 54.69 45.45 34.30
C MET F 579 53.46 46.33 34.47
N ASP F 580 53.26 47.26 33.54
CA ASP F 580 52.04 48.03 33.46
C ASP F 580 50.84 47.10 33.35
N ALA F 581 50.78 46.33 32.26
CA ALA F 581 49.70 45.36 32.10
C ALA F 581 49.68 44.39 33.28
N ILE F 582 50.85 44.07 33.82
CA ILE F 582 50.92 43.23 35.01
C ILE F 582 50.09 43.88 36.11
N LYS F 583 50.56 45.01 36.61
CA LYS F 583 49.81 45.73 37.64
C LYS F 583 48.44 46.14 37.16
N ALA F 584 48.40 47.10 36.23
CA ALA F 584 47.16 47.78 35.87
C ALA F 584 46.02 46.80 35.60
N VAL F 585 46.20 45.94 34.61
CA VAL F 585 45.13 45.02 34.23
C VAL F 585 44.71 44.17 35.41
N SER F 586 45.68 43.48 36.02
CA SER F 586 45.38 42.58 37.13
C SER F 586 44.78 43.35 38.30
N ASN F 587 45.47 44.41 38.74
CA ASN F 587 44.97 45.17 39.87
C ASN F 587 43.55 45.67 39.59
N ALA F 588 43.26 45.99 38.33
CA ALA F 588 41.90 46.40 37.99
C ALA F 588 40.94 45.21 38.05
N VAL F 589 41.38 44.03 37.60
CA VAL F 589 40.53 42.87 37.84
C VAL F 589 40.70 42.40 39.28
N ARG F 590 41.80 42.75 39.94
CA ARG F 590 41.85 42.57 41.39
C ARG F 590 40.76 43.38 42.06
N LEU F 591 40.29 44.43 41.41
CA LEU F 591 39.08 45.10 41.84
C LEU F 591 37.84 44.36 41.37
N SER F 592 37.90 43.73 40.19
CA SER F 592 36.78 42.90 39.77
C SER F 592 36.85 41.54 40.45
N ARG F 593 38.03 41.15 40.92
CA ARG F 593 38.13 40.13 41.95
C ARG F 593 38.20 40.87 43.29
N SER F 594 38.56 40.18 44.36
CA SER F 594 38.57 40.66 45.75
C SER F 594 37.16 40.68 46.32
N GLY F 595 36.16 40.32 45.53
CA GLY F 595 34.78 40.53 45.92
C GLY F 595 34.29 41.94 45.67
N LEU F 596 35.13 42.79 45.09
CA LEU F 596 34.81 44.19 44.85
C LEU F 596 34.15 44.42 43.49
N ALA F 597 33.99 43.37 42.68
CA ALA F 597 33.18 43.46 41.48
C ALA F 597 31.74 43.74 41.87
N ASN F 598 31.09 44.57 41.07
CA ASN F 598 29.68 44.81 41.27
C ASN F 598 28.91 43.49 41.17
N PRO F 599 27.78 43.34 41.86
CA PRO F 599 26.94 42.17 41.63
C PRO F 599 26.68 41.94 40.15
N ARG F 600 26.51 43.00 39.38
CA ARG F 600 26.62 42.92 37.93
C ARG F 600 27.54 44.04 37.44
N GLN F 601 28.78 43.67 37.05
CA GLN F 601 29.64 44.33 36.06
C GLN F 601 31.03 43.70 36.15
N PRO F 602 31.69 43.45 35.03
CA PRO F 602 33.08 42.98 35.06
C PRO F 602 34.07 44.14 35.00
N ALA F 603 35.34 43.80 35.06
CA ALA F 603 36.38 44.76 34.77
C ALA F 603 36.46 45.00 33.27
N SER F 604 37.07 46.12 32.89
CA SER F 604 36.96 46.64 31.54
C SER F 604 38.28 47.20 31.06
N PHE F 605 38.67 46.86 29.84
CA PHE F 605 40.01 47.15 29.38
C PHE F 605 40.04 47.42 27.87
N LEU F 606 40.87 48.37 27.48
CA LEU F 606 41.12 48.69 26.07
C LEU F 606 42.62 48.86 25.89
N PHE F 607 43.22 48.07 25.00
CA PHE F 607 44.66 47.94 24.98
C PHE F 607 45.22 48.23 23.59
N LEU F 608 46.41 48.83 23.60
CA LEU F 608 47.16 49.15 22.39
C LEU F 608 48.47 48.37 22.40
N GLY F 609 48.98 48.07 21.22
CA GLY F 609 50.28 47.45 21.11
C GLY F 609 50.29 46.48 19.95
N LEU F 610 51.31 45.63 19.95
CA LEU F 610 51.34 44.50 19.03
C LEU F 610 50.12 43.62 19.31
N SER F 611 49.49 43.13 18.26
CA SER F 611 48.59 42.00 18.41
C SER F 611 49.44 40.78 18.12
N GLY F 612 49.74 40.00 19.15
CA GLY F 612 50.95 39.21 19.18
C GLY F 612 51.96 39.68 20.20
N SER F 613 51.70 40.78 20.90
CA SER F 613 52.53 41.26 22.00
C SER F 613 52.38 40.38 23.23
N GLY F 614 51.53 39.36 23.15
CA GLY F 614 51.00 38.71 24.32
C GLY F 614 49.71 39.34 24.79
N LYS F 615 49.20 40.31 24.04
CA LYS F 615 47.91 40.93 24.25
C LYS F 615 46.83 39.88 24.49
N THR F 616 46.49 39.14 23.44
CA THR F 616 45.57 38.03 23.60
C THR F 616 46.09 37.04 24.65
N GLU F 617 47.38 36.70 24.59
CA GLU F 617 47.96 35.83 25.60
C GLU F 617 47.73 36.36 27.00
N LEU F 618 47.87 37.67 27.19
CA LEU F 618 47.48 38.28 28.45
C LEU F 618 46.08 37.84 28.82
N ALA F 619 45.10 38.17 27.99
CA ALA F 619 43.74 37.75 28.27
C ALA F 619 43.59 36.24 28.17
N LYS F 620 44.47 35.57 27.42
CA LYS F 620 44.55 34.12 27.54
C LYS F 620 45.10 33.73 28.91
N LYS F 621 46.23 34.33 29.29
CA LYS F 621 46.71 34.22 30.65
C LYS F 621 45.58 34.51 31.63
N VAL F 622 44.87 35.61 31.41
CA VAL F 622 43.68 35.90 32.21
C VAL F 622 42.76 34.70 32.18
N ALA F 623 42.27 34.35 30.99
CA ALA F 623 41.45 33.16 30.83
C ALA F 623 42.11 31.96 31.50
N GLY F 624 43.39 31.76 31.24
CA GLY F 624 44.13 30.69 31.86
C GLY F 624 44.28 30.87 33.35
N PHE F 625 44.83 32.00 33.78
CA PHE F 625 44.97 32.24 35.21
C PHE F 625 43.61 32.25 35.89
N LEU F 626 42.79 33.25 35.57
CA LEU F 626 41.55 33.47 36.27
C LEU F 626 40.66 32.23 36.25
N PHE F 627 40.23 31.82 35.07
CA PHE F 627 39.23 30.77 35.01
C PHE F 627 39.81 29.37 34.86
N ASN F 628 41.14 29.24 34.79
CA ASN F 628 41.80 27.96 34.54
C ASN F 628 41.32 27.32 33.24
N ASP F 629 40.89 28.15 32.28
CA ASP F 629 40.36 27.66 31.02
C ASP F 629 40.81 28.56 29.89
N GLU F 630 41.32 27.93 28.83
CA GLU F 630 41.67 28.67 27.62
C GLU F 630 40.44 28.99 26.79
N ASP F 631 39.36 28.22 26.91
CA ASP F 631 38.15 28.52 26.17
C ASP F 631 37.55 29.84 26.58
N MET F 632 37.84 30.30 27.80
CA MET F 632 37.25 31.52 28.31
C MET F 632 37.46 32.67 27.35
N MET F 633 38.70 32.87 26.91
CA MET F 633 38.95 33.93 25.96
C MET F 633 38.38 33.53 24.61
N ILE F 634 37.50 34.37 24.09
CA ILE F 634 36.73 34.05 22.89
C ILE F 634 36.96 35.14 21.87
N ARG F 635 37.19 34.74 20.62
CA ARG F 635 37.29 35.73 19.56
C ARG F 635 35.93 36.34 19.32
N VAL F 636 35.83 37.65 19.47
CA VAL F 636 34.61 38.39 19.17
C VAL F 636 35.06 39.58 18.35
N ASP F 637 34.66 39.64 17.09
CA ASP F 637 35.14 40.69 16.22
C ASP F 637 34.15 41.84 16.25
N CYS F 638 34.56 42.95 16.86
CA CYS F 638 33.76 44.16 16.73
C CYS F 638 33.84 44.70 15.32
N SER F 639 35.04 44.71 14.75
CA SER F 639 35.30 45.22 13.42
C SER F 639 34.35 44.64 12.38
N GLU F 640 34.52 43.35 12.09
CA GLU F 640 33.73 42.74 11.02
C GLU F 640 32.33 42.36 11.48
N LEU F 641 32.19 41.86 12.71
CA LEU F 641 30.87 41.59 13.25
C LEU F 641 30.47 42.89 13.92
N SER F 642 29.64 43.68 13.23
CA SER F 642 29.65 45.10 13.50
C SER F 642 28.27 45.75 13.60
N GLU F 643 27.54 45.81 12.48
CA GLU F 643 26.33 46.63 12.45
C GLU F 643 25.07 45.81 12.68
N LYS F 644 24.69 44.97 11.73
CA LYS F 644 23.58 44.04 11.91
C LYS F 644 24.05 42.73 12.51
N TYR F 645 25.32 42.64 12.87
CA TYR F 645 25.75 41.64 13.84
C TYR F 645 25.07 41.83 15.18
N ALA F 646 24.50 43.02 15.43
CA ALA F 646 23.54 43.16 16.52
C ALA F 646 22.42 42.15 16.39
N VAL F 647 22.12 41.73 15.17
CA VAL F 647 21.28 40.55 14.95
C VAL F 647 22.10 39.28 15.08
N SER F 648 23.38 39.31 14.71
CA SER F 648 24.20 38.11 14.66
C SER F 648 25.06 37.89 15.90
N LYS F 649 25.04 38.81 16.87
CA LYS F 649 25.50 38.45 18.21
C LYS F 649 24.37 37.98 19.09
N LEU F 650 23.13 38.24 18.68
CA LEU F 650 21.89 37.65 19.16
C LEU F 650 20.76 38.28 18.36
N LEU F 651 19.64 37.57 18.27
CA LEU F 651 18.50 38.07 17.53
C LEU F 651 17.21 37.67 18.23
N GLY F 652 16.38 38.66 18.53
CA GLY F 652 15.02 38.33 18.92
C GLY F 652 14.45 37.53 17.77
N THR F 653 14.06 36.29 18.04
CA THR F 653 13.95 35.31 16.97
C THR F 653 12.82 35.71 16.03
N THR F 654 13.16 35.86 14.75
CA THR F 654 12.22 36.38 13.76
C THR F 654 11.98 35.37 12.65
N ASP F 661 19.77 26.93 18.66
CA ASP F 661 20.22 28.01 17.78
C ASP F 661 20.49 29.27 18.58
N GLU F 662 21.74 29.74 18.56
CA GLU F 662 22.01 31.08 19.05
C GLU F 662 21.21 32.09 18.25
N GLY F 663 20.59 33.03 18.96
CA GLY F 663 20.17 34.23 18.26
C GLY F 663 21.33 34.91 17.57
N GLY F 664 22.53 34.69 18.06
CA GLY F 664 23.74 35.21 17.45
C GLY F 664 24.95 34.79 18.26
N PHE F 665 26.12 35.16 17.76
CA PHE F 665 27.38 34.60 18.25
C PHE F 665 27.50 34.71 19.77
N LEU F 666 27.38 35.93 20.30
CA LEU F 666 27.79 36.19 21.67
C LEU F 666 27.02 35.38 22.70
N THR F 667 25.93 34.72 22.31
CA THR F 667 25.08 34.15 23.34
C THR F 667 25.64 32.84 23.88
N ASN F 668 25.51 31.74 23.13
CA ASN F 668 25.84 30.45 23.73
C ASN F 668 27.33 30.30 23.97
N GLN F 669 28.14 31.26 23.49
CA GLN F 669 29.49 31.40 23.98
C GLN F 669 29.41 31.44 25.50
N LEU F 670 28.82 32.52 26.01
CA LEU F 670 28.61 32.66 27.45
C LEU F 670 27.36 31.94 27.93
N GLN F 671 26.28 31.93 27.13
CA GLN F 671 25.01 31.39 27.59
C GLN F 671 25.17 30.01 28.19
N TYR F 672 26.05 29.21 27.59
CA TYR F 672 26.47 27.99 28.27
C TYR F 672 27.33 28.30 29.48
N LYS F 673 28.36 29.11 29.29
CA LYS F 673 29.46 29.22 30.24
C LYS F 673 29.56 30.66 30.71
N PRO F 674 28.89 31.01 31.82
CA PRO F 674 28.97 32.40 32.31
C PRO F 674 30.38 32.87 32.56
N TYR F 675 31.28 31.96 32.94
CA TYR F 675 32.70 32.29 32.94
C TYR F 675 33.20 32.41 31.50
N SER F 676 33.80 33.55 31.18
CA SER F 676 34.39 33.74 29.86
C SER F 676 35.40 34.88 29.93
N VAL F 677 36.22 34.98 28.89
CA VAL F 677 37.06 36.15 28.67
C VAL F 677 36.72 36.69 27.28
N LEU F 678 36.53 38.00 27.20
CA LEU F 678 36.00 38.62 25.99
C LEU F 678 37.15 39.26 25.22
N LEU F 679 37.34 38.84 23.97
CA LEU F 679 38.24 39.53 23.06
C LEU F 679 37.38 40.24 22.02
N PHE F 680 37.31 41.56 22.11
CA PHE F 680 36.48 42.37 21.22
C PHE F 680 37.39 43.04 20.20
N ASP F 681 37.31 42.59 18.95
CA ASP F 681 38.38 42.84 17.99
C ASP F 681 38.29 44.24 17.43
N GLU F 682 39.34 45.04 17.67
CA GLU F 682 39.48 46.39 17.15
C GLU F 682 38.15 47.13 17.26
N VAL F 683 37.76 47.41 18.50
CA VAL F 683 36.39 47.80 18.80
C VAL F 683 35.99 49.04 18.00
N GLU F 684 36.91 50.00 17.86
CA GLU F 684 36.58 51.22 17.15
C GLU F 684 36.34 50.99 15.66
N LYS F 685 36.62 49.80 15.15
CA LYS F 685 36.29 49.46 13.79
C LYS F 685 34.90 48.84 13.69
N ALA F 686 34.21 48.69 14.81
CA ALA F 686 32.82 48.25 14.80
C ALA F 686 31.89 49.38 14.37
N HIS F 687 30.69 49.01 13.94
CA HIS F 687 29.69 50.04 13.73
C HIS F 687 29.12 50.48 15.07
N PRO F 688 28.77 51.76 15.21
CA PRO F 688 28.14 52.23 16.45
C PRO F 688 26.82 51.54 16.77
N ASP F 689 26.22 50.86 15.79
CA ASP F 689 24.94 50.19 16.02
C ASP F 689 24.99 49.30 17.25
N VAL F 690 26.06 48.56 17.42
CA VAL F 690 26.19 47.68 18.59
C VAL F 690 26.71 48.39 19.83
N LEU F 691 27.48 49.48 19.69
CA LEU F 691 28.18 50.01 20.86
C LEU F 691 27.22 50.37 21.99
N THR F 692 25.97 50.70 21.66
CA THR F 692 24.93 50.86 22.66
C THR F 692 24.77 49.58 23.49
N VAL F 693 24.37 48.48 22.85
CA VAL F 693 24.27 47.22 23.55
C VAL F 693 25.65 46.71 23.94
N MET F 694 26.72 47.22 23.30
CA MET F 694 28.05 47.00 23.84
C MET F 694 28.24 47.76 25.14
N LEU F 695 27.79 49.01 25.18
CA LEU F 695 27.73 49.70 26.47
C LEU F 695 26.80 48.97 27.41
N GLN F 696 25.71 48.40 26.88
CA GLN F 696 24.86 47.56 27.70
C GLN F 696 25.61 46.31 28.14
N MET F 697 26.67 45.93 27.43
CA MET F 697 27.60 44.96 28.00
C MET F 697 28.46 45.61 29.06
N LEU F 698 29.05 46.77 28.73
CA LEU F 698 29.84 47.52 29.69
C LEU F 698 29.02 47.84 30.93
N ASP F 699 27.98 48.65 30.76
CA ASP F 699 27.01 48.82 31.82
C ASP F 699 26.37 47.48 32.15
N ASP F 700 26.10 47.27 33.44
CA ASP F 700 25.20 46.26 33.97
C ASP F 700 25.64 44.84 33.65
N GLY F 701 26.64 44.71 32.78
CA GLY F 701 27.22 43.41 32.47
C GLY F 701 26.26 42.37 31.96
N ARG F 702 25.09 42.76 31.44
CA ARG F 702 24.12 41.80 30.97
C ARG F 702 23.39 42.34 29.74
N ILE F 703 22.91 41.41 28.90
CA ILE F 703 22.34 41.74 27.60
C ILE F 703 21.07 40.94 27.38
N THR F 704 20.00 41.62 26.97
CA THR F 704 18.79 40.94 26.53
C THR F 704 19.09 40.04 25.35
N SER F 705 18.63 38.79 25.44
CA SER F 705 18.97 37.77 24.46
C SER F 705 17.94 37.74 23.34
N GLY F 706 18.05 36.72 22.48
CA GLY F 706 17.05 36.50 21.45
C GLY F 706 15.71 36.14 22.03
N GLN F 707 15.69 35.21 22.99
CA GLN F 707 14.49 35.01 23.79
C GLN F 707 14.24 36.16 24.74
N GLY F 708 15.18 37.10 24.84
CA GLY F 708 15.04 38.26 25.69
C GLY F 708 15.78 38.17 27.01
N LYS F 709 16.28 36.98 27.37
CA LYS F 709 16.99 36.84 28.64
C LYS F 709 18.17 37.77 28.71
N THR F 710 18.42 38.31 29.89
CA THR F 710 19.54 39.22 30.12
C THR F 710 20.53 38.46 30.99
N ILE F 711 21.66 38.07 30.40
CA ILE F 711 22.50 37.01 30.94
C ILE F 711 23.75 37.61 31.55
N ASP F 712 24.22 37.00 32.63
CA ASP F 712 25.30 37.57 33.43
C ASP F 712 26.64 37.39 32.72
N CYS F 713 27.26 38.50 32.36
CA CYS F 713 28.64 38.52 31.90
C CYS F 713 29.62 38.97 32.98
N SER F 714 29.12 39.33 34.17
CA SER F 714 29.99 39.93 35.17
C SER F 714 31.00 38.93 35.73
N ASN F 715 30.77 37.63 35.54
CA ASN F 715 31.80 36.65 35.83
C ASN F 715 33.04 36.90 34.97
N CYS F 716 32.84 37.48 33.80
CA CYS F 716 33.89 37.69 32.82
C CYS F 716 34.67 38.97 33.16
N ILE F 717 35.51 39.41 32.23
CA ILE F 717 36.11 40.73 32.22
C ILE F 717 35.96 41.27 30.81
N VAL F 718 35.18 42.34 30.65
CA VAL F 718 35.00 42.90 29.31
C VAL F 718 36.31 43.54 28.86
N ILE F 719 36.76 43.16 27.67
CA ILE F 719 38.00 43.69 27.11
C ILE F 719 37.69 44.30 25.76
N MET F 720 38.25 45.48 25.52
CA MET F 720 38.15 46.14 24.23
C MET F 720 39.54 46.21 23.63
N THR F 721 39.60 46.28 22.31
CA THR F 721 40.87 46.28 21.60
C THR F 721 40.91 47.44 20.62
N SER F 722 42.05 48.11 20.58
CA SER F 722 42.33 49.17 19.64
C SER F 722 43.80 49.06 19.25
N ASN F 723 44.07 49.07 17.95
CA ASN F 723 45.46 49.10 17.50
C ASN F 723 45.94 50.49 17.09
N LEU F 724 45.06 51.49 17.15
CA LEU F 724 45.37 52.80 16.56
C LEU F 724 46.61 53.43 17.17
N GLY F 725 46.96 53.08 18.40
CA GLY F 725 48.16 53.57 19.02
C GLY F 725 49.45 53.04 18.41
N ALA F 726 49.36 52.07 17.50
CA ALA F 726 50.55 51.67 16.75
C ALA F 726 51.19 52.87 16.09
N GLU F 727 50.36 53.77 15.55
CA GLU F 727 50.78 55.12 15.24
C GLU F 727 51.52 55.67 16.45
N PHE F 728 50.77 55.80 17.55
CA PHE F 728 51.25 56.47 18.74
C PHE F 728 52.41 55.72 19.39
N ILE F 729 52.65 54.47 18.98
CA ILE F 729 53.88 53.79 19.36
C ILE F 729 55.10 54.55 18.85
N ASN F 730 54.89 55.51 17.94
CA ASN F 730 55.93 56.47 17.65
C ASN F 730 56.52 57.05 18.92
N SER F 731 55.66 57.41 19.88
CA SER F 731 56.14 57.78 21.20
C SER F 731 56.93 56.64 21.83
N GLN F 732 56.41 55.41 21.72
CA GLN F 732 57.14 54.26 22.23
C GLN F 732 58.37 53.99 21.39
N GLN F 733 58.33 54.34 20.10
CA GLN F 733 59.55 54.33 19.30
C GLN F 733 60.57 55.30 19.88
N GLY F 734 60.11 56.44 20.41
CA GLY F 734 60.96 57.34 21.13
C GLY F 734 61.11 56.94 22.58
N SER F 735 60.51 55.80 22.93
CA SER F 735 60.57 55.25 24.30
C SER F 735 60.04 56.24 25.32
N LYS F 736 58.98 56.95 24.95
CA LYS F 736 58.33 57.87 25.87
C LYS F 736 57.65 57.11 27.00
N ILE F 737 57.36 57.83 28.08
CA ILE F 737 56.27 57.40 28.94
C ILE F 737 54.99 57.71 28.20
N GLN F 738 54.22 56.67 27.90
CA GLN F 738 53.26 56.78 26.80
C GLN F 738 52.13 57.74 27.10
N GLU F 739 51.96 58.14 28.37
CA GLU F 739 50.98 59.15 28.70
C GLU F 739 51.23 60.42 27.90
N SER F 740 52.44 60.58 27.39
CA SER F 740 52.69 61.49 26.28
C SER F 740 51.59 61.32 25.25
N THR F 741 51.52 60.14 24.64
CA THR F 741 50.44 59.92 23.69
C THR F 741 49.22 59.25 24.30
N LYS F 742 49.29 58.71 25.52
CA LYS F 742 48.10 58.08 26.07
C LYS F 742 47.00 59.09 26.28
N ASN F 743 47.36 60.32 26.61
CA ASN F 743 46.43 61.43 26.46
C ASN F 743 45.85 61.44 25.06
N LEU F 744 46.70 61.64 24.06
CA LEU F 744 46.27 61.56 22.66
C LEU F 744 45.54 60.26 22.40
N VAL F 745 46.07 59.14 22.92
CA VAL F 745 45.32 57.89 22.89
C VAL F 745 43.95 58.08 23.50
N MET F 746 43.90 58.45 24.78
CA MET F 746 42.63 58.79 25.39
C MET F 746 41.87 59.75 24.49
N GLY F 747 42.53 60.82 24.07
CA GLY F 747 41.94 61.68 23.06
C GLY F 747 41.44 60.88 21.87
N ALA F 748 42.30 60.02 21.32
CA ALA F 748 41.92 59.24 20.14
C ALA F 748 40.71 58.36 20.41
N VAL F 749 40.65 57.74 21.59
CA VAL F 749 39.52 56.87 21.87
C VAL F 749 38.30 57.68 22.29
N ARG F 750 38.52 58.76 23.05
CA ARG F 750 37.41 59.62 23.43
C ARG F 750 36.76 60.23 22.19
N GLN F 751 37.46 60.20 21.05
CA GLN F 751 36.92 60.73 19.81
C GLN F 751 35.58 60.11 19.46
N HIS F 752 35.53 58.78 19.38
CA HIS F 752 34.51 58.10 18.61
C HIS F 752 33.33 57.62 19.44
N PHE F 753 33.32 57.81 20.75
CA PHE F 753 32.40 57.01 21.55
C PHE F 753 31.74 57.80 22.66
N ARG F 754 30.68 57.20 23.19
CA ARG F 754 30.04 57.67 24.40
C ARG F 754 31.05 57.71 25.54
N PRO F 755 31.16 58.82 26.27
CA PRO F 755 31.97 58.78 27.50
C PRO F 755 31.60 57.63 28.41
N GLU F 756 30.31 57.33 28.55
CA GLU F 756 29.86 56.12 29.23
C GLU F 756 30.62 54.93 28.66
N PHE F 757 30.39 54.65 27.38
CA PHE F 757 31.11 53.60 26.67
C PHE F 757 32.61 53.74 26.88
N LEU F 758 33.12 54.96 26.99
CA LEU F 758 34.53 55.21 27.24
C LEU F 758 34.91 55.01 28.70
N ASN F 759 34.12 55.59 29.61
CA ASN F 759 34.50 55.59 31.03
C ASN F 759 34.38 54.24 31.69
N ARG F 760 33.85 53.24 30.99
CA ARG F 760 33.75 51.93 31.61
C ARG F 760 35.11 51.29 31.80
N ILE F 761 36.05 51.58 30.91
CA ILE F 761 37.34 50.88 30.94
C ILE F 761 38.00 51.08 32.28
N SER F 762 38.27 49.99 32.98
CA SER F 762 39.07 50.02 34.19
C SER F 762 40.45 50.56 33.85
N SER F 763 41.21 49.82 33.04
CA SER F 763 42.55 50.22 32.68
C SER F 763 42.77 50.11 31.18
N ILE F 764 43.36 51.15 30.60
CA ILE F 764 43.92 51.11 29.26
C ILE F 764 45.42 50.99 29.41
N VAL F 765 46.00 49.97 28.79
CA VAL F 765 47.41 49.68 28.94
C VAL F 765 48.05 49.67 27.55
N ILE F 766 48.91 50.65 27.29
CA ILE F 766 49.83 50.54 26.17
C ILE F 766 50.77 49.39 26.43
N PHE F 767 51.12 48.66 25.39
CA PHE F 767 52.02 47.53 25.53
C PHE F 767 53.41 47.99 25.11
N ASN F 768 54.33 47.99 26.07
CA ASN F 768 55.57 48.75 25.98
C ASN F 768 56.50 48.19 24.91
N LYS F 769 57.47 49.02 24.53
CA LYS F 769 58.52 48.61 23.62
C LYS F 769 59.15 47.31 24.10
N LEU F 770 59.44 46.43 23.15
CA LEU F 770 60.07 45.17 23.50
C LEU F 770 61.56 45.41 23.71
N SER F 771 62.02 45.19 24.94
CA SER F 771 63.45 45.06 25.17
C SER F 771 63.90 43.70 24.67
N ARG F 772 65.21 43.56 24.47
CA ARG F 772 65.75 42.26 24.06
C ARG F 772 65.19 41.15 24.93
N LYS F 773 65.20 41.35 26.25
CA LYS F 773 64.49 40.48 27.16
C LYS F 773 63.08 40.24 26.66
N ALA F 774 62.29 41.32 26.59
CA ALA F 774 60.93 41.21 26.07
C ALA F 774 60.90 40.49 24.74
N ILE F 775 61.84 40.81 23.85
CA ILE F 775 62.05 39.99 22.67
C ILE F 775 62.43 38.57 23.08
N HIS F 776 63.62 38.39 23.65
CA HIS F 776 64.14 37.03 23.71
C HIS F 776 63.62 36.23 24.89
N LYS F 777 62.73 36.77 25.70
CA LYS F 777 62.06 35.89 26.65
C LYS F 777 60.89 35.18 26.01
N ILE F 778 60.58 35.52 24.75
CA ILE F 778 59.53 34.85 24.00
C ILE F 778 60.10 33.51 23.55
N VAL F 779 61.41 33.37 23.69
CA VAL F 779 62.10 32.13 23.36
C VAL F 779 61.45 30.95 24.06
N ASP F 780 61.47 30.95 25.40
CA ASP F 780 60.99 29.78 26.11
C ASP F 780 59.54 29.47 25.80
N ILE F 781 58.75 30.50 25.47
CA ILE F 781 57.40 30.26 24.95
C ILE F 781 57.46 29.21 23.86
N ARG F 782 58.20 29.52 22.80
CA ARG F 782 58.49 28.54 21.76
C ARG F 782 59.02 27.26 22.38
N LEU F 783 60.10 27.37 23.17
CA LEU F 783 60.72 26.20 23.78
C LEU F 783 59.68 25.35 24.51
N LYS F 784 58.81 26.01 25.27
CA LYS F 784 57.71 25.30 25.90
C LYS F 784 56.88 24.54 24.87
N GLU F 785 56.27 25.27 23.94
CA GLU F 785 55.47 24.61 22.91
C GLU F 785 56.29 23.71 22.01
N ILE F 786 57.62 23.73 22.12
CA ILE F 786 58.43 22.66 21.54
C ILE F 786 58.31 21.43 22.43
N GLU F 787 58.79 21.57 23.66
CA GLU F 787 58.86 20.43 24.56
C GLU F 787 57.49 19.85 24.85
N GLU F 788 56.42 20.65 24.74
CA GLU F 788 55.07 20.17 25.02
C GLU F 788 54.73 18.91 24.23
N ARG F 789 55.43 18.67 23.13
CA ARG F 789 55.12 17.57 22.24
C ARG F 789 56.27 16.57 22.20
N PHE F 790 57.42 16.96 21.66
CA PHE F 790 58.59 16.10 21.61
C PHE F 790 58.91 15.65 23.02
N GLU F 791 59.43 16.58 23.80
CA GLU F 791 59.87 16.28 25.16
C GLU F 791 58.69 15.95 26.08
N GLN F 792 57.45 16.22 25.67
CA GLN F 792 56.33 15.85 26.53
C GLN F 792 55.36 14.89 25.85
N ASN F 793 54.48 15.38 24.99
CA ASN F 793 53.32 14.55 24.68
C ASN F 793 53.59 13.55 23.56
N ASP F 794 54.79 13.53 22.97
CA ASP F 794 55.11 12.40 22.11
C ASP F 794 56.50 11.83 22.35
N LYS F 795 57.54 12.56 21.92
CA LYS F 795 58.84 11.95 21.68
C LYS F 795 59.70 11.78 22.92
N HIS F 796 59.56 12.65 23.92
CA HIS F 796 60.53 12.73 25.01
C HIS F 796 61.93 13.04 24.45
N TYR F 797 62.00 14.15 23.70
CA TYR F 797 63.23 14.62 23.10
C TYR F 797 63.65 15.95 23.70
N LYS F 798 64.88 16.02 24.21
CA LYS F 798 65.37 17.21 24.88
C LYS F 798 65.65 18.33 23.89
N LEU F 799 65.67 19.56 24.36
CA LEU F 799 65.87 20.72 23.50
C LEU F 799 66.90 21.67 24.08
N ASN F 800 67.78 22.18 23.23
CA ASN F 800 68.72 23.22 23.61
C ASN F 800 68.86 24.21 22.47
N LEU F 801 69.07 25.49 22.83
CA LEU F 801 69.37 26.52 21.85
C LEU F 801 70.48 27.41 22.38
N THR F 802 70.88 28.37 21.56
CA THR F 802 71.81 29.42 21.94
C THR F 802 71.34 30.73 21.32
N GLN F 803 71.60 31.84 22.00
CA GLN F 803 71.25 33.13 21.42
C GLN F 803 71.91 33.34 20.08
N GLU F 804 73.03 32.66 19.83
CA GLU F 804 73.62 32.57 18.51
C GLU F 804 72.53 32.27 17.49
N ALA F 805 71.98 31.05 17.58
CA ALA F 805 70.85 30.69 16.73
C ALA F 805 69.63 31.53 17.04
N LYS F 806 69.44 31.93 18.31
CA LYS F 806 68.24 32.67 18.65
C LYS F 806 68.31 34.10 18.11
N ASP F 807 69.50 34.68 18.05
CA ASP F 807 69.66 35.93 17.31
C ASP F 807 69.60 35.65 15.82
N PHE F 808 70.15 34.51 15.39
CA PHE F 808 69.87 34.00 14.07
C PHE F 808 68.38 33.74 13.89
N LEU F 809 67.61 33.77 14.98
CA LEU F 809 66.16 33.79 14.92
C LEU F 809 65.62 35.17 15.22
N ALA F 810 65.61 35.54 16.51
CA ALA F 810 64.80 36.66 16.98
C ALA F 810 65.03 37.92 16.17
N LYS F 811 66.29 38.19 15.82
CA LYS F 811 66.59 39.34 14.98
C LYS F 811 65.71 39.31 13.75
N TYR F 812 65.89 38.30 12.91
CA TYR F 812 64.88 38.02 11.89
C TYR F 812 63.54 37.70 12.53
N GLY F 813 63.56 36.95 13.63
CA GLY F 813 62.32 36.48 14.23
C GLY F 813 61.39 37.59 14.64
N TYR F 814 61.94 38.73 15.04
CA TYR F 814 61.11 39.87 15.35
C TYR F 814 60.80 40.66 14.09
N SER F 815 59.53 41.02 13.95
CA SER F 815 59.09 42.01 12.98
C SER F 815 58.46 43.16 13.74
N ASP F 816 58.60 44.36 13.20
CA ASP F 816 58.12 45.55 13.89
C ASP F 816 56.62 45.46 14.22
N ASP F 817 55.77 45.51 13.19
CA ASP F 817 54.34 45.68 13.43
C ASP F 817 53.72 44.42 14.03
N MET F 818 54.14 43.25 13.56
CA MET F 818 53.55 42.00 14.00
C MET F 818 54.36 41.33 15.10
N GLY F 819 55.44 41.95 15.56
CA GLY F 819 56.20 41.33 16.62
C GLY F 819 56.94 40.10 16.12
N ALA F 820 57.03 39.11 16.99
CA ALA F 820 57.60 37.81 16.66
C ALA F 820 56.54 36.81 16.24
N ARG F 821 55.28 37.23 16.14
CA ARG F 821 54.22 36.41 15.56
C ARG F 821 54.71 35.82 14.24
N PRO F 822 55.48 36.57 13.43
CA PRO F 822 56.22 35.90 12.36
C PRO F 822 57.07 34.73 12.83
N LEU F 823 57.86 34.93 13.89
CA LEU F 823 58.87 33.94 14.23
C LEU F 823 58.24 32.61 14.58
N ASN F 824 57.06 32.64 15.21
CA ASN F 824 56.34 31.41 15.50
C ASN F 824 56.19 30.58 14.23
N ARG F 825 55.44 31.10 13.26
CA ARG F 825 55.28 30.39 12.00
C ARG F 825 56.58 30.36 11.19
N LEU F 826 57.61 31.08 11.62
CA LEU F 826 58.94 30.89 11.04
C LEU F 826 59.55 29.59 11.52
N ILE F 827 59.73 29.44 12.84
CA ILE F 827 60.36 28.28 13.46
C ILE F 827 59.78 27.00 12.90
N GLN F 828 58.55 27.10 12.38
CA GLN F 828 57.76 25.95 11.96
C GLN F 828 58.51 25.00 11.05
N ASN F 829 59.58 25.44 10.39
CA ASN F 829 60.37 24.50 9.61
C ASN F 829 61.86 24.59 9.86
N GLU F 830 62.50 25.68 9.42
CA GLU F 830 63.96 25.75 9.41
C GLU F 830 64.56 25.40 10.76
N ILE F 831 63.77 25.51 11.82
CA ILE F 831 64.17 25.06 13.13
C ILE F 831 63.51 23.72 13.37
N LEU F 832 62.19 23.73 13.37
CA LEU F 832 61.39 22.52 13.47
C LEU F 832 61.83 21.48 12.44
N ASN F 833 61.52 21.73 11.17
CA ASN F 833 61.71 20.71 10.16
C ASN F 833 63.18 20.36 9.97
N LYS F 834 64.09 21.27 10.37
CA LYS F 834 65.48 20.88 10.51
C LYS F 834 65.60 19.59 11.31
N LEU F 835 64.78 19.45 12.36
CA LEU F 835 64.71 18.17 13.05
C LEU F 835 63.87 17.17 12.26
N ALA F 836 62.70 17.59 11.79
CA ALA F 836 61.87 16.68 10.99
C ALA F 836 62.69 16.09 9.85
N LEU F 837 63.62 16.87 9.32
CA LEU F 837 64.74 16.32 8.58
C LEU F 837 65.46 15.31 9.47
N ARG F 838 66.17 15.81 10.49
CA ARG F 838 67.06 14.99 11.28
C ARG F 838 66.36 13.81 11.94
N ILE F 839 65.03 13.87 12.07
CA ILE F 839 64.27 12.78 12.69
C ILE F 839 64.61 11.48 12.01
N LEU F 840 64.21 11.34 10.75
CA LEU F 840 64.54 10.12 10.03
C LEU F 840 65.96 10.17 9.50
N LYS F 841 66.57 11.37 9.45
CA LYS F 841 67.98 11.43 9.11
C LYS F 841 68.85 10.91 10.24
N ASN F 842 68.35 11.00 11.47
CA ASN F 842 68.60 10.04 12.56
C ASN F 842 70.07 9.91 12.94
N GLU F 843 70.96 10.62 12.24
CA GLU F 843 72.38 10.60 12.60
C GLU F 843 72.56 10.82 14.09
N ILE F 844 71.81 11.76 14.65
CA ILE F 844 71.60 11.84 16.08
C ILE F 844 70.10 11.65 16.31
N LYS F 845 69.77 11.04 17.44
CA LYS F 845 68.46 10.42 17.64
C LYS F 845 67.63 11.14 18.70
N ASP F 846 66.48 10.53 19.01
CA ASP F 846 65.56 11.04 20.00
C ASP F 846 66.21 11.07 21.38
N LYS F 847 65.63 11.90 22.26
CA LYS F 847 66.03 12.01 23.65
C LYS F 847 67.33 12.80 23.76
N GLU F 848 67.90 13.18 22.62
CA GLU F 848 69.09 14.01 22.57
C GLU F 848 68.69 15.49 22.56
N THR F 849 69.69 16.37 22.44
CA THR F 849 69.47 17.71 21.93
C THR F 849 70.77 18.22 21.33
N VAL F 850 70.64 18.94 20.21
CA VAL F 850 71.76 19.68 19.62
C VAL F 850 71.22 21.02 19.14
N ASN F 851 71.76 22.11 19.69
CA ASN F 851 71.48 23.43 19.16
C ASN F 851 72.38 23.75 17.96
N VAL F 852 71.88 24.64 17.11
CA VAL F 852 72.66 25.11 15.97
C VAL F 852 73.18 26.52 16.24
#